data_8Z3R
#
_entry.id   8Z3R
#
_cell.length_a   1.00
_cell.length_b   1.00
_cell.length_c   1.00
_cell.angle_alpha   90.00
_cell.angle_beta   90.00
_cell.angle_gamma   90.00
#
_symmetry.space_group_name_H-M   'P 1'
#
loop_
_entity.id
_entity.type
_entity.pdbx_description
1 polymer 'Adenosine deaminase domain-containing protein'
2 non-polymer 'ZINC ION'
3 non-polymer "3'-O-[(R)-{[(2S,3aS,4S,6S,6aS)-6-(6-amino-9H-purin-9-yl)-2-hydroxy-2-oxotetrahydro-2H-2lambda~5~-furo[3,4-d][1,3,2]dioxaphosphol-4-yl]methoxy}(hydroxy)phosphoryl]adenosine"
#
_entity_poly.entity_id   1
_entity_poly.type   'polypeptide(L)'
_entity_poly.pdbx_seq_one_letter_code
;MNVQAHLFVSLGTAPAIVPEAFLLPGARFVSVHVLTTERPDVTLIREFFRRHAPGVNLTITRVAGFQDLKSEEDHFRFEE
VMFRWFLASRTGPEQRFVCLTGGFKTMSAAMQKAATVLGAAEVFHVLADDCCVGPQGRLMPPSTLEEILWARDQGHLHWI
RLGPERGWPQLRRIAPEQFPLQVVEEKGDERRVQAEDRAFGTFLQDLLQRASRIAGAWEMLPELPFADLATWSEGELAWL
REPLDPRAPADQRWVAGLPKIELHCHLGGFATHGELLRRVRNAAENPGKLPPLEEPRLPEGWPLPAQPIPLAEYMKLGNA
NGTALLRDPGCLREQCRLLYRHLVDQGVCYAEVRCSPANYAEVRSPWDVLADIRAAFQECMEGARTAPGGLPACHVNLIL
IATRRASGDYRAAIARHLALAVTAAEHWRDENACRVVGVDLAGYEDEKTRAHYFREEFTAVHRCGLAVTVHAGENDDAEG
IWRAVFDLNARRLGHALSLGQSRELLRSVADRGIGVELCPYANLQIKGFRLDGSDRAGPADPRHEAHAPGPYPLLDYLRE
GVRVTVNTDNIGISAASLTDNLLLAARLCPGLTRLDLLHLQRHALETAFCTATQRLTLLRRISSGIPRPHHHHHH
;
_entity_poly.pdbx_strand_id   A,B,C,D,E,F
#
# COMPACT_ATOMS: atom_id res chain seq x y z
N ASN A 2 -0.20 23.13 -81.18
CA ASN A 2 -0.75 24.44 -80.90
C ASN A 2 0.37 25.31 -80.33
N VAL A 3 1.53 24.68 -80.12
CA VAL A 3 2.68 25.41 -79.58
C VAL A 3 3.23 26.37 -80.64
N GLN A 4 3.99 27.35 -80.16
CA GLN A 4 4.52 28.37 -81.05
C GLN A 4 5.70 27.87 -81.86
N ALA A 5 6.50 26.96 -81.30
CA ALA A 5 7.57 26.27 -82.03
C ALA A 5 8.60 27.25 -82.58
N HIS A 6 9.30 27.91 -81.67
CA HIS A 6 10.43 28.74 -82.05
C HIS A 6 11.59 27.86 -82.52
N LEU A 7 12.47 28.46 -83.33
CA LEU A 7 13.62 27.76 -83.88
C LEU A 7 14.90 28.50 -83.51
N PHE A 8 15.90 27.76 -83.04
CA PHE A 8 17.20 28.30 -82.70
C PHE A 8 18.27 27.59 -83.54
N VAL A 9 19.12 28.36 -84.20
CA VAL A 9 20.13 27.79 -85.09
C VAL A 9 21.36 28.70 -85.09
N SER A 10 22.53 28.08 -85.18
CA SER A 10 23.79 28.80 -85.28
C SER A 10 24.20 28.94 -86.74
N LEU A 11 25.08 29.91 -87.00
CA LEU A 11 25.49 30.24 -88.36
C LEU A 11 27.01 30.31 -88.45
N GLY A 12 27.54 29.78 -89.55
CA GLY A 12 28.95 29.90 -89.85
C GLY A 12 29.18 30.72 -91.10
N THR A 13 30.28 30.44 -91.82
CA THR A 13 30.57 31.16 -93.05
C THR A 13 29.87 30.56 -94.26
N ALA A 14 29.06 29.53 -94.08
CA ALA A 14 28.31 28.95 -95.18
C ALA A 14 26.84 29.33 -95.02
N PRO A 15 26.34 30.32 -95.77
CA PRO A 15 24.92 30.66 -95.64
C PRO A 15 24.03 29.61 -96.27
N ALA A 16 22.73 29.90 -96.36
CA ALA A 16 21.72 28.99 -96.89
C ALA A 16 21.57 27.74 -96.05
N ILE A 17 21.93 27.80 -94.78
CA ILE A 17 21.62 26.73 -93.83
C ILE A 17 20.27 26.98 -93.14
N VAL A 18 20.02 28.23 -92.75
CA VAL A 18 18.77 28.54 -92.05
C VAL A 18 17.55 28.26 -92.92
N PRO A 19 17.53 28.60 -94.21
CA PRO A 19 16.41 28.15 -95.06
C PRO A 19 16.16 26.64 -94.97
N GLU A 20 17.22 25.82 -95.00
CA GLU A 20 17.05 24.38 -94.95
C GLU A 20 16.49 23.91 -93.62
N ALA A 21 17.04 24.44 -92.52
CA ALA A 21 16.53 24.09 -91.20
C ALA A 21 15.11 24.59 -90.96
N PHE A 22 14.70 25.65 -91.65
CA PHE A 22 13.35 26.17 -91.49
C PHE A 22 12.31 25.28 -92.15
N LEU A 23 12.70 24.56 -93.20
CA LEU A 23 11.76 23.72 -93.97
C LEU A 23 11.74 22.32 -93.38
N LEU A 24 11.57 22.25 -92.05
CA LEU A 24 11.49 20.97 -91.36
C LEU A 24 10.09 20.40 -91.55
N PRO A 25 9.96 19.19 -92.09
CA PRO A 25 8.62 18.65 -92.37
C PRO A 25 7.78 18.54 -91.10
N GLY A 26 6.50 18.85 -91.25
CA GLY A 26 5.56 18.77 -90.13
C GLY A 26 5.90 19.70 -88.98
N ALA A 27 6.31 20.93 -89.30
CA ALA A 27 6.66 21.90 -88.25
C ALA A 27 6.59 23.29 -88.83
N ARG A 28 5.70 24.13 -88.31
CA ARG A 28 5.61 25.53 -88.69
C ARG A 28 6.25 26.38 -87.61
N PHE A 29 7.20 27.23 -88.01
CA PHE A 29 7.99 28.01 -87.07
C PHE A 29 7.51 29.45 -87.02
N VAL A 30 7.71 30.05 -85.85
CA VAL A 30 7.51 31.48 -85.65
C VAL A 30 8.73 32.03 -84.92
N SER A 31 9.26 33.15 -85.41
CA SER A 31 10.38 33.85 -84.78
C SER A 31 11.62 32.96 -84.67
N VAL A 32 12.17 32.62 -85.83
CA VAL A 32 13.44 31.91 -85.87
C VAL A 32 14.57 32.84 -85.43
N HIS A 33 15.50 32.30 -84.64
CA HIS A 33 16.62 33.08 -84.11
C HIS A 33 17.93 32.53 -84.66
N VAL A 34 18.86 33.43 -84.93
CA VAL A 34 20.16 33.07 -85.52
C VAL A 34 21.26 33.65 -84.64
N LEU A 35 22.27 32.83 -84.34
CA LEU A 35 23.45 33.25 -83.59
C LEU A 35 24.68 33.12 -84.49
N THR A 36 25.45 34.20 -84.59
CA THR A 36 26.62 34.21 -85.46
C THR A 36 27.82 34.84 -84.77
N THR A 37 28.90 35.06 -85.52
CA THR A 37 30.17 35.46 -84.93
C THR A 37 30.75 36.70 -85.62
N GLU A 38 29.87 37.58 -86.10
CA GLU A 38 30.13 38.94 -86.61
C GLU A 38 31.01 38.96 -87.85
N ARG A 39 31.55 37.82 -88.26
CA ARG A 39 32.26 37.74 -89.53
C ARG A 39 31.32 37.47 -90.71
N PRO A 40 30.43 36.47 -90.64
CA PRO A 40 29.60 36.15 -91.81
C PRO A 40 28.59 37.24 -92.12
N ASP A 41 28.05 37.17 -93.34
CA ASP A 41 26.97 38.04 -93.78
C ASP A 41 25.64 37.30 -93.74
N VAL A 42 24.56 38.07 -93.60
CA VAL A 42 23.23 37.50 -93.40
C VAL A 42 22.24 38.09 -94.41
N THR A 43 22.75 38.61 -95.53
CA THR A 43 21.87 39.16 -96.55
C THR A 43 20.99 38.07 -97.16
N LEU A 44 21.56 36.88 -97.36
CA LEU A 44 20.82 35.80 -98.02
C LEU A 44 19.60 35.37 -97.22
N ILE A 45 19.77 35.20 -95.90
CA ILE A 45 18.66 34.75 -95.07
C ILE A 45 17.55 35.81 -95.03
N ARG A 46 17.95 37.08 -94.94
CA ARG A 46 16.97 38.16 -94.94
C ARG A 46 16.20 38.21 -96.25
N GLU A 47 16.90 38.03 -97.37
CA GLU A 47 16.21 38.02 -98.67
C GLU A 47 15.26 36.82 -98.78
N PHE A 48 15.68 35.66 -98.29
CA PHE A 48 14.81 34.49 -98.33
C PHE A 48 13.56 34.70 -97.48
N PHE A 49 13.72 35.22 -96.28
CA PHE A 49 12.58 35.39 -95.38
C PHE A 49 11.69 36.55 -95.79
N ARG A 50 12.22 37.52 -96.55
CA ARG A 50 11.39 38.61 -97.03
C ARG A 50 10.46 38.18 -98.16
N ARG A 51 10.87 37.19 -98.96
CA ARG A 51 10.14 36.81 -100.15
C ARG A 51 9.33 35.54 -100.01
N HIS A 52 9.69 34.65 -99.08
CA HIS A 52 8.99 33.37 -98.94
C HIS A 52 8.34 33.15 -97.59
N ALA A 53 8.52 34.06 -96.62
CA ALA A 53 7.80 33.98 -95.36
C ALA A 53 7.72 35.35 -94.69
N PRO A 54 6.84 36.26 -95.18
CA PRO A 54 6.76 37.60 -94.58
C PRO A 54 6.34 37.65 -93.12
N GLY A 55 6.07 36.51 -92.50
CA GLY A 55 5.47 36.52 -91.18
C GLY A 55 6.22 35.71 -90.13
N VAL A 56 7.56 35.79 -90.16
CA VAL A 56 8.39 35.06 -89.21
C VAL A 56 9.23 35.97 -88.34
N ASN A 57 9.41 37.24 -88.72
CA ASN A 57 10.07 38.28 -87.92
C ASN A 57 11.36 37.78 -87.25
N LEU A 58 12.23 37.19 -88.07
CA LEU A 58 13.47 36.60 -87.59
C LEU A 58 14.38 37.65 -86.95
N THR A 59 15.30 37.17 -86.12
CA THR A 59 16.27 38.00 -85.42
C THR A 59 17.67 37.43 -85.60
N ILE A 60 18.67 38.31 -85.59
CA ILE A 60 20.05 37.94 -85.80
C ILE A 60 20.90 38.57 -84.70
N THR A 61 21.77 37.78 -84.10
CA THR A 61 22.61 38.21 -82.99
C THR A 61 24.08 37.92 -83.28
N ARG A 62 24.94 38.88 -82.96
CA ARG A 62 26.37 38.75 -83.13
C ARG A 62 27.06 38.86 -81.77
N VAL A 63 28.26 38.29 -81.66
CA VAL A 63 28.84 38.03 -80.34
C VAL A 63 30.10 38.84 -80.11
N ALA A 64 29.94 40.00 -79.46
CA ALA A 64 30.96 40.67 -78.64
C ALA A 64 32.38 40.52 -79.17
N GLY A 65 32.57 40.97 -80.41
CA GLY A 65 33.90 41.00 -80.99
C GLY A 65 34.60 39.65 -81.06
N PHE A 66 33.89 38.63 -81.51
CA PHE A 66 34.44 37.28 -81.67
C PHE A 66 34.86 37.13 -83.13
N GLN A 67 36.10 37.53 -83.43
CA GLN A 67 36.57 37.50 -84.81
C GLN A 67 36.92 36.09 -85.25
N ASP A 68 37.89 35.46 -84.58
CA ASP A 68 38.34 34.13 -84.94
C ASP A 68 38.67 33.35 -83.69
N LEU A 69 38.68 32.03 -83.82
CA LEU A 69 38.93 31.13 -82.70
C LEU A 69 40.43 30.87 -82.61
N LYS A 70 41.07 31.52 -81.64
CA LYS A 70 42.50 31.36 -81.39
C LYS A 70 42.80 30.62 -80.09
N SER A 71 42.04 30.88 -79.04
CA SER A 71 42.25 30.26 -77.73
C SER A 71 40.87 29.95 -77.15
N GLU A 72 40.82 29.72 -75.84
CA GLU A 72 39.58 29.27 -75.21
C GLU A 72 38.77 30.37 -74.54
N GLU A 73 39.37 31.52 -74.22
CA GLU A 73 38.60 32.56 -73.54
C GLU A 73 37.48 33.10 -74.42
N ASP A 74 37.74 33.25 -75.72
CA ASP A 74 36.70 33.69 -76.62
C ASP A 74 35.60 32.64 -76.78
N HIS A 75 35.96 31.36 -76.74
CA HIS A 75 34.94 30.31 -76.75
C HIS A 75 34.08 30.38 -75.49
N PHE A 76 34.71 30.64 -74.35
CA PHE A 76 33.94 30.81 -73.10
C PHE A 76 33.00 32.00 -73.20
N ARG A 77 33.48 33.11 -73.77
CA ARG A 77 32.63 34.27 -74.01
C ARG A 77 31.43 33.90 -74.87
N PHE A 78 31.66 33.18 -75.96
CA PHE A 78 30.58 32.75 -76.83
C PHE A 78 29.58 31.88 -76.09
N GLU A 79 30.07 30.95 -75.26
CA GLU A 79 29.18 30.05 -74.55
C GLU A 79 28.30 30.80 -73.56
N GLU A 80 28.89 31.75 -72.82
CA GLU A 80 28.10 32.54 -71.88
C GLU A 80 27.05 33.37 -72.60
N VAL A 81 27.45 34.02 -73.70
CA VAL A 81 26.50 34.82 -74.47
C VAL A 81 25.39 33.94 -75.01
N MET A 82 25.74 32.72 -75.46
CA MET A 82 24.75 31.80 -75.99
C MET A 82 23.73 31.38 -74.93
N PHE A 83 24.21 31.07 -73.73
CA PHE A 83 23.30 30.67 -72.65
C PHE A 83 22.36 31.81 -72.28
N ARG A 84 22.90 33.02 -72.11
CA ARG A 84 22.04 34.15 -71.81
C ARG A 84 21.13 34.50 -72.97
N TRP A 85 21.48 34.07 -74.19
CA TRP A 85 20.64 34.30 -75.36
C TRP A 85 19.49 33.30 -75.43
N PHE A 86 19.71 32.05 -75.02
CA PHE A 86 18.57 31.16 -74.76
C PHE A 86 17.66 31.73 -73.68
N LEU A 87 18.23 32.22 -72.58
CA LEU A 87 17.37 32.70 -71.50
C LEU A 87 16.60 33.95 -71.90
N ALA A 88 17.12 34.72 -72.87
CA ALA A 88 16.52 36.01 -73.19
C ALA A 88 15.13 35.88 -73.80
N SER A 89 14.80 34.74 -74.40
CA SER A 89 13.50 34.51 -75.02
C SER A 89 12.66 33.68 -74.06
N ARG A 90 11.47 34.19 -73.73
CA ARG A 90 10.59 33.52 -72.79
C ARG A 90 9.92 32.35 -73.48
N THR A 91 10.58 31.19 -73.47
CA THR A 91 10.06 29.99 -74.10
C THR A 91 10.20 28.82 -73.14
N GLY A 92 9.26 27.88 -73.24
CA GLY A 92 9.32 26.66 -72.47
C GLY A 92 10.01 25.55 -73.22
N PRO A 93 10.32 24.48 -72.49
CA PRO A 93 10.92 23.31 -73.14
C PRO A 93 10.22 22.86 -74.40
N GLU A 94 8.88 22.89 -74.42
CA GLU A 94 8.11 22.36 -75.54
C GLU A 94 8.15 23.24 -76.78
N GLN A 95 8.69 24.46 -76.68
CA GLN A 95 8.69 25.36 -77.83
C GLN A 95 10.03 25.37 -78.55
N ARG A 96 11.11 25.02 -77.87
CA ARG A 96 12.43 25.14 -78.44
C ARG A 96 12.71 24.05 -79.46
N PHE A 97 13.21 24.45 -80.62
CA PHE A 97 13.76 23.54 -81.62
C PHE A 97 15.18 23.99 -81.92
N VAL A 98 16.14 23.08 -81.79
CA VAL A 98 17.55 23.41 -81.86
C VAL A 98 18.17 22.69 -83.06
N CYS A 99 18.92 23.44 -83.87
CA CYS A 99 19.66 22.89 -85.00
C CYS A 99 21.13 23.18 -84.80
N LEU A 100 21.93 22.12 -84.63
CA LEU A 100 23.37 22.25 -84.37
C LEU A 100 24.18 22.22 -85.66
N THR A 101 23.79 23.03 -86.64
CA THR A 101 24.47 23.08 -87.92
C THR A 101 25.04 24.48 -88.12
N GLY A 102 26.32 24.56 -88.48
CA GLY A 102 26.94 25.83 -88.75
C GLY A 102 27.95 26.26 -87.72
N GLY A 103 29.02 26.92 -88.16
CA GLY A 103 30.05 27.37 -87.24
C GLY A 103 31.04 26.28 -86.89
N PHE A 104 31.94 26.62 -85.97
CA PHE A 104 32.94 25.68 -85.51
C PHE A 104 32.27 24.48 -84.84
N LYS A 105 33.05 23.40 -84.71
CA LYS A 105 32.52 22.18 -84.10
C LYS A 105 32.14 22.42 -82.65
N THR A 106 32.93 23.23 -81.94
CA THR A 106 32.60 23.56 -80.56
C THR A 106 31.28 24.33 -80.48
N MET A 107 30.95 25.10 -81.51
CA MET A 107 29.68 25.81 -81.50
C MET A 107 28.51 24.83 -81.49
N SER A 108 28.55 23.82 -82.37
CA SER A 108 27.48 22.82 -82.41
C SER A 108 27.46 21.99 -81.14
N ALA A 109 28.63 21.64 -80.62
CA ALA A 109 28.69 20.85 -79.39
C ALA A 109 28.10 21.62 -78.22
N ALA A 110 28.43 22.92 -78.11
CA ALA A 110 27.85 23.75 -77.06
C ALA A 110 26.36 23.95 -77.27
N MET A 111 25.91 24.00 -78.52
CA MET A 111 24.48 24.07 -78.78
C MET A 111 23.76 22.84 -78.23
N GLN A 112 24.32 21.65 -78.49
CA GLN A 112 23.68 20.44 -77.95
C GLN A 112 23.79 20.40 -76.43
N LYS A 113 24.90 20.88 -75.87
CA LYS A 113 25.00 20.95 -74.42
C LYS A 113 23.92 21.84 -73.82
N ALA A 114 23.70 23.01 -74.41
CA ALA A 114 22.66 23.92 -73.93
C ALA A 114 21.28 23.31 -74.09
N ALA A 115 21.05 22.60 -75.20
CA ALA A 115 19.77 21.94 -75.40
C ALA A 115 19.53 20.87 -74.35
N THR A 116 20.57 20.09 -74.02
CA THR A 116 20.45 19.05 -73.00
C THR A 116 20.18 19.65 -71.63
N VAL A 117 20.91 20.71 -71.28
CA VAL A 117 20.77 21.31 -69.95
C VAL A 117 19.42 21.99 -69.79
N LEU A 118 19.03 22.80 -70.78
CA LEU A 118 17.78 23.55 -70.71
C LEU A 118 16.57 22.76 -71.15
N GLY A 119 16.75 21.61 -71.80
CA GLY A 119 15.64 20.76 -72.14
C GLY A 119 14.82 21.19 -73.34
N ALA A 120 15.43 21.21 -74.52
CA ALA A 120 14.70 21.54 -75.73
C ALA A 120 13.73 20.42 -76.09
N ALA A 121 12.87 20.70 -77.08
CA ALA A 121 11.88 19.73 -77.53
C ALA A 121 12.33 18.93 -78.74
N GLU A 122 13.37 19.37 -79.44
CA GLU A 122 13.87 18.66 -80.61
C GLU A 122 15.26 19.15 -81.00
N VAL A 123 16.20 18.23 -81.18
CA VAL A 123 17.55 18.55 -81.64
C VAL A 123 17.78 17.80 -82.94
N PHE A 124 18.15 18.53 -83.98
CA PHE A 124 18.27 17.91 -85.30
C PHE A 124 19.43 18.53 -86.07
N HIS A 125 19.87 17.81 -87.10
CA HIS A 125 20.99 18.17 -87.95
C HIS A 125 20.58 17.96 -89.40
N VAL A 126 20.89 18.93 -90.25
CA VAL A 126 20.42 18.94 -91.64
C VAL A 126 21.62 18.82 -92.58
N LEU A 127 21.47 17.99 -93.61
CA LEU A 127 22.48 17.80 -94.63
C LEU A 127 21.85 17.95 -96.01
N ALA A 128 22.69 18.28 -96.99
CA ALA A 128 22.28 18.43 -98.38
C ALA A 128 23.03 17.44 -99.25
N ASP A 129 22.72 17.48 -100.54
CA ASP A 129 23.33 16.59 -101.52
C ASP A 129 24.00 17.40 -102.62
N ASP A 130 24.99 16.79 -103.28
CA ASP A 130 25.69 17.43 -104.38
C ASP A 130 24.82 17.32 -105.63
N CYS A 131 24.10 18.40 -105.94
CA CYS A 131 23.18 18.38 -107.08
C CYS A 131 23.24 19.67 -107.88
N CYS A 132 24.38 20.34 -107.94
CA CYS A 132 24.54 21.61 -108.63
C CYS A 132 25.69 21.52 -109.62
N VAL A 133 25.66 22.42 -110.61
CA VAL A 133 26.65 22.39 -111.68
C VAL A 133 27.80 23.36 -111.37
N GLY A 134 27.48 24.58 -110.95
CA GLY A 134 28.48 25.57 -110.61
C GLY A 134 29.51 25.80 -111.69
N PRO A 135 30.63 26.41 -111.34
CA PRO A 135 31.76 26.46 -112.29
C PRO A 135 32.38 25.09 -112.50
N GLN A 136 32.43 24.27 -111.46
CA GLN A 136 32.81 22.87 -111.55
C GLN A 136 31.78 22.04 -110.81
N GLY A 137 31.53 20.83 -111.31
CA GLY A 137 30.38 20.07 -110.88
C GLY A 137 30.44 19.61 -109.45
N ARG A 138 29.33 19.03 -109.00
CA ARG A 138 29.17 18.41 -107.68
C ARG A 138 29.42 19.43 -106.55
N LEU A 139 28.53 20.42 -106.51
CA LEU A 139 28.52 21.42 -105.45
C LEU A 139 27.23 21.34 -104.65
N MET A 140 27.31 21.80 -103.41
CA MET A 140 26.13 21.93 -102.57
C MET A 140 25.27 23.09 -103.06
N PRO A 141 23.98 23.11 -102.73
CA PRO A 141 23.12 24.24 -103.08
C PRO A 141 23.76 25.56 -102.71
N PRO A 142 24.05 26.41 -103.69
CA PRO A 142 24.72 27.68 -103.42
C PRO A 142 23.76 28.73 -102.87
N SER A 143 24.24 29.97 -102.77
CA SER A 143 23.45 31.09 -102.27
C SER A 143 22.13 31.25 -103.02
N THR A 144 22.00 30.64 -104.19
CA THR A 144 20.75 30.70 -104.94
C THR A 144 19.62 30.06 -104.14
N LEU A 145 18.44 30.68 -104.23
CA LEU A 145 17.28 30.25 -103.46
C LEU A 145 16.44 29.23 -104.23
N GLU A 146 16.24 29.46 -105.53
CA GLU A 146 15.49 28.52 -106.33
C GLU A 146 16.14 27.14 -106.34
N GLU A 147 17.46 27.08 -106.21
CA GLU A 147 18.12 25.78 -106.10
C GLU A 147 17.79 25.10 -104.77
N ILE A 148 17.68 25.87 -103.69
CA ILE A 148 17.27 25.30 -102.42
C ILE A 148 15.85 24.74 -102.52
N LEU A 149 14.96 25.51 -103.16
CA LEU A 149 13.58 25.04 -103.35
C LEU A 149 13.55 23.79 -104.20
N TRP A 150 14.35 23.74 -105.27
CA TRP A 150 14.40 22.58 -106.13
C TRP A 150 14.94 21.35 -105.39
N ALA A 151 15.95 21.56 -104.54
CA ALA A 151 16.48 20.46 -103.74
C ALA A 151 15.44 19.94 -102.77
N ARG A 152 14.67 20.84 -102.15
CA ARG A 152 13.60 20.41 -101.26
C ARG A 152 12.54 19.62 -102.03
N ASP A 153 12.18 20.09 -103.21
CA ASP A 153 11.14 19.42 -103.99
C ASP A 153 11.59 18.05 -104.48
N GLN A 154 12.84 17.93 -104.91
CA GLN A 154 13.33 16.68 -105.48
C GLN A 154 13.73 15.66 -104.42
N GLY A 155 13.79 16.05 -103.16
CA GLY A 155 14.13 15.12 -102.09
C GLY A 155 15.62 14.93 -101.90
N HIS A 156 16.34 16.04 -101.69
CA HIS A 156 17.78 16.01 -101.47
C HIS A 156 18.15 16.55 -100.09
N LEU A 157 17.23 16.49 -99.13
CA LEU A 157 17.48 16.92 -97.76
C LEU A 157 17.05 15.81 -96.80
N HIS A 158 17.71 15.74 -95.66
CA HIS A 158 17.60 14.56 -94.81
C HIS A 158 17.00 14.83 -93.44
N TRP A 159 17.46 15.86 -92.73
CA TRP A 159 16.89 16.28 -91.44
C TRP A 159 16.95 15.15 -90.41
N ILE A 160 18.18 14.81 -90.03
CA ILE A 160 18.39 13.83 -88.96
C ILE A 160 18.03 14.48 -87.63
N ARG A 161 17.03 13.91 -86.96
CA ARG A 161 16.50 14.46 -85.70
C ARG A 161 16.74 13.45 -84.58
N LEU A 162 17.58 13.83 -83.62
CA LEU A 162 17.98 12.93 -82.53
C LEU A 162 17.20 13.24 -81.25
N GLY A 163 15.90 12.99 -81.31
CA GLY A 163 15.05 12.94 -80.13
C GLY A 163 14.92 14.23 -79.34
N PRO A 164 14.01 14.24 -78.38
CA PRO A 164 13.84 15.40 -77.50
C PRO A 164 14.80 15.40 -76.32
N GLU A 165 14.68 16.42 -75.49
CA GLU A 165 15.42 16.55 -74.25
C GLU A 165 14.48 16.97 -73.12
N ARG A 166 14.94 16.80 -71.89
CA ARG A 166 14.16 17.10 -70.70
C ARG A 166 14.67 18.31 -69.95
N GLY A 167 15.94 18.33 -69.57
CA GLY A 167 16.52 19.44 -68.85
C GLY A 167 16.36 19.31 -67.35
N TRP A 168 17.05 20.20 -66.63
CA TRP A 168 16.98 20.10 -65.18
C TRP A 168 15.77 20.89 -64.66
N PRO A 169 15.14 20.38 -63.58
CA PRO A 169 13.89 21.01 -63.11
C PRO A 169 14.01 22.47 -62.77
N GLN A 170 15.16 22.92 -62.26
CA GLN A 170 15.30 24.30 -61.79
C GLN A 170 15.99 25.21 -62.81
N LEU A 171 16.09 24.79 -64.08
CA LEU A 171 16.60 25.66 -65.13
C LEU A 171 15.62 25.82 -66.28
N ARG A 172 14.44 25.20 -66.22
CA ARG A 172 13.52 25.24 -67.34
C ARG A 172 12.94 26.63 -67.58
N ARG A 173 12.82 27.45 -66.53
CA ARG A 173 12.27 28.80 -66.67
C ARG A 173 13.29 29.87 -66.35
N ILE A 174 13.87 29.86 -65.15
CA ILE A 174 14.76 30.91 -64.66
C ILE A 174 14.07 32.24 -64.91
N ALA A 175 14.81 33.27 -65.30
CA ALA A 175 14.29 34.59 -65.64
C ALA A 175 15.38 35.39 -66.33
N PRO A 176 15.07 36.07 -67.44
CA PRO A 176 16.12 36.87 -68.11
C PRO A 176 16.66 37.99 -67.25
N GLU A 177 15.85 38.58 -66.38
CA GLU A 177 16.34 39.66 -65.52
C GLU A 177 17.04 39.11 -64.27
N GLN A 178 17.93 38.15 -64.51
CA GLN A 178 18.92 37.70 -63.54
C GLN A 178 20.29 37.48 -64.15
N PHE A 179 20.37 37.21 -65.45
CA PHE A 179 21.63 37.14 -66.19
C PHE A 179 21.44 37.92 -67.49
N PRO A 180 21.36 39.25 -67.40
CA PRO A 180 20.93 40.03 -68.57
C PRO A 180 22.00 40.14 -69.64
N LEU A 181 21.57 40.63 -70.80
CA LEU A 181 22.42 40.91 -71.94
C LEU A 181 22.51 42.41 -72.19
N GLN A 182 23.70 42.85 -72.60
CA GLN A 182 23.91 44.20 -73.07
C GLN A 182 23.70 44.27 -74.57
N VAL A 183 23.55 45.48 -75.09
CA VAL A 183 23.45 45.73 -76.52
C VAL A 183 24.50 46.77 -76.87
N VAL A 184 25.53 46.36 -77.59
CA VAL A 184 26.58 47.29 -78.01
C VAL A 184 26.12 48.13 -79.19
N GLU A 185 25.52 47.49 -80.19
CA GLU A 185 25.01 48.17 -81.37
C GLU A 185 23.63 47.64 -81.69
N GLU A 186 22.73 48.54 -82.07
CA GLU A 186 21.35 48.18 -82.34
C GLU A 186 20.96 48.65 -83.74
N LYS A 187 20.57 47.71 -84.58
CA LYS A 187 20.03 47.97 -85.91
C LYS A 187 18.81 47.07 -86.09
N GLY A 188 18.02 47.36 -87.11
CA GLY A 188 16.85 46.56 -87.40
C GLY A 188 17.16 45.09 -87.55
N ASP A 189 16.49 44.26 -86.73
CA ASP A 189 16.59 42.80 -86.66
C ASP A 189 18.03 42.29 -86.59
N GLU A 190 18.97 43.10 -86.12
CA GLU A 190 20.35 42.68 -85.95
C GLU A 190 20.95 43.40 -84.76
N ARG A 191 21.63 42.65 -83.88
CA ARG A 191 22.19 43.19 -82.65
C ARG A 191 23.61 42.68 -82.44
N ARG A 192 24.35 43.40 -81.60
CA ARG A 192 25.63 42.95 -81.07
C ARG A 192 25.53 43.02 -79.55
N VAL A 193 25.84 41.92 -78.88
CA VAL A 193 25.57 41.76 -77.46
C VAL A 193 26.87 41.51 -76.72
N GLN A 194 26.80 41.63 -75.39
CA GLN A 194 27.93 41.43 -74.50
C GLN A 194 27.45 40.82 -73.20
N ALA A 195 28.39 40.56 -72.29
CA ALA A 195 28.09 40.06 -70.95
C ALA A 195 29.10 40.61 -69.98
N GLU A 196 28.64 41.11 -68.83
CA GLU A 196 29.54 41.63 -67.80
C GLU A 196 30.40 40.56 -67.16
N ASP A 197 29.90 39.35 -66.97
CA ASP A 197 30.62 38.34 -66.20
C ASP A 197 30.16 36.96 -66.65
N ARG A 198 30.57 35.94 -65.90
CA ARG A 198 30.28 34.54 -66.21
C ARG A 198 29.54 33.90 -65.04
N ALA A 199 28.55 34.61 -64.51
CA ALA A 199 27.81 34.13 -63.35
C ALA A 199 27.04 32.85 -63.67
N PHE A 200 26.43 32.78 -64.86
CA PHE A 200 25.66 31.59 -65.21
C PHE A 200 26.56 30.36 -65.33
N GLY A 201 27.79 30.53 -65.80
CA GLY A 201 28.70 29.40 -65.85
C GLY A 201 28.97 28.81 -64.47
N THR A 202 29.25 29.67 -63.50
CA THR A 202 29.46 29.20 -62.13
C THR A 202 28.21 28.58 -61.55
N PHE A 203 27.05 29.19 -61.81
CA PHE A 203 25.78 28.64 -61.34
C PHE A 203 25.57 27.22 -61.86
N LEU A 204 25.70 27.04 -63.18
CA LEU A 204 25.50 25.72 -63.77
C LEU A 204 26.54 24.72 -63.26
N GLN A 205 27.79 25.15 -63.16
CA GLN A 205 28.85 24.25 -62.72
C GLN A 205 28.61 23.76 -61.29
N ASP A 206 28.26 24.68 -60.39
CA ASP A 206 28.04 24.28 -59.00
C ASP A 206 26.80 23.40 -58.87
N LEU A 207 25.75 23.69 -59.65
CA LEU A 207 24.55 22.86 -59.61
C LEU A 207 24.86 21.45 -60.09
N LEU A 208 25.61 21.33 -61.19
CA LEU A 208 25.97 20.01 -61.69
C LEU A 208 26.85 19.25 -60.70
N GLN A 209 27.80 19.96 -60.08
CA GLN A 209 28.65 19.33 -59.08
C GLN A 209 27.84 18.83 -57.89
N ARG A 210 26.87 19.63 -57.44
CA ARG A 210 26.01 19.21 -56.33
C ARG A 210 25.20 17.98 -56.71
N ALA A 211 24.64 17.95 -57.92
CA ALA A 211 23.89 16.78 -58.36
C ALA A 211 24.78 15.54 -58.41
N SER A 212 26.00 15.70 -58.93
CA SER A 212 26.93 14.57 -59.01
C SER A 212 27.28 14.05 -57.63
N ARG A 213 27.54 14.96 -56.67
CA ARG A 213 27.86 14.53 -55.32
C ARG A 213 26.69 13.81 -54.66
N ILE A 214 25.47 14.33 -54.83
CA ILE A 214 24.30 13.66 -54.26
C ILE A 214 24.13 12.28 -54.87
N ALA A 215 24.32 12.15 -56.19
CA ALA A 215 24.25 10.84 -56.81
C ALA A 215 25.34 9.91 -56.27
N GLY A 216 26.53 10.44 -56.01
CA GLY A 216 27.59 9.63 -55.45
C GLY A 216 27.26 9.13 -54.06
N ALA A 217 26.61 9.95 -53.25
CA ALA A 217 26.18 9.55 -51.91
C ALA A 217 24.67 9.50 -51.88
N TRP A 218 24.12 8.37 -52.34
CA TRP A 218 22.68 8.10 -52.22
C TRP A 218 22.39 6.95 -51.27
N GLU A 219 23.17 5.89 -51.32
CA GLU A 219 23.19 4.92 -50.23
C GLU A 219 23.76 5.60 -48.99
N MET A 220 23.85 4.85 -47.89
CA MET A 220 24.37 5.35 -46.61
C MET A 220 23.75 6.69 -46.22
N LEU A 221 22.59 7.01 -46.77
CA LEU A 221 21.87 8.23 -46.45
C LEU A 221 21.07 8.10 -45.15
N PRO A 222 20.32 7.00 -44.92
CA PRO A 222 19.61 6.89 -43.64
C PRO A 222 20.53 6.83 -42.43
N GLU A 223 21.80 6.43 -42.62
CA GLU A 223 22.75 6.45 -41.52
C GLU A 223 23.24 7.85 -41.19
N LEU A 224 23.18 8.79 -42.14
CA LEU A 224 23.68 10.14 -41.87
C LEU A 224 22.74 10.87 -40.92
N PRO A 225 23.29 11.57 -39.92
CA PRO A 225 22.42 12.36 -39.03
C PRO A 225 21.64 13.44 -39.74
N PHE A 226 22.20 14.03 -40.80
CA PHE A 226 21.59 15.16 -41.48
C PHE A 226 21.69 14.97 -42.98
N ALA A 227 20.72 15.51 -43.70
CA ALA A 227 20.63 15.25 -45.14
C ALA A 227 21.69 16.02 -45.92
N ASP A 228 22.00 17.25 -45.51
CA ASP A 228 22.93 18.08 -46.25
C ASP A 228 24.33 17.45 -46.35
N LEU A 229 24.67 16.55 -45.44
CA LEU A 229 25.95 15.86 -45.50
C LEU A 229 26.10 15.07 -46.80
N ALA A 230 24.99 14.74 -47.47
CA ALA A 230 25.05 14.05 -48.75
C ALA A 230 25.59 14.93 -49.86
N THR A 231 25.67 16.24 -49.67
CA THR A 231 26.21 17.14 -50.67
C THR A 231 27.70 17.39 -50.52
N TRP A 232 28.34 16.74 -49.55
CA TRP A 232 29.77 16.89 -49.36
C TRP A 232 30.53 16.01 -50.34
N SER A 233 31.80 16.35 -50.56
CA SER A 233 32.65 15.57 -51.44
C SER A 233 33.20 14.35 -50.71
N GLU A 234 33.86 13.47 -51.48
CA GLU A 234 34.41 12.26 -50.88
C GLU A 234 35.50 12.56 -49.87
N GLY A 235 36.36 13.54 -50.16
CA GLY A 235 37.40 13.91 -49.21
C GLY A 235 36.85 14.44 -47.91
N GLU A 236 35.82 15.30 -47.99
CA GLU A 236 35.21 15.83 -46.78
C GLU A 236 34.56 14.74 -45.95
N LEU A 237 33.88 13.80 -46.61
CA LEU A 237 33.26 12.69 -45.88
C LEU A 237 34.32 11.80 -45.23
N ALA A 238 35.43 11.56 -45.93
CA ALA A 238 36.51 10.78 -45.33
C ALA A 238 37.11 11.50 -44.12
N TRP A 239 37.27 12.83 -44.23
CA TRP A 239 37.75 13.61 -43.10
C TRP A 239 36.76 13.58 -41.94
N LEU A 240 35.47 13.46 -42.23
CA LEU A 240 34.46 13.48 -41.17
C LEU A 240 34.51 12.22 -40.33
N ARG A 241 35.09 11.14 -40.84
CA ARG A 241 35.19 9.88 -40.11
C ARG A 241 36.48 9.75 -39.30
N GLU A 242 37.42 10.67 -39.45
CA GLU A 242 38.64 10.58 -38.67
C GLU A 242 38.37 10.99 -37.22
N PRO A 243 39.10 10.40 -36.27
CA PRO A 243 38.89 10.76 -34.87
C PRO A 243 39.23 12.23 -34.62
N LEU A 244 38.44 12.87 -33.76
CA LEU A 244 38.63 14.29 -33.48
C LEU A 244 39.93 14.53 -32.74
N ASP A 245 40.60 15.63 -33.10
CA ASP A 245 41.85 16.01 -32.46
C ASP A 245 41.62 17.28 -31.65
N PRO A 246 41.47 17.20 -30.32
CA PRO A 246 41.17 18.40 -29.54
C PRO A 246 42.27 19.46 -29.59
N ARG A 247 43.51 19.08 -29.91
CA ARG A 247 44.62 20.02 -29.85
C ARG A 247 44.81 20.80 -31.13
N ALA A 248 44.24 20.35 -32.24
CA ALA A 248 44.41 21.06 -33.50
C ALA A 248 43.54 22.31 -33.53
N PRO A 249 44.10 23.48 -33.83
CA PRO A 249 43.28 24.70 -33.90
C PRO A 249 42.13 24.61 -34.88
N ALA A 250 42.31 23.91 -36.02
CA ALA A 250 41.24 23.80 -37.00
C ALA A 250 40.03 23.06 -36.42
N ASP A 251 40.29 21.99 -35.68
CA ASP A 251 39.19 21.26 -35.03
C ASP A 251 38.49 22.15 -34.01
N GLN A 252 39.25 22.95 -33.27
CA GLN A 252 38.64 23.86 -32.30
C GLN A 252 37.74 24.87 -32.99
N ARG A 253 38.20 25.43 -34.11
CA ARG A 253 37.36 26.37 -34.87
C ARG A 253 36.10 25.68 -35.39
N TRP A 254 36.25 24.45 -35.90
CA TRP A 254 35.10 23.74 -36.43
C TRP A 254 34.05 23.48 -35.36
N VAL A 255 34.50 23.03 -34.17
CA VAL A 255 33.55 22.80 -33.08
C VAL A 255 32.93 24.11 -32.61
N ALA A 256 33.71 25.19 -32.62
CA ALA A 256 33.16 26.48 -32.23
C ALA A 256 32.11 26.98 -33.22
N GLY A 257 32.21 26.57 -34.48
CA GLY A 257 31.26 27.00 -35.48
C GLY A 257 30.00 26.18 -35.62
N LEU A 258 29.86 25.08 -34.86
CA LEU A 258 28.73 24.19 -34.99
C LEU A 258 27.47 24.77 -34.33
N PRO A 259 26.31 24.61 -34.96
CA PRO A 259 25.05 24.84 -34.24
C PRO A 259 24.90 23.85 -33.10
N LYS A 260 24.29 24.31 -32.01
CA LYS A 260 24.28 23.56 -30.76
C LYS A 260 22.91 23.61 -30.10
N ILE A 261 22.66 22.62 -29.26
CA ILE A 261 21.43 22.52 -28.47
C ILE A 261 21.81 22.28 -27.01
N GLU A 262 21.15 23.00 -26.10
CA GLU A 262 21.40 22.89 -24.67
C GLU A 262 20.18 22.28 -23.99
N LEU A 263 20.42 21.34 -23.07
CA LEU A 263 19.34 20.69 -22.34
C LEU A 263 19.53 20.64 -20.83
N HIS A 264 20.74 20.87 -20.33
CA HIS A 264 21.04 20.78 -18.90
C HIS A 264 21.87 22.00 -18.50
N CYS A 265 21.19 23.08 -18.11
CA CYS A 265 21.85 24.32 -17.71
C CYS A 265 21.12 24.91 -16.52
N HIS A 266 21.85 25.24 -15.46
CA HIS A 266 21.29 25.83 -14.25
C HIS A 266 21.47 27.34 -14.30
N LEU A 267 20.38 28.07 -14.06
CA LEU A 267 20.44 29.52 -14.10
C LEU A 267 21.24 30.10 -12.93
N GLY A 268 21.19 29.46 -11.78
CA GLY A 268 21.83 29.97 -10.59
C GLY A 268 23.33 29.78 -10.49
N GLY A 269 23.95 29.14 -11.47
CA GLY A 269 25.38 28.93 -11.44
C GLY A 269 26.10 29.44 -12.67
N PHE A 270 25.68 30.60 -13.19
CA PHE A 270 26.27 31.14 -14.41
C PHE A 270 27.38 32.15 -14.12
N ALA A 271 27.08 33.17 -13.35
CA ALA A 271 28.03 34.26 -13.07
C ALA A 271 28.38 34.21 -11.59
N THR A 272 29.41 33.44 -11.26
CA THR A 272 29.85 33.27 -9.88
C THR A 272 31.26 33.82 -9.62
N HIS A 273 31.99 34.21 -10.66
CA HIS A 273 33.36 34.67 -10.48
C HIS A 273 33.67 35.72 -11.54
N GLY A 274 34.72 36.50 -11.27
CA GLY A 274 35.28 37.38 -12.28
C GLY A 274 34.43 38.61 -12.56
N GLU A 275 34.56 39.12 -13.78
CA GLU A 275 33.90 40.36 -14.16
C GLU A 275 32.38 40.20 -14.22
N LEU A 276 31.88 39.03 -14.63
CA LEU A 276 30.45 38.84 -14.76
C LEU A 276 29.74 39.00 -13.42
N LEU A 277 30.39 38.54 -12.34
CA LEU A 277 29.83 38.74 -11.01
C LEU A 277 29.70 40.22 -10.68
N ARG A 278 30.71 41.02 -11.05
CA ARG A 278 30.63 42.46 -10.83
C ARG A 278 29.52 43.09 -11.66
N ARG A 279 29.37 42.65 -12.92
CA ARG A 279 28.31 43.22 -13.77
C ARG A 279 26.93 42.88 -13.23
N VAL A 280 26.77 41.68 -12.66
CA VAL A 280 25.49 41.34 -12.04
C VAL A 280 25.29 42.14 -10.76
N ARG A 281 26.35 42.31 -9.96
CA ARG A 281 26.20 42.97 -8.68
C ARG A 281 25.88 44.46 -8.84
N ASN A 282 26.56 45.15 -9.75
CA ASN A 282 26.31 46.58 -9.91
C ASN A 282 25.10 46.84 -10.78
N ALA A 283 23.99 46.16 -10.49
CA ALA A 283 22.71 46.41 -11.14
C ALA A 283 21.54 46.29 -10.18
N ALA A 284 21.78 46.10 -8.89
CA ALA A 284 20.71 45.91 -7.92
C ALA A 284 19.91 47.20 -7.74
N GLU A 285 18.61 47.02 -7.44
CA GLU A 285 17.76 48.17 -7.16
C GLU A 285 18.05 48.75 -5.78
N ASN A 286 18.54 47.92 -4.85
CA ASN A 286 18.85 48.35 -3.50
C ASN A 286 20.28 47.92 -3.17
N PRO A 287 21.26 48.73 -3.55
CA PRO A 287 22.66 48.36 -3.28
C PRO A 287 22.99 48.26 -1.80
N GLY A 288 22.21 48.89 -0.93
CA GLY A 288 22.52 48.85 0.49
C GLY A 288 22.43 47.47 1.10
N LYS A 289 21.50 46.65 0.62
CA LYS A 289 21.28 45.32 1.16
C LYS A 289 22.16 44.25 0.53
N LEU A 290 23.06 44.63 -0.36
CA LEU A 290 23.93 43.67 -1.01
C LEU A 290 24.92 43.07 0.00
N PRO A 291 25.07 41.75 0.03
CA PRO A 291 26.06 41.13 0.91
C PRO A 291 27.46 41.53 0.50
N PRO A 292 28.41 41.55 1.44
CA PRO A 292 29.79 41.87 1.09
C PRO A 292 30.37 40.89 0.09
N LEU A 293 31.17 41.41 -0.84
CA LEU A 293 31.73 40.58 -1.90
C LEU A 293 32.76 39.61 -1.32
N GLU A 294 32.64 38.33 -1.69
CA GLU A 294 33.56 37.32 -1.22
C GLU A 294 33.54 36.16 -2.20
N GLU A 295 34.60 36.00 -2.98
CA GLU A 295 34.71 34.89 -3.92
C GLU A 295 35.34 33.69 -3.24
N PRO A 296 34.70 32.52 -3.22
CA PRO A 296 35.38 31.32 -2.74
C PRO A 296 36.60 31.01 -3.59
N ARG A 297 37.65 30.50 -2.95
CA ARG A 297 38.88 30.20 -3.65
C ARG A 297 38.79 28.85 -4.33
N LEU A 298 39.14 28.82 -5.62
CA LEU A 298 39.08 27.59 -6.40
C LEU A 298 40.29 26.70 -6.11
N PRO A 299 40.15 25.38 -6.22
CA PRO A 299 41.28 24.48 -5.99
C PRO A 299 42.40 24.68 -7.00
N GLU A 300 43.52 23.99 -6.79
CA GLU A 300 44.67 24.13 -7.67
C GLU A 300 44.36 23.54 -9.04
N GLY A 301 44.55 24.34 -10.09
CA GLY A 301 44.25 23.89 -11.43
C GLY A 301 42.78 23.54 -11.59
N TRP A 302 41.90 24.44 -11.16
CA TRP A 302 40.48 24.12 -11.01
C TRP A 302 39.83 23.55 -12.26
N PRO A 303 40.07 24.07 -13.47
CA PRO A 303 39.40 23.46 -14.65
C PRO A 303 39.69 21.98 -14.80
N LEU A 304 40.90 21.52 -14.49
CA LEU A 304 41.25 20.10 -14.54
C LEU A 304 41.95 19.74 -13.23
N PRO A 305 41.18 19.47 -12.17
CA PRO A 305 41.80 19.21 -10.87
C PRO A 305 42.63 17.94 -10.87
N ALA A 306 43.65 17.92 -10.02
CA ALA A 306 44.43 16.71 -9.84
C ALA A 306 43.66 15.65 -9.08
N GLN A 307 42.81 16.06 -8.13
CA GLN A 307 42.03 15.14 -7.33
C GLN A 307 40.56 15.56 -7.35
N PRO A 308 39.63 14.61 -7.31
CA PRO A 308 38.22 14.97 -7.28
C PRO A 308 37.80 15.51 -5.92
N ILE A 309 36.69 16.26 -5.94
CA ILE A 309 36.12 16.83 -4.71
C ILE A 309 34.67 16.37 -4.61
N PRO A 310 34.13 16.21 -3.41
CA PRO A 310 32.72 15.79 -3.27
C PRO A 310 31.76 16.94 -3.51
N LEU A 311 30.47 16.62 -3.39
CA LEU A 311 29.41 17.52 -3.80
C LEU A 311 29.34 18.79 -2.95
N ALA A 312 29.62 18.68 -1.65
CA ALA A 312 29.42 19.82 -0.75
C ALA A 312 30.31 20.99 -1.15
N GLU A 313 31.61 20.74 -1.37
CA GLU A 313 32.51 21.82 -1.76
C GLU A 313 32.18 22.33 -3.16
N TYR A 314 31.75 21.45 -4.06
CA TYR A 314 31.35 21.89 -5.39
C TYR A 314 30.19 22.87 -5.32
N MET A 315 29.21 22.58 -4.47
CA MET A 315 28.09 23.50 -4.31
C MET A 315 28.52 24.79 -3.60
N LYS A 316 29.40 24.69 -2.61
CA LYS A 316 29.87 25.87 -1.90
C LYS A 316 30.78 26.73 -2.74
N LEU A 317 31.27 26.21 -3.87
CA LEU A 317 32.11 27.02 -4.76
C LEU A 317 31.35 28.18 -5.39
N GLY A 318 30.02 28.20 -5.30
CA GLY A 318 29.24 29.27 -5.87
C GLY A 318 28.31 30.01 -4.92
N ASN A 319 28.76 30.26 -3.69
CA ASN A 319 27.95 31.02 -2.75
C ASN A 319 27.87 32.50 -3.10
N ALA A 320 28.76 33.00 -3.95
CA ALA A 320 28.74 34.40 -4.33
C ALA A 320 27.52 34.77 -5.18
N ASN A 321 26.82 33.79 -5.74
CA ASN A 321 25.64 34.03 -6.54
C ASN A 321 24.58 33.00 -6.16
N GLY A 322 23.32 33.34 -6.45
CA GLY A 322 22.22 32.45 -6.12
C GLY A 322 21.21 33.12 -5.21
N THR A 323 20.76 32.41 -4.17
CA THR A 323 19.78 32.97 -3.25
C THR A 323 20.32 34.19 -2.52
N ALA A 324 21.64 34.29 -2.36
CA ALA A 324 22.22 35.44 -1.68
C ALA A 324 22.14 36.71 -2.55
N LEU A 325 22.16 36.56 -3.87
CA LEU A 325 22.24 37.69 -4.78
C LEU A 325 20.99 37.90 -5.61
N LEU A 326 20.22 36.85 -5.91
CA LEU A 326 19.14 36.93 -6.88
C LEU A 326 17.81 37.36 -6.27
N ARG A 327 17.78 37.70 -4.98
CA ARG A 327 16.55 38.22 -4.38
C ARG A 327 16.25 39.65 -4.85
N ASP A 328 17.17 40.30 -5.54
CA ASP A 328 16.99 41.64 -6.10
C ASP A 328 16.52 41.54 -7.54
N PRO A 329 15.39 42.15 -7.90
CA PRO A 329 14.88 42.03 -9.28
C PRO A 329 15.90 42.43 -10.35
N GLY A 330 16.65 43.51 -10.13
CA GLY A 330 17.60 43.96 -11.14
C GLY A 330 18.70 42.95 -11.37
N CYS A 331 19.21 42.35 -10.29
CA CYS A 331 20.22 41.31 -10.44
C CYS A 331 19.69 40.13 -11.24
N LEU A 332 18.44 39.73 -10.99
CA LEU A 332 17.85 38.62 -11.73
C LEU A 332 17.70 38.94 -13.20
N ARG A 333 17.23 40.15 -13.52
CA ARG A 333 17.08 40.54 -14.93
C ARG A 333 18.44 40.58 -15.63
N GLU A 334 19.45 41.15 -14.98
CA GLU A 334 20.78 41.19 -15.59
C GLU A 334 21.35 39.78 -15.74
N GLN A 335 21.09 38.91 -14.78
CA GLN A 335 21.52 37.52 -14.86
C GLN A 335 20.94 36.84 -16.09
N CYS A 336 19.64 36.99 -16.30
CA CYS A 336 18.98 36.39 -17.46
C CYS A 336 19.53 36.97 -18.76
N ARG A 337 19.70 38.29 -18.82
CA ARG A 337 20.20 38.91 -20.05
C ARG A 337 21.60 38.42 -20.39
N LEU A 338 22.49 38.34 -19.39
CA LEU A 338 23.85 37.88 -19.64
C LEU A 338 23.87 36.42 -20.06
N LEU A 339 23.02 35.58 -19.44
CA LEU A 339 22.96 34.19 -19.84
C LEU A 339 22.49 34.06 -21.29
N TYR A 340 21.49 34.84 -21.69
CA TYR A 340 21.03 34.78 -23.08
C TYR A 340 22.13 35.24 -24.03
N ARG A 341 22.87 36.30 -23.67
CA ARG A 341 23.94 36.76 -24.53
C ARG A 341 25.04 35.70 -24.68
N HIS A 342 25.39 35.04 -23.58
CA HIS A 342 26.38 33.97 -23.64
C HIS A 342 25.89 32.82 -24.53
N LEU A 343 24.62 32.44 -24.39
CA LEU A 343 24.09 31.35 -25.19
C LEU A 343 24.11 31.71 -26.68
N VAL A 344 23.78 32.95 -27.02
CA VAL A 344 23.83 33.37 -28.41
C VAL A 344 25.26 33.37 -28.92
N ASP A 345 26.21 33.82 -28.10
CA ASP A 345 27.61 33.84 -28.51
C ASP A 345 28.13 32.44 -28.78
N GLN A 346 27.71 31.46 -27.97
CA GLN A 346 28.16 30.09 -28.18
C GLN A 346 27.57 29.45 -29.43
N GLY A 347 26.57 30.06 -30.05
CA GLY A 347 25.95 29.49 -31.22
C GLY A 347 24.81 28.54 -30.96
N VAL A 348 24.21 28.58 -29.76
CA VAL A 348 23.11 27.69 -29.44
C VAL A 348 21.85 28.17 -30.14
N CYS A 349 21.10 27.22 -30.72
CA CYS A 349 19.85 27.52 -31.39
C CYS A 349 18.62 27.16 -30.58
N TYR A 350 18.77 26.42 -29.49
CA TYR A 350 17.64 26.04 -28.64
C TYR A 350 18.20 25.59 -27.30
N ALA A 351 17.63 26.10 -26.22
CA ALA A 351 18.12 25.80 -24.88
C ALA A 351 16.95 25.68 -23.90
N GLU A 352 17.18 24.93 -22.83
CA GLU A 352 16.24 24.81 -21.73
C GLU A 352 16.96 25.15 -20.44
N VAL A 353 16.40 26.07 -19.67
CA VAL A 353 17.04 26.62 -18.48
C VAL A 353 16.26 26.17 -17.24
N ARG A 354 17.00 25.78 -16.20
CA ARG A 354 16.41 25.31 -14.96
C ARG A 354 16.58 26.37 -13.86
N CYS A 355 15.52 26.60 -13.11
CA CYS A 355 15.50 27.64 -12.09
C CYS A 355 14.61 27.22 -10.93
N SER A 356 14.80 27.90 -9.80
CA SER A 356 14.03 27.67 -8.58
C SER A 356 13.47 28.99 -8.10
N PRO A 357 12.34 29.43 -8.67
CA PRO A 357 11.82 30.78 -8.32
C PRO A 357 11.50 30.97 -6.85
N ALA A 358 10.97 29.94 -6.17
CA ALA A 358 10.56 30.10 -4.79
C ALA A 358 11.73 30.35 -3.84
N ASN A 359 12.96 30.05 -4.27
CA ASN A 359 14.12 30.36 -3.46
C ASN A 359 14.44 31.85 -3.45
N TYR A 360 13.86 32.63 -4.36
CA TYR A 360 14.14 34.06 -4.47
C TYR A 360 12.96 34.92 -4.06
N ALA A 361 11.99 34.35 -3.32
CA ALA A 361 10.77 35.05 -2.93
C ALA A 361 10.85 35.36 -1.44
N GLU A 362 11.03 36.63 -1.10
CA GLU A 362 11.01 37.08 0.28
C GLU A 362 9.87 38.06 0.57
N VAL A 363 9.60 38.99 -0.34
CA VAL A 363 8.42 39.83 -0.25
C VAL A 363 7.45 39.61 -1.40
N ARG A 364 7.93 39.27 -2.60
CA ARG A 364 7.09 38.90 -3.70
C ARG A 364 6.73 37.41 -3.62
N SER A 365 5.70 37.03 -4.35
CA SER A 365 5.34 35.63 -4.46
C SER A 365 6.20 34.94 -5.51
N PRO A 366 6.32 33.61 -5.44
CA PRO A 366 7.05 32.89 -6.50
C PRO A 366 6.49 33.15 -7.89
N TRP A 367 5.17 33.40 -7.99
CA TRP A 367 4.57 33.73 -9.28
C TRP A 367 5.19 34.99 -9.86
N ASP A 368 5.42 36.01 -9.03
CA ASP A 368 6.04 37.24 -9.51
C ASP A 368 7.45 36.99 -10.04
N VAL A 369 8.24 36.18 -9.32
CA VAL A 369 9.60 35.88 -9.75
C VAL A 369 9.59 35.14 -11.08
N LEU A 370 8.71 34.14 -11.20
CA LEU A 370 8.62 33.39 -12.45
C LEU A 370 8.18 34.27 -13.60
N ALA A 371 7.22 35.17 -13.35
CA ALA A 371 6.77 36.08 -14.39
C ALA A 371 7.89 37.02 -14.83
N ASP A 372 8.68 37.51 -13.87
CA ASP A 372 9.80 38.38 -14.22
C ASP A 372 10.83 37.64 -15.06
N ILE A 373 11.16 36.41 -14.69
CA ILE A 373 12.13 35.63 -15.45
C ILE A 373 11.63 35.39 -16.88
N ARG A 374 10.37 34.97 -17.00
CA ARG A 374 9.81 34.68 -18.31
C ARG A 374 9.75 35.95 -19.17
N ALA A 375 9.37 37.08 -18.57
CA ALA A 375 9.31 38.32 -19.31
C ALA A 375 10.69 38.75 -19.79
N ALA A 376 11.71 38.61 -18.94
CA ALA A 376 13.06 38.98 -19.35
C ALA A 376 13.52 38.11 -20.52
N PHE A 377 13.30 36.80 -20.44
CA PHE A 377 13.71 35.92 -21.52
C PHE A 377 12.95 36.22 -22.81
N GLN A 378 11.64 36.48 -22.69
CA GLN A 378 10.84 36.80 -23.87
C GLN A 378 11.30 38.10 -24.53
N GLU A 379 11.62 39.11 -23.72
CA GLU A 379 12.10 40.37 -24.28
C GLU A 379 13.45 40.18 -24.96
N CYS A 380 14.34 39.40 -24.35
CA CYS A 380 15.62 39.11 -25.00
C CYS A 380 15.42 38.38 -26.32
N MET A 381 14.49 37.43 -26.36
CA MET A 381 14.21 36.72 -27.61
C MET A 381 13.67 37.67 -28.68
N GLU A 382 12.75 38.56 -28.29
CA GLU A 382 12.16 39.47 -29.26
C GLU A 382 13.17 40.49 -29.78
N GLY A 383 14.12 40.89 -28.93
CA GLY A 383 15.08 41.90 -29.36
C GLY A 383 16.01 41.41 -30.46
N ALA A 384 16.53 40.19 -30.32
CA ALA A 384 17.51 39.66 -31.26
C ALA A 384 16.83 38.74 -32.28
N ARG A 385 16.12 39.38 -33.21
CA ARG A 385 15.42 38.64 -34.25
C ARG A 385 16.25 38.55 -35.54
N THR A 386 17.41 37.91 -35.42
CA THR A 386 18.27 37.59 -36.55
C THR A 386 17.71 36.30 -37.17
N ALA A 387 18.45 35.65 -38.07
CA ALA A 387 18.14 34.32 -38.60
C ALA A 387 16.96 34.40 -39.58
N PRO A 388 16.82 33.45 -40.50
CA PRO A 388 15.80 33.60 -41.53
C PRO A 388 14.41 33.18 -41.07
N GLY A 389 13.40 33.79 -41.69
CA GLY A 389 12.02 33.62 -41.27
C GLY A 389 11.58 34.55 -40.16
N GLY A 390 12.45 35.46 -39.71
CA GLY A 390 12.10 36.36 -38.62
C GLY A 390 11.91 35.68 -37.29
N LEU A 391 12.74 34.67 -36.98
CA LEU A 391 12.66 33.94 -35.74
C LEU A 391 13.83 34.30 -34.83
N PRO A 392 13.65 34.22 -33.51
CA PRO A 392 14.76 34.56 -32.60
C PRO A 392 15.97 33.67 -32.84
N ALA A 393 17.15 34.24 -32.60
CA ALA A 393 18.39 33.50 -32.82
C ALA A 393 18.45 32.27 -31.92
N CYS A 394 18.06 32.41 -30.66
CA CYS A 394 17.99 31.30 -29.73
C CYS A 394 16.62 31.29 -29.07
N HIS A 395 16.04 30.10 -28.96
CA HIS A 395 14.75 29.91 -28.30
C HIS A 395 14.97 29.28 -26.95
N VAL A 396 14.39 29.87 -25.91
CA VAL A 396 14.61 29.46 -24.53
C VAL A 396 13.29 29.03 -23.93
N ASN A 397 13.26 27.82 -23.36
CA ASN A 397 12.15 27.32 -22.57
C ASN A 397 12.60 27.14 -21.13
N LEU A 398 11.65 26.91 -20.23
CA LEU A 398 11.91 26.88 -18.81
C LEU A 398 11.55 25.53 -18.20
N ILE A 399 12.31 25.14 -17.18
CA ILE A 399 12.08 23.93 -16.41
C ILE A 399 12.29 24.26 -14.94
N LEU A 400 11.37 23.81 -14.09
CA LEU A 400 11.43 24.11 -12.67
C LEU A 400 12.05 22.95 -11.91
N ILE A 401 12.73 23.27 -10.81
CA ILE A 401 13.52 22.31 -10.04
C ILE A 401 12.83 22.04 -8.72
N ALA A 402 12.71 20.76 -8.36
CA ALA A 402 12.30 20.33 -7.03
C ALA A 402 13.53 19.75 -6.33
N THR A 403 13.93 20.38 -5.23
CA THR A 403 15.20 20.09 -4.57
C THR A 403 15.02 19.12 -3.41
N ARG A 404 15.93 18.17 -3.31
CA ARG A 404 15.96 17.20 -2.21
C ARG A 404 17.15 17.50 -1.31
N ARG A 405 16.93 17.40 0.00
CA ARG A 405 17.96 17.69 1.00
C ARG A 405 18.10 16.51 1.95
N ALA A 406 19.28 16.42 2.57
CA ALA A 406 19.56 15.34 3.50
C ALA A 406 18.66 15.41 4.73
N SER A 407 18.46 16.60 5.27
CA SER A 407 17.61 16.77 6.45
C SER A 407 17.11 18.20 6.48
N GLY A 408 15.93 18.38 7.06
CA GLY A 408 15.34 19.70 7.18
C GLY A 408 13.91 19.76 6.68
N ASP A 409 13.52 20.92 6.16
CA ASP A 409 12.17 21.15 5.62
C ASP A 409 12.32 21.41 4.12
N TYR A 410 11.96 20.40 3.31
CA TYR A 410 12.11 20.52 1.87
C TYR A 410 10.93 20.02 1.05
N ARG A 411 9.99 19.25 1.63
CA ARG A 411 8.90 18.70 0.84
C ARG A 411 7.85 19.76 0.48
N ALA A 412 7.62 20.71 1.38
CA ALA A 412 6.66 21.79 1.08
C ALA A 412 7.13 22.60 -0.12
N ALA A 413 8.43 22.86 -0.21
CA ALA A 413 8.96 23.56 -1.39
C ALA A 413 8.78 22.74 -2.65
N ILE A 414 8.91 21.42 -2.54
CA ILE A 414 8.71 20.55 -3.71
C ILE A 414 7.27 20.64 -4.21
N ALA A 415 6.31 20.56 -3.28
CA ALA A 415 4.91 20.70 -3.68
C ALA A 415 4.62 22.07 -4.26
N ARG A 416 5.21 23.11 -3.65
CA ARG A 416 5.10 24.47 -4.17
C ARG A 416 5.56 24.55 -5.62
N HIS A 417 6.74 24.00 -5.90
CA HIS A 417 7.29 24.05 -7.24
C HIS A 417 6.43 23.28 -8.23
N LEU A 418 5.95 22.10 -7.86
CA LEU A 418 5.11 21.33 -8.78
C LEU A 418 3.81 22.06 -9.10
N ALA A 419 3.15 22.61 -8.08
CA ALA A 419 1.92 23.35 -8.32
C ALA A 419 2.16 24.58 -9.19
N LEU A 420 3.24 25.32 -8.90
CA LEU A 420 3.59 26.48 -9.71
C LEU A 420 3.86 26.09 -11.15
N ALA A 421 4.57 24.99 -11.36
CA ALA A 421 4.87 24.55 -12.72
C ALA A 421 3.60 24.19 -13.47
N VAL A 422 2.68 23.47 -12.83
CA VAL A 422 1.43 23.12 -13.48
C VAL A 422 0.65 24.37 -13.88
N THR A 423 0.51 25.32 -12.94
CA THR A 423 -0.25 26.53 -13.23
C THR A 423 0.40 27.35 -14.34
N ALA A 424 1.73 27.50 -14.28
CA ALA A 424 2.43 28.29 -15.30
C ALA A 424 2.34 27.63 -16.67
N ALA A 425 2.45 26.30 -16.74
CA ALA A 425 2.29 25.62 -18.00
C ALA A 425 0.89 25.81 -18.57
N GLU A 426 -0.12 25.82 -17.69
CA GLU A 426 -1.46 26.09 -18.16
C GLU A 426 -1.64 27.54 -18.62
N HIS A 427 -0.88 28.47 -18.03
CA HIS A 427 -1.11 29.89 -18.30
C HIS A 427 -0.62 30.29 -19.68
N TRP A 428 0.67 30.15 -19.94
CA TRP A 428 1.27 30.58 -21.21
C TRP A 428 1.25 29.42 -22.20
N ARG A 429 0.64 29.63 -23.36
CA ARG A 429 0.46 28.57 -24.34
C ARG A 429 0.91 28.93 -25.75
N ASP A 430 1.41 30.14 -25.97
CA ASP A 430 1.85 30.53 -27.31
C ASP A 430 3.07 29.69 -27.71
N GLU A 431 3.01 29.11 -28.91
CA GLU A 431 4.06 28.18 -29.33
C GLU A 431 5.38 28.89 -29.58
N ASN A 432 5.34 30.08 -30.18
CA ASN A 432 6.56 30.84 -30.48
C ASN A 432 6.90 31.81 -29.35
N ALA A 433 6.98 31.29 -28.12
CA ALA A 433 7.26 32.11 -26.96
C ALA A 433 7.84 31.22 -25.87
N CYS A 434 8.44 31.87 -24.86
CA CYS A 434 8.98 31.16 -23.73
C CYS A 434 7.87 30.46 -22.95
N ARG A 435 8.08 29.18 -22.64
CA ARG A 435 7.08 28.38 -21.93
C ARG A 435 7.75 27.51 -20.89
N VAL A 436 6.99 27.13 -19.87
CA VAL A 436 7.41 26.12 -18.91
C VAL A 436 7.05 24.76 -19.50
N VAL A 437 8.05 23.89 -19.64
CA VAL A 437 7.88 22.65 -20.40
C VAL A 437 8.09 21.41 -19.55
N GLY A 438 8.57 21.51 -18.32
CA GLY A 438 8.79 20.32 -17.54
C GLY A 438 9.24 20.63 -16.14
N VAL A 439 9.48 19.57 -15.38
CA VAL A 439 9.93 19.66 -14.00
C VAL A 439 11.16 18.78 -13.81
N ASP A 440 11.94 19.08 -12.77
CA ASP A 440 13.17 18.37 -12.48
C ASP A 440 13.18 17.96 -11.02
N LEU A 441 13.75 16.79 -10.74
CA LEU A 441 13.92 16.29 -9.37
C LEU A 441 15.42 16.17 -9.12
N ALA A 442 16.01 17.17 -8.49
CA ALA A 442 17.43 17.24 -8.24
C ALA A 442 17.70 17.35 -6.74
N GLY A 443 18.96 17.52 -6.40
CA GLY A 443 19.38 17.66 -5.02
C GLY A 443 20.17 16.47 -4.53
N TYR A 444 20.34 16.42 -3.21
CA TYR A 444 21.07 15.33 -2.58
C TYR A 444 20.31 14.02 -2.76
N GLU A 445 21.04 12.97 -3.14
CA GLU A 445 20.43 11.67 -3.42
C GLU A 445 21.17 10.58 -2.64
N ASP A 446 20.41 9.61 -2.15
CA ASP A 446 20.95 8.46 -1.45
C ASP A 446 19.87 7.37 -1.43
N GLU A 447 20.08 6.34 -0.61
CA GLU A 447 19.14 5.24 -0.54
C GLU A 447 17.78 5.70 -0.03
N LYS A 448 17.75 6.58 0.97
CA LYS A 448 16.49 6.99 1.59
C LYS A 448 15.76 8.06 0.81
N THR A 449 16.36 8.65 -0.21
CA THR A 449 15.73 9.69 -1.01
C THR A 449 15.67 9.29 -2.48
N ARG A 450 15.28 8.04 -2.75
CA ARG A 450 15.15 7.59 -4.12
C ARG A 450 13.83 8.08 -4.72
N ALA A 451 13.69 7.83 -6.04
CA ALA A 451 12.57 8.41 -6.78
C ALA A 451 11.22 7.86 -6.33
N HIS A 452 11.18 6.59 -5.93
CA HIS A 452 9.90 5.95 -5.62
C HIS A 452 9.27 6.48 -4.33
N TYR A 453 9.94 7.37 -3.61
CA TYR A 453 9.38 7.99 -2.41
C TYR A 453 8.62 9.28 -2.72
N PHE A 454 8.54 9.68 -3.99
CA PHE A 454 7.87 10.92 -4.37
C PHE A 454 6.81 10.68 -5.45
N ARG A 455 6.29 9.45 -5.54
CA ARG A 455 5.30 9.12 -6.57
C ARG A 455 4.01 9.90 -6.39
N GLU A 456 3.55 10.04 -5.15
CA GLU A 456 2.29 10.72 -4.88
C GLU A 456 2.37 12.20 -5.25
N GLU A 457 3.53 12.82 -5.05
CA GLU A 457 3.69 14.22 -5.44
C GLU A 457 3.61 14.39 -6.95
N PHE A 458 4.19 13.47 -7.71
CA PHE A 458 4.25 13.56 -9.15
C PHE A 458 3.01 12.98 -9.84
N THR A 459 2.09 12.40 -9.07
CA THR A 459 0.83 11.94 -9.66
C THR A 459 0.13 13.06 -10.42
N ALA A 460 -0.02 14.22 -9.79
CA ALA A 460 -0.74 15.34 -10.42
C ALA A 460 0.00 15.84 -11.65
N VAL A 461 1.34 15.89 -11.60
CA VAL A 461 2.11 16.28 -12.77
C VAL A 461 1.84 15.33 -13.93
N HIS A 462 1.81 14.02 -13.65
CA HIS A 462 1.48 13.04 -14.69
C HIS A 462 0.06 13.24 -15.21
N ARG A 463 -0.87 13.60 -14.33
CA ARG A 463 -2.27 13.83 -14.70
C ARG A 463 -2.43 15.03 -15.63
N CYS A 464 -1.66 16.09 -15.41
CA CYS A 464 -1.73 17.30 -16.24
C CYS A 464 -0.88 17.22 -17.51
N GLY A 465 -0.01 16.22 -17.65
CA GLY A 465 0.77 16.04 -18.86
C GLY A 465 2.00 16.94 -18.97
N LEU A 466 2.92 16.81 -18.03
CA LEU A 466 4.17 17.55 -18.05
C LEU A 466 5.35 16.58 -18.10
N ALA A 467 6.37 16.93 -18.88
CA ALA A 467 7.56 16.10 -18.97
C ALA A 467 8.35 16.12 -17.66
N VAL A 468 9.00 15.00 -17.36
CA VAL A 468 9.74 14.83 -16.12
C VAL A 468 11.17 14.41 -16.43
N THR A 469 12.13 15.04 -15.76
CA THR A 469 13.53 14.64 -15.80
C THR A 469 14.03 14.49 -14.37
N VAL A 470 14.91 13.51 -14.17
CA VAL A 470 15.34 13.11 -12.83
C VAL A 470 16.86 13.03 -12.79
N HIS A 471 17.45 13.58 -11.73
CA HIS A 471 18.88 13.40 -11.43
C HIS A 471 19.06 12.02 -10.79
N ALA A 472 19.81 11.15 -11.46
CA ALA A 472 19.98 9.79 -10.96
C ALA A 472 21.28 9.20 -11.48
N GLY A 473 21.95 8.43 -10.62
CA GLY A 473 23.14 7.70 -10.99
C GLY A 473 24.45 8.41 -10.76
N GLU A 474 24.41 9.70 -10.41
CA GLU A 474 25.66 10.43 -10.17
C GLU A 474 26.38 9.91 -8.94
N ASN A 475 25.64 9.59 -7.88
CA ASN A 475 26.21 9.04 -6.65
C ASN A 475 25.36 7.89 -6.14
N ASP A 476 24.91 7.02 -7.05
CA ASP A 476 24.06 5.90 -6.69
C ASP A 476 24.25 4.79 -7.71
N ASP A 477 23.83 3.59 -7.33
CA ASP A 477 23.91 2.43 -8.22
C ASP A 477 22.74 2.46 -9.20
N ALA A 478 22.57 1.38 -9.97
CA ALA A 478 21.56 1.33 -11.01
C ALA A 478 20.14 1.22 -10.46
N GLU A 479 19.98 0.91 -9.17
CA GLU A 479 18.63 0.79 -8.60
C GLU A 479 17.91 2.13 -8.64
N GLY A 480 18.62 3.23 -8.36
CA GLY A 480 17.99 4.53 -8.44
C GLY A 480 17.53 4.87 -9.84
N ILE A 481 18.34 4.52 -10.85
CA ILE A 481 17.95 4.76 -12.24
C ILE A 481 16.73 3.91 -12.60
N TRP A 482 16.71 2.65 -12.17
CA TRP A 482 15.57 1.79 -12.43
C TRP A 482 14.30 2.35 -11.81
N ARG A 483 14.39 2.81 -10.55
CA ARG A 483 13.22 3.38 -9.89
C ARG A 483 12.76 4.66 -10.57
N ALA A 484 13.69 5.52 -10.99
CA ALA A 484 13.31 6.73 -11.70
C ALA A 484 12.62 6.40 -13.02
N VAL A 485 13.11 5.39 -13.73
CA VAL A 485 12.53 5.04 -15.03
C VAL A 485 11.14 4.43 -14.87
N PHE A 486 10.99 3.50 -13.93
CA PHE A 486 9.79 2.66 -13.91
C PHE A 486 8.75 3.05 -12.87
N ASP A 487 9.12 3.82 -11.85
CA ASP A 487 8.17 4.25 -10.83
C ASP A 487 7.78 5.72 -10.93
N LEU A 488 8.60 6.54 -11.59
CA LEU A 488 8.32 7.95 -11.77
C LEU A 488 8.06 8.33 -13.22
N ASN A 489 8.19 7.37 -14.15
CA ASN A 489 7.92 7.60 -15.57
C ASN A 489 8.77 8.75 -16.11
N ALA A 490 10.04 8.75 -15.75
CA ALA A 490 10.96 9.78 -16.21
C ALA A 490 11.20 9.66 -17.71
N ARG A 491 11.34 10.82 -18.36
CA ARG A 491 11.61 10.87 -19.79
C ARG A 491 13.07 11.17 -20.13
N ARG A 492 13.80 11.80 -19.21
CA ARG A 492 15.24 12.01 -19.36
C ARG A 492 15.93 11.71 -18.05
N LEU A 493 17.19 11.29 -18.14
CA LEU A 493 18.01 11.01 -16.98
C LEU A 493 19.27 11.86 -17.03
N GLY A 494 19.66 12.41 -15.88
CA GLY A 494 20.85 13.22 -15.76
C GLY A 494 21.92 12.50 -14.97
N HIS A 495 23.14 12.51 -15.51
CA HIS A 495 24.32 11.93 -14.85
C HIS A 495 24.12 10.46 -14.54
N ALA A 496 23.61 9.71 -15.52
CA ALA A 496 23.40 8.27 -15.36
C ALA A 496 24.71 7.54 -15.67
N LEU A 497 25.66 7.70 -14.75
CA LEU A 497 26.99 7.15 -14.95
C LEU A 497 27.09 5.67 -14.61
N SER A 498 26.12 5.12 -13.88
CA SER A 498 26.14 3.72 -13.48
C SER A 498 25.13 2.88 -14.27
N LEU A 499 24.71 3.35 -15.44
CA LEU A 499 23.75 2.61 -16.25
C LEU A 499 24.35 1.31 -16.79
N GLY A 500 25.67 1.27 -16.97
CA GLY A 500 26.30 0.10 -17.54
C GLY A 500 26.44 -1.09 -16.61
N GLN A 501 26.15 -0.90 -15.32
CA GLN A 501 26.23 -2.02 -14.39
C GLN A 501 25.12 -3.04 -14.61
N SER A 502 23.95 -2.60 -15.05
CA SER A 502 22.82 -3.48 -15.32
C SER A 502 22.56 -3.48 -16.83
N ARG A 503 22.70 -4.65 -17.45
CA ARG A 503 22.53 -4.74 -18.89
C ARG A 503 21.05 -4.65 -19.29
N GLU A 504 20.17 -5.26 -18.50
CA GLU A 504 18.75 -5.23 -18.82
C GLU A 504 18.20 -3.82 -18.77
N LEU A 505 18.61 -3.04 -17.76
CA LEU A 505 18.16 -1.66 -17.66
C LEU A 505 18.68 -0.83 -18.82
N LEU A 506 19.92 -1.07 -19.25
CA LEU A 506 20.46 -0.35 -20.39
C LEU A 506 19.72 -0.69 -21.67
N ARG A 507 19.38 -1.98 -21.87
CA ARG A 507 18.55 -2.37 -23.00
C ARG A 507 17.19 -1.69 -22.96
N SER A 508 16.56 -1.64 -21.78
CA SER A 508 15.25 -1.00 -21.67
C SER A 508 15.34 0.48 -21.99
N VAL A 509 16.37 1.15 -21.48
CA VAL A 509 16.54 2.58 -21.74
C VAL A 509 16.76 2.83 -23.23
N ALA A 510 17.58 1.99 -23.88
CA ALA A 510 17.81 2.14 -25.30
C ALA A 510 16.55 1.91 -26.11
N ASP A 511 15.73 0.92 -25.71
CA ASP A 511 14.55 0.58 -26.48
C ASP A 511 13.43 1.60 -26.30
N ARG A 512 13.28 2.17 -25.10
CA ARG A 512 12.21 3.12 -24.87
C ARG A 512 12.54 4.54 -25.29
N GLY A 513 13.76 4.78 -25.76
CA GLY A 513 14.12 6.11 -26.24
C GLY A 513 14.26 7.16 -25.16
N ILE A 514 14.67 6.76 -23.96
CA ILE A 514 14.87 7.71 -22.87
C ILE A 514 16.23 8.36 -23.02
N GLY A 515 16.25 9.70 -22.95
CA GLY A 515 17.49 10.42 -23.13
C GLY A 515 18.38 10.41 -21.90
N VAL A 516 19.68 10.59 -22.15
CA VAL A 516 20.69 10.64 -21.10
C VAL A 516 21.52 11.90 -21.32
N GLU A 517 21.77 12.64 -20.24
CA GLU A 517 22.52 13.90 -20.29
C GLU A 517 23.82 13.74 -19.52
N LEU A 518 24.94 14.04 -20.17
CA LEU A 518 26.26 13.93 -19.56
C LEU A 518 26.92 15.30 -19.52
N CYS A 519 27.72 15.53 -18.48
CA CYS A 519 28.44 16.80 -18.30
C CYS A 519 29.92 16.50 -18.08
N PRO A 520 30.72 16.44 -19.16
CA PRO A 520 32.13 16.03 -19.01
C PRO A 520 32.90 16.73 -17.90
N TYR A 521 32.89 18.06 -17.87
CA TYR A 521 33.71 18.80 -16.91
C TYR A 521 33.25 18.55 -15.48
N ALA A 522 31.95 18.64 -15.22
CA ALA A 522 31.44 18.40 -13.87
C ALA A 522 31.70 16.96 -13.43
N ASN A 523 31.51 16.01 -14.35
CA ASN A 523 31.75 14.60 -14.02
C ASN A 523 33.23 14.37 -13.68
N LEU A 524 34.13 14.98 -14.44
CA LEU A 524 35.56 14.82 -14.16
C LEU A 524 35.93 15.47 -12.83
N GLN A 525 35.37 16.64 -12.54
CA GLN A 525 35.73 17.33 -11.31
C GLN A 525 35.16 16.63 -10.08
N ILE A 526 34.01 15.98 -10.20
CA ILE A 526 33.37 15.38 -9.04
C ILE A 526 33.78 13.93 -8.84
N LYS A 527 33.68 13.11 -9.89
CA LYS A 527 34.00 11.69 -9.78
C LYS A 527 35.44 11.36 -10.13
N GLY A 528 36.09 12.15 -10.97
CA GLY A 528 37.44 11.85 -11.41
C GLY A 528 37.44 10.84 -12.55
N PHE A 529 38.23 11.10 -13.58
CA PHE A 529 38.29 10.23 -14.75
C PHE A 529 39.64 10.38 -15.41
N ARG A 530 40.17 9.28 -15.92
CA ARG A 530 41.46 9.31 -16.60
C ARG A 530 41.35 10.08 -17.91
N LEU A 531 42.40 10.83 -18.23
CA LEU A 531 42.44 11.66 -19.42
C LEU A 531 43.49 11.13 -20.38
N ASP A 532 43.18 11.21 -21.68
CA ASP A 532 44.10 10.81 -22.75
C ASP A 532 44.49 9.33 -22.66
N GLY A 533 43.60 8.51 -22.09
CA GLY A 533 43.88 7.10 -21.97
C GLY A 533 45.10 6.76 -21.14
N SER A 534 45.27 7.44 -20.00
CA SER A 534 46.41 7.21 -19.14
C SER A 534 45.96 6.85 -17.72
N ALA A 548 39.53 3.49 -8.53
CA ALA A 548 39.36 3.29 -9.96
C ALA A 548 37.92 3.56 -10.38
N PRO A 549 37.69 4.74 -10.98
CA PRO A 549 36.32 5.07 -11.40
C PRO A 549 35.89 4.36 -12.68
N GLY A 550 36.83 3.97 -13.53
CA GLY A 550 36.50 3.31 -14.77
C GLY A 550 36.51 4.24 -15.95
N PRO A 551 36.33 3.70 -17.15
CA PRO A 551 36.31 4.55 -18.34
C PRO A 551 35.04 5.36 -18.43
N TYR A 552 35.12 6.47 -19.16
CA TYR A 552 33.97 7.34 -19.33
C TYR A 552 32.99 6.70 -20.30
N PRO A 553 31.71 6.56 -19.94
CA PRO A 553 30.82 5.66 -20.69
C PRO A 553 30.14 6.28 -21.90
N LEU A 554 30.64 7.41 -22.42
CA LEU A 554 30.00 8.05 -23.55
C LEU A 554 30.03 7.16 -24.80
N LEU A 555 31.22 6.63 -25.11
CA LEU A 555 31.36 5.83 -26.34
C LEU A 555 30.57 4.53 -26.25
N ASP A 556 30.55 3.91 -25.07
CA ASP A 556 29.76 2.69 -24.88
C ASP A 556 28.28 2.97 -25.09
N TYR A 557 27.79 4.08 -24.53
CA TYR A 557 26.39 4.45 -24.71
C TYR A 557 26.08 4.73 -26.18
N LEU A 558 26.99 5.39 -26.88
CA LEU A 558 26.78 5.63 -28.31
C LEU A 558 26.71 4.32 -29.09
N ARG A 559 27.59 3.37 -28.78
CA ARG A 559 27.59 2.10 -29.51
C ARG A 559 26.37 1.25 -29.17
N GLU A 560 25.84 1.37 -27.95
CA GLU A 560 24.69 0.56 -27.57
C GLU A 560 23.37 1.09 -28.10
N GLY A 561 23.35 2.28 -28.71
CA GLY A 561 22.14 2.85 -29.23
C GLY A 561 21.38 3.74 -28.28
N VAL A 562 21.99 4.20 -27.20
CA VAL A 562 21.33 5.07 -26.25
C VAL A 562 21.46 6.52 -26.69
N ARG A 563 20.37 7.28 -26.55
CA ARG A 563 20.34 8.68 -26.94
C ARG A 563 21.03 9.50 -25.86
N VAL A 564 22.29 9.84 -26.09
CA VAL A 564 23.09 10.59 -25.12
C VAL A 564 23.39 11.97 -25.67
N THR A 565 23.46 12.95 -24.76
CA THR A 565 23.75 14.33 -25.12
C THR A 565 24.82 14.87 -24.17
N VAL A 566 25.50 15.91 -24.62
CA VAL A 566 26.56 16.58 -23.87
C VAL A 566 26.09 17.98 -23.50
N ASN A 567 26.25 18.35 -22.23
CA ASN A 567 25.74 19.62 -21.72
C ASN A 567 26.83 20.26 -20.85
N THR A 568 26.45 21.31 -20.12
CA THR A 568 27.39 22.09 -19.33
C THR A 568 27.18 22.01 -17.82
N ASP A 569 25.97 21.66 -17.37
CA ASP A 569 25.61 21.71 -15.95
C ASP A 569 25.72 23.15 -15.49
N ASN A 570 26.61 23.48 -14.55
CA ASN A 570 26.79 24.86 -14.09
C ASN A 570 27.92 25.50 -14.86
N ILE A 571 27.62 26.55 -15.62
CA ILE A 571 28.62 27.19 -16.45
C ILE A 571 29.66 27.90 -15.58
N GLY A 572 29.20 28.66 -14.59
CA GLY A 572 30.13 29.44 -13.77
C GLY A 572 30.99 28.59 -12.86
N ILE A 573 30.38 27.60 -12.18
CA ILE A 573 31.12 26.81 -11.22
C ILE A 573 32.18 25.96 -11.91
N SER A 574 31.82 25.31 -13.01
CA SER A 574 32.77 24.50 -13.75
C SER A 574 33.67 25.31 -14.68
N ALA A 575 33.29 26.56 -14.96
CA ALA A 575 34.11 27.48 -15.77
C ALA A 575 34.38 26.90 -17.16
N ALA A 576 33.31 26.55 -17.88
CA ALA A 576 33.43 25.99 -19.21
C ALA A 576 32.11 26.16 -19.96
N SER A 577 32.19 26.01 -21.28
CA SER A 577 31.04 26.11 -22.18
C SER A 577 30.94 24.85 -23.05
N LEU A 578 29.97 24.87 -23.98
CA LEU A 578 29.71 23.69 -24.81
C LEU A 578 30.91 23.29 -25.65
N THR A 579 31.63 24.25 -26.23
CA THR A 579 32.80 23.91 -27.01
C THR A 579 33.83 23.19 -26.14
N ASP A 580 34.07 23.72 -24.93
CA ASP A 580 35.01 23.09 -24.01
C ASP A 580 34.54 21.71 -23.60
N ASN A 581 33.24 21.54 -23.32
CA ASN A 581 32.73 20.22 -22.94
C ASN A 581 32.87 19.22 -24.08
N LEU A 582 32.60 19.64 -25.32
CA LEU A 582 32.74 18.71 -26.45
C LEU A 582 34.19 18.31 -26.66
N LEU A 583 35.12 19.28 -26.57
CA LEU A 583 36.53 18.94 -26.74
C LEU A 583 37.02 18.04 -25.60
N LEU A 584 36.56 18.30 -24.37
CA LEU A 584 36.95 17.45 -23.26
C LEU A 584 36.35 16.05 -23.38
N ALA A 585 35.14 15.94 -23.95
CA ALA A 585 34.57 14.63 -24.22
C ALA A 585 35.40 13.88 -25.25
N ALA A 586 35.90 14.60 -26.25
CA ALA A 586 36.83 13.99 -27.20
C ALA A 586 38.09 13.51 -26.50
N ARG A 587 38.58 14.29 -25.54
CA ARG A 587 39.78 13.90 -24.80
C ARG A 587 39.52 12.75 -23.83
N LEU A 588 38.29 12.58 -23.36
CA LEU A 588 37.96 11.57 -22.37
C LEU A 588 37.77 10.18 -22.98
N CYS A 589 37.32 10.12 -24.22
CA CYS A 589 37.12 8.85 -24.94
C CYS A 589 37.90 8.92 -26.24
N PRO A 590 39.16 8.50 -26.22
CA PRO A 590 39.96 8.53 -27.45
C PRO A 590 39.35 7.64 -28.52
N GLY A 591 39.44 8.11 -29.77
CA GLY A 591 38.76 7.47 -30.88
C GLY A 591 37.41 8.07 -31.20
N LEU A 592 36.97 9.07 -30.45
CA LEU A 592 35.70 9.72 -30.71
C LEU A 592 35.79 10.52 -32.01
N THR A 593 34.83 10.33 -32.90
CA THR A 593 34.84 10.95 -34.21
C THR A 593 33.90 12.15 -34.26
N ARG A 594 33.80 12.73 -35.46
CA ARG A 594 33.02 13.95 -35.67
C ARG A 594 31.57 13.62 -36.00
N LEU A 595 31.35 12.54 -36.75
CA LEU A 595 30.01 11.99 -36.92
C LEU A 595 29.37 11.70 -35.58
N ASP A 596 30.18 11.36 -34.57
CA ASP A 596 29.66 11.18 -33.23
C ASP A 596 29.13 12.48 -32.66
N LEU A 597 29.83 13.60 -32.88
CA LEU A 597 29.33 14.89 -32.43
C LEU A 597 28.01 15.24 -33.12
N LEU A 598 27.92 14.99 -34.43
CA LEU A 598 26.67 15.24 -35.13
C LEU A 598 25.56 14.34 -34.62
N HIS A 599 25.89 13.09 -34.28
CA HIS A 599 24.90 12.19 -33.70
C HIS A 599 24.43 12.68 -32.33
N LEU A 600 25.34 13.22 -31.53
CA LEU A 600 24.93 13.79 -30.25
C LEU A 600 23.99 14.96 -30.45
N GLN A 601 24.28 15.82 -31.43
CA GLN A 601 23.37 16.94 -31.72
C GLN A 601 22.00 16.44 -32.15
N ARG A 602 21.96 15.39 -32.99
CA ARG A 602 20.67 14.86 -33.43
C ARG A 602 19.91 14.22 -32.27
N HIS A 603 20.63 13.53 -31.36
CA HIS A 603 19.98 12.98 -30.18
C HIS A 603 19.38 14.07 -29.32
N ALA A 604 20.12 15.18 -29.13
CA ALA A 604 19.58 16.30 -28.37
C ALA A 604 18.35 16.87 -29.04
N LEU A 605 18.36 16.96 -30.38
CA LEU A 605 17.19 17.44 -31.10
C LEU A 605 15.99 16.51 -30.90
N GLU A 606 16.21 15.21 -30.97
CA GLU A 606 15.12 14.25 -30.89
C GLU A 606 14.62 14.02 -29.47
N THR A 607 15.38 14.44 -28.45
CA THR A 607 15.03 14.16 -27.07
C THR A 607 14.43 15.36 -26.35
N ALA A 608 14.57 16.56 -26.93
CA ALA A 608 14.12 17.78 -26.28
C ALA A 608 12.60 17.84 -26.18
N PHE A 609 12.11 18.66 -25.24
CA PHE A 609 10.68 18.86 -25.02
C PHE A 609 10.22 20.03 -25.88
N CYS A 610 9.69 19.71 -27.06
CA CYS A 610 9.22 20.75 -27.97
C CYS A 610 8.19 20.13 -28.92
N THR A 611 7.49 21.01 -29.65
CA THR A 611 6.47 20.57 -30.59
C THR A 611 7.10 20.02 -31.86
N ALA A 612 6.28 19.31 -32.65
CA ALA A 612 6.77 18.69 -33.87
C ALA A 612 7.21 19.73 -34.90
N THR A 613 6.44 20.81 -35.04
CA THR A 613 6.79 21.85 -36.01
C THR A 613 8.12 22.50 -35.65
N GLN A 614 8.31 22.81 -34.37
CA GLN A 614 9.58 23.37 -33.92
C GLN A 614 10.73 22.40 -34.15
N ARG A 615 10.48 21.10 -33.91
CA ARG A 615 11.51 20.10 -34.15
C ARG A 615 11.91 20.04 -35.62
N LEU A 616 10.93 20.09 -36.52
CA LEU A 616 11.25 20.08 -37.95
C LEU A 616 12.01 21.33 -38.36
N THR A 617 11.59 22.50 -37.85
CA THR A 617 12.30 23.73 -38.17
C THR A 617 13.74 23.68 -37.67
N LEU A 618 13.95 23.16 -36.46
CA LEU A 618 15.29 23.04 -35.92
C LEU A 618 16.12 22.05 -36.75
N LEU A 619 15.51 20.96 -37.20
CA LEU A 619 16.20 20.02 -38.07
C LEU A 619 16.71 20.72 -39.32
N ARG A 620 15.83 21.46 -40.00
CA ARG A 620 16.24 22.17 -41.21
C ARG A 620 17.35 23.18 -40.92
N ARG A 621 17.19 23.97 -39.86
CA ARG A 621 18.15 25.01 -39.56
C ARG A 621 19.53 24.42 -39.22
N ILE A 622 19.56 23.35 -38.44
CA ILE A 622 20.83 22.74 -38.08
C ILE A 622 21.47 22.07 -39.30
N SER A 623 20.65 21.42 -40.14
CA SER A 623 21.19 20.76 -41.33
C SER A 623 21.81 21.77 -42.28
N SER A 624 21.19 22.94 -42.43
CA SER A 624 21.70 23.97 -43.34
C SER A 624 22.69 24.91 -42.67
N GLY A 625 23.36 24.47 -41.61
CA GLY A 625 24.27 25.35 -40.89
C GLY A 625 25.59 24.73 -40.50
N ILE A 626 25.80 23.47 -40.83
CA ILE A 626 27.05 22.78 -40.49
C ILE A 626 28.18 23.33 -41.35
N PRO A 627 29.28 23.80 -40.75
CA PRO A 627 30.38 24.34 -41.56
C PRO A 627 31.23 23.24 -42.15
N ARG A 628 31.90 23.56 -43.25
CA ARG A 628 32.75 22.67 -44.02
C ARG A 628 34.21 22.86 -43.60
N PRO A 629 35.02 21.79 -43.69
CA PRO A 629 36.46 21.83 -43.37
C PRO A 629 37.21 22.92 -44.13
N ASN B 2 53.04 11.70 -65.02
CA ASN B 2 53.43 10.37 -64.57
C ASN B 2 52.39 9.35 -65.08
N VAL B 3 51.18 9.84 -65.35
CA VAL B 3 50.11 9.01 -65.86
C VAL B 3 50.44 8.56 -67.28
N GLN B 4 49.75 7.53 -67.76
CA GLN B 4 50.04 6.99 -69.08
C GLN B 4 49.51 7.87 -70.20
N ALA B 5 48.45 8.64 -69.93
CA ALA B 5 47.95 9.68 -70.83
C ALA B 5 47.57 9.11 -72.20
N HIS B 6 46.53 8.27 -72.18
CA HIS B 6 45.95 7.78 -73.42
C HIS B 6 45.21 8.90 -74.14
N LEU B 7 45.19 8.82 -75.47
CA LEU B 7 44.50 9.79 -76.32
C LEU B 7 43.44 9.08 -77.13
N PHE B 8 42.25 9.67 -77.20
CA PHE B 8 41.14 9.17 -77.98
C PHE B 8 40.72 10.24 -78.98
N VAL B 9 40.63 9.87 -80.26
CA VAL B 9 40.30 10.84 -81.31
C VAL B 9 39.36 10.19 -82.31
N SER B 10 38.56 11.03 -82.97
CA SER B 10 37.64 10.61 -84.02
C SER B 10 38.09 11.18 -85.35
N LEU B 11 38.03 10.36 -86.40
CA LEU B 11 38.57 10.72 -87.70
C LEU B 11 37.44 10.87 -88.72
N GLY B 12 37.53 11.93 -89.53
CA GLY B 12 36.59 12.14 -90.62
C GLY B 12 37.20 11.80 -91.95
N THR B 13 36.81 12.53 -93.00
CA THR B 13 37.35 12.31 -94.34
C THR B 13 38.60 13.13 -94.61
N ALA B 14 39.06 13.92 -93.63
CA ALA B 14 40.28 14.71 -93.79
C ALA B 14 41.34 14.19 -92.84
N PRO B 15 42.29 13.40 -93.31
CA PRO B 15 43.34 12.89 -92.41
C PRO B 15 44.35 13.97 -92.03
N ALA B 16 45.42 13.57 -91.38
CA ALA B 16 46.49 14.46 -90.92
C ALA B 16 46.02 15.41 -89.82
N ILE B 17 44.88 15.14 -89.20
CA ILE B 17 44.51 15.82 -87.97
C ILE B 17 44.87 15.00 -86.74
N VAL B 18 44.94 13.66 -86.86
CA VAL B 18 45.42 12.85 -85.74
C VAL B 18 46.89 13.13 -85.43
N PRO B 19 47.80 13.24 -86.39
CA PRO B 19 49.16 13.69 -86.05
C PRO B 19 49.18 15.04 -85.36
N GLU B 20 48.31 15.97 -85.77
CA GLU B 20 48.30 17.30 -85.17
C GLU B 20 47.80 17.23 -83.73
N ALA B 21 46.79 16.41 -83.46
CA ALA B 21 46.30 16.24 -82.10
C ALA B 21 47.31 15.50 -81.23
N PHE B 22 48.09 14.59 -81.84
CA PHE B 22 49.11 13.88 -81.09
C PHE B 22 50.16 14.84 -80.55
N LEU B 23 50.55 15.82 -81.35
CA LEU B 23 51.49 16.85 -80.92
C LEU B 23 50.74 17.86 -80.07
N LEU B 24 50.83 17.72 -78.75
CA LEU B 24 50.23 18.64 -77.81
C LEU B 24 51.30 19.13 -76.85
N PRO B 25 51.45 20.44 -76.66
CA PRO B 25 52.59 20.95 -75.89
C PRO B 25 52.56 20.57 -74.42
N GLY B 26 52.97 19.35 -74.10
CA GLY B 26 53.09 18.94 -72.71
C GLY B 26 52.67 17.53 -72.42
N ALA B 27 52.10 16.85 -73.41
CA ALA B 27 51.55 15.51 -73.22
C ALA B 27 52.47 14.47 -73.85
N ARG B 28 52.78 13.43 -73.09
CA ARG B 28 53.55 12.28 -73.58
C ARG B 28 52.55 11.15 -73.80
N PHE B 29 51.95 11.13 -74.98
CA PHE B 29 50.84 10.22 -75.26
C PHE B 29 51.35 8.78 -75.46
N VAL B 30 50.52 7.83 -75.04
CA VAL B 30 50.75 6.41 -75.26
C VAL B 30 49.42 5.79 -75.69
N SER B 31 49.48 4.88 -76.66
CA SER B 31 48.32 4.14 -77.15
C SER B 31 47.22 5.09 -77.65
N VAL B 32 47.55 5.80 -78.73
CA VAL B 32 46.57 6.63 -79.41
C VAL B 32 45.48 5.74 -80.01
N HIS B 33 44.22 6.10 -79.77
CA HIS B 33 43.08 5.38 -80.29
C HIS B 33 42.31 6.25 -81.28
N VAL B 34 41.96 5.67 -82.42
CA VAL B 34 41.27 6.38 -83.50
C VAL B 34 39.97 5.65 -83.79
N LEU B 35 38.87 6.39 -83.80
CA LEU B 35 37.55 5.85 -84.12
C LEU B 35 37.04 6.52 -85.39
N THR B 36 36.70 5.70 -86.39
CA THR B 36 36.33 6.22 -87.70
C THR B 36 35.28 5.32 -88.33
N THR B 37 34.88 5.68 -89.55
CA THR B 37 33.85 4.97 -90.28
C THR B 37 34.50 4.10 -91.36
N GLU B 38 33.69 3.51 -92.23
CA GLU B 38 34.19 2.57 -93.24
C GLU B 38 35.09 3.26 -94.27
N ARG B 39 34.64 4.38 -94.83
CA ARG B 39 35.26 4.93 -96.03
C ARG B 39 36.62 5.61 -95.82
N PRO B 40 36.81 6.46 -94.77
CA PRO B 40 38.07 7.20 -94.66
C PRO B 40 39.34 6.37 -94.75
N ASP B 41 40.43 7.01 -95.13
CA ASP B 41 41.73 6.37 -95.34
C ASP B 41 42.66 6.68 -94.19
N VAL B 42 43.55 5.72 -93.88
CA VAL B 42 44.38 5.82 -92.68
C VAL B 42 45.85 5.49 -92.95
N THR B 43 46.26 5.49 -94.22
CA THR B 43 47.66 5.18 -94.53
C THR B 43 48.60 6.27 -94.01
N LEU B 44 48.18 7.54 -94.12
CA LEU B 44 49.05 8.63 -93.69
C LEU B 44 49.31 8.58 -92.19
N ILE B 45 48.28 8.28 -91.39
CA ILE B 45 48.45 8.18 -89.95
C ILE B 45 49.40 7.05 -89.60
N ARG B 46 49.21 5.89 -90.23
CA ARG B 46 50.09 4.75 -89.98
C ARG B 46 51.53 5.07 -90.35
N GLU B 47 51.73 5.75 -91.48
CA GLU B 47 53.08 6.14 -91.88
C GLU B 47 53.69 7.11 -90.87
N PHE B 48 52.90 8.07 -90.38
CA PHE B 48 53.41 9.03 -89.40
C PHE B 48 53.84 8.32 -88.12
N PHE B 49 53.01 7.42 -87.61
CA PHE B 49 53.38 6.73 -86.38
C PHE B 49 54.45 5.66 -86.59
N ARG B 50 54.66 5.21 -87.83
CA ARG B 50 55.78 4.31 -88.07
C ARG B 50 57.10 5.06 -88.18
N ARG B 51 57.07 6.28 -88.73
CA ARG B 51 58.31 7.01 -89.00
C ARG B 51 58.74 7.96 -87.88
N HIS B 52 57.79 8.52 -87.13
CA HIS B 52 58.12 9.53 -86.13
C HIS B 52 57.82 9.14 -84.70
N ALA B 53 57.20 7.99 -84.45
CA ALA B 53 56.92 7.55 -83.09
C ALA B 53 56.76 6.03 -83.04
N PRO B 54 57.86 5.27 -83.10
CA PRO B 54 57.72 3.81 -83.13
C PRO B 54 56.90 3.22 -81.99
N GLY B 55 57.21 3.58 -80.74
CA GLY B 55 56.58 2.95 -79.61
C GLY B 55 55.31 3.64 -79.12
N VAL B 56 54.24 3.57 -79.93
CA VAL B 56 52.96 4.16 -79.56
C VAL B 56 51.81 3.17 -79.72
N ASN B 57 51.97 2.12 -80.52
CA ASN B 57 50.98 1.06 -80.70
C ASN B 57 49.58 1.61 -81.05
N LEU B 58 49.54 2.35 -82.15
CA LEU B 58 48.30 2.90 -82.66
C LEU B 58 47.29 1.79 -82.95
N THR B 59 46.02 2.06 -82.63
CA THR B 59 44.91 1.16 -82.93
C THR B 59 43.80 1.93 -83.62
N ILE B 60 43.17 1.30 -84.61
CA ILE B 60 42.12 1.92 -85.41
C ILE B 60 40.87 1.06 -85.32
N THR B 61 39.73 1.68 -85.05
CA THR B 61 38.45 1.02 -84.91
C THR B 61 37.45 1.58 -85.90
N ARG B 62 36.69 0.70 -86.55
CA ARG B 62 35.72 1.09 -87.55
C ARG B 62 34.33 0.59 -87.17
N VAL B 63 33.32 1.42 -87.42
CA VAL B 63 31.92 1.05 -87.22
C VAL B 63 31.46 0.27 -88.44
N ALA B 64 30.89 -0.92 -88.19
CA ALA B 64 30.70 -1.89 -89.27
C ALA B 64 29.72 -1.40 -90.33
N GLY B 65 28.58 -0.87 -89.91
CA GLY B 65 27.53 -0.55 -90.87
C GLY B 65 27.19 0.92 -90.98
N PHE B 66 28.20 1.78 -90.98
CA PHE B 66 28.01 3.22 -91.06
C PHE B 66 29.02 3.79 -92.06
N GLN B 67 28.54 4.19 -93.24
CA GLN B 67 29.38 4.77 -94.26
C GLN B 67 28.89 6.15 -94.66
N ASP B 68 27.58 6.38 -94.54
CA ASP B 68 26.99 7.69 -94.68
C ASP B 68 25.69 7.73 -93.90
N LEU B 69 25.31 8.91 -93.43
CA LEU B 69 24.12 9.05 -92.60
C LEU B 69 23.01 9.71 -93.41
N LYS B 70 21.83 9.11 -93.36
CA LYS B 70 20.63 9.68 -93.95
C LYS B 70 19.48 9.79 -92.97
N SER B 71 19.44 8.92 -91.97
CA SER B 71 18.47 8.97 -90.89
C SER B 71 19.21 8.99 -89.55
N GLU B 72 18.44 8.98 -88.47
CA GLU B 72 19.01 8.97 -87.13
C GLU B 72 19.32 7.56 -86.62
N GLU B 73 18.95 6.53 -87.40
CA GLU B 73 19.18 5.16 -86.95
C GLU B 73 20.67 4.86 -86.79
N ASP B 74 21.49 5.35 -87.72
CA ASP B 74 22.91 5.02 -87.71
C ASP B 74 23.71 5.92 -86.76
N HIS B 75 23.18 7.09 -86.43
CA HIS B 75 23.83 7.91 -85.41
C HIS B 75 23.79 7.19 -84.06
N PHE B 76 22.68 6.52 -83.76
CA PHE B 76 22.58 5.77 -82.51
C PHE B 76 23.55 4.58 -82.49
N ARG B 77 23.67 3.85 -83.61
CA ARG B 77 24.62 2.75 -83.63
C ARG B 77 26.04 3.27 -83.44
N PHE B 78 26.38 4.39 -84.07
CA PHE B 78 27.70 4.98 -83.85
C PHE B 78 27.90 5.36 -82.39
N GLU B 79 26.88 5.97 -81.76
CA GLU B 79 27.03 6.40 -80.38
C GLU B 79 27.24 5.22 -79.45
N GLU B 80 26.48 4.13 -79.65
CA GLU B 80 26.65 2.94 -78.81
C GLU B 80 28.02 2.31 -79.01
N VAL B 81 28.48 2.23 -80.26
CA VAL B 81 29.81 1.69 -80.52
C VAL B 81 30.88 2.57 -79.88
N MET B 82 30.71 3.89 -79.93
CA MET B 82 31.66 4.81 -79.31
C MET B 82 31.72 4.60 -77.80
N PHE B 83 30.56 4.45 -77.16
CA PHE B 83 30.56 4.24 -75.72
C PHE B 83 31.24 2.92 -75.37
N ARG B 84 30.85 1.83 -76.03
CA ARG B 84 31.47 0.54 -75.74
C ARG B 84 32.96 0.54 -76.06
N TRP B 85 33.38 1.37 -77.02
CA TRP B 85 34.80 1.54 -77.32
C TRP B 85 35.52 2.28 -76.21
N PHE B 86 34.87 3.28 -75.62
CA PHE B 86 35.44 3.96 -74.46
C PHE B 86 35.60 3.00 -73.28
N LEU B 87 34.58 2.18 -73.03
CA LEU B 87 34.66 1.21 -71.93
C LEU B 87 35.64 0.08 -72.20
N ALA B 88 35.93 -0.22 -73.47
CA ALA B 88 36.76 -1.37 -73.80
C ALA B 88 38.20 -1.22 -73.32
N SER B 89 38.66 0.00 -73.04
CA SER B 89 40.01 0.23 -72.56
C SER B 89 39.97 0.49 -71.06
N ARG B 90 40.74 -0.29 -70.31
CA ARG B 90 40.75 -0.16 -68.85
C ARG B 90 41.55 1.07 -68.43
N THR B 91 40.93 2.25 -68.50
CA THR B 91 41.59 3.50 -68.16
C THR B 91 40.73 4.27 -67.17
N GLY B 92 41.37 5.15 -66.41
CA GLY B 92 40.68 6.03 -65.51
C GLY B 92 40.47 7.40 -66.13
N PRO B 93 39.62 8.21 -65.51
CA PRO B 93 39.38 9.56 -66.06
C PRO B 93 40.62 10.44 -66.06
N GLU B 94 41.57 10.19 -65.16
CA GLU B 94 42.76 11.03 -65.07
C GLU B 94 43.74 10.80 -66.21
N GLN B 95 43.56 9.77 -67.03
CA GLN B 95 44.44 9.49 -68.15
C GLN B 95 43.65 9.42 -69.45
N ARG B 96 42.64 10.28 -69.60
CA ARG B 96 41.84 10.35 -70.81
C ARG B 96 41.98 11.73 -71.42
N PHE B 97 42.39 11.78 -72.68
CA PHE B 97 42.42 13.02 -73.46
C PHE B 97 41.57 12.83 -74.70
N VAL B 98 40.59 13.72 -74.88
CA VAL B 98 39.59 13.57 -75.93
C VAL B 98 39.73 14.75 -76.89
N CYS B 99 39.84 14.44 -78.18
CA CYS B 99 39.85 15.44 -79.24
C CYS B 99 38.63 15.22 -80.13
N LEU B 100 37.81 16.26 -80.26
CA LEU B 100 36.56 16.17 -81.00
C LEU B 100 36.68 16.61 -82.45
N THR B 101 37.86 17.02 -82.89
CA THR B 101 38.04 17.40 -84.29
C THR B 101 38.00 16.18 -85.19
N GLY B 102 37.20 16.25 -86.24
CA GLY B 102 37.12 15.16 -87.20
C GLY B 102 35.77 14.48 -87.15
N GLY B 103 35.21 14.21 -88.33
CA GLY B 103 33.94 13.52 -88.44
C GLY B 103 32.79 14.49 -88.65
N PHE B 104 31.59 13.91 -88.70
CA PHE B 104 30.38 14.67 -88.92
C PHE B 104 30.12 15.60 -87.73
N LYS B 105 29.25 16.59 -87.95
CA LYS B 105 28.96 17.56 -86.90
C LYS B 105 28.30 16.92 -85.69
N THR B 106 27.67 15.75 -85.88
CA THR B 106 27.06 15.02 -84.77
C THR B 106 28.04 14.09 -84.08
N MET B 107 29.27 13.96 -84.59
CA MET B 107 30.27 13.11 -83.97
C MET B 107 31.06 13.84 -82.90
N SER B 108 31.42 15.09 -83.14
CA SER B 108 32.17 15.87 -82.16
C SER B 108 31.34 16.12 -80.90
N ALA B 109 30.07 16.46 -81.08
CA ALA B 109 29.19 16.67 -79.93
C ALA B 109 28.99 15.37 -79.15
N ALA B 110 28.88 14.25 -79.85
CA ALA B 110 28.79 12.95 -79.18
C ALA B 110 30.06 12.64 -78.40
N MET B 111 31.23 12.99 -78.96
CA MET B 111 32.48 12.79 -78.25
C MET B 111 32.54 13.62 -76.98
N GLN B 112 32.09 14.88 -77.05
CA GLN B 112 32.07 15.70 -75.84
C GLN B 112 31.08 15.17 -74.82
N LYS B 113 29.94 14.65 -75.29
CA LYS B 113 28.98 14.03 -74.37
C LYS B 113 29.59 12.84 -73.65
N ALA B 114 30.30 11.98 -74.40
CA ALA B 114 30.96 10.84 -73.78
C ALA B 114 32.00 11.30 -72.78
N ALA B 115 32.76 12.35 -73.12
CA ALA B 115 33.79 12.85 -72.21
C ALA B 115 33.16 13.40 -70.93
N THR B 116 32.06 14.15 -71.05
CA THR B 116 31.48 14.77 -69.86
C THR B 116 30.71 13.76 -69.01
N VAL B 117 30.29 12.65 -69.61
CA VAL B 117 29.62 11.61 -68.83
C VAL B 117 30.64 10.72 -68.14
N LEU B 118 31.59 10.17 -68.89
CA LEU B 118 32.56 9.25 -68.31
C LEU B 118 33.66 9.94 -67.52
N GLY B 119 34.02 11.16 -67.91
CA GLY B 119 35.10 11.87 -67.25
C GLY B 119 36.39 11.81 -68.03
N ALA B 120 37.09 12.94 -68.13
CA ALA B 120 38.34 13.00 -68.88
C ALA B 120 39.24 14.07 -68.27
N ALA B 121 40.54 13.92 -68.51
CA ALA B 121 41.51 14.88 -68.00
C ALA B 121 41.53 16.17 -68.80
N GLU B 122 41.19 16.12 -70.09
CA GLU B 122 41.25 17.29 -70.94
C GLU B 122 40.39 17.05 -72.18
N VAL B 123 39.59 18.05 -72.52
CA VAL B 123 38.85 18.07 -73.78
C VAL B 123 39.38 19.22 -74.63
N PHE B 124 39.74 18.93 -75.88
CA PHE B 124 40.39 19.94 -76.71
C PHE B 124 40.11 19.64 -78.17
N HIS B 125 40.60 20.54 -79.03
CA HIS B 125 40.50 20.39 -80.47
C HIS B 125 41.60 21.25 -81.11
N VAL B 126 41.93 20.92 -82.35
CA VAL B 126 43.08 21.54 -83.01
C VAL B 126 42.62 22.27 -84.27
N LEU B 127 43.23 23.43 -84.50
CA LEU B 127 43.03 24.21 -85.71
C LEU B 127 44.38 24.44 -86.39
N ALA B 128 44.35 24.63 -87.69
CA ALA B 128 45.55 24.88 -88.48
C ALA B 128 45.32 26.07 -89.39
N ASP B 129 46.38 26.86 -89.61
CA ASP B 129 46.30 28.01 -90.49
C ASP B 129 46.53 27.58 -91.94
N ASP B 130 46.33 28.55 -92.84
CA ASP B 130 46.60 28.34 -94.27
C ASP B 130 48.03 28.78 -94.55
N CYS B 131 48.95 27.83 -94.59
CA CYS B 131 50.37 28.13 -94.72
C CYS B 131 51.04 27.49 -95.93
N CYS B 132 50.38 26.57 -96.63
CA CYS B 132 50.97 25.89 -97.78
C CYS B 132 50.39 26.47 -99.06
N VAL B 133 51.27 26.89 -99.97
CA VAL B 133 50.83 27.55 -101.20
C VAL B 133 50.07 26.56 -102.08
N GLY B 134 50.57 25.33 -102.20
CA GLY B 134 49.91 24.30 -102.97
C GLY B 134 49.65 24.70 -104.41
N PRO B 135 48.69 24.00 -105.06
CA PRO B 135 48.28 24.40 -106.41
C PRO B 135 47.43 25.67 -106.39
N GLN B 136 46.56 25.78 -105.39
CA GLN B 136 45.76 26.98 -105.15
C GLN B 136 46.18 27.57 -103.82
N GLY B 137 46.39 28.89 -103.79
CA GLY B 137 47.06 29.50 -102.67
C GLY B 137 46.26 29.41 -101.38
N ARG B 138 46.98 29.55 -100.26
CA ARG B 138 46.41 29.61 -98.92
C ARG B 138 45.61 28.34 -98.61
N LEU B 139 46.35 27.23 -98.57
CA LEU B 139 45.80 25.92 -98.27
C LEU B 139 46.42 25.37 -96.99
N MET B 140 45.58 24.87 -96.09
CA MET B 140 46.05 24.18 -94.90
C MET B 140 46.67 22.85 -95.29
N PRO B 141 47.62 22.35 -94.48
CA PRO B 141 48.42 21.22 -94.95
C PRO B 141 47.65 19.91 -94.89
N PRO B 142 47.24 19.41 -96.04
CA PRO B 142 46.63 18.09 -96.11
C PRO B 142 47.50 16.84 -95.94
N SER B 143 48.63 16.72 -96.63
CA SER B 143 49.47 15.53 -96.61
C SER B 143 50.93 15.98 -96.50
N THR B 144 51.92 15.13 -96.74
CA THR B 144 53.34 15.52 -96.66
C THR B 144 53.71 16.01 -95.26
N LEU B 145 53.76 15.02 -94.36
CA LEU B 145 54.04 15.17 -92.93
C LEU B 145 55.12 16.19 -92.61
N GLU B 146 56.13 16.31 -93.49
CA GLU B 146 57.18 17.28 -93.25
C GLU B 146 56.63 18.70 -93.16
N GLU B 147 55.61 19.04 -93.94
CA GLU B 147 55.04 20.38 -93.81
C GLU B 147 54.18 20.50 -92.56
N ILE B 148 53.60 19.41 -92.08
CA ILE B 148 52.93 19.45 -90.77
C ILE B 148 53.92 19.78 -89.68
N LEU B 149 55.08 19.13 -89.70
CA LEU B 149 56.13 19.44 -88.73
C LEU B 149 56.63 20.87 -88.89
N TRP B 150 56.74 21.35 -90.13
CA TRP B 150 57.15 22.72 -90.37
C TRP B 150 56.15 23.71 -89.79
N ALA B 151 54.85 23.43 -89.96
CA ALA B 151 53.83 24.30 -89.39
C ALA B 151 53.87 24.26 -87.87
N ARG B 152 54.16 23.10 -87.29
CA ARG B 152 54.33 23.01 -85.85
C ARG B 152 55.50 23.88 -85.39
N ASP B 153 56.60 23.85 -86.16
CA ASP B 153 57.77 24.66 -85.79
C ASP B 153 57.48 26.15 -85.93
N GLN B 154 56.69 26.55 -86.93
CA GLN B 154 56.40 27.96 -87.17
C GLN B 154 55.24 28.48 -86.33
N GLY B 155 54.64 27.65 -85.48
CA GLY B 155 53.55 28.10 -84.64
C GLY B 155 52.24 28.34 -85.36
N HIS B 156 51.85 27.45 -86.27
CA HIS B 156 50.58 27.56 -86.97
C HIS B 156 49.52 26.60 -86.44
N LEU B 157 49.71 26.09 -85.22
CA LEU B 157 48.73 25.23 -84.58
C LEU B 157 48.36 25.82 -83.22
N HIS B 158 47.11 25.63 -82.81
CA HIS B 158 46.52 26.40 -81.73
C HIS B 158 46.10 25.57 -80.52
N TRP B 159 45.40 24.46 -80.73
CA TRP B 159 45.01 23.54 -79.65
C TRP B 159 44.18 24.22 -78.57
N ILE B 160 42.97 24.65 -78.90
CA ILE B 160 42.04 25.23 -77.94
C ILE B 160 41.71 24.16 -76.91
N ARG B 161 41.93 24.47 -75.63
CA ARG B 161 41.69 23.54 -74.54
C ARG B 161 40.39 23.93 -73.84
N LEU B 162 39.48 22.97 -73.71
CA LEU B 162 38.19 23.27 -73.10
C LEU B 162 38.23 23.13 -71.58
N GLY B 163 38.78 22.02 -71.08
CA GLY B 163 38.87 21.80 -69.66
C GLY B 163 38.77 20.33 -69.30
N PRO B 164 38.96 20.02 -68.02
CA PRO B 164 38.75 18.66 -67.52
C PRO B 164 37.27 18.37 -67.30
N GLU B 165 36.98 17.09 -67.07
CA GLU B 165 35.65 16.64 -66.70
C GLU B 165 35.74 15.65 -65.56
N ARG B 166 34.70 15.63 -64.73
CA ARG B 166 34.65 14.75 -63.56
C ARG B 166 33.98 13.42 -63.85
N GLY B 167 32.77 13.45 -64.39
CA GLY B 167 32.03 12.25 -64.70
C GLY B 167 31.17 11.79 -63.53
N TRP B 168 30.20 10.93 -63.86
CA TRP B 168 29.31 10.43 -62.83
C TRP B 168 30.01 9.36 -62.00
N PRO B 169 29.79 9.35 -60.68
CA PRO B 169 30.61 8.49 -59.80
C PRO B 169 30.55 7.00 -60.14
N GLN B 170 29.40 6.50 -60.56
CA GLN B 170 29.25 5.08 -60.86
C GLN B 170 29.47 4.74 -62.32
N LEU B 171 29.99 5.68 -63.11
CA LEU B 171 30.38 5.42 -64.49
C LEU B 171 31.86 5.67 -64.75
N ARG B 172 32.64 5.97 -63.71
CA ARG B 172 34.04 6.34 -63.91
C ARG B 172 34.89 5.14 -64.29
N ARG B 173 34.66 3.98 -63.65
CA ARG B 173 35.48 2.81 -63.87
C ARG B 173 34.74 1.71 -64.64
N ILE B 174 33.58 1.28 -64.14
CA ILE B 174 32.71 0.27 -64.77
C ILE B 174 33.51 -0.94 -65.24
N ALA B 175 32.93 -1.76 -66.12
CA ALA B 175 33.62 -2.93 -66.64
C ALA B 175 33.12 -3.27 -68.03
N PRO B 176 34.02 -3.55 -68.98
CA PRO B 176 33.57 -3.89 -70.34
C PRO B 176 32.87 -5.24 -70.44
N GLU B 177 32.97 -6.08 -69.42
CA GLU B 177 32.32 -7.38 -69.48
C GLU B 177 30.80 -7.27 -69.54
N GLN B 178 30.26 -6.17 -69.03
CA GLN B 178 28.80 -5.99 -69.07
C GLN B 178 28.33 -5.58 -70.46
N PHE B 179 29.13 -4.79 -71.19
CA PHE B 179 28.76 -4.29 -72.50
C PHE B 179 29.90 -4.58 -73.48
N PRO B 180 29.98 -5.80 -73.98
CA PRO B 180 31.10 -6.18 -74.86
C PRO B 180 30.89 -5.69 -76.29
N LEU B 181 31.91 -5.93 -77.10
CA LEU B 181 31.90 -5.60 -78.53
C LEU B 181 32.23 -6.85 -79.33
N GLN B 182 31.75 -6.88 -80.57
CA GLN B 182 32.05 -7.98 -81.49
C GLN B 182 32.94 -7.49 -82.61
N VAL B 183 33.90 -8.33 -83.00
CA VAL B 183 34.82 -8.02 -84.09
C VAL B 183 34.42 -8.87 -85.27
N VAL B 184 33.88 -8.24 -86.31
CA VAL B 184 33.48 -8.99 -87.50
C VAL B 184 34.71 -9.43 -88.29
N GLU B 185 35.73 -8.58 -88.32
CA GLU B 185 37.00 -8.93 -88.96
C GLU B 185 38.08 -7.98 -88.46
N GLU B 186 39.30 -8.50 -88.34
CA GLU B 186 40.43 -7.71 -87.90
C GLU B 186 41.66 -8.10 -88.70
N LYS B 187 42.58 -7.16 -88.85
CA LYS B 187 43.81 -7.39 -89.58
C LYS B 187 44.84 -6.37 -89.13
N GLY B 188 45.91 -6.83 -88.47
CA GLY B 188 46.90 -5.94 -87.93
C GLY B 188 46.35 -5.09 -86.80
N ASP B 189 46.39 -3.76 -86.97
CA ASP B 189 45.91 -2.84 -85.95
C ASP B 189 44.61 -2.14 -86.35
N GLU B 190 43.77 -2.81 -87.15
CA GLU B 190 42.52 -2.24 -87.62
C GLU B 190 41.41 -3.26 -87.41
N ARG B 191 40.28 -2.80 -86.86
CA ARG B 191 39.17 -3.68 -86.54
C ARG B 191 37.86 -3.07 -87.02
N ARG B 192 36.90 -3.94 -87.32
CA ARG B 192 35.52 -3.55 -87.61
C ARG B 192 34.63 -4.22 -86.57
N VAL B 193 33.81 -3.42 -85.89
CA VAL B 193 33.13 -3.88 -84.69
C VAL B 193 31.63 -3.63 -84.78
N GLN B 194 30.90 -4.39 -83.95
CA GLN B 194 29.45 -4.32 -83.84
C GLN B 194 29.05 -4.41 -82.39
N ALA B 195 27.84 -3.92 -82.09
CA ALA B 195 27.21 -4.06 -80.79
C ALA B 195 25.85 -4.74 -80.96
N GLU B 196 25.48 -5.59 -80.00
CA GLU B 196 24.25 -6.36 -80.11
C GLU B 196 23.00 -5.54 -79.88
N ASP B 197 23.03 -4.56 -78.99
CA ASP B 197 21.81 -3.87 -78.55
C ASP B 197 22.20 -2.48 -78.04
N ARG B 198 21.22 -1.79 -77.47
CA ARG B 198 21.37 -0.44 -76.95
C ARG B 198 21.27 -0.42 -75.42
N ALA B 199 21.84 -1.44 -74.77
CA ALA B 199 21.69 -1.57 -73.33
C ALA B 199 22.34 -0.41 -72.59
N PHE B 200 23.56 -0.02 -73.00
CA PHE B 200 24.25 1.06 -72.30
C PHE B 200 23.51 2.39 -72.49
N GLY B 201 22.86 2.58 -73.62
CA GLY B 201 22.05 3.78 -73.81
C GLY B 201 20.92 3.86 -72.80
N THR B 202 20.22 2.75 -72.58
CA THR B 202 19.17 2.73 -71.58
C THR B 202 19.73 2.93 -70.17
N PHE B 203 20.88 2.32 -69.89
CA PHE B 203 21.53 2.51 -68.60
C PHE B 203 21.82 3.99 -68.34
N LEU B 204 22.45 4.66 -69.31
CA LEU B 204 22.73 6.09 -69.16
C LEU B 204 21.45 6.89 -69.05
N GLN B 205 20.43 6.54 -69.85
CA GLN B 205 19.20 7.32 -69.86
C GLN B 205 18.49 7.26 -68.51
N ASP B 206 18.31 6.07 -67.95
CA ASP B 206 17.58 6.01 -66.69
C ASP B 206 18.44 6.47 -65.52
N LEU B 207 19.77 6.36 -65.63
CA LEU B 207 20.64 6.97 -64.64
C LEU B 207 20.44 8.49 -64.59
N LEU B 208 20.47 9.13 -65.76
CA LEU B 208 20.29 10.58 -65.82
C LEU B 208 18.88 10.97 -65.38
N GLN B 209 17.88 10.17 -65.74
CA GLN B 209 16.52 10.46 -65.32
C GLN B 209 16.39 10.40 -63.80
N ARG B 210 17.00 9.38 -63.18
CA ARG B 210 16.98 9.29 -61.73
C ARG B 210 17.66 10.48 -61.09
N ALA B 211 18.82 10.89 -61.62
CA ALA B 211 19.51 12.05 -61.07
C ALA B 211 18.66 13.30 -61.19
N SER B 212 18.02 13.50 -62.34
CA SER B 212 17.18 14.69 -62.55
C SER B 212 15.99 14.68 -61.60
N ARG B 213 15.35 13.52 -61.41
CA ARG B 213 14.21 13.46 -60.51
C ARG B 213 14.61 13.73 -59.06
N ILE B 214 15.75 13.18 -58.64
CA ILE B 214 16.23 13.46 -57.29
C ILE B 214 16.53 14.94 -57.12
N ALA B 215 17.15 15.56 -58.13
CA ALA B 215 17.40 17.00 -58.06
C ALA B 215 16.09 17.78 -57.98
N GLY B 216 15.08 17.35 -58.72
CA GLY B 216 13.80 18.03 -58.68
C GLY B 216 13.13 17.92 -57.32
N ALA B 217 13.25 16.77 -56.67
CA ALA B 217 12.68 16.56 -55.36
C ALA B 217 13.81 16.35 -54.36
N TRP B 218 14.35 17.46 -53.85
CA TRP B 218 15.33 17.44 -52.77
C TRP B 218 14.80 18.04 -51.48
N GLU B 219 14.09 19.15 -51.56
CA GLU B 219 13.32 19.62 -50.42
C GLU B 219 12.23 18.61 -50.11
N MET B 220 11.46 18.89 -49.05
CA MET B 220 10.37 18.03 -48.59
C MET B 220 10.76 16.56 -48.51
N LEU B 221 12.05 16.27 -48.38
CA LEU B 221 12.55 14.91 -48.22
C LEU B 221 12.41 14.43 -46.78
N PRO B 222 12.66 15.28 -45.77
CA PRO B 222 12.37 14.85 -44.39
C PRO B 222 10.94 14.40 -44.18
N GLU B 223 9.96 15.04 -44.82
CA GLU B 223 8.57 14.68 -44.60
C GLU B 223 8.20 13.38 -45.31
N LEU B 224 8.95 12.99 -46.32
CA LEU B 224 8.66 11.73 -47.01
C LEU B 224 8.94 10.55 -46.08
N PRO B 225 8.06 9.54 -46.06
CA PRO B 225 8.30 8.39 -45.17
C PRO B 225 9.45 7.51 -45.64
N PHE B 226 9.69 7.43 -46.94
CA PHE B 226 10.75 6.60 -47.49
C PHE B 226 11.54 7.40 -48.53
N ALA B 227 12.83 7.08 -48.64
CA ALA B 227 13.73 7.89 -49.46
C ALA B 227 13.49 7.67 -50.96
N ASP B 228 13.19 6.44 -51.36
CA ASP B 228 13.05 6.14 -52.78
C ASP B 228 11.89 6.89 -53.42
N LEU B 229 10.95 7.40 -52.64
CA LEU B 229 9.90 8.24 -53.20
C LEU B 229 10.45 9.48 -53.88
N ALA B 230 11.67 9.89 -53.54
CA ALA B 230 12.29 11.02 -54.22
C ALA B 230 12.63 10.70 -55.67
N THR B 231 12.71 9.43 -56.04
CA THR B 231 13.03 9.03 -57.41
C THR B 231 11.79 8.92 -58.29
N TRP B 232 10.70 9.55 -57.90
CA TRP B 232 9.43 9.49 -58.62
C TRP B 232 9.24 10.76 -59.44
N SER B 233 8.48 10.62 -60.52
CA SER B 233 8.18 11.76 -61.37
C SER B 233 7.17 12.69 -60.68
N GLU B 234 7.03 13.89 -61.22
CA GLU B 234 6.10 14.87 -60.66
C GLU B 234 4.66 14.36 -60.72
N GLY B 235 4.28 13.74 -61.84
CA GLY B 235 2.94 13.21 -61.95
C GLY B 235 2.65 12.11 -60.94
N GLU B 236 3.61 11.22 -60.74
CA GLU B 236 3.43 10.15 -59.75
C GLU B 236 3.30 10.73 -58.34
N LEU B 237 4.13 11.73 -58.02
CA LEU B 237 4.05 12.34 -56.69
C LEU B 237 2.72 13.05 -56.49
N ALA B 238 2.22 13.73 -57.53
CA ALA B 238 0.91 14.36 -57.43
C ALA B 238 -0.19 13.32 -57.26
N TRP B 239 -0.07 12.19 -57.96
CA TRP B 239 -1.04 11.11 -57.81
C TRP B 239 -0.99 10.52 -56.41
N LEU B 240 0.19 10.53 -55.78
CA LEU B 240 0.32 9.95 -54.44
C LEU B 240 -0.45 10.74 -53.40
N ARG B 241 -0.76 12.01 -53.68
CA ARG B 241 -1.42 12.88 -52.72
C ARG B 241 -2.94 12.91 -52.87
N GLU B 242 -3.50 12.21 -53.84
CA GLU B 242 -4.94 12.22 -54.01
C GLU B 242 -5.60 11.23 -53.07
N PRO B 243 -6.85 11.45 -52.71
CA PRO B 243 -7.56 10.48 -51.85
C PRO B 243 -7.65 9.12 -52.52
N LEU B 244 -7.55 8.08 -51.69
CA LEU B 244 -7.61 6.71 -52.18
C LEU B 244 -9.05 6.31 -52.49
N ASP B 245 -9.24 5.60 -53.60
CA ASP B 245 -10.57 5.17 -54.02
C ASP B 245 -10.65 3.66 -53.92
N PRO B 246 -11.28 3.11 -52.87
CA PRO B 246 -11.33 1.64 -52.74
C PRO B 246 -12.10 0.95 -53.85
N ARG B 247 -12.97 1.66 -54.57
CA ARG B 247 -13.76 1.03 -55.63
C ARG B 247 -12.94 0.76 -56.88
N ALA B 248 -11.94 1.59 -57.16
CA ALA B 248 -11.16 1.45 -58.38
C ALA B 248 -10.28 0.20 -58.31
N PRO B 249 -10.33 -0.67 -59.33
CA PRO B 249 -9.47 -1.87 -59.31
C PRO B 249 -7.97 -1.55 -59.27
N ALA B 250 -7.54 -0.46 -59.88
CA ALA B 250 -6.13 -0.11 -59.86
C ALA B 250 -5.65 0.17 -58.45
N ASP B 251 -6.47 0.87 -57.65
CA ASP B 251 -6.12 1.11 -56.25
C ASP B 251 -6.04 -0.21 -55.49
N GLN B 252 -6.96 -1.13 -55.76
CA GLN B 252 -6.94 -2.43 -55.10
C GLN B 252 -5.66 -3.19 -55.42
N ARG B 253 -5.25 -3.18 -56.69
CA ARG B 253 -4.01 -3.83 -57.07
C ARG B 253 -2.80 -3.17 -56.41
N TRP B 254 -2.80 -1.83 -56.34
CA TRP B 254 -1.69 -1.13 -55.72
C TRP B 254 -1.57 -1.46 -54.24
N VAL B 255 -2.70 -1.51 -53.53
CA VAL B 255 -2.66 -1.88 -52.11
C VAL B 255 -2.25 -3.34 -51.95
N ALA B 256 -2.69 -4.21 -52.86
CA ALA B 256 -2.29 -5.61 -52.78
C ALA B 256 -0.80 -5.79 -53.03
N GLY B 257 -0.18 -4.90 -53.80
CA GLY B 257 1.23 -5.01 -54.08
C GLY B 257 2.18 -4.41 -53.07
N LEU B 258 1.68 -3.74 -52.03
CA LEU B 258 2.54 -3.08 -51.06
C LEU B 258 3.20 -4.09 -50.13
N PRO B 259 4.45 -3.85 -49.73
CA PRO B 259 5.02 -4.63 -48.62
C PRO B 259 4.50 -4.11 -47.29
N LYS B 260 4.10 -5.04 -46.42
CA LYS B 260 3.33 -4.70 -45.23
C LYS B 260 3.99 -5.28 -43.99
N ILE B 261 3.55 -4.76 -42.84
CA ILE B 261 4.01 -5.21 -41.52
C ILE B 261 2.79 -5.45 -40.65
N GLU B 262 2.74 -6.62 -40.02
CA GLU B 262 1.63 -7.02 -39.16
C GLU B 262 2.07 -7.03 -37.71
N LEU B 263 1.28 -6.39 -36.85
CA LEU B 263 1.60 -6.31 -35.43
C LEU B 263 0.51 -6.83 -34.50
N HIS B 264 -0.68 -7.15 -35.00
CA HIS B 264 -1.79 -7.61 -34.16
C HIS B 264 -2.48 -8.77 -34.89
N CYS B 265 -2.12 -9.99 -34.53
CA CYS B 265 -2.67 -11.19 -35.15
C CYS B 265 -2.70 -12.31 -34.13
N HIS B 266 -3.89 -12.91 -33.94
CA HIS B 266 -4.07 -14.01 -33.00
C HIS B 266 -3.93 -15.34 -33.73
N LEU B 267 -3.21 -16.28 -33.11
CA LEU B 267 -3.03 -17.59 -33.72
C LEU B 267 -4.30 -18.43 -33.65
N GLY B 268 -5.09 -18.27 -32.59
CA GLY B 268 -6.25 -19.11 -32.37
C GLY B 268 -7.48 -18.76 -33.17
N GLY B 269 -7.44 -17.68 -33.97
CA GLY B 269 -8.59 -17.29 -34.75
C GLY B 269 -8.30 -17.19 -36.24
N PHE B 270 -7.51 -18.11 -36.77
CA PHE B 270 -7.12 -18.06 -38.17
C PHE B 270 -8.03 -18.90 -39.06
N ALA B 271 -8.12 -20.20 -38.80
CA ALA B 271 -8.86 -21.14 -39.62
C ALA B 271 -10.09 -21.59 -38.85
N THR B 272 -11.20 -20.85 -39.01
CA THR B 272 -12.43 -21.13 -38.29
C THR B 272 -13.57 -21.58 -39.19
N HIS B 273 -13.44 -21.44 -40.51
CA HIS B 273 -14.53 -21.77 -41.41
C HIS B 273 -13.94 -22.22 -42.75
N GLY B 274 -14.77 -22.94 -43.51
CA GLY B 274 -14.44 -23.24 -44.89
C GLY B 274 -13.39 -24.32 -45.06
N GLU B 275 -12.66 -24.22 -46.17
CA GLU B 275 -11.72 -25.27 -46.55
C GLU B 275 -10.54 -25.37 -45.59
N LEU B 276 -10.11 -24.24 -45.04
CA LEU B 276 -8.96 -24.25 -44.13
C LEU B 276 -9.23 -25.08 -42.90
N LEU B 277 -10.45 -24.99 -42.35
CA LEU B 277 -10.82 -25.80 -41.20
C LEU B 277 -10.75 -27.29 -41.53
N ARG B 278 -11.23 -27.67 -42.71
CA ARG B 278 -11.16 -29.07 -43.12
C ARG B 278 -9.70 -29.53 -43.28
N ARG B 279 -8.87 -28.67 -43.87
CA ARG B 279 -7.47 -29.04 -44.07
C ARG B 279 -6.75 -29.21 -42.74
N VAL B 280 -7.07 -28.37 -41.76
CA VAL B 280 -6.45 -28.51 -40.45
C VAL B 280 -6.98 -29.77 -39.75
N ARG B 281 -8.28 -30.03 -39.85
CA ARG B 281 -8.86 -31.18 -39.19
C ARG B 281 -8.31 -32.48 -39.76
N ASN B 282 -8.09 -32.52 -41.08
CA ASN B 282 -7.50 -33.71 -41.69
C ASN B 282 -5.99 -33.69 -41.56
N ALA B 283 -5.49 -33.43 -40.34
CA ALA B 283 -4.07 -33.49 -40.05
C ALA B 283 -3.78 -34.01 -38.65
N ALA B 284 -4.80 -34.38 -37.89
CA ALA B 284 -4.60 -34.76 -36.49
C ALA B 284 -3.90 -36.10 -36.39
N GLU B 285 -3.08 -36.24 -35.34
CA GLU B 285 -2.41 -37.51 -35.07
C GLU B 285 -3.37 -38.55 -34.50
N ASN B 286 -4.44 -38.11 -33.84
CA ASN B 286 -5.45 -39.00 -33.28
C ASN B 286 -6.81 -38.54 -33.78
N PRO B 287 -7.21 -38.95 -34.98
CA PRO B 287 -8.51 -38.51 -35.52
C PRO B 287 -9.70 -38.94 -34.69
N GLY B 288 -9.57 -40.01 -33.89
CA GLY B 288 -10.68 -40.47 -33.09
C GLY B 288 -11.13 -39.48 -32.02
N LYS B 289 -10.19 -38.71 -31.48
CA LYS B 289 -10.48 -37.79 -30.39
C LYS B 289 -10.97 -36.43 -30.86
N LEU B 290 -11.07 -36.22 -32.17
CA LEU B 290 -11.56 -34.94 -32.68
C LEU B 290 -13.03 -34.75 -32.32
N PRO B 291 -13.45 -33.54 -31.95
CA PRO B 291 -14.86 -33.30 -31.67
C PRO B 291 -15.67 -33.27 -32.95
N PRO B 292 -16.98 -33.50 -32.88
CA PRO B 292 -17.81 -33.43 -34.09
C PRO B 292 -17.74 -32.06 -34.74
N LEU B 293 -17.76 -32.05 -36.06
CA LEU B 293 -17.64 -30.80 -36.81
C LEU B 293 -18.94 -30.01 -36.70
N GLU B 294 -18.81 -28.72 -36.40
CA GLU B 294 -19.97 -27.84 -36.29
C GLU B 294 -19.51 -26.40 -36.50
N GLU B 295 -20.00 -25.77 -37.56
CA GLU B 295 -19.65 -24.38 -37.85
C GLU B 295 -20.70 -23.46 -37.26
N PRO B 296 -20.32 -22.50 -36.41
CA PRO B 296 -21.28 -21.48 -35.98
C PRO B 296 -21.78 -20.68 -37.17
N ARG B 297 -23.05 -20.30 -37.12
CA ARG B 297 -23.67 -19.57 -38.22
C ARG B 297 -23.39 -18.08 -38.07
N LEU B 298 -22.90 -17.47 -39.15
CA LEU B 298 -22.60 -16.05 -39.14
C LEU B 298 -23.85 -15.21 -39.40
N PRO B 299 -23.89 -13.99 -38.88
CA PRO B 299 -25.01 -13.09 -39.18
C PRO B 299 -25.08 -12.80 -40.68
N GLU B 300 -26.19 -12.17 -41.08
CA GLU B 300 -26.39 -11.82 -42.48
C GLU B 300 -25.40 -10.75 -42.90
N GLY B 301 -24.76 -10.95 -44.06
CA GLY B 301 -23.77 -10.02 -44.55
C GLY B 301 -22.63 -9.84 -43.57
N TRP B 302 -22.08 -10.95 -43.08
CA TRP B 302 -21.18 -10.91 -41.94
C TRP B 302 -20.00 -9.95 -42.09
N PRO B 303 -19.28 -9.90 -43.22
CA PRO B 303 -18.13 -8.97 -43.28
C PRO B 303 -18.51 -7.52 -43.02
N LEU B 304 -19.71 -7.10 -43.45
CA LEU B 304 -20.20 -5.74 -43.19
C LEU B 304 -21.59 -5.87 -42.59
N PRO B 305 -21.69 -6.21 -41.32
CA PRO B 305 -23.00 -6.41 -40.70
C PRO B 305 -23.79 -5.12 -40.57
N ALA B 306 -25.11 -5.24 -40.59
CA ALA B 306 -25.99 -4.08 -40.44
C ALA B 306 -26.07 -3.59 -38.99
N GLN B 307 -25.93 -4.49 -38.02
CA GLN B 307 -26.01 -4.14 -36.62
C GLN B 307 -24.79 -4.68 -35.88
N PRO B 308 -24.26 -3.95 -34.90
CA PRO B 308 -23.13 -4.46 -34.13
C PRO B 308 -23.55 -5.60 -33.22
N ILE B 309 -22.57 -6.43 -32.87
CA ILE B 309 -22.80 -7.53 -31.93
C ILE B 309 -21.86 -7.36 -30.76
N PRO B 310 -22.24 -7.79 -29.55
CA PRO B 310 -21.34 -7.67 -28.40
C PRO B 310 -20.25 -8.73 -28.44
N LEU B 311 -19.37 -8.67 -27.43
CA LEU B 311 -18.12 -9.41 -27.47
C LEU B 311 -18.34 -10.92 -27.33
N ALA B 312 -19.36 -11.32 -26.57
CA ALA B 312 -19.54 -12.75 -26.28
C ALA B 312 -19.79 -13.54 -27.56
N GLU B 313 -20.69 -13.06 -28.42
CA GLU B 313 -20.97 -13.76 -29.66
C GLU B 313 -19.78 -13.71 -30.62
N TYR B 314 -19.04 -12.60 -30.61
CA TYR B 314 -17.86 -12.51 -31.48
C TYR B 314 -16.82 -13.55 -31.06
N MET B 315 -16.66 -13.76 -29.74
CA MET B 315 -15.80 -14.83 -29.28
C MET B 315 -16.34 -16.20 -29.67
N LYS B 316 -17.66 -16.41 -29.50
CA LYS B 316 -18.25 -17.71 -29.78
C LYS B 316 -18.26 -18.04 -31.27
N LEU B 317 -18.11 -17.04 -32.14
CA LEU B 317 -18.09 -17.30 -33.58
C LEU B 317 -16.91 -18.16 -34.00
N GLY B 318 -15.88 -18.28 -33.16
CA GLY B 318 -14.73 -19.09 -33.50
C GLY B 318 -14.57 -20.30 -32.60
N ASN B 319 -15.68 -20.96 -32.28
CA ASN B 319 -15.65 -22.13 -31.41
C ASN B 319 -15.23 -23.40 -32.12
N ALA B 320 -15.23 -23.43 -33.45
CA ALA B 320 -14.81 -24.62 -34.18
C ALA B 320 -13.31 -24.83 -34.12
N ASN B 321 -12.54 -23.78 -33.84
CA ASN B 321 -11.09 -23.84 -33.76
C ASN B 321 -10.64 -23.23 -32.44
N GLY B 322 -9.40 -23.55 -32.06
CA GLY B 322 -8.85 -23.05 -30.82
C GLY B 322 -8.53 -24.16 -29.83
N THR B 323 -8.91 -23.97 -28.56
CA THR B 323 -8.62 -24.97 -27.55
C THR B 323 -9.31 -26.30 -27.83
N ALA B 324 -10.38 -26.30 -28.63
CA ALA B 324 -11.06 -27.55 -28.95
C ALA B 324 -10.30 -28.38 -29.98
N LEU B 325 -9.41 -27.74 -30.76
CA LEU B 325 -8.73 -28.41 -31.85
C LEU B 325 -7.21 -28.45 -31.70
N LEU B 326 -6.61 -27.53 -30.95
CA LEU B 326 -5.17 -27.37 -30.93
C LEU B 326 -4.49 -28.20 -29.85
N ARG B 327 -5.23 -29.03 -29.13
CA ARG B 327 -4.58 -29.98 -28.22
C ARG B 327 -3.82 -31.07 -28.97
N ASP B 328 -4.07 -31.22 -30.28
CA ASP B 328 -3.39 -32.19 -31.13
C ASP B 328 -2.17 -31.54 -31.79
N PRO B 329 -0.98 -32.13 -31.63
CA PRO B 329 0.23 -31.50 -32.22
C PRO B 329 0.14 -31.27 -33.72
N GLY B 330 -0.44 -32.22 -34.46
CA GLY B 330 -0.53 -32.06 -35.91
C GLY B 330 -1.38 -30.87 -36.31
N CYS B 331 -2.49 -30.66 -35.61
CA CYS B 331 -3.33 -29.50 -35.90
C CYS B 331 -2.59 -28.20 -35.63
N LEU B 332 -1.81 -28.15 -34.55
CA LEU B 332 -1.02 -26.96 -34.25
C LEU B 332 0.01 -26.69 -35.34
N ARG B 333 0.70 -27.74 -35.78
CA ARG B 333 1.69 -27.58 -36.85
C ARG B 333 1.04 -27.11 -38.14
N GLU B 334 -0.15 -27.64 -38.44
CA GLU B 334 -0.85 -27.21 -39.66
C GLU B 334 -1.30 -25.76 -39.56
N GLN B 335 -1.80 -25.34 -38.39
CA GLN B 335 -2.05 -23.92 -38.17
C GLN B 335 -0.83 -23.07 -38.45
N CYS B 336 0.32 -23.45 -37.90
CA CYS B 336 1.52 -22.63 -38.09
C CYS B 336 1.89 -22.55 -39.56
N ARG B 337 1.89 -23.69 -40.26
CA ARG B 337 2.27 -23.69 -41.68
C ARG B 337 1.30 -22.87 -42.51
N LEU B 338 -0.01 -23.04 -42.30
CA LEU B 338 -1.00 -22.31 -43.10
C LEU B 338 -0.95 -20.82 -42.81
N LEU B 339 -0.77 -20.44 -41.55
CA LEU B 339 -0.67 -19.02 -41.22
C LEU B 339 0.55 -18.39 -41.87
N TYR B 340 1.69 -19.10 -41.85
CA TYR B 340 2.87 -18.57 -42.52
C TYR B 340 2.65 -18.45 -44.02
N ARG B 341 2.00 -19.44 -44.63
CA ARG B 341 1.73 -19.37 -46.06
C ARG B 341 0.85 -18.18 -46.40
N HIS B 342 -0.21 -17.97 -45.62
CA HIS B 342 -1.09 -16.83 -45.86
C HIS B 342 -0.36 -15.51 -45.68
N LEU B 343 0.47 -15.40 -44.64
CA LEU B 343 1.22 -14.17 -44.41
C LEU B 343 2.17 -13.86 -45.56
N VAL B 344 2.83 -14.90 -46.08
CA VAL B 344 3.71 -14.68 -47.24
C VAL B 344 2.90 -14.30 -48.47
N ASP B 345 1.71 -14.91 -48.63
CA ASP B 345 0.87 -14.57 -49.78
C ASP B 345 0.42 -13.12 -49.74
N GLN B 346 0.13 -12.59 -48.55
CA GLN B 346 -0.30 -11.20 -48.46
C GLN B 346 0.85 -10.21 -48.66
N GLY B 347 2.09 -10.68 -48.70
CA GLY B 347 3.23 -9.81 -48.86
C GLY B 347 3.80 -9.21 -47.60
N VAL B 348 3.39 -9.70 -46.43
CA VAL B 348 3.91 -9.20 -45.16
C VAL B 348 5.39 -9.60 -45.04
N CYS B 349 6.23 -8.64 -44.65
CA CYS B 349 7.65 -8.90 -44.48
C CYS B 349 8.07 -9.09 -43.03
N TYR B 350 7.24 -8.68 -42.07
CA TYR B 350 7.53 -8.86 -40.66
C TYR B 350 6.22 -8.95 -39.90
N ALA B 351 6.10 -9.95 -39.03
CA ALA B 351 4.86 -10.17 -38.30
C ALA B 351 5.16 -10.61 -36.87
N GLU B 352 4.26 -10.26 -35.97
CA GLU B 352 4.30 -10.73 -34.59
C GLU B 352 2.99 -11.44 -34.30
N VAL B 353 3.07 -12.70 -33.86
CA VAL B 353 1.91 -13.56 -33.69
C VAL B 353 1.71 -13.81 -32.20
N ARG B 354 0.46 -13.68 -31.74
CA ARG B 354 0.10 -13.95 -30.37
C ARG B 354 -0.43 -15.37 -30.23
N CYS B 355 -0.15 -15.99 -29.08
CA CYS B 355 -0.59 -17.35 -28.81
C CYS B 355 -0.67 -17.57 -27.32
N SER B 356 -1.42 -18.61 -26.92
CA SER B 356 -1.61 -18.97 -25.52
C SER B 356 -1.27 -20.45 -25.37
N PRO B 357 0.02 -20.78 -25.23
CA PRO B 357 0.40 -22.21 -25.18
C PRO B 357 -0.24 -22.98 -24.02
N ALA B 358 -0.41 -22.34 -22.86
CA ALA B 358 -0.88 -23.06 -21.69
C ALA B 358 -2.29 -23.62 -21.86
N ASN B 359 -3.10 -23.03 -22.74
CA ASN B 359 -4.43 -23.56 -22.99
C ASN B 359 -4.42 -24.83 -23.81
N TYR B 360 -3.31 -25.12 -24.50
CA TYR B 360 -3.21 -26.30 -25.36
C TYR B 360 -2.42 -27.43 -24.70
N ALA B 361 -2.19 -27.35 -23.39
CA ALA B 361 -1.42 -28.34 -22.65
C ALA B 361 -2.36 -29.15 -21.78
N GLU B 362 -2.58 -30.42 -22.16
CA GLU B 362 -3.33 -31.35 -21.34
C GLU B 362 -2.51 -32.52 -20.83
N VAL B 363 -1.55 -33.00 -21.63
CA VAL B 363 -0.59 -34.00 -21.20
C VAL B 363 0.84 -33.47 -21.27
N ARG B 364 1.18 -32.81 -22.37
CA ARG B 364 2.46 -32.12 -22.48
C ARG B 364 2.46 -30.86 -21.63
N SER B 365 3.66 -30.39 -21.31
CA SER B 365 3.81 -29.15 -20.58
C SER B 365 3.69 -27.95 -21.53
N PRO B 366 3.38 -26.77 -21.00
CA PRO B 366 3.35 -25.58 -21.86
C PRO B 366 4.67 -25.30 -22.56
N TRP B 367 5.79 -25.66 -21.93
CA TRP B 367 7.10 -25.51 -22.56
C TRP B 367 7.17 -26.32 -23.84
N ASP B 368 6.64 -27.54 -23.83
CA ASP B 368 6.64 -28.36 -25.03
C ASP B 368 5.82 -27.73 -26.15
N VAL B 369 4.65 -27.18 -25.81
CA VAL B 369 3.80 -26.55 -26.82
C VAL B 369 4.51 -25.34 -27.43
N LEU B 370 5.11 -24.51 -26.57
CA LEU B 370 5.83 -23.34 -27.07
C LEU B 370 7.00 -23.75 -27.95
N ALA B 371 7.74 -24.78 -27.55
CA ALA B 371 8.86 -25.26 -28.36
C ALA B 371 8.39 -25.78 -29.71
N ASP B 372 7.27 -26.50 -29.72
CA ASP B 372 6.74 -27.00 -30.99
C ASP B 372 6.32 -25.86 -31.91
N ILE B 373 5.65 -24.84 -31.36
CA ILE B 373 5.23 -23.71 -32.18
C ILE B 373 6.44 -23.00 -32.76
N ARG B 374 7.44 -22.73 -31.91
CA ARG B 374 8.63 -22.02 -32.38
C ARG B 374 9.39 -22.84 -33.42
N ALA B 375 9.49 -24.16 -33.22
CA ALA B 375 10.18 -25.00 -34.18
C ALA B 375 9.46 -25.02 -35.52
N ALA B 376 8.13 -25.10 -35.49
CA ALA B 376 7.36 -25.07 -36.75
C ALA B 376 7.58 -23.76 -37.49
N PHE B 377 7.52 -22.64 -36.78
CA PHE B 377 7.71 -21.36 -37.45
C PHE B 377 9.14 -21.21 -37.96
N GLN B 378 10.13 -21.70 -37.21
CA GLN B 378 11.52 -21.61 -37.67
C GLN B 378 11.73 -22.47 -38.91
N GLU B 379 11.13 -23.66 -38.95
CA GLU B 379 11.23 -24.51 -40.14
C GLU B 379 10.58 -23.84 -41.34
N CYS B 380 9.42 -23.21 -41.14
CA CYS B 380 8.79 -22.48 -42.24
C CYS B 380 9.67 -21.34 -42.72
N MET B 381 10.29 -20.61 -41.79
CA MET B 381 11.16 -19.50 -42.16
C MET B 381 12.37 -20.00 -42.96
N GLU B 382 12.97 -21.11 -42.53
CA GLU B 382 14.15 -21.63 -43.23
C GLU B 382 13.78 -22.22 -44.59
N GLY B 383 12.55 -22.72 -44.72
CA GLY B 383 12.15 -23.31 -46.00
C GLY B 383 12.07 -22.31 -47.12
N ALA B 384 11.49 -21.13 -46.85
CA ALA B 384 11.25 -20.12 -47.88
C ALA B 384 12.38 -19.10 -47.83
N ARG B 385 13.48 -19.44 -48.50
CA ARG B 385 14.66 -18.56 -48.55
C ARG B 385 14.67 -17.76 -49.85
N THR B 386 13.67 -16.90 -49.97
CA THR B 386 13.55 -15.98 -51.10
C THR B 386 14.25 -14.69 -50.66
N ALA B 387 14.06 -13.58 -51.38
CA ALA B 387 14.49 -12.25 -50.98
C ALA B 387 16.01 -12.10 -51.09
N PRO B 388 16.53 -10.89 -51.28
CA PRO B 388 17.98 -10.75 -51.46
C PRO B 388 18.76 -10.70 -50.15
N GLY B 389 20.00 -11.15 -50.22
CA GLY B 389 20.82 -11.30 -49.05
C GLY B 389 20.65 -12.60 -48.30
N GLY B 390 19.88 -13.54 -48.83
CA GLY B 390 19.66 -14.81 -48.17
C GLY B 390 18.87 -14.71 -46.88
N LEU B 391 17.78 -13.94 -46.87
CA LEU B 391 16.93 -13.78 -45.70
C LEU B 391 15.55 -14.37 -45.96
N PRO B 392 14.86 -14.85 -44.91
CA PRO B 392 13.53 -15.42 -45.13
C PRO B 392 12.56 -14.37 -45.67
N ALA B 393 11.57 -14.85 -46.43
CA ALA B 393 10.59 -13.95 -47.05
C ALA B 393 9.82 -13.18 -45.99
N CYS B 394 9.40 -13.85 -44.92
CA CYS B 394 8.74 -13.19 -43.79
C CYS B 394 9.39 -13.64 -42.50
N HIS B 395 9.59 -12.70 -41.59
CA HIS B 395 10.16 -12.96 -40.28
C HIS B 395 9.05 -12.91 -39.24
N VAL B 396 8.99 -13.94 -38.39
CA VAL B 396 7.91 -14.09 -37.42
C VAL B 396 8.52 -14.12 -36.02
N ASN B 397 7.97 -13.31 -35.13
CA ASN B 397 8.30 -13.33 -33.71
C ASN B 397 7.04 -13.64 -32.91
N LEU B 398 7.23 -14.01 -31.64
CA LEU B 398 6.14 -14.49 -30.81
C LEU B 398 5.87 -13.54 -29.65
N ILE B 399 4.60 -13.47 -29.26
CA ILE B 399 4.14 -12.72 -28.10
C ILE B 399 3.13 -13.59 -27.37
N LEU B 400 3.29 -13.72 -26.05
CA LEU B 400 2.41 -14.58 -25.26
C LEU B 400 1.30 -13.77 -24.63
N ILE B 401 0.13 -14.38 -24.51
CA ILE B 401 -1.09 -13.70 -24.07
C ILE B 401 -1.39 -14.09 -22.62
N ALA B 402 -1.71 -13.08 -21.81
CA ALA B 402 -2.23 -13.28 -20.46
C ALA B 402 -3.70 -12.89 -20.47
N THR B 403 -4.58 -13.87 -20.30
CA THR B 403 -6.01 -13.67 -20.45
C THR B 403 -6.68 -13.42 -19.11
N ARG B 404 -7.58 -12.46 -19.08
CA ARG B 404 -8.32 -12.07 -17.89
C ARG B 404 -9.82 -12.18 -18.15
N ARG B 405 -10.53 -12.79 -17.19
CA ARG B 405 -11.91 -13.18 -17.36
C ARG B 405 -12.81 -12.47 -16.34
N ALA B 406 -14.11 -12.49 -16.62
CA ALA B 406 -15.08 -11.86 -15.72
C ALA B 406 -15.14 -12.57 -14.38
N SER B 407 -15.13 -13.90 -14.38
CA SER B 407 -15.22 -14.67 -13.15
C SER B 407 -14.59 -16.04 -13.36
N GLY B 408 -14.24 -16.68 -12.25
CA GLY B 408 -13.63 -17.99 -12.30
C GLY B 408 -12.20 -18.01 -11.81
N ASP B 409 -11.42 -19.00 -12.25
CA ASP B 409 -10.02 -19.13 -11.90
C ASP B 409 -9.18 -18.76 -13.11
N TYR B 410 -8.56 -17.59 -13.08
CA TYR B 410 -7.78 -17.11 -14.21
C TYR B 410 -6.44 -16.48 -13.84
N ARG B 411 -6.19 -16.17 -12.56
CA ARG B 411 -4.99 -15.44 -12.19
C ARG B 411 -3.76 -16.33 -12.08
N ALA B 412 -3.92 -17.65 -12.00
CA ALA B 412 -2.76 -18.53 -12.02
C ALA B 412 -2.20 -18.67 -13.43
N ALA B 413 -3.09 -18.68 -14.44
CA ALA B 413 -2.65 -18.77 -15.82
C ALA B 413 -1.82 -17.56 -16.23
N ILE B 414 -2.17 -16.38 -15.73
CA ILE B 414 -1.40 -15.17 -16.03
C ILE B 414 0.03 -15.34 -15.53
N ALA B 415 0.19 -15.82 -14.29
CA ALA B 415 1.52 -16.02 -13.73
C ALA B 415 2.29 -17.08 -14.51
N ARG B 416 1.62 -18.18 -14.87
CA ARG B 416 2.29 -19.21 -15.66
C ARG B 416 2.79 -18.64 -16.99
N HIS B 417 1.94 -17.87 -17.67
CA HIS B 417 2.32 -17.32 -18.96
C HIS B 417 3.48 -16.33 -18.83
N LEU B 418 3.45 -15.47 -17.79
CA LEU B 418 4.53 -14.51 -17.62
C LEU B 418 5.86 -15.21 -17.33
N ALA B 419 5.84 -16.22 -16.45
CA ALA B 419 7.07 -16.95 -16.16
C ALA B 419 7.58 -17.68 -17.40
N LEU B 420 6.68 -18.30 -18.15
CA LEU B 420 7.08 -18.99 -19.38
C LEU B 420 7.68 -18.02 -20.38
N ALA B 421 7.09 -16.84 -20.51
CA ALA B 421 7.61 -15.84 -21.44
C ALA B 421 9.02 -15.39 -21.03
N VAL B 422 9.23 -15.15 -19.74
CA VAL B 422 10.56 -14.74 -19.28
C VAL B 422 11.59 -15.82 -19.59
N THR B 423 11.25 -17.08 -19.25
CA THR B 423 12.20 -18.17 -19.48
C THR B 423 12.48 -18.36 -20.96
N ALA B 424 11.45 -18.32 -21.80
CA ALA B 424 11.63 -18.50 -23.23
C ALA B 424 12.45 -17.37 -23.84
N ALA B 425 12.21 -16.14 -23.42
CA ALA B 425 13.01 -15.02 -23.90
C ALA B 425 14.46 -15.16 -23.48
N GLU B 426 14.71 -15.70 -22.29
CA GLU B 426 16.10 -15.96 -21.90
C GLU B 426 16.72 -17.10 -22.71
N HIS B 427 15.91 -18.06 -23.16
CA HIS B 427 16.46 -19.26 -23.77
C HIS B 427 16.98 -18.99 -25.18
N TRP B 428 16.09 -18.57 -26.09
CA TRP B 428 16.45 -18.35 -27.49
C TRP B 428 16.87 -16.90 -27.69
N ARG B 429 18.06 -16.70 -28.26
CA ARG B 429 18.62 -15.36 -28.40
C ARG B 429 19.23 -15.07 -29.76
N ASP B 430 19.21 -16.02 -30.70
CA ASP B 430 19.77 -15.77 -32.02
C ASP B 430 18.93 -14.71 -32.75
N GLU B 431 19.62 -13.70 -33.28
CA GLU B 431 18.92 -12.57 -33.89
C GLU B 431 18.14 -12.98 -35.13
N ASN B 432 18.72 -13.83 -35.97
CA ASN B 432 18.09 -14.23 -37.22
C ASN B 432 17.29 -15.52 -37.03
N ALA B 433 16.39 -15.49 -36.05
CA ALA B 433 15.58 -16.66 -35.73
C ALA B 433 14.33 -16.20 -35.00
N CYS B 434 13.37 -17.13 -34.88
CA CYS B 434 12.15 -16.86 -34.15
C CYS B 434 12.45 -16.64 -32.67
N ARG B 435 11.75 -15.69 -32.06
CA ARG B 435 12.01 -15.33 -30.67
C ARG B 435 10.71 -14.89 -30.00
N VAL B 436 10.71 -14.93 -28.68
CA VAL B 436 9.64 -14.36 -27.87
C VAL B 436 10.07 -12.95 -27.50
N VAL B 437 9.25 -11.95 -27.87
CA VAL B 437 9.65 -10.56 -27.78
C VAL B 437 8.79 -9.74 -26.83
N GLY B 438 7.72 -10.31 -26.27
CA GLY B 438 6.91 -9.54 -25.36
C GLY B 438 5.75 -10.34 -24.83
N VAL B 439 4.94 -9.67 -24.00
CA VAL B 439 3.74 -10.25 -23.40
C VAL B 439 2.57 -9.32 -23.68
N ASP B 440 1.36 -9.87 -23.56
CA ASP B 440 0.14 -9.12 -23.80
C ASP B 440 -0.83 -9.35 -22.65
N LEU B 441 -1.63 -8.33 -22.36
CA LEU B 441 -2.69 -8.40 -21.36
C LEU B 441 -4.02 -8.16 -22.06
N ALA B 442 -4.68 -9.24 -22.45
CA ALA B 442 -5.95 -9.17 -23.17
C ALA B 442 -7.05 -9.85 -22.34
N GLY B 443 -8.22 -9.95 -22.93
CA GLY B 443 -9.35 -10.59 -22.30
C GLY B 443 -10.49 -9.63 -21.99
N TYR B 444 -11.34 -10.04 -21.06
CA TYR B 444 -12.48 -9.23 -20.67
C TYR B 444 -12.03 -8.05 -19.83
N GLU B 445 -12.48 -6.85 -20.19
CA GLU B 445 -12.06 -5.63 -19.53
C GLU B 445 -13.28 -4.87 -19.01
N ASP B 446 -13.15 -4.34 -17.80
CA ASP B 446 -14.18 -3.50 -17.18
C ASP B 446 -13.51 -2.68 -16.09
N GLU B 447 -14.33 -2.06 -15.23
CA GLU B 447 -13.80 -1.21 -14.17
C GLU B 447 -13.00 -2.03 -13.15
N LYS B 448 -13.48 -3.23 -12.82
CA LYS B 448 -12.85 -4.02 -11.77
C LYS B 448 -11.64 -4.81 -12.26
N THR B 449 -11.34 -4.78 -13.55
CA THR B 449 -10.19 -5.49 -14.12
C THR B 449 -9.30 -4.53 -14.89
N ARG B 450 -9.11 -3.33 -14.37
CA ARG B 450 -8.25 -2.36 -15.02
C ARG B 450 -6.78 -2.75 -14.87
N ALA B 451 -5.93 -2.07 -15.65
CA ALA B 451 -4.54 -2.47 -15.78
C ALA B 451 -3.74 -2.28 -14.49
N HIS B 452 -4.21 -1.45 -13.57
CA HIS B 452 -3.44 -1.17 -12.36
C HIS B 452 -3.63 -2.22 -11.28
N TYR B 453 -4.47 -3.23 -11.52
CA TYR B 453 -4.66 -4.32 -10.57
C TYR B 453 -3.70 -5.49 -10.80
N PHE B 454 -2.83 -5.39 -11.80
CA PHE B 454 -1.89 -6.45 -12.14
C PHE B 454 -0.45 -5.96 -12.11
N ARG B 455 -0.16 -4.98 -11.26
CA ARG B 455 1.18 -4.39 -11.24
C ARG B 455 2.20 -5.34 -10.61
N GLU B 456 1.83 -6.00 -9.51
CA GLU B 456 2.75 -6.91 -8.84
C GLU B 456 3.04 -8.14 -9.69
N GLU B 457 2.15 -8.47 -10.62
CA GLU B 457 2.44 -9.55 -11.56
C GLU B 457 3.48 -9.14 -12.59
N PHE B 458 3.44 -7.89 -13.05
CA PHE B 458 4.31 -7.40 -14.11
C PHE B 458 5.61 -6.79 -13.61
N THR B 459 5.79 -6.68 -12.29
CA THR B 459 7.05 -6.15 -11.78
C THR B 459 8.24 -7.02 -12.20
N ALA B 460 8.06 -8.35 -12.21
CA ALA B 460 9.14 -9.23 -12.65
C ALA B 460 9.41 -9.09 -14.13
N VAL B 461 8.37 -8.94 -14.94
CA VAL B 461 8.54 -8.74 -16.38
C VAL B 461 9.32 -7.46 -16.64
N HIS B 462 9.00 -6.40 -15.90
CA HIS B 462 9.74 -5.15 -16.05
C HIS B 462 11.18 -5.29 -15.58
N ARG B 463 11.40 -6.04 -14.50
CA ARG B 463 12.77 -6.24 -14.01
C ARG B 463 13.62 -6.99 -15.04
N CYS B 464 13.05 -8.01 -15.68
CA CYS B 464 13.81 -8.78 -16.66
C CYS B 464 13.95 -8.07 -18.01
N GLY B 465 13.13 -7.04 -18.28
CA GLY B 465 13.29 -6.26 -19.48
C GLY B 465 12.57 -6.81 -20.70
N LEU B 466 11.26 -7.02 -20.59
CA LEU B 466 10.42 -7.44 -21.71
C LEU B 466 9.40 -6.36 -22.03
N ALA B 467 9.04 -6.29 -23.32
CA ALA B 467 8.06 -5.32 -23.77
C ALA B 467 6.64 -5.77 -23.41
N VAL B 468 5.76 -4.79 -23.20
CA VAL B 468 4.40 -5.03 -22.73
C VAL B 468 3.43 -4.30 -23.63
N THR B 469 2.37 -4.99 -24.06
CA THR B 469 1.26 -4.39 -24.79
C THR B 469 -0.04 -4.76 -24.09
N VAL B 470 -0.97 -3.81 -24.04
CA VAL B 470 -2.20 -3.96 -23.27
C VAL B 470 -3.40 -3.68 -24.16
N HIS B 471 -4.42 -4.54 -24.07
CA HIS B 471 -5.72 -4.29 -24.69
C HIS B 471 -6.49 -3.30 -23.83
N ALA B 472 -6.74 -2.10 -24.34
CA ALA B 472 -7.43 -1.08 -23.57
C ALA B 472 -8.17 -0.13 -24.50
N GLY B 473 -9.35 0.30 -24.08
CA GLY B 473 -10.14 1.27 -24.80
C GLY B 473 -11.25 0.71 -25.65
N GLU B 474 -11.29 -0.61 -25.85
CA GLU B 474 -12.34 -1.20 -26.68
C GLU B 474 -13.70 -1.07 -26.03
N ASN B 475 -13.79 -1.36 -24.73
CA ASN B 475 -15.04 -1.32 -23.99
C ASN B 475 -14.88 -0.57 -22.68
N ASP B 476 -14.12 0.52 -22.70
CA ASP B 476 -13.86 1.29 -21.49
C ASP B 476 -13.53 2.72 -21.87
N ASP B 477 -13.58 3.61 -20.89
CA ASP B 477 -13.26 5.01 -21.09
C ASP B 477 -11.75 5.22 -21.07
N ALA B 478 -11.31 6.47 -21.09
CA ALA B 478 -9.90 6.79 -21.17
C ALA B 478 -9.14 6.49 -19.87
N GLU B 479 -9.85 6.23 -18.77
CA GLU B 479 -9.16 5.94 -17.51
C GLU B 479 -8.36 4.65 -17.60
N GLY B 480 -8.92 3.63 -18.27
CA GLY B 480 -8.17 2.41 -18.49
C GLY B 480 -6.90 2.65 -19.31
N ILE B 481 -7.00 3.51 -20.32
CA ILE B 481 -5.83 3.84 -21.12
C ILE B 481 -4.78 4.54 -20.27
N TRP B 482 -5.21 5.48 -19.42
CA TRP B 482 -4.27 6.18 -18.56
C TRP B 482 -3.57 5.22 -17.61
N ARG B 483 -4.34 4.31 -17.00
CA ARG B 483 -3.74 3.34 -16.08
C ARG B 483 -2.79 2.39 -16.80
N ALA B 484 -3.13 1.95 -18.01
CA ALA B 484 -2.21 1.10 -18.76
C ALA B 484 -0.92 1.84 -19.09
N VAL B 485 -1.02 3.12 -19.45
CA VAL B 485 0.17 3.87 -19.84
C VAL B 485 1.06 4.14 -18.63
N PHE B 486 0.48 4.56 -17.51
CA PHE B 486 1.26 5.07 -16.39
C PHE B 486 1.41 4.11 -15.23
N ASP B 487 0.91 2.87 -15.34
CA ASP B 487 1.03 1.95 -14.22
C ASP B 487 1.68 0.63 -14.62
N LEU B 488 1.40 0.15 -15.83
CA LEU B 488 2.10 -1.01 -16.38
C LEU B 488 3.20 -0.63 -17.36
N ASN B 489 3.44 0.66 -17.57
CA ASN B 489 4.51 1.13 -18.46
C ASN B 489 4.40 0.49 -19.84
N ALA B 490 3.17 0.43 -20.36
CA ALA B 490 2.92 -0.20 -21.64
C ALA B 490 3.60 0.55 -22.78
N ARG B 491 4.04 -0.19 -23.80
CA ARG B 491 4.70 0.39 -24.95
C ARG B 491 3.81 0.46 -26.19
N ARG B 492 2.79 -0.39 -26.29
CA ARG B 492 1.81 -0.30 -27.37
C ARG B 492 0.42 -0.50 -26.79
N LEU B 493 -0.57 0.05 -27.49
CA LEU B 493 -1.96 0.03 -27.06
C LEU B 493 -2.82 -0.57 -28.15
N GLY B 494 -3.75 -1.45 -27.77
CA GLY B 494 -4.64 -2.11 -28.70
C GLY B 494 -6.07 -1.64 -28.51
N HIS B 495 -6.70 -1.27 -29.63
CA HIS B 495 -8.10 -0.84 -29.65
C HIS B 495 -8.34 0.37 -28.75
N ALA B 496 -7.49 1.38 -28.88
CA ALA B 496 -7.61 2.59 -28.08
C ALA B 496 -8.60 3.55 -28.75
N LEU B 497 -9.87 3.14 -28.73
CA LEU B 497 -10.92 3.89 -29.41
C LEU B 497 -11.39 5.10 -28.61
N SER B 498 -11.13 5.15 -27.31
CA SER B 498 -11.58 6.25 -26.46
C SER B 498 -10.45 7.18 -26.06
N LEU B 499 -9.33 7.16 -26.80
CA LEU B 499 -8.20 8.02 -26.49
C LEU B 499 -8.54 9.50 -26.71
N GLY B 500 -9.49 9.78 -27.60
CA GLY B 500 -9.83 11.16 -27.92
C GLY B 500 -10.62 11.90 -26.88
N GLN B 501 -11.11 11.21 -25.85
CA GLN B 501 -11.89 11.88 -24.80
C GLN B 501 -11.02 12.78 -23.94
N SER B 502 -9.75 12.42 -23.74
CA SER B 502 -8.84 13.19 -22.89
C SER B 502 -7.75 13.79 -23.77
N ARG B 503 -7.74 15.13 -23.85
CA ARG B 503 -6.70 15.82 -24.61
C ARG B 503 -5.32 15.61 -24.03
N GLU B 504 -5.20 15.68 -22.70
CA GLU B 504 -3.89 15.55 -22.06
C GLU B 504 -3.30 14.16 -22.27
N LEU B 505 -4.13 13.12 -22.14
CA LEU B 505 -3.64 11.76 -22.33
C LEU B 505 -3.20 11.54 -23.77
N LEU B 506 -3.96 12.07 -24.74
CA LEU B 506 -3.56 11.95 -26.14
C LEU B 506 -2.25 12.68 -26.40
N ARG B 507 -2.09 13.87 -25.82
CA ARG B 507 -0.85 14.61 -25.99
C ARG B 507 0.33 13.85 -25.40
N SER B 508 0.14 13.25 -24.21
CA SER B 508 1.21 12.46 -23.60
C SER B 508 1.56 11.24 -24.45
N VAL B 509 0.54 10.56 -24.98
CA VAL B 509 0.79 9.39 -25.82
C VAL B 509 1.56 9.77 -27.07
N ALA B 510 1.17 10.88 -27.70
CA ALA B 510 1.89 11.33 -28.89
C ALA B 510 3.33 11.73 -28.55
N ASP B 511 3.53 12.39 -27.42
CA ASP B 511 4.87 12.86 -27.06
C ASP B 511 5.79 11.70 -26.69
N ARG B 512 5.25 10.65 -26.06
CA ARG B 512 6.07 9.54 -25.61
C ARG B 512 6.30 8.49 -26.69
N GLY B 513 5.68 8.63 -27.86
CA GLY B 513 5.87 7.67 -28.93
C GLY B 513 5.31 6.29 -28.66
N ILE B 514 4.16 6.20 -28.01
CA ILE B 514 3.52 4.92 -27.74
C ILE B 514 2.63 4.55 -28.92
N GLY B 515 2.80 3.33 -29.42
CA GLY B 515 2.05 2.91 -30.59
C GLY B 515 0.61 2.56 -30.28
N VAL B 516 -0.25 2.76 -31.28
CA VAL B 516 -1.68 2.46 -31.19
C VAL B 516 -2.02 1.53 -32.34
N GLU B 517 -2.78 0.48 -32.04
CA GLU B 517 -3.14 -0.54 -33.02
C GLU B 517 -4.65 -0.51 -33.25
N LEU B 518 -5.05 -0.44 -34.53
CA LEU B 518 -6.45 -0.37 -34.90
C LEU B 518 -6.78 -1.53 -35.84
N CYS B 519 -7.98 -2.08 -35.68
CA CYS B 519 -8.47 -3.20 -36.49
C CYS B 519 -9.81 -2.80 -37.09
N PRO B 520 -9.82 -2.23 -38.29
CA PRO B 520 -11.07 -1.64 -38.82
C PRO B 520 -12.25 -2.60 -38.87
N TYR B 521 -12.05 -3.83 -39.34
CA TYR B 521 -13.18 -4.76 -39.47
C TYR B 521 -13.75 -5.12 -38.11
N ALA B 522 -12.88 -5.48 -37.15
CA ALA B 522 -13.36 -5.86 -35.82
C ALA B 522 -14.05 -4.69 -35.13
N ASN B 523 -13.48 -3.48 -35.27
CA ASN B 523 -14.11 -2.31 -34.66
C ASN B 523 -15.47 -2.04 -35.26
N LEU B 524 -15.61 -2.15 -36.58
CA LEU B 524 -16.91 -1.94 -37.21
C LEU B 524 -17.90 -3.02 -36.78
N GLN B 525 -17.44 -4.25 -36.63
CA GLN B 525 -18.33 -5.37 -36.33
C GLN B 525 -18.78 -5.36 -34.87
N ILE B 526 -17.96 -4.81 -33.97
CA ILE B 526 -18.28 -4.81 -32.54
C ILE B 526 -18.95 -3.51 -32.11
N LYS B 527 -18.36 -2.36 -32.48
CA LYS B 527 -18.89 -1.08 -32.06
C LYS B 527 -19.85 -0.45 -33.06
N GLY B 528 -19.68 -0.73 -34.35
CA GLY B 528 -20.48 -0.09 -35.37
C GLY B 528 -19.95 1.27 -35.73
N PHE B 529 -19.79 1.54 -37.03
CA PHE B 529 -19.27 2.81 -37.49
C PHE B 529 -19.91 3.16 -38.83
N ARG B 530 -20.14 4.44 -39.05
CA ARG B 530 -20.75 4.88 -40.31
C ARG B 530 -19.79 4.65 -41.47
N LEU B 531 -20.35 4.28 -42.62
CA LEU B 531 -19.58 3.98 -43.81
C LEU B 531 -19.82 5.03 -44.88
N ASP B 532 -18.76 5.40 -45.59
CA ASP B 532 -18.82 6.34 -46.71
C ASP B 532 -19.35 7.71 -46.29
N GLY B 533 -19.18 8.04 -45.02
CA GLY B 533 -19.64 9.33 -44.52
C GLY B 533 -21.13 9.55 -44.62
N SER B 534 -21.91 8.51 -44.32
CA SER B 534 -23.36 8.62 -44.40
C SER B 534 -23.96 8.94 -43.03
N ALA B 548 -24.91 6.32 -31.40
CA ALA B 548 -24.02 7.35 -31.96
C ALA B 548 -22.58 7.10 -31.52
N PRO B 549 -21.88 6.23 -32.24
CA PRO B 549 -20.48 5.95 -31.85
C PRO B 549 -19.51 7.04 -32.26
N GLY B 550 -19.87 7.86 -33.25
CA GLY B 550 -18.99 8.92 -33.71
C GLY B 550 -18.11 8.48 -34.87
N PRO B 551 -17.30 9.40 -35.37
CA PRO B 551 -16.43 9.07 -36.50
C PRO B 551 -15.25 8.21 -36.08
N TYR B 552 -14.69 7.51 -37.06
CA TYR B 552 -13.50 6.69 -36.80
C TYR B 552 -12.33 7.61 -36.48
N PRO B 553 -11.56 7.33 -35.42
CA PRO B 553 -10.55 8.28 -34.97
C PRO B 553 -9.20 8.15 -35.66
N LEU B 554 -9.15 7.45 -36.80
CA LEU B 554 -7.88 7.21 -37.47
C LEU B 554 -7.27 8.52 -37.98
N LEU B 555 -8.06 9.34 -38.66
CA LEU B 555 -7.54 10.60 -39.21
C LEU B 555 -7.13 11.55 -38.11
N ASP B 556 -7.90 11.63 -37.03
CA ASP B 556 -7.54 12.49 -35.91
C ASP B 556 -6.21 12.08 -35.31
N TYR B 557 -6.02 10.77 -35.10
CA TYR B 557 -4.76 10.28 -34.55
C TYR B 557 -3.60 10.57 -35.49
N LEU B 558 -3.81 10.39 -36.81
CA LEU B 558 -2.75 10.68 -37.76
C LEU B 558 -2.38 12.15 -37.76
N ARG B 559 -3.38 13.04 -37.67
CA ARG B 559 -3.09 14.47 -37.67
C ARG B 559 -2.43 14.92 -36.37
N GLU B 560 -2.78 14.29 -35.24
CA GLU B 560 -2.22 14.71 -33.96
C GLU B 560 -0.76 14.32 -33.82
N GLY B 561 -0.33 13.26 -34.48
CA GLY B 561 1.06 12.83 -34.39
C GLY B 561 1.24 11.51 -33.67
N VAL B 562 0.14 10.79 -33.48
CA VAL B 562 0.17 9.50 -32.78
C VAL B 562 0.66 8.42 -33.73
N ARG B 563 1.51 7.53 -33.23
CA ARG B 563 2.02 6.40 -34.01
C ARG B 563 0.92 5.35 -34.08
N VAL B 564 0.08 5.44 -35.11
CA VAL B 564 -1.09 4.58 -35.26
C VAL B 564 -0.87 3.62 -36.42
N THR B 565 -1.35 2.39 -36.28
CA THR B 565 -1.17 1.34 -37.26
C THR B 565 -2.48 0.60 -37.48
N VAL B 566 -2.58 -0.09 -38.61
CA VAL B 566 -3.76 -0.85 -39.00
C VAL B 566 -3.40 -2.33 -39.03
N ASN B 567 -4.25 -3.15 -38.43
CA ASN B 567 -3.99 -4.59 -38.33
C ASN B 567 -5.24 -5.42 -38.64
N THR B 568 -5.18 -6.73 -38.37
CA THR B 568 -6.26 -7.64 -38.74
C THR B 568 -7.00 -8.25 -37.57
N ASP B 569 -6.40 -8.29 -36.38
CA ASP B 569 -6.98 -8.91 -35.19
C ASP B 569 -7.15 -10.39 -35.48
N ASN B 570 -8.35 -10.93 -35.61
CA ASN B 570 -8.54 -12.32 -35.98
C ASN B 570 -8.86 -12.40 -37.47
N ILE B 571 -8.05 -13.16 -38.21
CA ILE B 571 -8.25 -13.29 -39.65
C ILE B 571 -9.51 -14.11 -39.94
N GLY B 572 -9.70 -15.21 -39.22
CA GLY B 572 -10.80 -16.11 -39.48
C GLY B 572 -12.16 -15.62 -39.03
N ILE B 573 -12.25 -15.15 -37.78
CA ILE B 573 -13.55 -14.71 -37.25
C ILE B 573 -14.04 -13.49 -38.02
N SER B 574 -13.16 -12.51 -38.25
CA SER B 574 -13.54 -11.31 -38.98
C SER B 574 -13.68 -11.55 -40.48
N ALA B 575 -13.11 -12.65 -41.00
CA ALA B 575 -13.21 -13.02 -42.41
C ALA B 575 -12.70 -11.90 -43.31
N ALA B 576 -11.53 -11.36 -42.97
CA ALA B 576 -10.92 -10.30 -43.75
C ALA B 576 -9.41 -10.38 -43.60
N SER B 577 -8.71 -9.77 -44.54
CA SER B 577 -7.25 -9.78 -44.57
C SER B 577 -6.73 -8.34 -44.47
N LEU B 578 -5.40 -8.20 -44.43
CA LEU B 578 -4.80 -6.90 -44.18
C LEU B 578 -5.07 -5.91 -45.31
N THR B 579 -5.04 -6.39 -46.55
CA THR B 579 -5.41 -5.54 -47.69
C THR B 579 -6.85 -5.07 -47.56
N ASP B 580 -7.75 -5.98 -47.21
CA ASP B 580 -9.15 -5.61 -47.00
C ASP B 580 -9.28 -4.62 -45.84
N ASN B 581 -8.47 -4.80 -44.79
CA ASN B 581 -8.50 -3.87 -43.67
C ASN B 581 -8.05 -2.48 -44.10
N LEU B 582 -7.01 -2.39 -44.93
CA LEU B 582 -6.57 -1.08 -45.41
C LEU B 582 -7.63 -0.42 -46.27
N LEU B 583 -8.26 -1.18 -47.16
CA LEU B 583 -9.31 -0.61 -48.00
C LEU B 583 -10.51 -0.16 -47.16
N LEU B 584 -10.89 -0.95 -46.16
CA LEU B 584 -12.00 -0.56 -45.29
C LEU B 584 -11.63 0.65 -44.44
N ALA B 585 -10.35 0.78 -44.06
CA ALA B 585 -9.92 1.98 -43.35
C ALA B 585 -10.04 3.21 -44.24
N ALA B 586 -9.72 3.05 -45.52
CA ALA B 586 -9.96 4.14 -46.46
C ALA B 586 -11.45 4.47 -46.56
N ARG B 587 -12.30 3.44 -46.54
CA ARG B 587 -13.75 3.67 -46.61
C ARG B 587 -14.27 4.37 -45.35
N LEU B 588 -13.71 4.03 -44.18
CA LEU B 588 -14.25 4.55 -42.92
C LEU B 588 -13.91 6.01 -42.72
N CYS B 589 -12.78 6.47 -43.26
CA CYS B 589 -12.33 7.86 -43.12
C CYS B 589 -12.17 8.46 -44.51
N PRO B 590 -13.23 9.01 -45.09
CA PRO B 590 -13.11 9.64 -46.41
C PRO B 590 -12.05 10.75 -46.39
N GLY B 591 -11.31 10.84 -47.48
CA GLY B 591 -10.20 11.78 -47.57
C GLY B 591 -8.84 11.20 -47.25
N LEU B 592 -8.79 9.95 -46.79
CA LEU B 592 -7.51 9.29 -46.55
C LEU B 592 -6.74 9.13 -47.85
N THR B 593 -5.45 9.46 -47.82
CA THR B 593 -4.60 9.40 -48.99
C THR B 593 -3.65 8.20 -48.93
N ARG B 594 -2.93 8.00 -50.02
CA ARG B 594 -1.98 6.90 -50.13
C ARG B 594 -0.71 7.16 -49.33
N LEU B 595 -0.27 8.42 -49.31
CA LEU B 595 0.82 8.81 -48.41
C LEU B 595 0.50 8.47 -46.97
N ASP B 596 -0.78 8.52 -46.59
CA ASP B 596 -1.17 8.10 -45.25
C ASP B 596 -0.93 6.61 -45.04
N LEU B 597 -1.19 5.79 -46.06
CA LEU B 597 -0.89 4.37 -45.95
C LEU B 597 0.61 4.13 -45.78
N LEU B 598 1.44 4.87 -46.54
CA LEU B 598 2.88 4.76 -46.38
C LEU B 598 3.31 5.20 -44.98
N HIS B 599 2.69 6.25 -44.46
CA HIS B 599 2.99 6.69 -43.10
C HIS B 599 2.60 5.64 -42.07
N LEU B 600 1.48 4.95 -42.30
CA LEU B 600 1.09 3.86 -41.40
C LEU B 600 2.11 2.75 -41.41
N GLN B 601 2.61 2.38 -42.59
CA GLN B 601 3.66 1.37 -42.67
C GLN B 601 4.92 1.82 -41.94
N ARG B 602 5.30 3.09 -42.11
CA ARG B 602 6.47 3.61 -41.41
C ARG B 602 6.27 3.56 -39.89
N HIS B 603 5.08 3.91 -39.42
CA HIS B 603 4.80 3.88 -37.99
C HIS B 603 4.88 2.46 -37.45
N ALA B 604 4.34 1.50 -38.20
CA ALA B 604 4.46 0.09 -37.81
C ALA B 604 5.93 -0.33 -37.75
N LEU B 605 6.73 0.15 -38.69
CA LEU B 605 8.16 -0.15 -38.65
C LEU B 605 8.83 0.40 -37.40
N GLU B 606 8.48 1.63 -37.03
CA GLU B 606 9.14 2.25 -35.87
C GLU B 606 8.62 1.74 -34.53
N THR B 607 7.44 1.14 -34.48
CA THR B 607 6.91 0.64 -33.21
C THR B 607 7.07 -0.87 -33.04
N ALA B 608 7.86 -1.52 -33.89
CA ALA B 608 8.04 -2.96 -33.80
C ALA B 608 8.97 -3.32 -32.64
N PHE B 609 8.81 -4.56 -32.16
CA PHE B 609 9.60 -5.07 -31.04
C PHE B 609 10.81 -5.85 -31.57
N CYS B 610 11.64 -5.15 -32.34
CA CYS B 610 12.78 -5.77 -33.00
C CYS B 610 14.05 -4.99 -32.66
N THR B 611 15.18 -5.48 -33.17
CA THR B 611 16.46 -4.84 -32.95
C THR B 611 16.70 -3.73 -33.96
N ALA B 612 17.72 -2.91 -33.68
CA ALA B 612 18.03 -1.77 -34.54
C ALA B 612 18.49 -2.23 -35.93
N THR B 613 19.35 -3.26 -35.98
CA THR B 613 19.84 -3.75 -37.27
C THR B 613 18.70 -4.30 -38.11
N GLN B 614 17.82 -5.09 -37.50
CA GLN B 614 16.67 -5.63 -38.22
C GLN B 614 15.74 -4.52 -38.68
N ARG B 615 15.58 -3.47 -37.86
CA ARG B 615 14.75 -2.34 -38.25
C ARG B 615 15.34 -1.62 -39.46
N LEU B 616 16.66 -1.43 -39.47
CA LEU B 616 17.30 -0.79 -40.62
C LEU B 616 17.16 -1.64 -41.87
N THR B 617 17.34 -2.97 -41.74
CA THR B 617 17.17 -3.85 -42.89
C THR B 617 15.75 -3.81 -43.42
N LEU B 618 14.76 -3.80 -42.52
CA LEU B 618 13.37 -3.71 -42.93
C LEU B 618 13.08 -2.38 -43.63
N LEU B 619 13.66 -1.29 -43.12
CA LEU B 619 13.49 0.00 -43.78
C LEU B 619 14.02 -0.03 -45.21
N ARG B 620 15.24 -0.56 -45.37
CA ARG B 620 15.83 -0.66 -46.70
C ARG B 620 14.97 -1.53 -47.62
N ARG B 621 14.47 -2.65 -47.11
CA ARG B 621 13.68 -3.55 -47.94
C ARG B 621 12.35 -2.93 -48.34
N ILE B 622 11.66 -2.27 -47.41
CA ILE B 622 10.36 -1.67 -47.72
C ILE B 622 10.51 -0.49 -48.65
N SER B 623 11.58 0.30 -48.49
CA SER B 623 11.75 1.48 -49.32
C SER B 623 11.85 1.14 -50.80
N SER B 624 12.57 0.07 -51.13
CA SER B 624 12.80 -0.33 -52.51
C SER B 624 11.81 -1.38 -53.00
N GLY B 625 10.61 -1.43 -52.43
CA GLY B 625 9.64 -2.42 -52.83
C GLY B 625 8.26 -1.85 -53.10
N ILE B 626 8.12 -0.53 -53.02
CA ILE B 626 6.85 0.14 -53.25
C ILE B 626 6.60 0.18 -54.76
N PRO B 627 5.47 -0.33 -55.23
CA PRO B 627 5.21 -0.33 -56.67
C PRO B 627 4.74 1.03 -57.17
N ARG B 628 5.07 1.32 -58.41
CA ARG B 628 4.72 2.57 -59.07
C ARG B 628 3.34 2.48 -59.72
N PRO B 629 2.63 3.60 -59.88
CA PRO B 629 1.30 3.60 -60.51
C PRO B 629 1.36 3.21 -61.98
N ASN C 2 -19.28 -80.69 7.02
CA ASN C 2 -18.87 -81.34 5.79
C ASN C 2 -17.35 -81.30 5.64
N VAL C 3 -16.65 -81.26 6.77
CA VAL C 3 -15.20 -81.21 6.77
C VAL C 3 -14.65 -82.63 6.66
N GLN C 4 -13.37 -82.74 6.32
CA GLN C 4 -12.75 -84.05 6.13
C GLN C 4 -12.37 -84.71 7.45
N ALA C 5 -12.08 -83.91 8.48
CA ALA C 5 -11.90 -84.41 9.85
C ALA C 5 -10.76 -85.43 9.93
N HIS C 6 -9.55 -84.92 9.70
CA HIS C 6 -8.35 -85.71 9.93
C HIS C 6 -8.12 -85.91 11.44
N LEU C 7 -7.42 -86.99 11.78
CA LEU C 7 -7.13 -87.31 13.18
C LEU C 7 -5.62 -87.43 13.36
N PHE C 8 -5.11 -86.83 14.44
CA PHE C 8 -3.70 -86.89 14.80
C PHE C 8 -3.59 -87.48 16.19
N VAL C 9 -2.71 -88.46 16.35
CA VAL C 9 -2.56 -89.16 17.62
C VAL C 9 -1.14 -89.69 17.73
N SER C 10 -0.55 -89.56 18.93
CA SER C 10 0.74 -90.16 19.23
C SER C 10 0.54 -91.53 19.86
N LEU C 11 1.54 -92.39 19.69
CA LEU C 11 1.48 -93.77 20.16
C LEU C 11 2.64 -94.05 21.10
N GLY C 12 2.36 -94.73 22.20
CA GLY C 12 3.35 -95.19 23.14
C GLY C 12 3.58 -96.69 23.04
N THR C 13 3.98 -97.29 24.16
CA THR C 13 4.21 -98.72 24.20
C THR C 13 2.94 -99.52 24.45
N ALA C 14 1.81 -98.85 24.67
CA ALA C 14 0.54 -99.53 24.91
C ALA C 14 -0.38 -99.33 23.72
N PRO C 15 -0.62 -100.34 22.89
CA PRO C 15 -1.55 -100.19 21.76
C PRO C 15 -2.99 -100.20 22.23
N ALA C 16 -3.92 -100.25 21.27
CA ALA C 16 -5.36 -100.23 21.49
C ALA C 16 -5.87 -98.88 21.96
N ILE C 17 -5.06 -97.83 21.81
CA ILE C 17 -5.49 -96.46 22.02
C ILE C 17 -5.97 -95.82 20.73
N VAL C 18 -5.24 -96.04 19.63
CA VAL C 18 -5.63 -95.46 18.35
C VAL C 18 -6.99 -95.96 17.88
N PRO C 19 -7.29 -97.27 17.89
CA PRO C 19 -8.67 -97.69 17.63
C PRO C 19 -9.66 -97.13 18.64
N GLU C 20 -9.24 -97.00 19.89
CA GLU C 20 -10.11 -96.46 20.93
C GLU C 20 -10.40 -94.98 20.70
N ALA C 21 -9.39 -94.21 20.29
CA ALA C 21 -9.60 -92.79 20.01
C ALA C 21 -10.28 -92.57 18.67
N PHE C 22 -10.24 -93.55 17.77
CA PHE C 22 -10.89 -93.40 16.47
C PHE C 22 -12.40 -93.33 16.62
N LEU C 23 -12.96 -93.96 17.64
CA LEU C 23 -14.42 -94.03 17.82
C LEU C 23 -14.95 -92.83 18.61
N LEU C 24 -14.58 -91.63 18.18
CA LEU C 24 -15.09 -90.43 18.82
C LEU C 24 -16.53 -90.20 18.39
N PRO C 25 -17.47 -90.06 19.32
CA PRO C 25 -18.88 -89.93 18.93
C PRO C 25 -19.12 -88.67 18.12
N GLY C 26 -19.99 -88.79 17.12
CA GLY C 26 -20.33 -87.66 16.28
C GLY C 26 -19.17 -87.11 15.47
N ALA C 27 -18.29 -87.99 14.99
CA ALA C 27 -17.16 -87.55 14.18
C ALA C 27 -16.68 -88.74 13.35
N ARG C 28 -16.86 -88.67 12.04
CA ARG C 28 -16.41 -89.71 11.13
C ARG C 28 -15.07 -89.27 10.55
N PHE C 29 -14.01 -90.00 10.90
CA PHE C 29 -12.66 -89.59 10.56
C PHE C 29 -12.24 -90.14 9.21
N VAL C 30 -11.36 -89.39 8.54
CA VAL C 30 -10.72 -89.81 7.31
C VAL C 30 -9.22 -89.60 7.46
N SER C 31 -8.42 -90.60 7.09
CA SER C 31 -6.97 -90.52 7.07
C SER C 31 -6.40 -90.17 8.45
N VAL C 32 -6.59 -91.10 9.38
CA VAL C 32 -5.96 -91.00 10.69
C VAL C 32 -4.44 -91.12 10.54
N HIS C 33 -3.71 -90.36 11.35
CA HIS C 33 -2.25 -90.32 11.31
C HIS C 33 -1.70 -90.64 12.69
N VAL C 34 -0.63 -91.44 12.71
CA VAL C 34 -0.03 -91.92 13.95
C VAL C 34 1.44 -91.55 13.98
N LEU C 35 1.89 -91.02 15.11
CA LEU C 35 3.29 -90.65 15.34
C LEU C 35 3.84 -91.52 16.46
N THR C 36 4.96 -92.20 16.19
CA THR C 36 5.51 -93.14 17.16
C THR C 36 7.03 -92.98 17.29
N THR C 37 7.68 -93.90 18.03
CA THR C 37 9.07 -93.73 18.40
C THR C 37 9.92 -94.94 18.03
N GLU C 38 9.47 -95.73 17.05
CA GLU C 38 10.24 -96.83 16.45
C GLU C 38 10.48 -97.99 17.41
N ARG C 39 10.17 -97.83 18.70
CA ARG C 39 10.23 -98.97 19.59
C ARG C 39 8.92 -99.78 19.56
N PRO C 40 7.74 -99.16 19.64
CA PRO C 40 6.50 -99.95 19.65
C PRO C 40 6.31 -100.75 18.37
N ASP C 41 5.24 -101.55 18.38
CA ASP C 41 4.76 -102.26 17.20
C ASP C 41 3.34 -101.80 16.87
N VAL C 42 2.96 -101.95 15.60
CA VAL C 42 1.70 -101.39 15.12
C VAL C 42 0.87 -102.43 14.37
N THR C 43 1.10 -103.72 14.66
CA THR C 43 0.34 -104.77 14.00
C THR C 43 -1.14 -104.68 14.37
N LEU C 44 -1.44 -104.39 15.64
CA LEU C 44 -2.83 -104.34 16.08
C LEU C 44 -3.61 -103.25 15.37
N ILE C 45 -3.02 -102.06 15.23
CA ILE C 45 -3.73 -100.94 14.61
C ILE C 45 -4.05 -101.25 13.16
N ARG C 46 -3.06 -101.81 12.44
CA ARG C 46 -3.29 -102.20 11.05
C ARG C 46 -4.36 -103.28 10.95
N GLU C 47 -4.33 -104.26 11.85
CA GLU C 47 -5.32 -105.32 11.82
C GLU C 47 -6.72 -104.79 12.08
N PHE C 48 -6.85 -103.85 13.03
CA PHE C 48 -8.14 -103.24 13.31
C PHE C 48 -8.65 -102.46 12.10
N PHE C 49 -7.80 -101.60 11.53
CA PHE C 49 -8.24 -100.77 10.42
C PHE C 49 -8.46 -101.56 9.15
N ARG C 50 -7.91 -102.78 9.06
CA ARG C 50 -8.13 -103.59 7.87
C ARG C 50 -9.51 -104.25 7.87
N ARG C 51 -10.04 -104.57 9.05
CA ARG C 51 -11.29 -105.32 9.15
C ARG C 51 -12.49 -104.46 9.51
N HIS C 52 -12.31 -103.33 10.19
CA HIS C 52 -13.42 -102.51 10.62
C HIS C 52 -13.53 -101.17 9.91
N ALA C 53 -12.54 -100.76 9.11
CA ALA C 53 -12.59 -99.49 8.40
C ALA C 53 -11.68 -99.55 7.18
N PRO C 54 -12.12 -100.21 6.10
CA PRO C 54 -11.27 -100.33 4.92
C PRO C 54 -10.88 -99.01 4.27
N GLY C 55 -11.67 -97.95 4.44
CA GLY C 55 -11.46 -96.72 3.70
C GLY C 55 -10.90 -95.56 4.50
N VAL C 56 -9.91 -95.83 5.36
CA VAL C 56 -9.35 -94.81 6.21
C VAL C 56 -7.87 -94.55 5.90
N ASN C 57 -7.22 -95.43 5.14
CA ASN C 57 -5.86 -95.29 4.59
C ASN C 57 -4.92 -94.56 5.57
N LEU C 58 -4.78 -95.18 6.74
CA LEU C 58 -3.92 -94.63 7.78
C LEU C 58 -2.46 -94.63 7.35
N THR C 59 -1.68 -93.72 7.94
CA THR C 59 -0.25 -93.64 7.73
C THR C 59 0.44 -93.63 9.08
N ILE C 60 1.67 -94.17 9.11
CA ILE C 60 2.43 -94.30 10.35
C ILE C 60 3.84 -93.78 10.11
N THR C 61 4.31 -92.89 10.99
CA THR C 61 5.63 -92.30 10.89
C THR C 61 6.44 -92.63 12.14
N ARG C 62 7.71 -92.95 11.93
CA ARG C 62 8.62 -93.29 13.01
C ARG C 62 9.71 -92.23 13.10
N VAL C 63 10.04 -91.81 14.31
CA VAL C 63 11.11 -90.83 14.53
C VAL C 63 12.43 -91.59 14.58
N ALA C 64 13.25 -91.42 13.55
CA ALA C 64 14.50 -92.16 13.44
C ALA C 64 15.49 -91.69 14.50
N GLY C 65 16.21 -92.65 15.10
CA GLY C 65 17.22 -92.32 16.08
C GLY C 65 16.69 -91.96 17.44
N PHE C 66 15.53 -92.48 17.83
CA PHE C 66 14.93 -92.22 19.14
C PHE C 66 14.61 -93.58 19.77
N GLN C 67 15.59 -94.15 20.47
CA GLN C 67 15.40 -95.45 21.11
C GLN C 67 14.71 -95.30 22.46
N ASP C 68 15.25 -94.45 23.33
CA ASP C 68 14.64 -94.21 24.64
C ASP C 68 14.99 -92.79 25.08
N LEU C 69 14.22 -92.29 26.05
CA LEU C 69 14.39 -90.93 26.54
C LEU C 69 15.51 -90.92 27.57
N LYS C 70 16.65 -90.33 27.17
CA LYS C 70 17.83 -90.26 28.02
C LYS C 70 18.23 -88.82 28.34
N SER C 71 18.32 -87.97 27.32
CA SER C 71 18.65 -86.56 27.49
C SER C 71 17.59 -85.69 26.83
N GLU C 72 17.84 -84.39 26.70
CA GLU C 72 16.89 -83.49 26.08
C GLU C 72 17.05 -83.40 24.56
N GLU C 73 18.17 -83.87 24.01
CA GLU C 73 18.39 -83.76 22.57
C GLU C 73 17.37 -84.57 21.78
N ASP C 74 17.08 -85.79 22.24
CA ASP C 74 16.11 -86.62 21.54
C ASP C 74 14.69 -86.04 21.66
N HIS C 75 14.37 -85.43 22.80
CA HIS C 75 13.09 -84.75 22.92
C HIS C 75 13.00 -83.58 21.94
N PHE C 76 14.09 -82.81 21.80
CA PHE C 76 14.08 -81.69 20.86
C PHE C 76 13.91 -82.18 19.42
N ARG C 77 14.61 -83.25 19.05
CA ARG C 77 14.46 -83.76 17.68
C ARG C 77 13.06 -84.31 17.46
N PHE C 78 12.48 -84.95 18.48
CA PHE C 78 11.09 -85.40 18.37
C PHE C 78 10.14 -84.23 18.18
N GLU C 79 10.37 -83.13 18.91
CA GLU C 79 9.51 -81.96 18.76
C GLU C 79 9.60 -81.38 17.36
N GLU C 80 10.82 -81.28 16.82
CA GLU C 80 10.99 -80.76 15.47
C GLU C 80 10.32 -81.65 14.44
N VAL C 81 10.48 -82.97 14.57
CA VAL C 81 9.84 -83.90 13.64
C VAL C 81 8.33 -83.82 13.76
N MET C 82 7.81 -83.65 14.98
CA MET C 82 6.37 -83.53 15.16
C MET C 82 5.83 -82.28 14.49
N PHE C 83 6.53 -81.16 14.62
CA PHE C 83 6.08 -79.94 13.96
C PHE C 83 6.09 -80.10 12.45
N ARG C 84 7.20 -80.60 11.90
CA ARG C 84 7.26 -80.78 10.44
C ARG C 84 6.28 -81.85 9.94
N TRP C 85 5.88 -82.78 10.81
CA TRP C 85 4.86 -83.75 10.45
C TRP C 85 3.47 -83.13 10.46
N PHE C 86 3.24 -82.18 11.38
CA PHE C 86 2.00 -81.41 11.35
C PHE C 86 1.91 -80.59 10.06
N LEU C 87 3.00 -79.92 9.67
CA LEU C 87 2.97 -79.15 8.44
C LEU C 87 3.03 -80.02 7.19
N ALA C 88 3.43 -81.29 7.31
CA ALA C 88 3.53 -82.14 6.13
C ALA C 88 2.17 -82.33 5.47
N SER C 89 1.14 -82.59 6.26
CA SER C 89 -0.22 -82.65 5.73
C SER C 89 -0.79 -81.25 5.60
N ARG C 90 -1.40 -80.97 4.45
CA ARG C 90 -1.93 -79.64 4.18
C ARG C 90 -3.02 -79.27 5.17
N THR C 91 -4.14 -79.99 5.12
CA THR C 91 -5.28 -79.82 6.03
C THR C 91 -5.61 -78.36 6.30
N GLY C 92 -5.99 -78.07 7.54
CA GLY C 92 -6.33 -76.73 7.95
C GLY C 92 -6.68 -76.69 9.42
N PRO C 93 -6.84 -75.48 9.97
CA PRO C 93 -7.18 -75.37 11.41
C PRO C 93 -8.47 -76.06 11.78
N GLU C 94 -9.45 -76.09 10.88
CA GLU C 94 -10.77 -76.64 11.18
C GLU C 94 -10.88 -78.15 10.91
N GLN C 95 -9.84 -78.77 10.34
CA GLN C 95 -9.86 -80.19 10.06
C GLN C 95 -9.00 -81.01 11.02
N ARG C 96 -8.32 -80.37 11.96
CA ARG C 96 -7.38 -81.06 12.83
C ARG C 96 -8.07 -81.55 14.10
N PHE C 97 -7.83 -82.81 14.43
CA PHE C 97 -8.29 -83.40 15.69
C PHE C 97 -7.08 -84.06 16.35
N VAL C 98 -6.73 -83.60 17.54
CA VAL C 98 -5.50 -84.01 18.22
C VAL C 98 -5.86 -84.78 19.47
N CYS C 99 -5.25 -85.96 19.63
CA CYS C 99 -5.41 -86.80 20.81
C CYS C 99 -4.05 -86.96 21.48
N LEU C 100 -3.90 -86.42 22.68
CA LEU C 100 -2.63 -86.46 23.40
C LEU C 100 -2.52 -87.66 24.33
N THR C 101 -2.81 -88.85 23.82
CA THR C 101 -2.78 -90.08 24.61
C THR C 101 -1.68 -90.98 24.08
N GLY C 102 -0.81 -91.42 24.97
CA GLY C 102 0.24 -92.33 24.57
C GLY C 102 1.60 -91.64 24.56
N GLY C 103 2.64 -92.42 24.84
CA GLY C 103 3.99 -91.89 24.90
C GLY C 103 4.29 -91.24 26.24
N PHE C 104 5.50 -90.71 26.33
CA PHE C 104 5.92 -90.03 27.56
C PHE C 104 5.09 -88.78 27.79
N LYS C 105 5.17 -88.27 29.03
CA LYS C 105 4.46 -87.05 29.37
C LYS C 105 4.92 -85.88 28.51
N THR C 106 6.22 -85.83 28.18
CA THR C 106 6.73 -84.77 27.33
C THR C 106 6.10 -84.83 25.95
N MET C 107 5.84 -86.04 25.43
CA MET C 107 5.20 -86.17 24.13
C MET C 107 3.80 -85.57 24.13
N SER C 108 2.99 -85.89 25.14
CA SER C 108 1.64 -85.35 25.21
C SER C 108 1.65 -83.85 25.42
N ALA C 109 2.57 -83.37 26.26
CA ALA C 109 2.70 -81.93 26.46
C ALA C 109 3.08 -81.22 25.18
N ALA C 110 3.99 -81.82 24.40
CA ALA C 110 4.36 -81.24 23.12
C ALA C 110 3.19 -81.25 22.14
N MET C 111 2.38 -82.31 22.18
CA MET C 111 1.18 -82.34 21.34
C MET C 111 0.22 -81.22 21.70
N GLN C 112 0.03 -80.98 23.00
CA GLN C 112 -0.79 -79.86 23.44
C GLN C 112 -0.22 -78.53 22.96
N LYS C 113 1.10 -78.36 23.07
CA LYS C 113 1.72 -77.11 22.64
C LYS C 113 1.56 -76.91 21.14
N ALA C 114 1.74 -77.98 20.36
CA ALA C 114 1.59 -77.87 18.90
C ALA C 114 0.16 -77.55 18.53
N ALA C 115 -0.81 -78.17 19.21
CA ALA C 115 -2.21 -77.87 18.93
C ALA C 115 -2.53 -76.41 19.28
N THR C 116 -2.00 -75.91 20.39
CA THR C 116 -2.23 -74.52 20.75
C THR C 116 -1.62 -73.57 19.73
N VAL C 117 -0.39 -73.84 19.30
CA VAL C 117 0.29 -72.95 18.35
C VAL C 117 -0.30 -72.98 16.95
N LEU C 118 -0.60 -74.16 16.42
CA LEU C 118 -1.08 -74.28 15.04
C LEU C 118 -2.60 -74.18 14.92
N GLY C 119 -3.33 -74.20 16.03
CA GLY C 119 -4.77 -73.97 15.98
C GLY C 119 -5.60 -75.16 15.54
N ALA C 120 -5.59 -76.22 16.33
CA ALA C 120 -6.42 -77.37 16.01
C ALA C 120 -7.90 -77.06 16.26
N ALA C 121 -8.76 -77.97 15.81
CA ALA C 121 -10.20 -77.83 15.98
C ALA C 121 -10.74 -78.55 17.20
N GLU C 122 -9.98 -79.51 17.76
CA GLU C 122 -10.39 -80.22 18.96
C GLU C 122 -9.22 -80.97 19.57
N VAL C 123 -9.02 -80.83 20.88
CA VAL C 123 -8.00 -81.55 21.62
C VAL C 123 -8.70 -82.39 22.68
N PHE C 124 -8.44 -83.70 22.68
CA PHE C 124 -9.15 -84.59 23.57
C PHE C 124 -8.23 -85.69 24.09
N HIS C 125 -8.62 -86.26 25.22
CA HIS C 125 -7.90 -87.32 25.90
C HIS C 125 -8.86 -88.48 26.13
N VAL C 126 -8.41 -89.70 25.90
CA VAL C 126 -9.28 -90.87 25.94
C VAL C 126 -8.95 -91.71 27.17
N LEU C 127 -10.00 -92.17 27.86
CA LEU C 127 -9.86 -92.98 29.05
C LEU C 127 -10.70 -94.25 28.89
N ALA C 128 -10.25 -95.32 29.54
CA ALA C 128 -10.97 -96.59 29.56
C ALA C 128 -11.16 -97.04 31.01
N ASP C 129 -11.83 -98.17 31.17
CA ASP C 129 -12.19 -98.69 32.48
C ASP C 129 -11.67 -100.11 32.66
N ASP C 130 -11.49 -100.50 33.92
CA ASP C 130 -11.07 -101.85 34.27
C ASP C 130 -12.28 -102.77 34.20
N CYS C 131 -12.45 -103.42 33.05
CA CYS C 131 -13.59 -104.31 32.81
C CYS C 131 -13.14 -105.59 32.12
N CYS C 132 -12.05 -106.18 32.61
CA CYS C 132 -11.47 -107.36 31.97
C CYS C 132 -11.09 -108.37 33.04
N VAL C 133 -11.04 -109.64 32.63
CA VAL C 133 -10.65 -110.72 33.53
C VAL C 133 -9.15 -110.98 33.45
N GLY C 134 -8.61 -111.14 32.23
CA GLY C 134 -7.21 -111.40 32.04
C GLY C 134 -6.74 -112.61 32.82
N PRO C 135 -5.44 -112.66 33.13
CA PRO C 135 -5.00 -113.59 34.16
C PRO C 135 -5.13 -113.14 35.62
N GLN C 136 -5.25 -111.85 35.93
CA GLN C 136 -5.70 -111.39 37.22
C GLN C 136 -6.74 -110.31 36.96
N GLY C 137 -7.76 -110.24 37.82
CA GLY C 137 -8.92 -109.42 37.53
C GLY C 137 -8.62 -107.94 37.45
N ARG C 138 -9.62 -107.20 36.95
CA ARG C 138 -9.60 -105.73 36.85
C ARG C 138 -8.43 -105.27 35.97
N LEU C 139 -8.54 -105.60 34.69
CA LEU C 139 -7.53 -105.26 33.70
C LEU C 139 -8.10 -104.29 32.67
N MET C 140 -7.21 -103.54 32.03
CA MET C 140 -7.58 -102.66 30.94
C MET C 140 -7.97 -103.48 29.71
N PRO C 141 -8.77 -102.91 28.81
CA PRO C 141 -9.08 -103.62 27.55
C PRO C 141 -7.83 -104.00 26.80
N PRO C 142 -7.57 -105.30 26.62
CA PRO C 142 -6.30 -105.74 26.03
C PRO C 142 -6.25 -105.53 24.53
N SER C 143 -5.21 -106.10 23.90
CA SER C 143 -5.05 -105.99 22.46
C SER C 143 -6.25 -106.53 21.69
N THR C 144 -7.03 -107.41 22.30
CA THR C 144 -8.16 -108.01 21.60
C THR C 144 -9.18 -106.96 21.20
N LEU C 145 -9.59 -107.01 19.93
CA LEU C 145 -10.46 -105.97 19.38
C LEU C 145 -11.90 -106.15 19.86
N GLU C 146 -12.32 -107.41 20.05
CA GLU C 146 -13.67 -107.67 20.52
C GLU C 146 -13.92 -107.04 21.88
N GLU C 147 -12.93 -107.07 22.76
CA GLU C 147 -13.07 -106.42 24.06
C GLU C 147 -13.25 -104.92 23.90
N ILE C 148 -12.52 -104.31 22.95
CA ILE C 148 -12.65 -102.87 22.72
C ILE C 148 -14.06 -102.54 22.24
N LEU C 149 -14.58 -103.32 21.29
CA LEU C 149 -15.93 -103.07 20.80
C LEU C 149 -16.97 -103.29 21.89
N TRP C 150 -16.78 -104.32 22.72
CA TRP C 150 -17.71 -104.57 23.81
C TRP C 150 -17.70 -103.44 24.83
N ALA C 151 -16.51 -102.91 25.15
CA ALA C 151 -16.40 -101.79 26.07
C ALA C 151 -17.07 -100.54 25.49
N ARG C 152 -16.89 -100.31 24.18
CA ARG C 152 -17.58 -99.19 23.54
C ARG C 152 -19.09 -99.35 23.64
N ASP C 153 -19.59 -100.56 23.37
CA ASP C 153 -21.03 -100.79 23.41
C ASP C 153 -21.59 -100.62 24.82
N GLN C 154 -20.88 -101.13 25.83
CA GLN C 154 -21.37 -101.02 27.20
C GLN C 154 -21.16 -99.63 27.78
N GLY C 155 -20.24 -98.85 27.24
CA GLY C 155 -20.05 -97.48 27.68
C GLY C 155 -18.97 -97.31 28.72
N HIS C 156 -17.78 -97.88 28.48
CA HIS C 156 -16.65 -97.75 29.37
C HIS C 156 -15.57 -96.82 28.81
N LEU C 157 -15.91 -96.01 27.81
CA LEU C 157 -15.00 -95.03 27.25
C LEU C 157 -15.57 -93.64 27.47
N HIS C 158 -14.68 -92.66 27.67
CA HIS C 158 -15.10 -91.38 28.22
C HIS C 158 -14.87 -90.20 27.30
N TRP C 159 -13.67 -90.06 26.72
CA TRP C 159 -13.36 -89.04 25.72
C TRP C 159 -13.59 -87.63 26.26
N ILE C 160 -12.77 -87.24 27.23
CA ILE C 160 -12.78 -85.84 27.68
C ILE C 160 -12.28 -84.95 26.55
N ARG C 161 -12.99 -83.84 26.32
CA ARG C 161 -12.72 -82.97 25.17
C ARG C 161 -12.53 -81.54 25.67
N LEU C 162 -11.30 -81.07 25.65
CA LEU C 162 -10.95 -79.77 26.24
C LEU C 162 -10.95 -78.65 25.19
N GLY C 163 -12.03 -78.60 24.41
CA GLY C 163 -12.32 -77.48 23.56
C GLY C 163 -11.37 -77.29 22.39
N PRO C 164 -11.71 -76.36 21.50
CA PRO C 164 -10.88 -76.10 20.32
C PRO C 164 -9.74 -75.13 20.62
N GLU C 165 -8.93 -74.88 19.60
CA GLU C 165 -7.85 -73.91 19.62
C GLU C 165 -7.96 -72.98 18.43
N ARG C 166 -7.16 -71.91 18.46
CA ARG C 166 -7.21 -70.87 17.43
C ARG C 166 -5.91 -70.74 16.66
N GLY C 167 -4.77 -70.69 17.34
CA GLY C 167 -3.48 -70.60 16.69
C GLY C 167 -3.09 -69.18 16.31
N TRP C 168 -1.91 -69.06 15.73
CA TRP C 168 -1.42 -67.74 15.34
C TRP C 168 -1.68 -67.50 13.86
N PRO C 169 -2.04 -66.26 13.50
CA PRO C 169 -2.50 -66.02 12.12
C PRO C 169 -1.49 -66.39 11.04
N GLN C 170 -0.20 -66.16 11.27
CA GLN C 170 0.81 -66.45 10.26
C GLN C 170 1.39 -67.84 10.36
N LEU C 171 0.95 -68.66 11.32
CA LEU C 171 1.39 -70.03 11.44
C LEU C 171 0.31 -71.04 11.04
N ARG C 172 -0.86 -70.56 10.60
CA ARG C 172 -1.97 -71.48 10.34
C ARG C 172 -1.74 -72.32 9.09
N ARG C 173 -1.08 -71.77 8.07
CA ARG C 173 -0.90 -72.48 6.81
C ARG C 173 0.57 -72.81 6.53
N ILE C 174 1.44 -71.80 6.50
CA ILE C 174 2.85 -71.94 6.11
C ILE C 174 2.87 -72.70 4.78
N ALA C 175 3.77 -73.66 4.63
CA ALA C 175 3.89 -74.47 3.42
C ALA C 175 4.84 -75.63 3.69
N PRO C 176 4.51 -76.85 3.25
CA PRO C 176 5.44 -77.97 3.43
C PRO C 176 6.83 -77.72 2.86
N GLU C 177 6.92 -77.05 1.71
CA GLU C 177 8.22 -76.85 1.05
C GLU C 177 8.94 -75.60 1.56
N GLN C 178 8.98 -75.47 2.88
CA GLN C 178 9.88 -74.53 3.55
C GLN C 178 10.56 -75.14 4.76
N PHE C 179 9.99 -76.16 5.39
CA PHE C 179 10.62 -76.95 6.44
C PHE C 179 10.42 -78.42 6.09
N PRO C 180 11.14 -78.91 5.08
CA PRO C 180 10.85 -80.24 4.53
C PRO C 180 11.25 -81.35 5.49
N LEU C 181 10.70 -82.52 5.23
CA LEU C 181 10.88 -83.70 6.06
C LEU C 181 11.58 -84.78 5.26
N GLN C 182 12.70 -85.28 5.77
CA GLN C 182 13.52 -86.28 5.08
C GLN C 182 13.01 -87.68 5.41
N VAL C 183 13.07 -88.56 4.42
CA VAL C 183 12.59 -89.93 4.57
C VAL C 183 13.81 -90.84 4.54
N VAL C 184 14.04 -91.57 5.64
CA VAL C 184 15.18 -92.46 5.72
C VAL C 184 14.90 -93.76 4.97
N GLU C 185 13.82 -94.45 5.34
CA GLU C 185 13.38 -95.64 4.62
C GLU C 185 11.86 -95.72 4.72
N GLU C 186 11.23 -96.29 3.70
CA GLU C 186 9.78 -96.31 3.62
C GLU C 186 9.31 -97.66 3.09
N LYS C 187 8.64 -98.42 3.94
CA LYS C 187 7.92 -99.61 3.53
C LYS C 187 6.47 -99.23 3.24
N GLY C 188 5.60 -100.21 3.11
CA GLY C 188 4.17 -99.94 2.95
C GLY C 188 3.62 -99.17 4.13
N ASP C 189 2.97 -98.04 3.85
CA ASP C 189 2.27 -97.14 4.77
C ASP C 189 2.96 -97.05 6.13
N GLU C 190 4.29 -96.96 6.11
CA GLU C 190 5.08 -96.87 7.33
C GLU C 190 6.48 -96.41 6.93
N ARG C 191 6.97 -95.34 7.56
CA ARG C 191 8.23 -94.75 7.17
C ARG C 191 8.92 -94.13 8.38
N ARG C 192 10.23 -93.96 8.26
CA ARG C 192 11.06 -93.33 9.26
C ARG C 192 11.59 -92.01 8.70
N VAL C 193 11.56 -90.97 9.52
CA VAL C 193 11.84 -89.62 9.05
C VAL C 193 12.94 -88.98 9.90
N GLN C 194 13.55 -87.94 9.33
CA GLN C 194 14.64 -87.21 9.97
C GLN C 194 14.35 -85.71 9.83
N ALA C 195 15.31 -84.90 10.27
CA ALA C 195 15.22 -83.45 10.14
C ALA C 195 16.64 -82.89 10.11
N GLU C 196 16.96 -82.12 9.06
CA GLU C 196 18.33 -81.67 8.86
C GLU C 196 18.74 -80.63 9.88
N ASP C 197 17.81 -79.78 10.32
CA ASP C 197 18.15 -78.72 11.26
C ASP C 197 16.93 -78.47 12.15
N ARG C 198 16.95 -77.36 12.89
CA ARG C 198 15.87 -76.96 13.79
C ARG C 198 15.40 -75.55 13.44
N ALA C 199 15.18 -75.29 12.16
CA ALA C 199 14.79 -73.96 11.72
C ALA C 199 13.42 -73.56 12.26
N PHE C 200 12.47 -74.50 12.25
CA PHE C 200 11.12 -74.18 12.70
C PHE C 200 11.12 -73.81 14.19
N GLY C 201 11.98 -74.45 14.97
CA GLY C 201 12.06 -74.10 16.39
C GLY C 201 12.45 -72.64 16.59
N THR C 202 13.50 -72.20 15.88
CA THR C 202 13.92 -70.81 16.00
C THR C 202 12.85 -69.85 15.46
N PHE C 203 12.19 -70.23 14.37
CA PHE C 203 11.13 -69.41 13.80
C PHE C 203 10.01 -69.20 14.82
N LEU C 204 9.55 -70.29 15.44
CA LEU C 204 8.51 -70.18 16.45
C LEU C 204 8.99 -69.36 17.65
N GLN C 205 10.23 -69.58 18.09
CA GLN C 205 10.72 -68.88 19.28
C GLN C 205 10.80 -67.38 19.05
N ASP C 206 11.36 -66.93 17.93
CA ASP C 206 11.48 -65.49 17.76
C ASP C 206 10.13 -64.86 17.40
N LEU C 207 9.24 -65.63 16.76
CA LEU C 207 7.87 -65.14 16.60
C LEU C 207 7.21 -64.87 17.95
N LEU C 208 7.31 -65.84 18.87
CA LEU C 208 6.70 -65.68 20.18
C LEU C 208 7.36 -64.56 20.97
N GLN C 209 8.69 -64.43 20.86
CA GLN C 209 9.40 -63.35 21.54
C GLN C 209 8.97 -61.99 21.03
N ARG C 210 8.82 -61.86 19.70
CA ARG C 210 8.34 -60.60 19.13
C ARG C 210 6.94 -60.28 19.63
N ALA C 211 6.05 -61.27 19.65
CA ALA C 211 4.70 -61.04 20.14
C ALA C 211 4.70 -60.61 21.60
N SER C 212 5.52 -61.27 22.42
CA SER C 212 5.59 -60.94 23.83
C SER C 212 6.12 -59.53 24.05
N ARG C 213 7.15 -59.12 23.30
CA ARG C 213 7.69 -57.77 23.46
C ARG C 213 6.69 -56.72 23.00
N ILE C 214 5.98 -56.98 21.90
CA ILE C 214 4.95 -56.04 21.45
C ILE C 214 3.86 -55.91 22.51
N ALA C 215 3.44 -57.04 23.11
CA ALA C 215 2.46 -56.98 24.18
C ALA C 215 2.99 -56.18 25.36
N GLY C 216 4.26 -56.37 25.71
CA GLY C 216 4.84 -55.63 26.82
C GLY C 216 4.87 -54.13 26.58
N ALA C 217 5.21 -53.73 25.35
CA ALA C 217 5.21 -52.32 24.99
C ALA C 217 4.04 -52.06 24.05
N TRP C 218 2.87 -51.83 24.64
CA TRP C 218 1.68 -51.44 23.90
C TRP C 218 1.22 -50.03 24.26
N GLU C 219 1.28 -49.65 25.53
CA GLU C 219 1.20 -48.26 25.90
C GLU C 219 2.47 -47.55 25.43
N MET C 220 2.48 -46.22 25.58
CA MET C 220 3.57 -45.34 25.15
C MET C 220 3.93 -45.57 23.67
N LEU C 221 3.04 -46.21 22.93
CA LEU C 221 3.19 -46.45 21.50
C LEU C 221 2.89 -45.20 20.67
N PRO C 222 1.82 -44.43 20.95
CA PRO C 222 1.62 -43.18 20.21
C PRO C 222 2.71 -42.14 20.47
N GLU C 223 3.54 -42.34 21.50
CA GLU C 223 4.64 -41.42 21.76
C GLU C 223 5.95 -41.85 21.10
N LEU C 224 6.06 -43.11 20.69
CA LEU C 224 7.29 -43.56 20.03
C LEU C 224 7.38 -42.98 18.62
N PRO C 225 8.56 -42.51 18.20
CA PRO C 225 8.68 -41.98 16.83
C PRO C 225 8.35 -43.00 15.74
N PHE C 226 8.70 -44.27 15.94
CA PHE C 226 8.45 -45.29 14.94
C PHE C 226 7.86 -46.53 15.61
N ALA C 227 7.11 -47.30 14.83
CA ALA C 227 6.36 -48.42 15.39
C ALA C 227 7.28 -49.58 15.76
N ASP C 228 8.32 -49.83 14.95
CA ASP C 228 9.18 -50.99 15.19
C ASP C 228 9.93 -50.90 16.51
N LEU C 229 10.02 -49.71 17.10
CA LEU C 229 10.62 -49.59 18.42
C LEU C 229 9.86 -50.39 19.48
N ALA C 230 8.57 -50.69 19.23
CA ALA C 230 7.81 -51.54 20.12
C ALA C 230 8.26 -52.99 20.08
N THR C 231 9.12 -53.36 19.13
CA THR C 231 9.62 -54.72 19.00
C THR C 231 10.91 -54.94 19.78
N TRP C 232 11.38 -53.93 20.49
CA TRP C 232 12.64 -54.00 21.22
C TRP C 232 12.40 -54.51 22.64
N SER C 233 13.47 -55.00 23.26
CA SER C 233 13.39 -55.50 24.61
C SER C 233 13.43 -54.34 25.62
N GLU C 234 13.18 -54.67 26.88
CA GLU C 234 13.20 -53.66 27.92
C GLU C 234 14.60 -53.06 28.09
N GLY C 235 15.64 -53.90 28.01
CA GLY C 235 16.99 -53.39 28.14
C GLY C 235 17.37 -52.41 27.06
N GLU C 236 17.05 -52.73 25.81
CA GLU C 236 17.35 -51.83 24.71
C GLU C 236 16.56 -50.54 24.81
N LEU C 237 15.29 -50.63 25.21
CA LEU C 237 14.48 -49.43 25.37
C LEU C 237 15.02 -48.54 26.49
N ALA C 238 15.48 -49.15 27.58
CA ALA C 238 16.09 -48.38 28.66
C ALA C 238 17.40 -47.74 28.22
N TRP C 239 18.20 -48.47 27.42
CA TRP C 239 19.44 -47.89 26.89
C TRP C 239 19.14 -46.73 25.96
N LEU C 240 18.00 -46.78 25.26
CA LEU C 240 17.68 -45.78 24.26
C LEU C 240 17.25 -44.45 24.88
N ARG C 241 16.92 -44.45 26.18
CA ARG C 241 16.51 -43.25 26.88
C ARG C 241 17.66 -42.58 27.62
N GLU C 242 18.86 -43.12 27.53
CA GLU C 242 20.03 -42.54 28.17
C GLU C 242 20.64 -41.46 27.29
N PRO C 243 21.36 -40.50 27.89
CA PRO C 243 22.00 -39.46 27.09
C PRO C 243 23.07 -40.05 26.17
N LEU C 244 23.20 -39.45 24.99
CA LEU C 244 24.18 -39.90 24.02
C LEU C 244 25.59 -39.51 24.44
N ASP C 245 26.54 -40.40 24.22
CA ASP C 245 27.94 -40.14 24.54
C ASP C 245 28.73 -40.04 23.23
N PRO C 246 29.07 -38.84 22.78
CA PRO C 246 29.74 -38.71 21.47
C PRO C 246 31.15 -39.28 21.42
N ARG C 247 31.74 -39.59 22.57
CA ARG C 247 33.11 -40.09 22.59
C ARG C 247 33.21 -41.61 22.53
N ALA C 248 32.14 -42.32 22.84
CA ALA C 248 32.17 -43.78 22.79
C ALA C 248 32.11 -44.26 21.35
N PRO C 249 33.04 -45.13 20.92
CA PRO C 249 32.99 -45.62 19.53
C PRO C 249 31.69 -46.32 19.16
N ALA C 250 31.07 -47.01 20.12
CA ALA C 250 29.82 -47.69 19.82
C ALA C 250 28.72 -46.71 19.44
N ASP C 251 28.65 -45.57 20.14
CA ASP C 251 27.67 -44.55 19.80
C ASP C 251 27.94 -43.98 18.40
N GLN C 252 29.21 -43.76 18.07
CA GLN C 252 29.55 -43.27 16.73
C GLN C 252 29.13 -44.26 15.66
N ARG C 253 29.38 -45.55 15.89
CA ARG C 253 28.95 -46.57 14.93
C ARG C 253 27.44 -46.60 14.79
N TRP C 254 26.72 -46.53 15.91
CA TRP C 254 25.27 -46.55 15.87
C TRP C 254 24.72 -45.36 15.10
N VAL C 255 25.29 -44.17 15.33
CA VAL C 255 24.82 -42.98 14.63
C VAL C 255 25.15 -43.07 13.14
N ALA C 256 26.32 -43.62 12.81
CA ALA C 256 26.68 -43.77 11.40
C ALA C 256 25.77 -44.80 10.70
N GLY C 257 25.21 -45.73 11.46
CA GLY C 257 24.34 -46.73 10.86
C GLY C 257 22.88 -46.34 10.74
N LEU C 258 22.50 -45.12 11.10
CA LEU C 258 21.11 -44.72 11.07
C LEU C 258 20.70 -44.23 9.67
N PRO C 259 19.50 -44.55 9.22
CA PRO C 259 18.94 -43.87 8.05
C PRO C 259 18.76 -42.39 8.34
N LYS C 260 19.00 -41.55 7.32
CA LYS C 260 19.03 -40.11 7.52
C LYS C 260 18.25 -39.41 6.42
N ILE C 261 17.79 -38.21 6.74
CA ILE C 261 17.10 -37.33 5.78
C ILE C 261 17.78 -35.97 5.81
N GLU C 262 18.14 -35.46 4.65
CA GLU C 262 18.84 -34.18 4.51
C GLU C 262 17.91 -33.16 3.87
N LEU C 263 17.89 -31.95 4.43
CA LEU C 263 17.02 -30.90 3.94
C LEU C 263 17.70 -29.57 3.67
N HIS C 264 19.00 -29.43 3.99
CA HIS C 264 19.72 -28.16 3.83
C HIS C 264 21.13 -28.48 3.36
N CYS C 265 21.34 -28.46 2.04
CA CYS C 265 22.64 -28.79 1.46
C CYS C 265 22.83 -27.97 0.20
N HIS C 266 23.95 -27.25 0.12
CA HIS C 266 24.26 -26.42 -1.04
C HIS C 266 25.14 -27.20 -2.01
N LEU C 267 24.77 -27.14 -3.30
CA LEU C 267 25.55 -27.84 -4.31
C LEU C 267 26.92 -27.20 -4.54
N GLY C 268 27.00 -25.88 -4.45
CA GLY C 268 28.23 -25.17 -4.75
C GLY C 268 29.28 -25.18 -3.66
N GLY C 269 29.01 -25.80 -2.52
CA GLY C 269 29.99 -25.84 -1.45
C GLY C 269 30.34 -27.25 -1.00
N PHE C 270 30.49 -28.17 -1.95
CA PHE C 270 30.74 -29.57 -1.61
C PHE C 270 32.23 -29.91 -1.69
N ALA C 271 32.85 -29.69 -2.84
CA ALA C 271 34.23 -30.08 -3.09
C ALA C 271 35.06 -28.80 -3.24
N THR C 272 35.61 -28.32 -2.13
CA THR C 272 36.38 -27.09 -2.12
C THR C 272 37.84 -27.26 -1.72
N HIS C 273 38.22 -28.42 -1.18
CA HIS C 273 39.59 -28.66 -0.76
C HIS C 273 39.94 -30.12 -0.98
N GLY C 274 41.25 -30.39 -1.00
CA GLY C 274 41.73 -31.76 -0.97
C GLY C 274 41.61 -32.47 -2.30
N GLU C 275 41.48 -33.80 -2.21
CA GLU C 275 41.46 -34.64 -3.40
C GLU C 275 40.16 -34.46 -4.21
N LEU C 276 39.06 -34.14 -3.54
CA LEU C 276 37.79 -33.96 -4.24
C LEU C 276 37.87 -32.80 -5.23
N LEU C 277 38.52 -31.70 -4.82
CA LEU C 277 38.70 -30.57 -5.73
C LEU C 277 39.51 -30.96 -6.95
N ARG C 278 40.58 -31.72 -6.76
CA ARG C 278 41.39 -32.16 -7.89
C ARG C 278 40.60 -33.09 -8.81
N ARG C 279 39.79 -33.99 -8.23
CA ARG C 279 38.99 -34.89 -9.06
C ARG C 279 37.96 -34.12 -9.86
N VAL C 280 37.34 -33.10 -9.26
CA VAL C 280 36.40 -32.27 -10.00
C VAL C 280 37.11 -31.51 -11.10
N ARG C 281 38.28 -30.96 -10.81
CA ARG C 281 39.01 -30.18 -11.81
C ARG C 281 39.46 -31.04 -12.98
N ASN C 282 39.89 -32.26 -12.72
CA ASN C 282 40.36 -33.12 -13.80
C ASN C 282 39.18 -33.80 -14.49
N ALA C 283 38.18 -33.01 -14.85
CA ALA C 283 37.06 -33.50 -15.67
C ALA C 283 36.58 -32.46 -16.67
N ALA C 284 37.25 -31.30 -16.77
CA ALA C 284 36.79 -30.23 -17.63
C ALA C 284 36.92 -30.62 -19.10
N GLU C 285 35.91 -30.26 -19.89
CA GLU C 285 35.97 -30.48 -21.33
C GLU C 285 37.03 -29.61 -21.98
N ASN C 286 37.29 -28.42 -21.42
CA ASN C 286 38.28 -27.48 -21.94
C ASN C 286 39.23 -27.02 -20.84
N PRO C 287 40.20 -27.86 -20.47
CA PRO C 287 41.10 -27.49 -19.34
C PRO C 287 41.93 -26.25 -19.60
N GLY C 288 41.98 -25.75 -20.84
CA GLY C 288 42.83 -24.60 -21.13
C GLY C 288 42.43 -23.35 -20.37
N LYS C 289 41.13 -23.13 -20.20
CA LYS C 289 40.63 -21.93 -19.54
C LYS C 289 40.25 -22.15 -18.08
N LEU C 290 40.73 -23.22 -17.46
CA LEU C 290 40.51 -23.42 -16.04
C LEU C 290 41.29 -22.37 -15.25
N PRO C 291 40.71 -21.83 -14.18
CA PRO C 291 41.45 -20.86 -13.35
C PRO C 291 42.63 -21.52 -12.68
N PRO C 292 43.68 -20.76 -12.39
CA PRO C 292 44.84 -21.33 -11.67
C PRO C 292 44.42 -21.87 -10.32
N LEU C 293 45.04 -22.99 -9.94
CA LEU C 293 44.68 -23.66 -8.70
C LEU C 293 45.21 -22.90 -7.49
N GLU C 294 44.33 -22.62 -6.55
CA GLU C 294 44.71 -22.00 -5.29
C GLU C 294 43.66 -22.32 -4.24
N GLU C 295 44.09 -22.81 -3.09
CA GLU C 295 43.16 -23.17 -2.02
C GLU C 295 43.26 -22.17 -0.88
N PRO C 296 42.17 -21.51 -0.52
CA PRO C 296 42.21 -20.61 0.64
C PRO C 296 42.62 -21.35 1.90
N ARG C 297 43.40 -20.68 2.74
CA ARG C 297 43.90 -21.29 3.97
C ARG C 297 42.88 -21.16 5.09
N LEU C 298 42.63 -22.27 5.77
CA LEU C 298 41.65 -22.40 6.83
C LEU C 298 42.23 -21.88 8.15
N PRO C 299 41.40 -21.32 9.02
CA PRO C 299 41.86 -20.95 10.36
C PRO C 299 42.42 -22.14 11.11
N GLU C 300 43.18 -21.85 12.17
CA GLU C 300 43.79 -22.91 12.96
C GLU C 300 42.71 -23.72 13.66
N GLY C 301 42.83 -25.05 13.56
CA GLY C 301 41.82 -25.93 14.12
C GLY C 301 40.44 -25.67 13.53
N TRP C 302 40.37 -25.62 12.20
CA TRP C 302 39.18 -25.11 11.51
C TRP C 302 37.88 -25.80 11.91
N PRO C 303 37.78 -27.12 12.01
CA PRO C 303 36.48 -27.72 12.34
C PRO C 303 35.91 -27.23 13.66
N LEU C 304 36.76 -26.94 14.65
CA LEU C 304 36.33 -26.36 15.92
C LEU C 304 37.22 -25.16 16.21
N PRO C 305 36.95 -24.02 15.57
CA PRO C 305 37.82 -22.86 15.74
C PRO C 305 37.71 -22.28 17.14
N ALA C 306 38.80 -21.65 17.59
CA ALA C 306 38.80 -21.02 18.90
C ALA C 306 37.96 -19.75 18.92
N GLN C 307 37.93 -19.00 17.82
CA GLN C 307 37.18 -17.77 17.74
C GLN C 307 36.28 -17.79 16.51
N PRO C 308 35.08 -17.20 16.60
CA PRO C 308 34.19 -17.17 15.44
C PRO C 308 34.71 -16.22 14.36
N ILE C 309 34.26 -16.48 13.13
CA ILE C 309 34.59 -15.63 11.99
C ILE C 309 33.30 -15.12 11.38
N PRO C 310 33.29 -13.91 10.82
CA PRO C 310 32.04 -13.38 10.23
C PRO C 310 31.69 -14.02 8.89
N LEU C 311 30.59 -13.58 8.30
CA LEU C 311 30.02 -14.27 7.13
C LEU C 311 30.92 -14.16 5.91
N ALA C 312 31.59 -13.02 5.73
CA ALA C 312 32.33 -12.78 4.48
C ALA C 312 33.47 -13.78 4.32
N GLU C 313 34.24 -14.02 5.37
CA GLU C 313 35.34 -14.98 5.28
C GLU C 313 34.83 -16.39 5.05
N TYR C 314 33.72 -16.75 5.70
CA TYR C 314 33.17 -18.09 5.51
C TYR C 314 32.69 -18.26 4.06
N MET C 315 32.13 -17.20 3.47
CA MET C 315 31.76 -17.24 2.06
C MET C 315 32.98 -17.41 1.18
N LYS C 316 34.04 -16.60 1.40
CA LYS C 316 35.18 -16.66 0.50
C LYS C 316 36.08 -17.85 0.76
N LEU C 317 35.86 -18.60 1.83
CA LEU C 317 36.64 -19.81 2.07
C LEU C 317 36.40 -20.90 1.02
N GLY C 318 35.35 -20.77 0.21
CA GLY C 318 35.08 -21.74 -0.83
C GLY C 318 35.20 -21.15 -2.22
N ASN C 319 36.19 -20.28 -2.42
CA ASN C 319 36.36 -19.61 -3.71
C ASN C 319 36.95 -20.52 -4.78
N ALA C 320 37.60 -21.62 -4.38
CA ALA C 320 38.20 -22.53 -5.36
C ALA C 320 37.15 -23.27 -6.17
N ASN C 321 35.91 -23.34 -5.68
CA ASN C 321 34.83 -24.02 -6.37
C ASN C 321 33.63 -23.09 -6.47
N GLY C 322 32.63 -23.51 -7.25
CA GLY C 322 31.43 -22.71 -7.41
C GLY C 322 31.34 -22.04 -8.76
N THR C 323 31.00 -20.75 -8.77
CA THR C 323 30.87 -20.02 -10.03
C THR C 323 32.17 -19.94 -10.80
N ALA C 324 33.31 -20.11 -10.14
CA ALA C 324 34.60 -20.07 -10.83
C ALA C 324 34.86 -21.36 -11.60
N LEU C 325 34.23 -22.47 -11.21
CA LEU C 325 34.55 -23.77 -11.77
C LEU C 325 33.37 -24.46 -12.45
N LEU C 326 32.14 -24.22 -12.00
CA LEU C 326 30.98 -24.95 -12.48
C LEU C 326 30.41 -24.40 -13.78
N ARG C 327 31.11 -23.47 -14.44
CA ARG C 327 30.67 -23.04 -15.77
C ARG C 327 31.00 -24.06 -16.84
N ASP C 328 31.85 -25.05 -16.53
CA ASP C 328 32.19 -26.13 -17.46
C ASP C 328 31.27 -27.31 -17.22
N PRO C 329 30.58 -27.81 -18.25
CA PRO C 329 29.58 -28.88 -18.02
C PRO C 329 30.15 -30.14 -17.39
N GLY C 330 31.37 -30.53 -17.75
CA GLY C 330 31.96 -31.72 -17.15
C GLY C 330 32.18 -31.57 -15.66
N CYS C 331 32.63 -30.39 -15.24
CA CYS C 331 32.80 -30.13 -13.81
C CYS C 331 31.46 -30.22 -13.08
N LEU C 332 30.40 -29.68 -13.67
CA LEU C 332 29.08 -29.75 -13.05
C LEU C 332 28.62 -31.20 -12.92
N ARG C 333 28.79 -31.99 -13.98
CA ARG C 333 28.37 -33.38 -13.94
C ARG C 333 29.14 -34.16 -12.89
N GLU C 334 30.46 -33.96 -12.81
CA GLU C 334 31.25 -34.68 -11.82
C GLU C 334 30.91 -34.22 -10.41
N GLN C 335 30.61 -32.93 -10.23
CA GLN C 335 30.17 -32.44 -8.94
C GLN C 335 28.90 -33.14 -8.49
N CYS C 336 27.91 -33.23 -9.39
CA CYS C 336 26.67 -33.91 -9.04
C CYS C 336 26.91 -35.38 -8.72
N ARG C 337 27.72 -36.06 -9.53
CA ARG C 337 27.99 -37.48 -9.30
C ARG C 337 28.66 -37.71 -7.95
N LEU C 338 29.66 -36.88 -7.63
CA LEU C 338 30.40 -37.04 -6.38
C LEU C 338 29.50 -36.73 -5.18
N LEU C 339 28.64 -35.71 -5.30
CA LEU C 339 27.71 -35.43 -4.21
C LEU C 339 26.75 -36.59 -3.99
N TYR C 340 26.25 -37.19 -5.07
CA TYR C 340 25.35 -38.33 -4.92
C TYR C 340 26.07 -39.51 -4.27
N ARG C 341 27.31 -39.78 -4.67
CA ARG C 341 28.08 -40.85 -4.04
C ARG C 341 28.28 -40.59 -2.55
N HIS C 342 28.60 -39.35 -2.19
CA HIS C 342 28.77 -39.02 -0.77
C HIS C 342 27.48 -39.21 0.00
N LEU C 343 26.35 -38.78 -0.58
CA LEU C 343 25.06 -38.94 0.11
C LEU C 343 24.71 -40.40 0.30
N VAL C 344 24.96 -41.24 -0.70
CA VAL C 344 24.69 -42.67 -0.56
C VAL C 344 25.61 -43.28 0.50
N ASP C 345 26.87 -42.85 0.52
CA ASP C 345 27.81 -43.39 1.52
C ASP C 345 27.41 -42.99 2.94
N GLN C 346 26.83 -41.80 3.12
CA GLN C 346 26.43 -41.37 4.45
C GLN C 346 25.22 -42.11 4.97
N GLY C 347 24.46 -42.78 4.10
CA GLY C 347 23.25 -43.47 4.50
C GLY C 347 21.98 -42.68 4.35
N VAL C 348 22.02 -41.54 3.66
CA VAL C 348 20.83 -40.72 3.48
C VAL C 348 19.87 -41.42 2.52
N CYS C 349 18.59 -41.43 2.88
CA CYS C 349 17.57 -42.04 2.03
C CYS C 349 16.75 -41.04 1.25
N TYR C 350 16.76 -39.77 1.63
CA TYR C 350 16.05 -38.71 0.91
C TYR C 350 16.75 -37.39 1.18
N ALA C 351 16.96 -36.60 0.13
CA ALA C 351 17.68 -35.36 0.25
C ALA C 351 17.11 -34.32 -0.71
N GLU C 352 17.28 -33.05 -0.34
CA GLU C 352 16.94 -31.92 -1.19
C GLU C 352 18.18 -31.05 -1.35
N VAL C 353 18.52 -30.73 -2.60
CA VAL C 353 19.75 -30.02 -2.92
C VAL C 353 19.40 -28.65 -3.46
N ARG C 354 20.12 -27.63 -3.00
CA ARG C 354 19.92 -26.25 -3.42
C ARG C 354 21.00 -25.82 -4.40
N CYS C 355 20.60 -25.05 -5.41
CA CYS C 355 21.51 -24.65 -6.47
C CYS C 355 21.05 -23.34 -7.10
N SER C 356 21.97 -22.71 -7.83
CA SER C 356 21.70 -21.46 -8.54
C SER C 356 22.15 -21.63 -9.99
N PRO C 357 21.29 -22.21 -10.84
CA PRO C 357 21.71 -22.49 -12.22
C PRO C 357 22.13 -21.25 -13.00
N ALA C 358 21.45 -20.11 -12.79
CA ALA C 358 21.74 -18.92 -13.57
C ALA C 358 23.16 -18.40 -13.33
N ASN C 359 23.76 -18.75 -12.20
CA ASN C 359 25.15 -18.34 -11.94
C ASN C 359 26.14 -19.05 -12.86
N TYR C 360 25.75 -20.18 -13.45
CA TYR C 360 26.66 -20.97 -14.26
C TYR C 360 26.34 -20.86 -15.76
N ALA C 361 25.65 -19.82 -16.17
CA ALA C 361 25.25 -19.63 -17.57
C ALA C 361 26.07 -18.49 -18.15
N GLU C 362 26.94 -18.81 -19.10
CA GLU C 362 27.73 -17.81 -19.83
C GLU C 362 27.48 -17.82 -21.32
N VAL C 363 27.30 -18.98 -21.93
CA VAL C 363 26.94 -19.10 -23.33
C VAL C 363 25.59 -19.77 -23.50
N ARG C 364 25.34 -20.84 -22.76
CA ARG C 364 24.06 -21.53 -22.76
C ARG C 364 23.14 -20.93 -21.71
N SER C 365 21.83 -21.14 -21.91
CA SER C 365 20.82 -20.57 -21.06
C SER C 365 20.78 -21.27 -19.69
N PRO C 366 20.24 -20.61 -18.67
CA PRO C 366 20.06 -21.30 -17.38
C PRO C 366 19.17 -22.52 -17.47
N TRP C 367 18.23 -22.54 -18.42
CA TRP C 367 17.41 -23.73 -18.63
C TRP C 367 18.27 -24.94 -18.98
N ASP C 368 19.28 -24.74 -19.83
CA ASP C 368 20.18 -25.83 -20.18
C ASP C 368 20.95 -26.33 -18.96
N VAL C 369 21.41 -25.41 -18.11
CA VAL C 369 22.15 -25.79 -16.91
C VAL C 369 21.27 -26.61 -15.98
N LEU C 370 20.03 -26.14 -15.75
CA LEU C 370 19.13 -26.86 -14.87
C LEU C 370 18.79 -28.23 -15.45
N ALA C 371 18.60 -28.32 -16.76
CA ALA C 371 18.33 -29.60 -17.39
C ALA C 371 19.51 -30.55 -17.22
N ASP C 372 20.74 -30.04 -17.35
CA ASP C 372 21.91 -30.88 -17.18
C ASP C 372 22.01 -31.41 -15.75
N ILE C 373 21.78 -30.54 -14.77
CA ILE C 373 21.83 -30.99 -13.37
C ILE C 373 20.76 -32.05 -13.10
N ARG C 374 19.54 -31.80 -13.57
CA ARG C 374 18.46 -32.75 -13.34
C ARG C 374 18.76 -34.09 -14.02
N ALA C 375 19.28 -34.05 -15.25
CA ALA C 375 19.61 -35.28 -15.96
C ALA C 375 20.71 -36.06 -15.25
N ALA C 376 21.73 -35.36 -14.75
CA ALA C 376 22.80 -36.04 -14.04
C ALA C 376 22.28 -36.73 -12.79
N PHE C 377 21.45 -36.02 -12.00
CA PHE C 377 20.92 -36.64 -10.79
C PHE C 377 19.98 -37.79 -11.12
N GLN C 378 19.17 -37.65 -12.18
CA GLN C 378 18.27 -38.73 -12.56
C GLN C 378 19.04 -39.96 -13.01
N GLU C 379 20.11 -39.78 -13.78
CA GLU C 379 20.93 -40.91 -14.20
C GLU C 379 21.59 -41.58 -12.99
N CYS C 380 22.07 -40.78 -12.04
CA CYS C 380 22.65 -41.35 -10.83
C CYS C 380 21.62 -42.17 -10.06
N MET C 381 20.39 -41.65 -9.95
CA MET C 381 19.36 -42.38 -9.24
C MET C 381 18.99 -43.68 -9.95
N GLU C 382 18.90 -43.64 -11.28
CA GLU C 382 18.56 -44.85 -12.03
C GLU C 382 19.67 -45.88 -11.99
N GLY C 383 20.93 -45.43 -11.88
CA GLY C 383 22.04 -46.36 -11.86
C GLY C 383 22.06 -47.25 -10.63
N ALA C 384 21.81 -46.68 -9.46
CA ALA C 384 21.91 -47.41 -8.19
C ALA C 384 20.53 -47.90 -7.78
N ARG C 385 20.12 -49.03 -8.35
CA ARG C 385 18.82 -49.62 -8.06
C ARG C 385 18.92 -50.66 -6.95
N THR C 386 19.43 -50.23 -5.80
CA THR C 386 19.56 -51.07 -4.62
C THR C 386 18.22 -50.97 -3.88
N ALA C 387 18.13 -51.46 -2.64
CA ALA C 387 17.01 -51.28 -1.73
C ALA C 387 15.80 -52.11 -2.16
N PRO C 388 14.93 -52.49 -1.23
CA PRO C 388 13.79 -53.34 -1.59
C PRO C 388 12.75 -52.60 -2.40
N GLY C 389 12.01 -53.36 -3.20
CA GLY C 389 10.97 -52.80 -4.03
C GLY C 389 11.43 -52.18 -5.33
N GLY C 390 12.73 -52.27 -5.65
CA GLY C 390 13.25 -51.65 -6.86
C GLY C 390 13.19 -50.14 -6.84
N LEU C 391 13.58 -49.51 -5.73
CA LEU C 391 13.59 -48.07 -5.63
C LEU C 391 15.02 -47.55 -5.45
N PRO C 392 15.30 -46.33 -5.89
CA PRO C 392 16.66 -45.79 -5.72
C PRO C 392 17.07 -45.75 -4.26
N ALA C 393 18.36 -45.94 -4.03
CA ALA C 393 18.89 -45.90 -2.66
C ALA C 393 18.68 -44.52 -2.05
N CYS C 394 18.92 -43.46 -2.82
CA CYS C 394 18.68 -42.10 -2.39
C CYS C 394 17.84 -41.38 -3.44
N HIS C 395 16.85 -40.62 -2.96
CA HIS C 395 16.00 -39.81 -3.83
C HIS C 395 16.36 -38.35 -3.64
N VAL C 396 16.59 -37.65 -4.76
CA VAL C 396 17.06 -36.27 -4.74
C VAL C 396 16.04 -35.39 -5.43
N ASN C 397 15.62 -34.33 -4.74
CA ASN C 397 14.81 -33.28 -5.32
C ASN C 397 15.60 -31.99 -5.33
N LEU C 398 15.08 -30.97 -6.03
CA LEU C 398 15.81 -29.74 -6.27
C LEU C 398 15.07 -28.54 -5.70
N ILE C 399 15.86 -27.57 -5.25
CA ILE C 399 15.37 -26.29 -4.75
C ILE C 399 16.25 -25.20 -5.33
N LEU C 400 15.63 -24.13 -5.84
CA LEU C 400 16.36 -23.04 -6.48
C LEU C 400 16.50 -21.87 -5.53
N ILE C 401 17.69 -21.24 -5.55
CA ILE C 401 18.06 -20.21 -4.60
C ILE C 401 17.90 -18.84 -5.23
N ALA C 402 17.30 -17.92 -4.49
CA ALA C 402 17.27 -16.50 -4.84
C ALA C 402 18.16 -15.76 -3.86
N THR C 403 19.18 -15.07 -4.37
CA THR C 403 20.21 -14.47 -3.55
C THR C 403 20.03 -12.96 -3.48
N ARG C 404 20.04 -12.43 -2.25
CA ARG C 404 19.98 -10.99 -2.01
C ARG C 404 21.34 -10.51 -1.53
N ARG C 405 21.79 -9.39 -2.08
CA ARG C 405 23.13 -8.86 -1.84
C ARG C 405 23.06 -7.53 -1.11
N ALA C 406 24.22 -7.13 -0.58
CA ALA C 406 24.29 -5.85 0.14
C ALA C 406 24.15 -4.67 -0.81
N SER C 407 24.81 -4.73 -1.97
CA SER C 407 24.72 -3.67 -2.95
C SER C 407 25.06 -4.24 -4.33
N GLY C 408 24.46 -3.64 -5.35
CA GLY C 408 24.71 -4.07 -6.71
C GLY C 408 23.45 -4.38 -7.49
N ASP C 409 23.54 -5.34 -8.41
CA ASP C 409 22.43 -5.75 -9.25
C ASP C 409 22.08 -7.20 -8.92
N TYR C 410 20.98 -7.40 -8.20
CA TYR C 410 20.60 -8.75 -7.78
C TYR C 410 19.12 -9.08 -7.93
N ARG C 411 18.23 -8.11 -8.16
CA ARG C 411 16.81 -8.40 -8.21
C ARG C 411 16.39 -9.08 -9.51
N ALA C 412 17.04 -8.72 -10.62
CA ALA C 412 16.73 -9.38 -11.88
C ALA C 412 17.05 -10.86 -11.82
N ALA C 413 18.15 -11.22 -11.17
CA ALA C 413 18.48 -12.63 -10.98
C ALA C 413 17.42 -13.33 -10.14
N ILE C 414 16.89 -12.65 -9.13
CA ILE C 414 15.83 -13.23 -8.31
C ILE C 414 14.59 -13.52 -9.16
N ALA C 415 14.19 -12.55 -9.99
CA ALA C 415 13.03 -12.75 -10.85
C ALA C 415 13.26 -13.89 -11.83
N ARG C 416 14.46 -13.95 -12.42
CA ARG C 416 14.79 -15.02 -13.34
C ARG C 416 14.69 -16.38 -12.65
N HIS C 417 15.23 -16.47 -11.43
CA HIS C 417 15.22 -17.73 -10.71
C HIS C 417 13.81 -18.17 -10.37
N LEU C 418 12.95 -17.25 -9.92
CA LEU C 418 11.58 -17.62 -9.61
C LEU C 418 10.83 -18.08 -10.87
N ALA C 419 10.99 -17.36 -11.98
CA ALA C 419 10.32 -17.77 -13.21
C ALA C 419 10.80 -19.14 -13.67
N LEU C 420 12.11 -19.37 -13.65
CA LEU C 420 12.65 -20.65 -14.06
C LEU C 420 12.18 -21.77 -13.14
N ALA C 421 12.08 -21.49 -11.84
CA ALA C 421 11.59 -22.49 -10.90
C ALA C 421 10.15 -22.88 -11.21
N VAL C 422 9.29 -21.89 -11.46
CA VAL C 422 7.89 -22.20 -11.79
C VAL C 422 7.81 -23.04 -13.06
N THR C 423 8.53 -22.63 -14.10
CA THR C 423 8.47 -23.36 -15.37
C THR C 423 8.98 -24.78 -15.22
N ALA C 424 10.11 -24.96 -14.52
CA ALA C 424 10.67 -26.29 -14.36
C ALA C 424 9.79 -27.16 -13.48
N ALA C 425 9.16 -26.58 -12.46
CA ALA C 425 8.24 -27.34 -11.62
C ALA C 425 7.06 -27.84 -12.42
N GLU C 426 6.54 -27.02 -13.34
CA GLU C 426 5.43 -27.46 -14.16
C GLU C 426 5.87 -28.35 -15.32
N HIS C 427 7.17 -28.40 -15.63
CA HIS C 427 7.62 -29.21 -16.76
C HIS C 427 7.73 -30.69 -16.38
N TRP C 428 8.49 -30.99 -15.33
CA TRP C 428 8.68 -32.38 -14.89
C TRP C 428 7.70 -32.69 -13.78
N ARG C 429 6.90 -33.75 -13.96
CA ARG C 429 5.85 -34.09 -13.02
C ARG C 429 5.83 -35.56 -12.60
N ASP C 430 6.79 -36.37 -13.04
CA ASP C 430 6.82 -37.76 -12.64
C ASP C 430 7.12 -37.89 -11.15
N GLU C 431 6.29 -38.69 -10.47
CA GLU C 431 6.41 -38.79 -9.02
C GLU C 431 7.72 -39.45 -8.60
N ASN C 432 8.11 -40.52 -9.28
CA ASN C 432 9.34 -41.25 -8.94
C ASN C 432 10.53 -40.75 -9.75
N ALA C 433 10.77 -39.44 -9.71
CA ALA C 433 11.85 -38.85 -10.48
C ALA C 433 12.29 -37.56 -9.81
N CYS C 434 13.47 -37.08 -10.20
CA CYS C 434 13.97 -35.81 -9.69
C CYS C 434 13.06 -34.67 -10.13
N ARG C 435 12.74 -33.78 -9.19
CA ARG C 435 11.80 -32.70 -9.45
C ARG C 435 12.25 -31.45 -8.72
N VAL C 436 11.75 -30.30 -9.20
CA VAL C 436 11.94 -29.03 -8.53
C VAL C 436 10.74 -28.79 -7.63
N VAL C 437 10.99 -28.65 -6.32
CA VAL C 437 9.93 -28.68 -5.33
C VAL C 437 9.84 -27.43 -4.48
N GLY C 438 10.63 -26.40 -4.77
CA GLY C 438 10.53 -25.19 -3.98
C GLY C 438 11.59 -24.17 -4.37
N VAL C 439 11.55 -23.05 -3.66
CA VAL C 439 12.49 -21.95 -3.84
C VAL C 439 13.00 -21.51 -2.47
N ASP C 440 14.14 -20.82 -2.48
CA ASP C 440 14.77 -20.37 -1.26
C ASP C 440 15.20 -18.91 -1.39
N LEU C 441 15.01 -18.15 -0.31
CA LEU C 441 15.48 -16.77 -0.22
C LEU C 441 16.68 -16.76 0.74
N ALA C 442 17.88 -16.64 0.18
CA ALA C 442 19.12 -16.70 0.95
C ALA C 442 19.97 -15.49 0.60
N GLY C 443 21.14 -15.41 1.23
CA GLY C 443 22.08 -14.35 0.95
C GLY C 443 22.28 -13.39 2.11
N TYR C 444 22.71 -12.16 1.81
CA TYR C 444 22.95 -11.17 2.84
C TYR C 444 21.64 -10.69 3.44
N GLU C 445 21.59 -10.63 4.77
CA GLU C 445 20.38 -10.23 5.48
C GLU C 445 20.70 -9.11 6.46
N ASP C 446 19.80 -8.13 6.52
CA ASP C 446 19.88 -7.04 7.49
C ASP C 446 18.49 -6.41 7.60
N GLU C 447 18.43 -5.21 8.19
CA GLU C 447 17.15 -4.54 8.35
C GLU C 447 16.53 -4.17 7.01
N LYS C 448 17.36 -3.72 6.06
CA LYS C 448 16.84 -3.24 4.78
C LYS C 448 16.53 -4.36 3.79
N THR C 449 16.90 -5.60 4.10
CA THR C 449 16.65 -6.71 3.17
C THR C 449 15.80 -7.78 3.84
N ARG C 450 14.77 -7.38 4.58
CA ARG C 450 13.89 -8.34 5.23
C ARG C 450 12.88 -8.90 4.23
N ALA C 451 12.15 -9.92 4.68
CA ALA C 451 11.32 -10.71 3.77
C ALA C 451 10.15 -9.92 3.22
N HIS C 452 9.67 -8.91 3.95
CA HIS C 452 8.48 -8.20 3.51
C HIS C 452 8.75 -7.23 2.37
N TYR C 453 10.01 -7.09 1.94
CA TYR C 453 10.34 -6.27 0.78
C TYR C 453 10.34 -7.06 -0.52
N PHE C 454 9.98 -8.34 -0.48
CA PHE C 454 10.00 -9.20 -1.67
C PHE C 454 8.66 -9.89 -1.87
N ARG C 455 7.58 -9.27 -1.41
CA ARG C 455 6.26 -9.91 -1.50
C ARG C 455 5.74 -9.92 -2.92
N GLU C 456 5.95 -8.81 -3.65
CA GLU C 456 5.44 -8.71 -5.02
C GLU C 456 6.14 -9.68 -5.96
N GLU C 457 7.36 -10.08 -5.62
CA GLU C 457 8.06 -11.07 -6.43
C GLU C 457 7.54 -12.48 -6.18
N PHE C 458 7.13 -12.78 -4.94
CA PHE C 458 6.67 -14.10 -4.57
C PHE C 458 5.17 -14.30 -4.70
N THR C 459 4.42 -13.25 -5.07
CA THR C 459 2.98 -13.44 -5.27
C THR C 459 2.71 -14.45 -6.38
N ALA C 460 3.51 -14.42 -7.45
CA ALA C 460 3.34 -15.40 -8.52
C ALA C 460 3.67 -16.82 -8.05
N VAL C 461 4.73 -16.95 -7.24
CA VAL C 461 5.09 -18.26 -6.70
C VAL C 461 3.95 -18.81 -5.85
N HIS C 462 3.34 -17.95 -5.03
CA HIS C 462 2.22 -18.41 -4.21
C HIS C 462 1.01 -18.74 -5.06
N ARG C 463 0.79 -17.99 -6.15
CA ARG C 463 -0.32 -18.29 -7.05
C ARG C 463 -0.15 -19.65 -7.72
N CYS C 464 1.08 -19.98 -8.12
CA CYS C 464 1.32 -21.26 -8.79
C CYS C 464 1.45 -22.42 -7.81
N GLY C 465 1.48 -22.16 -6.51
CA GLY C 465 1.50 -23.23 -5.52
C GLY C 465 2.84 -23.93 -5.39
N LEU C 466 3.86 -23.20 -4.97
CA LEU C 466 5.20 -23.74 -4.79
C LEU C 466 5.68 -23.45 -3.38
N ALA C 467 6.42 -24.42 -2.81
CA ALA C 467 6.90 -24.29 -1.44
C ALA C 467 7.99 -23.22 -1.34
N VAL C 468 8.04 -22.56 -0.19
CA VAL C 468 8.98 -21.47 0.05
C VAL C 468 9.71 -21.72 1.36
N THR C 469 11.03 -21.54 1.35
CA THR C 469 11.85 -21.58 2.55
C THR C 469 12.72 -20.33 2.60
N VAL C 470 12.98 -19.83 3.80
CA VAL C 470 13.62 -18.53 4.00
C VAL C 470 14.75 -18.67 5.00
N HIS C 471 15.90 -18.08 4.66
CA HIS C 471 17.01 -17.90 5.61
C HIS C 471 16.67 -16.72 6.50
N ALA C 472 16.52 -16.95 7.79
CA ALA C 472 16.18 -15.89 8.72
C ALA C 472 16.66 -16.23 10.12
N GLY C 473 17.10 -15.21 10.85
CA GLY C 473 17.51 -15.35 12.23
C GLY C 473 18.98 -15.64 12.44
N GLU C 474 19.74 -15.90 11.37
CA GLU C 474 21.16 -16.16 11.54
C GLU C 474 21.91 -14.92 12.00
N ASN C 475 21.58 -13.76 11.43
CA ASN C 475 22.23 -12.50 11.78
C ASN C 475 21.17 -11.40 11.90
N ASP C 476 20.08 -11.70 12.60
CA ASP C 476 18.96 -10.78 12.71
C ASP C 476 18.15 -11.18 13.93
N ASP C 477 17.31 -10.26 14.42
CA ASP C 477 16.48 -10.57 15.58
C ASP C 477 15.22 -11.28 15.11
N ALA C 478 14.25 -11.45 16.02
CA ALA C 478 13.05 -12.21 15.71
C ALA C 478 12.10 -11.48 14.77
N GLU C 479 12.31 -10.18 14.51
CA GLU C 479 11.42 -9.46 13.61
C GLU C 479 11.50 -10.00 12.19
N GLY C 480 12.71 -10.34 11.73
CA GLY C 480 12.84 -10.94 10.42
C GLY C 480 12.13 -12.28 10.32
N ILE C 481 12.20 -13.08 11.38
CA ILE C 481 11.50 -14.36 11.41
C ILE C 481 10.00 -14.14 11.36
N TRP C 482 9.49 -13.16 12.12
CA TRP C 482 8.07 -12.87 12.10
C TRP C 482 7.61 -12.43 10.72
N ARG C 483 8.39 -11.56 10.07
CA ARG C 483 8.01 -11.11 8.74
C ARG C 483 8.08 -12.24 7.72
N ALA C 484 9.07 -13.12 7.83
CA ALA C 484 9.12 -14.27 6.93
C ALA C 484 7.91 -15.18 7.12
N VAL C 485 7.50 -15.39 8.36
CA VAL C 485 6.38 -16.29 8.62
C VAL C 485 5.05 -15.68 8.17
N PHE C 486 4.81 -14.41 8.50
CA PHE C 486 3.49 -13.83 8.34
C PHE C 486 3.33 -12.93 7.12
N ASP C 487 4.39 -12.66 6.37
CA ASP C 487 4.29 -11.81 5.19
C ASP C 487 4.68 -12.51 3.90
N LEU C 488 5.50 -13.55 3.97
CA LEU C 488 5.94 -14.29 2.81
C LEU C 488 5.43 -15.73 2.81
N ASN C 489 4.70 -16.12 3.85
CA ASN C 489 4.05 -17.44 3.94
C ASN C 489 5.06 -18.58 3.80
N ALA C 490 6.19 -18.45 4.51
CA ALA C 490 7.21 -19.48 4.48
C ALA C 490 6.72 -20.75 5.16
N ARG C 491 7.18 -21.89 4.64
CA ARG C 491 6.85 -23.19 5.22
C ARG C 491 8.00 -23.80 6.02
N ARG C 492 9.23 -23.38 5.78
CA ARG C 492 10.38 -23.80 6.57
C ARG C 492 11.26 -22.60 6.85
N LEU C 493 12.02 -22.68 7.94
CA LEU C 493 12.91 -21.60 8.36
C LEU C 493 14.30 -22.17 8.57
N GLY C 494 15.31 -21.44 8.10
CA GLY C 494 16.70 -21.84 8.22
C GLY C 494 17.45 -20.91 9.17
N HIS C 495 18.18 -21.51 10.10
CA HIS C 495 19.05 -20.79 11.03
C HIS C 495 18.26 -19.79 11.89
N ALA C 496 17.13 -20.25 12.39
CA ALA C 496 16.29 -19.40 13.25
C ALA C 496 16.79 -19.49 14.70
N LEU C 497 17.96 -18.91 14.91
CA LEU C 497 18.62 -18.99 16.21
C LEU C 497 18.03 -18.02 17.23
N SER C 498 17.33 -16.98 16.80
CA SER C 498 16.76 -15.98 17.70
C SER C 498 15.25 -16.14 17.87
N LEU C 499 14.72 -17.34 17.62
CA LEU C 499 13.29 -17.57 17.76
C LEU C 499 12.84 -17.48 19.22
N GLY C 500 13.73 -17.77 20.16
CA GLY C 500 13.37 -17.78 21.57
C GLY C 500 13.20 -16.43 22.21
N GLN C 501 13.57 -15.35 21.52
CA GLN C 501 13.40 -14.02 22.09
C GLN C 501 11.94 -13.63 22.22
N SER C 502 11.10 -14.08 21.29
CA SER C 502 9.67 -13.79 21.30
C SER C 502 8.90 -15.07 21.59
N ARG C 503 8.24 -15.13 22.74
CA ARG C 503 7.49 -16.33 23.11
C ARG C 503 6.26 -16.52 22.23
N GLU C 504 5.58 -15.43 21.88
CA GLU C 504 4.39 -15.54 21.05
C GLU C 504 4.72 -16.11 19.66
N LEU C 505 5.80 -15.63 19.07
CA LEU C 505 6.19 -16.12 17.75
C LEU C 505 6.61 -17.58 17.80
N LEU C 506 7.32 -17.98 18.86
CA LEU C 506 7.67 -19.38 19.03
C LEU C 506 6.43 -20.25 19.16
N ARG C 507 5.46 -19.79 19.94
CA ARG C 507 4.21 -20.52 20.09
C ARG C 507 3.48 -20.65 18.76
N SER C 508 3.45 -19.57 17.98
CA SER C 508 2.81 -19.63 16.66
C SER C 508 3.52 -20.60 15.73
N VAL C 509 4.85 -20.58 15.72
CA VAL C 509 5.60 -21.51 14.87
C VAL C 509 5.32 -22.95 15.28
N ALA C 510 5.29 -23.21 16.59
CA ALA C 510 4.98 -24.56 17.06
C ALA C 510 3.58 -24.99 16.66
N ASP C 511 2.60 -24.09 16.78
CA ASP C 511 1.22 -24.43 16.48
C ASP C 511 1.01 -24.68 14.98
N ARG C 512 1.63 -23.86 14.13
CA ARG C 512 1.42 -23.99 12.70
C ARG C 512 2.25 -25.08 12.05
N GLY C 513 3.22 -25.65 12.77
CA GLY C 513 4.02 -26.73 12.22
C GLY C 513 5.08 -26.30 11.23
N ILE C 514 5.61 -25.09 11.37
CA ILE C 514 6.68 -24.61 10.50
C ILE C 514 7.98 -25.27 10.90
N GLY C 515 8.70 -25.80 9.91
CA GLY C 515 9.95 -26.48 10.19
C GLY C 515 11.10 -25.50 10.45
N VAL C 516 12.05 -25.95 11.26
CA VAL C 516 13.25 -25.19 11.59
C VAL C 516 14.45 -26.05 11.27
N GLU C 517 15.44 -25.46 10.61
CA GLU C 517 16.64 -26.16 10.18
C GLU C 517 17.86 -25.60 10.89
N LEU C 518 18.64 -26.47 11.52
CA LEU C 518 19.85 -26.07 12.23
C LEU C 518 21.06 -26.76 11.63
N CYS C 519 22.20 -26.07 11.67
CA CYS C 519 23.47 -26.58 11.15
C CYS C 519 24.52 -26.42 12.24
N PRO C 520 24.66 -27.42 13.12
CA PRO C 520 25.57 -27.28 14.27
C PRO C 520 26.94 -26.70 13.94
N TYR C 521 27.65 -27.28 12.98
CA TYR C 521 29.03 -26.86 12.72
C TYR C 521 29.07 -25.42 12.20
N ALA C 522 28.21 -25.08 11.24
CA ALA C 522 28.20 -23.74 10.69
C ALA C 522 27.84 -22.70 11.75
N ASN C 523 26.85 -23.00 12.58
CA ASN C 523 26.48 -22.08 13.65
C ASN C 523 27.62 -21.90 14.64
N LEU C 524 28.31 -22.99 14.99
CA LEU C 524 29.43 -22.88 15.91
C LEU C 524 30.56 -22.04 15.31
N GLN C 525 30.84 -22.23 14.02
CA GLN C 525 31.96 -21.51 13.41
C GLN C 525 31.63 -20.04 13.16
N ILE C 526 30.35 -19.71 12.98
CA ILE C 526 29.99 -18.33 12.66
C ILE C 526 29.62 -17.54 13.90
N LYS C 527 28.72 -18.06 14.73
CA LYS C 527 28.27 -17.35 15.92
C LYS C 527 29.09 -17.67 17.16
N GLY C 528 29.69 -18.85 17.23
CA GLY C 528 30.40 -19.27 18.42
C GLY C 528 29.45 -19.82 19.47
N PHE C 529 29.81 -20.95 20.08
CA PHE C 529 28.96 -21.58 21.07
C PHE C 529 29.83 -22.40 22.01
N ARG C 530 29.43 -22.46 23.28
CA ARG C 530 30.19 -23.22 24.27
C ARG C 530 30.05 -24.72 24.03
N LEU C 531 31.12 -25.45 24.33
CA LEU C 531 31.15 -26.89 24.20
C LEU C 531 31.22 -27.55 25.57
N ASP C 532 30.50 -28.67 25.71
CA ASP C 532 30.54 -29.49 26.93
C ASP C 532 30.11 -28.72 28.17
N GLY C 533 29.26 -27.71 27.98
CA GLY C 533 28.78 -26.93 29.12
C GLY C 533 29.85 -26.18 29.85
N SER C 534 30.80 -25.59 29.13
CA SER C 534 31.88 -24.85 29.75
C SER C 534 31.64 -23.35 29.67
N ALA C 548 28.47 -13.01 24.72
CA ALA C 548 27.92 -14.28 25.17
C ALA C 548 26.75 -14.71 24.29
N PRO C 549 27.01 -15.64 23.36
CA PRO C 549 25.93 -16.13 22.49
C PRO C 549 24.80 -16.81 23.23
N GLY C 550 25.09 -17.50 24.34
CA GLY C 550 24.09 -18.20 25.08
C GLY C 550 24.04 -19.68 24.76
N PRO C 551 23.11 -20.40 25.37
CA PRO C 551 23.01 -21.84 25.11
C PRO C 551 22.42 -22.13 23.73
N TYR C 552 22.76 -23.29 23.20
CA TYR C 552 22.33 -23.68 21.87
C TYR C 552 20.87 -24.12 21.92
N PRO C 553 19.98 -23.55 21.10
CA PRO C 553 18.53 -23.69 21.36
C PRO C 553 17.88 -24.98 20.91
N LEU C 554 18.65 -26.04 20.66
CA LEU C 554 18.05 -27.27 20.13
C LEU C 554 17.12 -27.93 21.15
N LEU C 555 17.60 -28.08 22.39
CA LEU C 555 16.80 -28.75 23.41
C LEU C 555 15.55 -27.96 23.75
N ASP C 556 15.65 -26.64 23.83
CA ASP C 556 14.46 -25.82 24.09
C ASP C 556 13.44 -25.99 22.98
N TYR C 557 13.89 -26.00 21.73
CA TYR C 557 12.98 -26.16 20.60
C TYR C 557 12.31 -27.53 20.66
N LEU C 558 13.06 -28.57 20.99
CA LEU C 558 12.48 -29.91 21.11
C LEU C 558 11.44 -29.96 22.22
N ARG C 559 11.73 -29.33 23.37
CA ARG C 559 10.79 -29.38 24.49
C ARG C 559 9.52 -28.57 24.21
N GLU C 560 9.65 -27.45 23.50
CA GLU C 560 8.48 -26.62 23.24
C GLU C 560 7.57 -27.20 22.17
N GLY C 561 8.04 -28.17 21.39
CA GLY C 561 7.24 -28.79 20.36
C GLY C 561 7.49 -28.32 18.94
N VAL C 562 8.62 -27.66 18.69
CA VAL C 562 8.93 -27.16 17.36
C VAL C 562 9.49 -28.28 16.50
N ARG C 563 9.06 -28.34 15.24
CA ARG C 563 9.55 -29.32 14.28
C ARG C 563 10.94 -28.87 13.83
N VAL C 564 11.97 -29.33 14.55
CA VAL C 564 13.34 -28.89 14.34
C VAL C 564 14.15 -30.07 13.79
N THR C 565 15.08 -29.76 12.88
CA THR C 565 15.91 -30.76 12.22
C THR C 565 17.36 -30.30 12.20
N VAL C 566 18.26 -31.27 12.04
CA VAL C 566 19.70 -31.04 12.03
C VAL C 566 20.21 -31.31 10.62
N ASN C 567 20.99 -30.38 10.07
CA ASN C 567 21.47 -30.49 8.70
C ASN C 567 22.96 -30.18 8.60
N THR C 568 23.48 -30.06 7.37
CA THR C 568 24.91 -29.90 7.13
C THR C 568 25.30 -28.57 6.51
N ASP C 569 24.38 -27.86 5.86
CA ASP C 569 24.69 -26.62 5.14
C ASP C 569 25.71 -26.87 4.04
N ASN C 570 26.95 -26.44 4.26
CA ASN C 570 28.03 -26.62 3.30
C ASN C 570 28.93 -27.75 3.78
N ILE C 571 28.98 -28.84 3.00
CA ILE C 571 29.79 -29.99 3.38
C ILE C 571 31.27 -29.67 3.25
N GLY C 572 31.65 -28.97 2.19
CA GLY C 572 33.06 -28.72 1.95
C GLY C 572 33.63 -27.60 2.80
N ILE C 573 32.91 -26.48 2.91
CA ILE C 573 33.42 -25.34 3.66
C ILE C 573 33.51 -25.66 5.14
N SER C 574 32.47 -26.28 5.71
CA SER C 574 32.49 -26.64 7.11
C SER C 574 33.28 -27.91 7.40
N ALA C 575 33.61 -28.68 6.37
CA ALA C 575 34.44 -29.89 6.50
C ALA C 575 33.85 -30.88 7.52
N ALA C 576 32.55 -31.15 7.37
CA ALA C 576 31.87 -32.09 8.24
C ALA C 576 30.72 -32.74 7.48
N SER C 577 30.32 -33.92 7.95
CA SER C 577 29.19 -34.66 7.39
C SER C 577 28.05 -34.68 8.39
N LEU C 578 26.94 -35.33 7.98
CA LEU C 578 25.73 -35.31 8.79
C LEU C 578 25.91 -36.07 10.10
N THR C 579 26.66 -37.17 10.07
CA THR C 579 26.98 -37.89 11.31
C THR C 579 27.76 -36.99 12.26
N ASP C 580 28.73 -36.25 11.72
CA ASP C 580 29.50 -35.32 12.54
C ASP C 580 28.60 -34.22 13.10
N ASN C 581 27.63 -33.75 12.31
CA ASN C 581 26.71 -32.74 12.81
C ASN C 581 25.85 -33.27 13.94
N LEU C 582 25.38 -34.52 13.83
CA LEU C 582 24.59 -35.11 14.91
C LEU C 582 25.42 -35.27 16.18
N LEU C 583 26.67 -35.75 16.05
CA LEU C 583 27.52 -35.89 17.23
C LEU C 583 27.84 -34.53 17.86
N LEU C 584 28.11 -33.52 17.03
CA LEU C 584 28.36 -32.19 17.58
C LEU C 584 27.12 -31.58 18.19
N ALA C 585 25.93 -31.90 17.66
CA ALA C 585 24.69 -31.47 18.30
C ALA C 585 24.54 -32.11 19.67
N ALA C 586 24.94 -33.37 19.79
CA ALA C 586 24.98 -34.00 21.11
C ALA C 586 25.94 -33.28 22.03
N ARG C 587 27.09 -32.82 21.50
CA ARG C 587 28.05 -32.11 22.33
C ARG C 587 27.56 -30.72 22.74
N LEU C 588 26.82 -30.03 21.86
CA LEU C 588 26.38 -28.67 22.15
C LEU C 588 25.29 -28.61 23.22
N CYS C 589 24.47 -29.66 23.32
CA CYS C 589 23.37 -29.71 24.28
C CYS C 589 23.53 -30.97 25.12
N PRO C 590 24.31 -30.91 26.20
CA PRO C 590 24.47 -32.07 27.07
C PRO C 590 23.14 -32.51 27.64
N GLY C 591 22.96 -33.83 27.74
CA GLY C 591 21.71 -34.42 28.13
C GLY C 591 20.82 -34.84 26.99
N LEU C 592 21.24 -34.60 25.75
CA LEU C 592 20.46 -35.00 24.59
C LEU C 592 20.48 -36.52 24.47
N THR C 593 19.31 -37.12 24.27
CA THR C 593 19.17 -38.56 24.24
C THR C 593 19.03 -39.06 22.80
N ARG C 594 18.99 -40.39 22.67
CA ARG C 594 18.91 -41.04 21.37
C ARG C 594 17.50 -40.96 20.78
N LEU C 595 16.48 -41.04 21.65
CA LEU C 595 15.13 -40.72 21.23
C LEU C 595 15.05 -39.34 20.60
N ASP C 596 15.88 -38.40 21.06
CA ASP C 596 15.88 -37.07 20.45
C ASP C 596 16.33 -37.12 19.00
N LEU C 597 17.37 -37.92 18.70
CA LEU C 597 17.77 -38.09 17.31
C LEU C 597 16.67 -38.75 16.48
N LEU C 598 15.99 -39.74 17.06
CA LEU C 598 14.89 -40.37 16.32
C LEU C 598 13.75 -39.39 16.08
N HIS C 599 13.44 -38.54 17.06
CA HIS C 599 12.43 -37.50 16.88
C HIS C 599 12.86 -36.50 15.81
N LEU C 600 14.15 -36.17 15.76
CA LEU C 600 14.63 -35.27 14.71
C LEU C 600 14.43 -35.89 13.33
N GLN C 601 14.71 -37.19 13.20
CA GLN C 601 14.48 -37.86 11.93
C GLN C 601 12.99 -37.85 11.57
N ARG C 602 12.12 -38.10 12.54
CA ARG C 602 10.68 -38.07 12.28
C ARG C 602 10.23 -36.69 11.85
N HIS C 603 10.74 -35.65 12.51
CA HIS C 603 10.39 -34.28 12.15
C HIS C 603 10.84 -33.94 10.73
N ALA C 604 12.06 -34.37 10.38
CA ALA C 604 12.55 -34.16 9.02
C ALA C 604 11.67 -34.86 8.00
N LEU C 605 11.23 -36.08 8.32
CA LEU C 605 10.33 -36.80 7.42
C LEU C 605 9.00 -36.05 7.28
N GLU C 606 8.51 -35.47 8.38
CA GLU C 606 7.23 -34.78 8.34
C GLU C 606 7.29 -33.44 7.62
N THR C 607 8.44 -32.77 7.60
CA THR C 607 8.53 -31.43 7.04
C THR C 607 9.15 -31.39 5.63
N ALA C 608 9.18 -32.53 4.94
CA ALA C 608 9.75 -32.56 3.61
C ALA C 608 8.70 -32.17 2.56
N PHE C 609 9.19 -31.70 1.41
CA PHE C 609 8.33 -31.32 0.29
C PHE C 609 8.13 -32.50 -0.66
N CYS C 610 7.56 -33.57 -0.11
CA CYS C 610 7.29 -34.79 -0.87
C CYS C 610 5.80 -35.09 -0.86
N THR C 611 5.39 -36.06 -1.68
CA THR C 611 4.01 -36.47 -1.75
C THR C 611 3.67 -37.40 -0.59
N ALA C 612 2.37 -37.62 -0.40
CA ALA C 612 1.92 -38.45 0.72
C ALA C 612 2.38 -39.89 0.58
N THR C 613 2.30 -40.46 -0.63
CA THR C 613 2.74 -41.84 -0.83
C THR C 613 4.24 -41.96 -0.59
N GLN C 614 5.02 -40.99 -1.07
CA GLN C 614 6.45 -40.99 -0.81
C GLN C 614 6.75 -40.88 0.68
N ARG C 615 5.98 -40.05 1.39
CA ARG C 615 6.17 -39.92 2.83
C ARG C 615 5.88 -41.23 3.56
N LEU C 616 4.80 -41.92 3.17
CA LEU C 616 4.49 -43.21 3.78
C LEU C 616 5.57 -44.24 3.49
N THR C 617 6.05 -44.29 2.25
CA THR C 617 7.11 -45.22 1.90
C THR C 617 8.38 -44.93 2.69
N LEU C 618 8.72 -43.65 2.84
CA LEU C 618 9.89 -43.27 3.62
C LEU C 618 9.72 -43.67 5.08
N LEU C 619 8.53 -43.48 5.64
CA LEU C 619 8.27 -43.89 7.01
C LEU C 619 8.49 -45.38 7.18
N ARG C 620 7.93 -46.19 6.27
CA ARG C 620 8.09 -47.63 6.37
C ARG C 620 9.56 -48.04 6.23
N ARG C 621 10.28 -47.41 5.31
CA ARG C 621 11.68 -47.76 5.10
C ARG C 621 12.53 -47.39 6.33
N ILE C 622 12.30 -46.20 6.90
CA ILE C 622 13.11 -45.77 8.03
C ILE C 622 12.79 -46.60 9.27
N SER C 623 11.53 -46.97 9.46
CA SER C 623 11.15 -47.69 10.68
C SER C 623 11.87 -49.02 10.80
N SER C 624 12.06 -49.73 9.70
CA SER C 624 12.66 -51.06 9.73
C SER C 624 14.17 -51.04 9.54
N GLY C 625 14.79 -49.86 9.43
CA GLY C 625 16.21 -49.79 9.18
C GLY C 625 17.05 -49.37 10.37
N ILE C 626 16.41 -49.07 11.49
CA ILE C 626 17.15 -48.59 12.66
C ILE C 626 17.97 -49.74 13.25
N PRO C 627 19.27 -49.58 13.42
CA PRO C 627 20.07 -50.66 14.03
C PRO C 627 19.79 -50.81 15.52
N ARG C 628 20.04 -52.00 16.00
CA ARG C 628 19.90 -52.36 17.40
C ARG C 628 21.24 -52.35 18.11
N PRO C 629 21.26 -52.09 19.44
CA PRO C 629 22.49 -52.05 20.23
C PRO C 629 23.30 -53.34 20.14
N ASN D 2 21.72 -68.02 44.53
CA ASN D 2 21.46 -67.00 45.55
C ASN D 2 19.96 -66.79 45.73
N VAL D 3 19.19 -67.20 44.71
CA VAL D 3 17.74 -67.07 44.75
C VAL D 3 17.17 -68.15 45.66
N GLN D 4 15.90 -68.01 46.04
CA GLN D 4 15.29 -68.95 46.96
C GLN D 4 15.02 -70.30 46.29
N ALA D 5 14.71 -70.29 44.99
CA ALA D 5 14.57 -71.49 44.18
C ALA D 5 13.50 -72.43 44.73
N HIS D 6 12.26 -71.94 44.69
CA HIS D 6 11.12 -72.76 45.05
C HIS D 6 10.87 -73.82 43.98
N LEU D 7 10.35 -74.97 44.41
CA LEU D 7 10.02 -76.07 43.53
C LEU D 7 8.51 -76.32 43.59
N PHE D 8 7.89 -76.53 42.42
CA PHE D 8 6.47 -76.86 42.32
C PHE D 8 6.34 -78.17 41.58
N VAL D 9 5.57 -79.11 42.16
CA VAL D 9 5.44 -80.44 41.58
C VAL D 9 4.00 -80.93 41.72
N SER D 10 3.55 -81.69 40.73
CA SER D 10 2.25 -82.36 40.77
C SER D 10 2.46 -83.84 41.07
N LEU D 11 1.52 -84.44 41.80
CA LEU D 11 1.64 -85.81 42.26
C LEU D 11 0.44 -86.62 41.80
N GLY D 12 0.70 -87.84 41.33
CA GLY D 12 -0.32 -88.79 40.94
C GLY D 12 -0.51 -89.86 42.00
N THR D 13 -0.88 -91.06 41.54
CA THR D 13 -1.08 -92.19 42.45
C THR D 13 0.22 -92.93 42.74
N ALA D 14 1.33 -92.50 42.15
CA ALA D 14 2.64 -93.13 42.36
C ALA D 14 3.53 -92.19 43.14
N PRO D 15 3.76 -92.44 44.43
CA PRO D 15 4.68 -91.59 45.19
C PRO D 15 6.13 -91.87 44.85
N ALA D 16 7.05 -91.26 45.61
CA ALA D 16 8.49 -91.37 45.41
C ALA D 16 8.96 -90.64 44.17
N ILE D 17 8.13 -89.76 43.61
CA ILE D 17 8.54 -88.87 42.54
C ILE D 17 8.99 -87.52 43.08
N VAL D 18 8.28 -86.98 44.07
CA VAL D 18 8.71 -85.73 44.69
C VAL D 18 10.05 -85.88 45.38
N PRO D 19 10.31 -86.92 46.18
CA PRO D 19 11.67 -87.10 46.70
C PRO D 19 12.73 -87.16 45.62
N GLU D 20 12.43 -87.82 44.49
CA GLU D 20 13.40 -87.87 43.40
C GLU D 20 13.66 -86.48 42.83
N ALA D 21 12.59 -85.77 42.45
CA ALA D 21 12.74 -84.47 41.82
C ALA D 21 13.33 -83.44 42.77
N PHE D 22 13.25 -83.66 44.07
CA PHE D 22 13.92 -82.78 45.02
C PHE D 22 15.43 -82.82 44.86
N LEU D 23 15.97 -83.94 44.38
CA LEU D 23 17.41 -84.11 44.23
C LEU D 23 17.89 -83.69 42.84
N LEU D 24 17.56 -82.46 42.45
CA LEU D 24 18.06 -81.93 41.19
C LEU D 24 19.55 -81.63 41.33
N PRO D 25 20.39 -82.12 40.42
CA PRO D 25 21.84 -81.94 40.60
C PRO D 25 22.29 -80.51 40.40
N GLY D 26 22.12 -79.67 41.42
CA GLY D 26 22.62 -78.31 41.34
C GLY D 26 21.72 -77.27 41.98
N ALA D 27 20.52 -77.66 42.37
CA ALA D 27 19.55 -76.74 42.95
C ALA D 27 19.45 -76.94 44.46
N ARG D 28 19.37 -75.82 45.18
CA ARG D 28 19.18 -75.82 46.62
C ARG D 28 17.73 -75.39 46.87
N PHE D 29 16.83 -76.37 46.85
CA PHE D 29 15.40 -76.09 46.90
C PHE D 29 14.97 -75.67 48.30
N VAL D 30 14.03 -74.72 48.34
CA VAL D 30 13.39 -74.28 49.57
C VAL D 30 11.90 -74.17 49.31
N SER D 31 11.08 -74.63 50.26
CA SER D 31 9.62 -74.54 50.19
C SER D 31 9.09 -75.29 48.97
N VAL D 32 9.24 -76.60 49.01
CA VAL D 32 8.67 -77.47 48.00
C VAL D 32 7.15 -77.45 48.10
N HIS D 33 6.48 -77.26 46.97
CA HIS D 33 5.02 -77.24 46.90
C HIS D 33 4.54 -78.43 46.09
N VAL D 34 3.53 -79.12 46.60
CA VAL D 34 2.97 -80.32 45.97
C VAL D 34 1.49 -80.10 45.73
N LEU D 35 1.05 -80.38 44.51
CA LEU D 35 -0.36 -80.29 44.13
C LEU D 35 -0.86 -81.68 43.75
N THR D 36 -1.98 -82.09 44.35
CA THR D 36 -2.49 -83.44 44.18
C THR D 36 -4.00 -83.45 44.35
N THR D 37 -4.58 -84.63 44.17
CA THR D 37 -6.02 -84.82 44.25
C THR D 37 -6.41 -85.37 45.63
N GLU D 38 -7.66 -85.79 45.77
CA GLU D 38 -8.16 -86.30 47.06
C GLU D 38 -7.56 -87.65 47.43
N ARG D 39 -7.52 -88.59 46.49
CA ARG D 39 -7.24 -89.99 46.80
C ARG D 39 -5.79 -90.31 47.21
N PRO D 40 -4.76 -89.90 46.45
CA PRO D 40 -3.43 -90.49 46.66
C PRO D 40 -2.80 -90.13 48.00
N ASP D 41 -1.88 -90.98 48.45
CA ASP D 41 -1.29 -90.89 49.78
C ASP D 41 0.02 -90.11 49.74
N VAL D 42 0.31 -89.40 50.83
CA VAL D 42 1.48 -88.53 50.89
C VAL D 42 2.31 -88.78 52.15
N THR D 43 2.14 -89.94 52.79
CA THR D 43 2.91 -90.23 53.99
C THR D 43 4.39 -90.41 53.67
N LEU D 44 4.71 -91.05 52.55
CA LEU D 44 6.10 -91.30 52.20
C LEU D 44 6.86 -89.99 51.99
N ILE D 45 6.25 -89.03 51.31
CA ILE D 45 6.88 -87.74 51.07
C ILE D 45 7.14 -87.02 52.38
N ARG D 46 6.14 -87.03 53.27
CA ARG D 46 6.29 -86.36 54.56
C ARG D 46 7.41 -87.00 55.38
N GLU D 47 7.48 -88.33 55.40
CA GLU D 47 8.54 -88.98 56.16
C GLU D 47 9.91 -88.69 55.55
N PHE D 48 9.99 -88.66 54.22
CA PHE D 48 11.25 -88.31 53.57
C PHE D 48 11.72 -86.92 53.98
N PHE D 49 10.83 -85.93 53.87
CA PHE D 49 11.25 -84.57 54.18
C PHE D 49 11.44 -84.37 55.68
N ARG D 50 10.85 -85.23 56.51
CA ARG D 50 11.09 -85.12 57.94
C ARG D 50 12.43 -85.73 58.35
N ARG D 51 12.84 -86.80 57.67
CA ARG D 51 14.04 -87.51 58.10
C ARG D 51 15.31 -87.09 57.35
N HIS D 52 15.17 -86.55 56.13
CA HIS D 52 16.34 -86.21 55.32
C HIS D 52 16.50 -84.72 55.05
N ALA D 53 15.49 -83.89 55.34
CA ALA D 53 15.61 -82.47 55.06
C ALA D 53 14.70 -81.66 55.98
N PRO D 54 15.10 -81.44 57.24
CA PRO D 54 14.19 -80.77 58.19
C PRO D 54 13.72 -79.39 57.73
N GLY D 55 14.64 -78.50 57.37
CA GLY D 55 14.29 -77.13 57.08
C GLY D 55 13.88 -76.85 55.65
N VAL D 56 12.79 -77.46 55.20
CA VAL D 56 12.29 -77.27 53.84
C VAL D 56 10.80 -76.94 53.82
N ASN D 57 10.14 -76.90 54.98
CA ASN D 57 8.74 -76.51 55.19
C ASN D 57 7.82 -76.90 54.04
N LEU D 58 7.74 -78.21 53.78
CA LEU D 58 6.88 -78.75 52.74
C LEU D 58 5.41 -78.36 52.96
N THR D 59 4.71 -78.10 51.86
CA THR D 59 3.28 -77.82 51.88
C THR D 59 2.58 -78.69 50.84
N ILE D 60 1.39 -79.16 51.18
CA ILE D 60 0.62 -80.06 50.32
C ILE D 60 -0.77 -79.46 50.11
N THR D 61 -1.23 -79.44 48.86
CA THR D 61 -2.50 -78.86 48.49
C THR D 61 -3.33 -79.88 47.71
N ARG D 62 -4.63 -79.92 48.00
CA ARG D 62 -5.56 -80.84 47.35
C ARG D 62 -6.71 -80.06 46.73
N VAL D 63 -7.20 -80.55 45.60
CA VAL D 63 -8.37 -80.00 44.94
C VAL D 63 -9.62 -80.61 45.56
N ALA D 64 -10.59 -79.74 45.88
CA ALA D 64 -11.67 -80.13 46.78
C ALA D 64 -12.51 -81.27 46.23
N GLY D 65 -12.88 -81.20 44.96
CA GLY D 65 -13.82 -82.17 44.43
C GLY D 65 -13.38 -82.92 43.20
N PHE D 66 -12.08 -83.25 43.13
CA PHE D 66 -11.51 -83.96 41.99
C PHE D 66 -10.79 -85.20 42.51
N GLN D 67 -11.36 -86.37 42.21
CA GLN D 67 -10.76 -87.64 42.62
C GLN D 67 -10.61 -88.57 41.42
N ASP D 68 -11.50 -88.41 40.43
CA ASP D 68 -11.35 -89.06 39.14
C ASP D 68 -12.06 -88.21 38.10
N LEU D 69 -11.62 -88.33 36.85
CA LEU D 69 -12.13 -87.48 35.77
C LEU D 69 -12.98 -88.32 34.82
N LYS D 70 -14.19 -87.85 34.56
CA LYS D 70 -15.10 -88.46 33.59
C LYS D 70 -15.49 -87.49 32.49
N SER D 71 -15.91 -86.29 32.86
CA SER D 71 -16.22 -85.23 31.92
C SER D 71 -15.08 -84.21 31.92
N GLU D 72 -15.27 -83.11 31.20
CA GLU D 72 -14.29 -82.04 31.13
C GLU D 72 -14.46 -81.02 32.25
N GLU D 73 -15.54 -81.09 33.03
CA GLU D 73 -15.82 -80.08 34.03
C GLU D 73 -14.75 -80.06 35.13
N ASP D 74 -14.33 -81.23 35.60
CA ASP D 74 -13.40 -81.28 36.72
C ASP D 74 -11.97 -80.92 36.29
N HIS D 75 -11.64 -81.17 35.03
CA HIS D 75 -10.33 -80.72 34.53
C HIS D 75 -10.22 -79.20 34.57
N PHE D 76 -11.30 -78.50 34.23
CA PHE D 76 -11.27 -77.04 34.25
C PHE D 76 -11.11 -76.50 35.67
N ARG D 77 -11.80 -77.10 36.63
CA ARG D 77 -11.64 -76.65 38.01
C ARG D 77 -10.25 -76.96 38.53
N PHE D 78 -9.69 -78.11 38.13
CA PHE D 78 -8.29 -78.40 38.47
C PHE D 78 -7.36 -77.33 37.91
N GLU D 79 -7.57 -76.94 36.65
CA GLU D 79 -6.72 -75.95 36.02
C GLU D 79 -6.83 -74.59 36.72
N GLU D 80 -8.06 -74.19 37.06
CA GLU D 80 -8.25 -72.92 37.75
C GLU D 80 -7.59 -72.93 39.12
N VAL D 81 -7.74 -74.02 39.87
CA VAL D 81 -7.09 -74.14 41.16
C VAL D 81 -5.57 -74.12 41.01
N MET D 82 -5.06 -74.76 39.95
CA MET D 82 -3.62 -74.77 39.72
C MET D 82 -3.08 -73.37 39.45
N PHE D 83 -3.78 -72.60 38.61
CA PHE D 83 -3.34 -71.22 38.38
C PHE D 83 -3.38 -70.39 39.66
N ARG D 84 -4.51 -70.44 40.38
CA ARG D 84 -4.61 -69.63 41.60
C ARG D 84 -3.62 -70.10 42.67
N TRP D 85 -3.20 -71.36 42.60
CA TRP D 85 -2.18 -71.87 43.51
C TRP D 85 -0.80 -71.36 43.12
N PHE D 86 -0.54 -71.24 41.82
CA PHE D 86 0.71 -70.60 41.39
C PHE D 86 0.77 -69.15 41.81
N LEU D 87 -0.34 -68.41 41.63
CA LEU D 87 -0.36 -67.01 42.03
C LEU D 87 -0.39 -66.84 43.54
N ALA D 88 -0.75 -67.89 44.29
CA ALA D 88 -0.90 -67.76 45.73
C ALA D 88 0.42 -67.37 46.40
N SER D 89 1.51 -68.00 45.99
CA SER D 89 2.81 -67.69 46.56
C SER D 89 3.38 -66.42 45.95
N ARG D 90 4.12 -65.66 46.76
CA ARG D 90 4.79 -64.45 46.31
C ARG D 90 6.11 -64.87 45.67
N THR D 91 6.08 -65.16 44.37
CA THR D 91 7.23 -65.72 43.70
C THR D 91 7.41 -65.07 42.34
N GLY D 92 8.68 -64.92 41.95
CA GLY D 92 9.01 -64.38 40.65
C GLY D 92 9.37 -65.45 39.65
N PRO D 93 9.45 -65.08 38.38
CA PRO D 93 9.79 -66.07 37.35
C PRO D 93 11.16 -66.70 37.51
N GLU D 94 12.11 -66.00 38.13
CA GLU D 94 13.49 -66.48 38.22
C GLU D 94 13.70 -67.47 39.36
N GLN D 95 12.67 -67.77 40.15
CA GLN D 95 12.79 -68.73 41.24
C GLN D 95 11.71 -69.80 41.20
N ARG D 96 11.06 -69.99 40.05
CA ARG D 96 10.09 -71.08 39.88
C ARG D 96 10.77 -72.23 39.15
N PHE D 97 10.76 -73.40 39.78
CA PHE D 97 11.18 -74.65 39.14
C PHE D 97 9.97 -75.56 39.06
N VAL D 98 9.61 -75.97 37.86
CA VAL D 98 8.37 -76.69 37.60
C VAL D 98 8.73 -78.10 37.11
N CYS D 99 8.19 -79.10 37.79
CA CYS D 99 8.30 -80.50 37.38
C CYS D 99 6.92 -81.01 37.01
N LEU D 100 6.77 -81.49 35.78
CA LEU D 100 5.49 -81.96 35.26
C LEU D 100 5.30 -83.46 35.45
N THR D 101 6.23 -84.14 36.11
CA THR D 101 6.12 -85.57 36.31
C THR D 101 5.06 -85.88 37.34
N GLY D 102 4.20 -86.84 37.04
CA GLY D 102 3.19 -87.27 38.00
C GLY D 102 1.82 -86.70 37.73
N GLY D 103 0.78 -87.52 37.91
CA GLY D 103 -0.58 -87.10 37.69
C GLY D 103 -1.13 -87.61 36.38
N PHE D 104 -2.39 -87.24 36.13
CA PHE D 104 -3.09 -87.66 34.93
C PHE D 104 -2.41 -87.07 33.70
N LYS D 105 -2.63 -87.68 32.53
CA LYS D 105 -1.91 -87.27 31.33
C LYS D 105 -2.22 -85.83 30.95
N THR D 106 -3.39 -85.33 31.33
CA THR D 106 -3.75 -83.95 31.08
C THR D 106 -3.18 -82.98 32.12
N MET D 107 -2.62 -83.50 33.21
CA MET D 107 -2.04 -82.62 34.23
C MET D 107 -0.69 -82.06 33.79
N SER D 108 0.11 -82.87 33.09
CA SER D 108 1.41 -82.39 32.63
C SER D 108 1.26 -81.27 31.60
N ALA D 109 0.29 -81.40 30.70
CA ALA D 109 0.03 -80.34 29.74
C ALA D 109 -0.37 -79.04 30.43
N ALA D 110 -1.23 -79.14 31.45
CA ALA D 110 -1.62 -77.95 32.21
C ALA D 110 -0.43 -77.35 32.93
N MET D 111 0.44 -78.19 33.49
CA MET D 111 1.63 -77.68 34.18
C MET D 111 2.53 -76.92 33.22
N GLN D 112 2.78 -77.48 32.03
CA GLN D 112 3.64 -76.78 31.08
C GLN D 112 2.97 -75.51 30.58
N LYS D 113 1.66 -75.53 30.41
CA LYS D 113 0.95 -74.32 30.01
C LYS D 113 1.09 -73.22 31.06
N ALA D 114 0.94 -73.59 32.34
CA ALA D 114 1.13 -72.63 33.40
C ALA D 114 2.55 -72.10 33.42
N ALA D 115 3.54 -72.98 33.20
CA ALA D 115 4.93 -72.53 33.16
C ALA D 115 5.19 -71.57 32.01
N THR D 116 4.62 -71.85 30.84
CA THR D 116 4.91 -71.02 29.68
C THR D 116 4.14 -69.71 29.72
N VAL D 117 3.01 -69.67 30.44
CA VAL D 117 2.28 -68.42 30.56
C VAL D 117 2.87 -67.55 31.67
N LEU D 118 3.05 -68.12 32.86
CA LEU D 118 3.52 -67.35 34.01
C LEU D 118 5.01 -67.11 33.99
N GLY D 119 5.79 -67.99 33.36
CA GLY D 119 7.23 -67.85 33.35
C GLY D 119 7.90 -68.64 34.45
N ALA D 120 8.97 -69.35 34.12
CA ALA D 120 9.67 -70.18 35.10
C ALA D 120 11.15 -70.23 34.75
N ALA D 121 11.96 -70.52 35.78
CA ALA D 121 13.40 -70.63 35.57
C ALA D 121 13.79 -71.94 34.90
N GLU D 122 13.06 -73.02 35.17
CA GLU D 122 13.39 -74.31 34.57
C GLU D 122 12.16 -75.21 34.62
N VAL D 123 11.94 -75.94 33.52
CA VAL D 123 10.92 -76.97 33.42
C VAL D 123 11.62 -78.28 33.13
N PHE D 124 11.28 -79.32 33.90
CA PHE D 124 12.03 -80.58 33.79
C PHE D 124 11.11 -81.76 34.08
N HIS D 125 11.56 -82.93 33.61
CA HIS D 125 10.86 -84.19 33.75
C HIS D 125 11.86 -85.23 34.24
N VAL D 126 11.44 -86.05 35.20
CA VAL D 126 12.34 -86.97 35.89
C VAL D 126 11.91 -88.40 35.56
N LEU D 127 12.88 -89.25 35.22
CA LEU D 127 12.65 -90.65 34.95
C LEU D 127 13.64 -91.52 35.72
N ALA D 128 13.24 -92.77 35.94
CA ALA D 128 14.09 -93.72 36.65
C ALA D 128 13.98 -95.08 35.98
N ASP D 129 15.06 -95.85 36.05
CA ASP D 129 15.10 -97.17 35.46
C ASP D 129 14.72 -98.24 36.48
N ASP D 130 14.77 -99.49 36.05
CA ASP D 130 14.45 -100.64 36.90
C ASP D 130 15.72 -101.07 37.62
N CYS D 131 15.91 -100.53 38.83
CA CYS D 131 17.12 -100.79 39.61
C CYS D 131 16.89 -101.75 40.77
N CYS D 132 15.63 -102.09 41.08
CA CYS D 132 15.30 -102.91 42.23
C CYS D 132 14.71 -104.23 41.77
N VAL D 133 15.23 -105.33 42.30
CA VAL D 133 14.74 -106.65 41.90
C VAL D 133 13.32 -106.88 42.43
N GLY D 134 13.05 -106.44 43.65
CA GLY D 134 11.72 -106.56 44.22
C GLY D 134 11.23 -107.98 44.32
N PRO D 135 9.91 -108.16 44.39
CA PRO D 135 9.35 -109.52 44.40
C PRO D 135 9.39 -110.15 43.01
N GLN D 136 9.14 -109.35 41.98
CA GLN D 136 9.30 -109.75 40.60
C GLN D 136 10.30 -108.82 39.94
N GLY D 137 11.18 -109.37 39.12
CA GLY D 137 12.39 -108.66 38.74
C GLY D 137 12.12 -107.41 37.92
N ARG D 138 13.13 -106.54 37.89
CA ARG D 138 13.15 -105.32 37.08
C ARG D 138 11.99 -104.39 37.43
N LEU D 139 12.05 -103.90 38.66
CA LEU D 139 11.06 -102.96 39.18
C LEU D 139 11.69 -101.65 39.60
N MET D 140 10.97 -100.56 39.30
CA MET D 140 11.21 -99.27 39.90
C MET D 140 11.18 -99.33 41.42
N PRO D 141 11.85 -98.37 42.08
CA PRO D 141 11.75 -98.27 43.54
C PRO D 141 10.54 -97.45 43.95
N PRO D 142 9.53 -98.08 44.53
CA PRO D 142 8.34 -97.35 44.99
C PRO D 142 8.35 -96.76 46.39
N SER D 143 9.14 -97.29 47.31
CA SER D 143 9.18 -96.85 48.70
C SER D 143 10.59 -97.13 49.21
N THR D 144 10.74 -97.20 50.53
CA THR D 144 12.00 -97.59 51.17
C THR D 144 13.14 -96.67 50.73
N LEU D 145 13.05 -95.43 51.21
CA LEU D 145 13.92 -94.30 50.87
C LEU D 145 15.36 -94.71 50.58
N GLU D 146 15.89 -95.62 51.40
CA GLU D 146 17.27 -96.07 51.22
C GLU D 146 17.54 -96.55 49.81
N GLU D 147 16.57 -97.20 49.15
CA GLU D 147 16.83 -97.66 47.79
C GLU D 147 16.79 -96.52 46.79
N ILE D 148 15.96 -95.49 47.02
CA ILE D 148 16.01 -94.30 46.19
C ILE D 148 17.37 -93.61 46.30
N LEU D 149 17.86 -93.48 47.53
CA LEU D 149 19.18 -92.88 47.75
C LEU D 149 20.27 -93.74 47.13
N TRP D 150 20.14 -95.06 47.20
CA TRP D 150 21.09 -95.95 46.55
C TRP D 150 21.08 -95.75 45.03
N ALA D 151 19.89 -95.63 44.44
CA ALA D 151 19.79 -95.40 43.01
C ALA D 151 20.43 -94.07 42.63
N ARG D 152 20.26 -93.05 43.48
CA ARG D 152 20.94 -91.79 43.25
C ARG D 152 22.45 -91.94 43.35
N ASP D 153 22.93 -92.73 44.31
CA ASP D 153 24.37 -92.85 44.55
C ASP D 153 25.08 -93.56 43.40
N GLN D 154 24.72 -94.82 43.15
CA GLN D 154 25.21 -95.50 41.96
C GLN D 154 24.82 -94.78 40.68
N GLY D 155 23.72 -94.03 40.69
CA GLY D 155 23.53 -92.98 39.71
C GLY D 155 23.10 -93.36 38.31
N HIS D 156 21.89 -93.87 38.15
CA HIS D 156 21.20 -93.83 36.86
C HIS D 156 19.80 -93.26 37.07
N LEU D 157 19.72 -91.94 37.03
CA LEU D 157 18.49 -91.18 36.82
C LEU D 157 18.66 -90.42 35.50
N HIS D 158 17.64 -89.68 35.10
CA HIS D 158 17.65 -89.12 33.75
C HIS D 158 17.67 -87.61 33.72
N TRP D 159 16.80 -86.94 34.46
CA TRP D 159 16.81 -85.48 34.60
C TRP D 159 16.68 -84.77 33.25
N ILE D 160 15.52 -84.94 32.63
CA ILE D 160 15.24 -84.30 31.35
C ILE D 160 14.95 -82.83 31.60
N ARG D 161 15.85 -81.96 31.17
CA ARG D 161 15.74 -80.52 31.38
C ARG D 161 15.19 -79.87 30.11
N LEU D 162 13.92 -79.44 30.16
CA LEU D 162 13.31 -78.83 28.99
C LEU D 162 13.83 -77.43 28.72
N GLY D 163 14.11 -76.65 29.77
CA GLY D 163 14.65 -75.32 29.60
C GLY D 163 13.93 -74.27 30.40
N PRO D 164 14.34 -73.01 30.24
CA PRO D 164 13.69 -71.91 30.97
C PRO D 164 12.48 -71.36 30.24
N GLU D 165 11.87 -70.31 30.79
CA GLU D 165 10.70 -69.68 30.18
C GLU D 165 10.65 -68.22 30.60
N ARG D 166 9.89 -67.44 29.83
CA ARG D 166 9.80 -65.99 30.05
C ARG D 166 8.43 -65.55 30.52
N GLY D 167 7.36 -66.01 29.88
CA GLY D 167 6.02 -65.63 30.26
C GLY D 167 5.60 -64.29 29.66
N TRP D 168 4.44 -63.82 30.12
CA TRP D 168 3.88 -62.58 29.62
C TRP D 168 4.10 -61.46 30.62
N PRO D 169 4.43 -60.25 30.15
CA PRO D 169 4.87 -59.19 31.08
C PRO D 169 3.83 -58.80 32.12
N GLN D 170 2.54 -58.83 31.79
CA GLN D 170 1.51 -58.42 32.73
C GLN D 170 0.96 -59.59 33.56
N LEU D 171 1.60 -60.75 33.50
CA LEU D 171 1.26 -61.87 34.36
C LEU D 171 2.45 -62.36 35.18
N ARG D 172 3.63 -61.76 35.01
CA ARG D 172 4.82 -62.25 35.69
C ARG D 172 4.71 -62.05 37.20
N ARG D 173 4.21 -60.89 37.64
CA ARG D 173 4.15 -60.56 39.06
C ARG D 173 2.73 -60.68 39.62
N ILE D 174 1.76 -59.98 39.01
CA ILE D 174 0.33 -60.00 39.31
C ILE D 174 0.14 -59.88 40.83
N ALA D 175 -1.05 -60.23 41.33
CA ALA D 175 -1.32 -60.15 42.76
C ALA D 175 -2.31 -61.23 43.13
N PRO D 176 -2.14 -61.91 44.27
CA PRO D 176 -3.07 -62.98 44.63
C PRO D 176 -4.38 -62.49 45.23
N GLU D 177 -4.48 -61.20 45.60
CA GLU D 177 -5.72 -60.69 46.17
C GLU D 177 -6.83 -60.64 45.12
N GLN D 178 -6.46 -60.50 43.84
CA GLN D 178 -7.47 -60.42 42.80
C GLN D 178 -8.12 -61.76 42.51
N PHE D 179 -7.36 -62.85 42.66
CA PHE D 179 -7.85 -64.20 42.40
C PHE D 179 -7.50 -65.08 43.60
N PRO D 180 -8.32 -65.05 44.65
CA PRO D 180 -7.99 -65.76 45.88
C PRO D 180 -8.48 -67.20 45.88
N LEU D 181 -7.94 -67.97 46.81
CA LEU D 181 -8.34 -69.35 47.05
C LEU D 181 -9.17 -69.44 48.33
N GLN D 182 -10.08 -70.41 48.36
CA GLN D 182 -10.95 -70.62 49.51
C GLN D 182 -10.60 -71.96 50.14
N VAL D 183 -10.31 -71.94 51.43
CA VAL D 183 -9.83 -73.13 52.14
C VAL D 183 -11.03 -73.81 52.78
N VAL D 184 -11.30 -75.06 52.38
CA VAL D 184 -12.42 -75.80 52.93
C VAL D 184 -12.10 -76.28 54.35
N GLU D 185 -10.97 -76.98 54.50
CA GLU D 185 -10.53 -77.46 55.80
C GLU D 185 -9.03 -77.70 55.74
N GLU D 186 -8.36 -77.44 56.87
CA GLU D 186 -6.91 -77.47 56.93
C GLU D 186 -6.43 -78.13 58.20
N LYS D 187 -5.58 -79.15 58.06
CA LYS D 187 -4.77 -79.67 59.15
C LYS D 187 -3.34 -79.16 58.98
N GLY D 188 -2.42 -79.68 59.78
CA GLY D 188 -1.03 -79.31 59.65
C GLY D 188 -0.48 -79.59 58.26
N ASP D 189 0.10 -78.55 57.65
CA ASP D 189 0.79 -78.55 56.36
C ASP D 189 0.03 -79.28 55.25
N GLU D 190 -1.29 -79.41 55.37
CA GLU D 190 -2.11 -80.01 54.33
C GLU D 190 -3.38 -79.18 54.17
N ARG D 191 -3.81 -78.97 52.93
CA ARG D 191 -4.93 -78.08 52.65
C ARG D 191 -5.83 -78.69 51.58
N ARG D 192 -7.10 -78.33 51.66
CA ARG D 192 -8.08 -78.58 50.60
C ARG D 192 -8.63 -77.23 50.17
N VAL D 193 -8.48 -76.91 48.88
CA VAL D 193 -8.78 -75.58 48.38
C VAL D 193 -9.88 -75.67 47.33
N GLN D 194 -10.47 -74.51 47.04
CA GLN D 194 -11.61 -74.40 46.15
C GLN D 194 -11.63 -73.00 45.56
N ALA D 195 -12.06 -72.90 44.30
CA ALA D 195 -12.11 -71.64 43.58
C ALA D 195 -13.58 -71.23 43.39
N GLU D 196 -13.88 -69.96 43.67
CA GLU D 196 -15.25 -69.50 43.58
C GLU D 196 -15.76 -69.50 42.15
N ASP D 197 -14.94 -69.09 41.20
CA ASP D 197 -15.36 -69.00 39.80
C ASP D 197 -14.13 -69.16 38.91
N ARG D 198 -14.29 -68.83 37.63
CA ARG D 198 -13.26 -69.03 36.62
C ARG D 198 -12.81 -67.70 36.01
N ALA D 199 -12.61 -66.69 36.86
CA ALA D 199 -12.25 -65.36 36.37
C ALA D 199 -10.90 -65.37 35.66
N PHE D 200 -9.92 -66.07 36.24
CA PHE D 200 -8.58 -66.08 35.66
C PHE D 200 -8.58 -66.73 34.28
N GLY D 201 -9.43 -67.73 34.07
CA GLY D 201 -9.51 -68.35 32.75
C GLY D 201 -9.95 -67.37 31.69
N THR D 202 -10.99 -66.59 31.97
CA THR D 202 -11.45 -65.58 31.02
C THR D 202 -10.40 -64.50 30.82
N PHE D 203 -9.75 -64.08 31.92
CA PHE D 203 -8.67 -63.10 31.82
C PHE D 203 -7.58 -63.57 30.86
N LEU D 204 -7.10 -64.80 31.07
CA LEU D 204 -6.05 -65.35 30.21
C LEU D 204 -6.53 -65.50 28.77
N GLN D 205 -7.76 -65.98 28.59
CA GLN D 205 -8.27 -66.21 27.24
C GLN D 205 -8.36 -64.91 26.46
N ASP D 206 -8.89 -63.85 27.07
CA ASP D 206 -9.03 -62.60 26.34
C ASP D 206 -7.68 -61.91 26.16
N LEU D 207 -6.76 -62.09 27.11
CA LEU D 207 -5.40 -61.57 26.93
C LEU D 207 -4.73 -62.19 25.72
N LEU D 208 -4.76 -63.53 25.64
CA LEU D 208 -4.14 -64.22 24.51
C LEU D 208 -4.86 -63.88 23.21
N GLN D 209 -6.18 -63.74 23.25
CA GLN D 209 -6.92 -63.36 22.05
C GLN D 209 -6.52 -61.97 21.55
N ARG D 210 -6.37 -61.02 22.48
CA ARG D 210 -5.91 -59.69 22.10
C ARG D 210 -4.51 -59.74 21.50
N ALA D 211 -3.61 -60.52 22.11
CA ALA D 211 -2.26 -60.64 21.56
C ALA D 211 -2.29 -61.24 20.16
N SER D 212 -3.09 -62.27 19.95
CA SER D 212 -3.18 -62.90 18.64
C SER D 212 -3.73 -61.94 17.59
N ARG D 213 -4.78 -61.18 17.94
CA ARG D 213 -5.32 -60.21 16.99
C ARG D 213 -4.31 -59.11 16.67
N ILE D 214 -3.58 -58.63 17.67
CA ILE D 214 -2.57 -57.60 17.42
C ILE D 214 -1.49 -58.13 16.51
N ALA D 215 -1.05 -59.37 16.72
CA ALA D 215 -0.07 -59.97 15.83
C ALA D 215 -0.62 -60.12 14.43
N GLY D 216 -1.90 -60.51 14.31
CA GLY D 216 -2.50 -60.66 13.00
C GLY D 216 -2.57 -59.35 12.24
N ALA D 217 -2.86 -58.26 12.94
CA ALA D 217 -2.92 -56.93 12.33
C ALA D 217 -1.76 -56.10 12.89
N TRP D 218 -0.59 -56.25 12.27
CA TRP D 218 0.57 -55.43 12.59
C TRP D 218 0.99 -54.55 11.42
N GLU D 219 0.95 -55.07 10.20
CA GLU D 219 1.08 -54.21 9.03
C GLU D 219 -0.14 -53.30 8.93
N MET D 220 -0.08 -52.35 8.00
CA MET D 220 -1.13 -51.33 7.79
C MET D 220 -1.59 -50.69 9.09
N LEU D 221 -0.75 -50.73 10.11
CA LEU D 221 -1.02 -50.06 11.37
C LEU D 221 -0.79 -48.56 11.25
N PRO D 222 0.23 -48.09 10.52
CA PRO D 222 0.31 -46.64 10.26
C PRO D 222 -0.91 -46.09 9.55
N GLU D 223 -1.61 -46.90 8.77
CA GLU D 223 -2.79 -46.43 8.03
C GLU D 223 -4.06 -46.42 8.88
N LEU D 224 -4.05 -47.04 10.05
CA LEU D 224 -5.22 -47.01 10.92
C LEU D 224 -5.33 -45.66 11.62
N PRO D 225 -6.51 -45.02 11.60
CA PRO D 225 -6.66 -43.77 12.34
C PRO D 225 -6.38 -43.90 13.83
N PHE D 226 -6.73 -45.02 14.44
CA PHE D 226 -6.54 -45.25 15.86
C PHE D 226 -5.90 -46.61 16.09
N ALA D 227 -5.11 -46.71 17.15
CA ALA D 227 -4.32 -47.91 17.38
C ALA D 227 -5.17 -49.08 17.85
N ASP D 228 -6.19 -48.82 18.68
CA ASP D 228 -6.98 -49.91 19.23
C ASP D 228 -7.73 -50.71 18.18
N LEU D 229 -7.90 -50.15 16.98
CA LEU D 229 -8.50 -50.91 15.90
C LEU D 229 -7.69 -52.15 15.54
N ALA D 230 -6.42 -52.18 15.92
CA ALA D 230 -5.59 -53.35 15.69
C ALA D 230 -5.96 -54.53 16.60
N THR D 231 -6.79 -54.30 17.61
CA THR D 231 -7.25 -55.37 18.49
C THR D 231 -8.57 -55.98 18.03
N TRP D 232 -9.09 -55.54 16.90
CA TRP D 232 -10.32 -56.09 16.34
C TRP D 232 -10.03 -57.36 15.56
N SER D 233 -11.07 -58.17 15.39
CA SER D 233 -10.94 -59.41 14.64
C SER D 233 -11.00 -59.13 13.13
N GLU D 234 -10.78 -60.18 12.35
CA GLU D 234 -10.80 -60.04 10.89
C GLU D 234 -12.20 -59.69 10.38
N GLY D 235 -13.23 -60.30 10.95
CA GLY D 235 -14.59 -60.03 10.49
C GLY D 235 -15.02 -58.61 10.76
N GLU D 236 -14.73 -58.09 11.96
CA GLU D 236 -15.07 -56.70 12.27
C GLU D 236 -14.29 -55.74 11.40
N LEU D 237 -13.02 -56.04 11.13
CA LEU D 237 -12.23 -55.17 10.26
C LEU D 237 -12.78 -55.16 8.84
N ALA D 238 -13.22 -56.32 8.35
CA ALA D 238 -13.86 -56.37 7.04
C ALA D 238 -15.17 -55.59 7.03
N TRP D 239 -15.95 -55.69 8.11
CA TRP D 239 -17.18 -54.91 8.23
C TRP D 239 -16.90 -53.42 8.28
N LEU D 240 -15.73 -53.03 8.78
CA LEU D 240 -15.40 -51.61 8.89
C LEU D 240 -15.19 -50.96 7.53
N ARG D 241 -14.91 -51.76 6.49
CA ARG D 241 -14.60 -51.23 5.17
C ARG D 241 -15.82 -51.16 4.26
N GLU D 242 -16.96 -51.64 4.71
CA GLU D 242 -18.13 -51.66 3.85
C GLU D 242 -18.82 -50.29 3.87
N PRO D 243 -19.52 -49.94 2.79
CA PRO D 243 -20.24 -48.65 2.78
C PRO D 243 -21.24 -48.56 3.92
N LEU D 244 -21.33 -47.37 4.51
CA LEU D 244 -22.27 -47.14 5.59
C LEU D 244 -23.69 -47.10 5.06
N ASP D 245 -24.62 -47.71 5.79
CA ASP D 245 -26.02 -47.75 5.40
C ASP D 245 -26.82 -46.87 6.35
N PRO D 246 -27.23 -45.66 5.93
CA PRO D 246 -27.96 -44.77 6.85
C PRO D 246 -29.31 -45.32 7.29
N ARG D 247 -29.90 -46.27 6.56
CA ARG D 247 -31.23 -46.76 6.87
C ARG D 247 -31.22 -47.94 7.84
N ALA D 248 -30.08 -48.56 8.07
CA ALA D 248 -30.02 -49.71 8.98
C ALA D 248 -29.99 -49.23 10.43
N PRO D 249 -30.88 -49.71 11.29
CA PRO D 249 -30.83 -49.31 12.70
C PRO D 249 -29.48 -49.58 13.37
N ALA D 250 -28.81 -50.67 13.02
CA ALA D 250 -27.53 -51.00 13.64
C ALA D 250 -26.49 -49.92 13.35
N ASP D 251 -26.43 -49.45 12.10
CA ASP D 251 -25.50 -48.37 11.76
C ASP D 251 -25.85 -47.09 12.49
N GLN D 252 -27.14 -46.80 12.64
CA GLN D 252 -27.56 -45.62 13.39
C GLN D 252 -27.10 -45.70 14.84
N ARG D 253 -27.27 -46.86 15.48
CA ARG D 253 -26.81 -47.01 16.85
C ARG D 253 -25.30 -46.90 16.95
N TRP D 254 -24.58 -47.49 15.98
CA TRP D 254 -23.12 -47.40 16.00
C TRP D 254 -22.66 -45.96 15.88
N VAL D 255 -23.28 -45.19 14.99
CA VAL D 255 -22.91 -43.79 14.83
C VAL D 255 -23.26 -43.00 16.09
N ALA D 256 -24.41 -43.30 16.69
CA ALA D 256 -24.79 -42.60 17.92
C ALA D 256 -23.82 -42.90 19.06
N GLY D 257 -23.22 -44.08 19.06
CA GLY D 257 -22.32 -44.46 20.13
C GLY D 257 -20.89 -43.94 20.02
N LEU D 258 -20.53 -43.33 18.90
CA LEU D 258 -19.15 -42.90 18.69
C LEU D 258 -18.84 -41.64 19.50
N PRO D 259 -17.65 -41.56 20.11
CA PRO D 259 -17.18 -40.27 20.61
C PRO D 259 -16.98 -39.29 19.46
N LYS D 260 -17.25 -38.02 19.72
CA LYS D 260 -17.28 -37.03 18.66
C LYS D 260 -16.58 -35.75 19.09
N ILE D 261 -16.17 -34.97 18.08
CA ILE D 261 -15.51 -33.68 18.29
C ILE D 261 -16.23 -32.65 17.42
N GLU D 262 -16.60 -31.53 18.02
CA GLU D 262 -17.35 -30.48 17.34
C GLU D 262 -16.48 -29.23 17.20
N LEU D 263 -16.53 -28.61 16.01
CA LEU D 263 -15.72 -27.44 15.73
C LEU D 263 -16.48 -26.26 15.15
N HIS D 264 -17.74 -26.42 14.74
CA HIS D 264 -18.54 -25.34 14.17
C HIS D 264 -19.93 -25.39 14.80
N CYS D 265 -20.13 -24.58 15.83
CA CYS D 265 -21.41 -24.53 16.54
C CYS D 265 -21.65 -23.11 17.02
N HIS D 266 -22.72 -22.49 16.53
CA HIS D 266 -23.08 -21.14 16.95
C HIS D 266 -23.94 -21.20 18.20
N LEU D 267 -23.64 -20.33 19.16
CA LEU D 267 -24.39 -20.33 20.41
C LEU D 267 -25.77 -19.71 20.24
N GLY D 268 -25.90 -18.72 19.36
CA GLY D 268 -27.16 -18.01 19.19
C GLY D 268 -28.20 -18.72 18.36
N GLY D 269 -27.91 -19.90 17.84
CA GLY D 269 -28.87 -20.62 17.01
C GLY D 269 -29.18 -22.01 17.53
N PHE D 270 -29.30 -22.17 18.84
CA PHE D 270 -29.50 -23.49 19.42
C PHE D 270 -30.96 -23.77 19.75
N ALA D 271 -31.61 -22.89 20.50
CA ALA D 271 -33.00 -23.07 20.93
C ALA D 271 -33.86 -22.02 20.26
N THR D 272 -34.35 -22.34 19.05
CA THR D 272 -35.16 -21.40 18.28
C THR D 272 -36.61 -21.83 18.13
N HIS D 273 -36.95 -23.06 18.48
CA HIS D 273 -38.31 -23.57 18.32
C HIS D 273 -38.61 -24.58 19.40
N GLY D 274 -39.91 -24.88 19.56
CA GLY D 274 -40.32 -25.97 20.40
C GLY D 274 -40.14 -25.70 21.89
N GLU D 275 -40.05 -26.80 22.65
CA GLU D 275 -40.03 -26.72 24.11
C GLU D 275 -38.77 -26.02 24.62
N LEU D 276 -37.65 -26.15 23.90
CA LEU D 276 -36.42 -25.52 24.36
C LEU D 276 -36.54 -24.01 24.41
N LEU D 277 -37.23 -23.42 23.44
CA LEU D 277 -37.46 -21.98 23.45
C LEU D 277 -38.28 -21.57 24.67
N ARG D 278 -39.32 -22.34 25.01
CA ARG D 278 -40.13 -22.03 26.18
C ARG D 278 -39.32 -22.16 27.47
N ARG D 279 -38.47 -23.20 27.55
CA ARG D 279 -37.65 -23.37 28.75
C ARG D 279 -36.65 -22.22 28.90
N VAL D 280 -36.08 -21.76 27.79
CA VAL D 280 -35.18 -20.61 27.85
C VAL D 280 -35.95 -19.37 28.28
N ARG D 281 -37.15 -19.16 27.72
CA ARG D 281 -37.92 -17.97 28.03
C ARG D 281 -38.34 -17.94 29.50
N ASN D 282 -38.73 -19.09 30.05
CA ASN D 282 -39.12 -19.12 31.46
C ASN D 282 -37.90 -19.23 32.36
N ALA D 283 -36.92 -18.35 32.13
CA ALA D 283 -35.77 -18.22 33.01
C ALA D 283 -35.33 -16.77 33.14
N ALA D 284 -36.07 -15.83 32.55
CA ALA D 284 -35.65 -14.44 32.52
C ALA D 284 -35.74 -13.81 33.91
N GLU D 285 -34.81 -12.91 34.19
CA GLU D 285 -34.84 -12.14 35.43
C GLU D 285 -35.91 -11.07 35.41
N ASN D 286 -36.24 -10.55 34.22
CA ASN D 286 -37.26 -9.51 34.06
C ASN D 286 -38.26 -9.97 33.01
N PRO D 287 -39.24 -10.79 33.39
CA PRO D 287 -40.21 -11.29 32.41
C PRO D 287 -41.02 -10.20 31.73
N GLY D 288 -41.16 -9.03 32.35
CA GLY D 288 -41.94 -7.96 31.75
C GLY D 288 -41.36 -7.44 30.45
N LYS D 289 -40.04 -7.44 30.32
CA LYS D 289 -39.35 -6.93 29.13
C LYS D 289 -39.25 -7.95 28.02
N LEU D 290 -39.79 -9.15 28.20
CA LEU D 290 -39.68 -10.18 27.19
C LEU D 290 -40.50 -9.82 25.95
N PRO D 291 -39.94 -9.95 24.76
CA PRO D 291 -40.72 -9.76 23.52
C PRO D 291 -41.86 -10.77 23.45
N PRO D 292 -42.96 -10.43 22.79
CA PRO D 292 -44.07 -11.39 22.68
C PRO D 292 -43.64 -12.63 21.91
N LEU D 293 -44.18 -13.77 22.33
CA LEU D 293 -43.77 -15.06 21.77
C LEU D 293 -44.25 -15.19 20.33
N GLU D 294 -43.34 -15.58 19.45
CA GLU D 294 -43.67 -15.85 18.06
C GLU D 294 -42.64 -16.82 17.50
N GLU D 295 -43.09 -17.74 16.66
CA GLU D 295 -42.23 -18.74 16.06
C GLU D 295 -42.33 -18.65 14.54
N PRO D 296 -41.24 -18.33 13.84
CA PRO D 296 -41.30 -18.31 12.38
C PRO D 296 -41.68 -19.67 11.82
N ARG D 297 -42.46 -19.67 10.74
CA ARG D 297 -42.94 -20.90 10.14
C ARG D 297 -41.92 -21.44 9.16
N LEU D 298 -41.55 -22.71 9.35
CA LEU D 298 -40.57 -23.43 8.55
C LEU D 298 -41.18 -23.89 7.22
N PRO D 299 -40.36 -23.99 6.18
CA PRO D 299 -40.87 -24.53 4.91
C PRO D 299 -41.34 -25.97 5.07
N GLU D 300 -42.14 -26.40 4.10
CA GLU D 300 -42.67 -27.76 4.13
C GLU D 300 -41.53 -28.77 4.00
N GLY D 301 -41.57 -29.82 4.81
CA GLY D 301 -40.50 -30.79 4.84
C GLY D 301 -39.17 -30.15 5.19
N TRP D 302 -39.16 -29.34 6.25
CA TRP D 302 -38.04 -28.45 6.50
C TRP D 302 -36.68 -29.14 6.60
N PRO D 303 -36.52 -30.24 7.35
CA PRO D 303 -35.18 -30.85 7.44
C PRO D 303 -34.61 -31.29 6.10
N LEU D 304 -35.47 -31.66 5.15
CA LEU D 304 -35.04 -32.02 3.80
C LEU D 304 -35.91 -31.28 2.79
N PRO D 305 -35.67 -29.98 2.61
CA PRO D 305 -36.55 -29.19 1.73
C PRO D 305 -36.38 -29.58 0.28
N ALA D 306 -37.45 -29.39 -0.49
CA ALA D 306 -37.42 -29.67 -1.92
C ALA D 306 -36.69 -28.61 -2.71
N GLN D 307 -36.68 -27.37 -2.24
CA GLN D 307 -36.04 -26.26 -2.93
C GLN D 307 -35.13 -25.52 -1.95
N PRO D 308 -33.99 -25.02 -2.41
CA PRO D 308 -33.10 -24.26 -1.53
C PRO D 308 -33.62 -22.86 -1.29
N ILE D 309 -33.13 -22.24 -0.22
CA ILE D 309 -33.53 -20.89 0.16
C ILE D 309 -32.29 -20.02 0.35
N PRO D 310 -32.37 -18.71 0.10
CA PRO D 310 -31.19 -17.85 0.30
C PRO D 310 -30.88 -17.67 1.77
N LEU D 311 -29.74 -17.02 2.02
CA LEU D 311 -29.25 -16.83 3.39
C LEU D 311 -30.15 -15.91 4.22
N ALA D 312 -30.85 -14.98 3.58
CA ALA D 312 -31.67 -14.03 4.33
C ALA D 312 -32.77 -14.75 5.10
N GLU D 313 -33.51 -15.62 4.41
CA GLU D 313 -34.56 -16.38 5.08
C GLU D 313 -33.98 -17.35 6.10
N TYR D 314 -32.83 -17.94 5.79
CA TYR D 314 -32.19 -18.86 6.74
C TYR D 314 -31.85 -18.16 8.04
N MET D 315 -31.32 -16.93 7.96
CA MET D 315 -31.01 -16.19 9.17
C MET D 315 -32.27 -15.70 9.86
N LYS D 316 -33.29 -15.31 9.08
CA LYS D 316 -34.54 -14.85 9.67
C LYS D 316 -35.30 -15.97 10.37
N LEU D 317 -35.02 -17.23 10.02
CA LEU D 317 -35.70 -18.36 10.64
C LEU D 317 -35.40 -18.49 12.13
N GLY D 318 -34.36 -17.83 12.64
CA GLY D 318 -34.03 -17.90 14.05
C GLY D 318 -34.19 -16.58 14.77
N ASN D 319 -35.23 -15.82 14.41
CA ASN D 319 -35.46 -14.52 15.04
C ASN D 319 -36.04 -14.61 16.44
N ALA D 320 -36.61 -15.75 16.81
CA ALA D 320 -37.20 -15.89 18.14
C ALA D 320 -36.14 -15.96 19.24
N ASN D 321 -34.90 -16.27 18.89
CA ASN D 321 -33.81 -16.35 19.85
C ASN D 321 -32.63 -15.52 19.35
N GLY D 322 -31.66 -15.31 20.24
CA GLY D 322 -30.48 -14.56 19.87
C GLY D 322 -30.46 -13.16 20.43
N THR D 323 -30.27 -12.17 19.55
CA THR D 323 -30.22 -10.78 19.97
C THR D 323 -31.55 -10.31 20.56
N ALA D 324 -32.66 -10.96 20.21
CA ALA D 324 -33.95 -10.58 20.76
C ALA D 324 -34.22 -11.17 22.14
N LEU D 325 -33.37 -12.07 22.62
CA LEU D 325 -33.66 -12.81 23.84
C LEU D 325 -32.50 -12.89 24.83
N LEU D 326 -31.25 -12.72 24.39
CA LEU D 326 -30.09 -13.00 25.24
C LEU D 326 -29.58 -11.78 25.99
N ARG D 327 -30.30 -10.65 25.95
CA ARG D 327 -29.93 -9.54 26.82
C ARG D 327 -30.14 -9.85 28.29
N ASP D 328 -31.08 -10.73 28.62
CA ASP D 328 -31.34 -11.07 30.01
C ASP D 328 -30.30 -12.08 30.48
N PRO D 329 -29.58 -11.81 31.57
CA PRO D 329 -28.54 -12.75 32.02
C PRO D 329 -29.05 -14.16 32.27
N GLY D 330 -30.25 -14.30 32.83
CA GLY D 330 -30.79 -15.63 33.10
C GLY D 330 -31.02 -16.43 31.85
N CYS D 331 -31.53 -15.78 30.80
CA CYS D 331 -31.74 -16.46 29.53
C CYS D 331 -30.43 -16.96 28.94
N LEU D 332 -29.39 -16.11 28.98
CA LEU D 332 -28.08 -16.51 28.47
C LEU D 332 -27.52 -17.69 29.26
N ARG D 333 -27.63 -17.64 30.58
CA ARG D 333 -27.08 -18.70 31.41
C ARG D 333 -27.82 -20.01 31.17
N GLU D 334 -29.15 -19.96 31.04
CA GLU D 334 -29.91 -21.16 30.73
C GLU D 334 -29.58 -21.69 29.34
N GLN D 335 -29.35 -20.79 28.38
CA GLN D 335 -28.92 -21.19 27.06
C GLN D 335 -27.63 -21.99 27.12
N CYS D 336 -26.65 -21.48 27.88
CA CYS D 336 -25.39 -22.19 28.02
C CYS D 336 -25.57 -23.56 28.67
N ARG D 337 -26.38 -23.63 29.74
CA ARG D 337 -26.58 -24.94 30.38
C ARG D 337 -27.24 -25.94 29.42
N LEU D 338 -28.26 -25.50 28.70
CA LEU D 338 -28.96 -26.41 27.78
C LEU D 338 -28.05 -26.86 26.65
N LEU D 339 -27.22 -25.96 26.12
CA LEU D 339 -26.29 -26.35 25.08
C LEU D 339 -25.29 -27.38 25.59
N TYR D 340 -24.79 -27.18 26.82
CA TYR D 340 -23.85 -28.16 27.37
C TYR D 340 -24.52 -29.51 27.59
N ARG D 341 -25.77 -29.51 28.07
CA ARG D 341 -26.49 -30.76 28.25
C ARG D 341 -26.68 -31.49 26.93
N HIS D 342 -27.05 -30.76 25.88
CA HIS D 342 -27.21 -31.38 24.56
C HIS D 342 -25.88 -31.95 24.06
N LEU D 343 -24.79 -31.20 24.25
CA LEU D 343 -23.48 -31.68 23.82
C LEU D 343 -23.09 -32.97 24.54
N VAL D 344 -23.35 -33.03 25.85
CA VAL D 344 -23.05 -34.24 26.60
C VAL D 344 -23.92 -35.41 26.13
N ASP D 345 -25.20 -35.15 25.88
CA ASP D 345 -26.09 -36.21 25.41
C ASP D 345 -25.66 -36.75 24.05
N GLN D 346 -25.14 -35.89 23.18
CA GLN D 346 -24.71 -36.34 21.86
C GLN D 346 -23.43 -37.17 21.89
N GLY D 347 -22.74 -37.24 23.03
CA GLY D 347 -21.50 -37.98 23.13
C GLY D 347 -20.26 -37.20 22.77
N VAL D 348 -20.39 -35.89 22.54
CA VAL D 348 -19.23 -35.07 22.18
C VAL D 348 -18.29 -34.96 23.37
N CYS D 349 -16.99 -35.14 23.10
CA CYS D 349 -15.98 -35.05 24.15
C CYS D 349 -15.17 -33.76 24.10
N TYR D 350 -15.23 -33.01 23.01
CA TYR D 350 -14.55 -31.72 22.91
C TYR D 350 -15.30 -30.87 21.89
N ALA D 351 -15.53 -29.60 22.24
CA ALA D 351 -16.27 -28.71 21.36
C ALA D 351 -15.76 -27.29 21.49
N GLU D 352 -15.86 -26.54 20.41
CA GLU D 352 -15.55 -25.12 20.38
C GLU D 352 -16.81 -24.36 19.97
N VAL D 353 -17.21 -23.38 20.78
CA VAL D 353 -18.47 -22.68 20.61
C VAL D 353 -18.19 -21.24 20.22
N ARG D 354 -18.88 -20.76 19.19
CA ARG D 354 -18.78 -19.40 18.72
C ARG D 354 -19.86 -18.52 19.33
N CYS D 355 -19.51 -17.27 19.61
CA CYS D 355 -20.46 -16.35 20.24
C CYS D 355 -20.08 -14.92 19.90
N SER D 356 -21.04 -14.01 20.10
CA SER D 356 -20.86 -12.58 19.86
C SER D 356 -21.33 -11.84 21.11
N PRO D 357 -20.47 -11.73 22.13
CA PRO D 357 -20.92 -11.13 23.39
C PRO D 357 -21.32 -9.68 23.30
N ALA D 358 -20.64 -8.89 22.46
CA ALA D 358 -20.95 -7.47 22.36
C ALA D 358 -22.36 -7.23 21.83
N ASN D 359 -22.93 -8.20 21.11
CA ASN D 359 -24.31 -8.08 20.64
C ASN D 359 -25.32 -8.11 21.78
N TYR D 360 -24.93 -8.62 22.95
CA TYR D 360 -25.84 -8.80 24.07
C TYR D 360 -25.60 -7.77 25.18
N ALA D 361 -24.85 -6.71 24.91
CA ALA D 361 -24.50 -5.71 25.90
C ALA D 361 -25.30 -4.44 25.63
N GLU D 362 -26.14 -4.04 26.58
CA GLU D 362 -26.90 -2.81 26.51
C GLU D 362 -26.71 -1.91 27.73
N VAL D 363 -26.59 -2.50 28.92
CA VAL D 363 -26.33 -1.75 30.14
C VAL D 363 -25.06 -2.31 30.76
N ARG D 364 -24.72 -3.54 30.41
CA ARG D 364 -23.47 -4.17 30.82
C ARG D 364 -22.43 -4.02 29.72
N SER D 365 -21.17 -4.18 30.10
CA SER D 365 -20.08 -4.17 29.14
C SER D 365 -19.93 -5.55 28.49
N PRO D 366 -19.35 -5.61 27.30
CA PRO D 366 -19.08 -6.92 26.68
C PRO D 366 -18.21 -7.82 27.55
N TRP D 367 -17.30 -7.23 28.33
CA TRP D 367 -16.48 -8.02 29.24
C TRP D 367 -17.34 -8.78 30.23
N ASP D 368 -18.39 -8.13 30.76
CA ASP D 368 -19.27 -8.80 31.72
C ASP D 368 -20.02 -9.95 31.07
N VAL D 369 -20.51 -9.76 29.85
CA VAL D 369 -21.24 -10.81 29.16
C VAL D 369 -20.33 -12.02 28.90
N LEU D 370 -19.12 -11.75 28.41
CA LEU D 370 -18.18 -12.83 28.16
C LEU D 370 -17.79 -13.55 29.44
N ALA D 371 -17.61 -12.79 30.53
CA ALA D 371 -17.29 -13.41 31.81
C ALA D 371 -18.42 -14.30 32.28
N ASP D 372 -19.67 -13.86 32.11
CA ASP D 372 -20.81 -14.68 32.50
C ASP D 372 -20.88 -15.96 31.69
N ILE D 373 -20.66 -15.86 30.37
CA ILE D 373 -20.69 -17.04 29.52
C ILE D 373 -19.61 -18.03 29.94
N ARG D 374 -18.39 -17.54 30.14
CA ARG D 374 -17.28 -18.39 30.53
C ARG D 374 -17.53 -19.03 31.89
N ALA D 375 -18.06 -18.26 32.83
CA ALA D 375 -18.35 -18.80 34.16
C ALA D 375 -19.42 -19.89 34.11
N ALA D 376 -20.46 -19.67 33.29
CA ALA D 376 -21.50 -20.69 33.17
C ALA D 376 -20.94 -21.99 32.60
N PHE D 377 -20.15 -21.88 31.52
CA PHE D 377 -19.57 -23.09 30.94
C PHE D 377 -18.60 -23.77 31.90
N GLN D 378 -17.82 -22.97 32.64
CA GLN D 378 -16.88 -23.54 33.60
C GLN D 378 -17.61 -24.28 34.72
N GLU D 379 -18.71 -23.70 35.22
CA GLU D 379 -19.48 -24.35 36.26
C GLU D 379 -20.11 -25.64 35.74
N CYS D 380 -20.61 -25.62 34.50
CA CYS D 380 -21.14 -26.85 33.91
C CYS D 380 -20.07 -27.92 33.81
N MET D 381 -18.85 -27.53 33.42
CA MET D 381 -17.76 -28.49 33.37
C MET D 381 -17.41 -29.02 34.75
N GLU D 382 -17.43 -28.15 35.76
CA GLU D 382 -17.15 -28.57 37.13
C GLU D 382 -18.16 -29.59 37.62
N GLY D 383 -19.44 -29.39 37.28
CA GLY D 383 -20.47 -30.28 37.77
C GLY D 383 -20.32 -31.71 37.30
N ALA D 384 -19.96 -31.89 36.02
CA ALA D 384 -19.93 -33.22 35.40
C ALA D 384 -18.50 -33.77 35.38
N ARG D 385 -18.06 -34.27 36.54
CA ARG D 385 -16.79 -34.97 36.65
C ARG D 385 -16.96 -36.48 36.52
N THR D 386 -17.54 -36.91 35.39
CA THR D 386 -17.59 -38.32 35.04
C THR D 386 -16.27 -38.61 34.32
N ALA D 387 -16.12 -39.78 33.68
CA ALA D 387 -14.97 -40.11 32.84
C ALA D 387 -13.73 -40.37 33.71
N PRO D 388 -12.75 -41.14 33.24
CA PRO D 388 -11.62 -41.47 34.10
C PRO D 388 -10.59 -40.36 34.18
N GLY D 389 -9.85 -40.34 35.29
CA GLY D 389 -8.92 -39.27 35.58
C GLY D 389 -9.53 -38.05 36.22
N GLY D 390 -10.81 -38.07 36.54
CA GLY D 390 -11.47 -36.91 37.14
C GLY D 390 -11.53 -35.72 36.21
N LEU D 391 -11.81 -35.95 34.93
CA LEU D 391 -11.88 -34.90 33.93
C LEU D 391 -13.33 -34.68 33.50
N PRO D 392 -13.69 -33.47 33.08
CA PRO D 392 -15.07 -33.22 32.64
C PRO D 392 -15.44 -34.10 31.45
N ALA D 393 -16.72 -34.46 31.38
CA ALA D 393 -17.20 -35.31 30.30
C ALA D 393 -17.01 -34.62 28.95
N CYS D 394 -17.30 -33.32 28.87
CA CYS D 394 -17.09 -32.53 27.67
C CYS D 394 -16.31 -31.28 28.04
N HIS D 395 -15.35 -30.93 27.18
CA HIS D 395 -14.54 -29.72 27.36
C HIS D 395 -14.95 -28.69 26.32
N VAL D 396 -15.15 -27.45 26.76
CA VAL D 396 -15.67 -26.39 25.92
C VAL D 396 -14.65 -25.25 25.88
N ASN D 397 -14.34 -24.78 24.68
CA ASN D 397 -13.54 -23.59 24.45
C ASN D 397 -14.36 -22.58 23.66
N LEU D 398 -13.88 -21.34 23.62
CA LEU D 398 -14.65 -20.24 23.07
C LEU D 398 -13.94 -19.60 21.87
N ILE D 399 -14.74 -19.11 20.93
CA ILE D 399 -14.27 -18.37 19.77
C ILE D 399 -15.20 -17.18 19.55
N LEU D 400 -14.62 -16.00 19.34
CA LEU D 400 -15.39 -14.79 19.17
C LEU D 400 -15.56 -14.46 17.69
N ILE D 401 -16.76 -14.01 17.33
CA ILE D 401 -17.13 -13.78 15.94
C ILE D 401 -17.01 -12.31 15.60
N ALA D 402 -16.41 -12.01 14.44
CA ALA D 402 -16.41 -10.67 13.86
C ALA D 402 -17.34 -10.69 12.67
N THR D 403 -18.45 -9.97 12.77
CA THR D 403 -19.52 -10.03 11.78
C THR D 403 -19.37 -8.88 10.79
N ARG D 404 -19.46 -9.21 9.50
CA ARG D 404 -19.37 -8.25 8.41
C ARG D 404 -20.67 -8.25 7.62
N ARG D 405 -21.14 -7.05 7.29
CA ARG D 405 -22.48 -6.86 6.74
C ARG D 405 -22.42 -6.17 5.38
N ALA D 406 -23.56 -6.23 4.67
CA ALA D 406 -23.64 -5.62 3.34
C ALA D 406 -23.55 -4.11 3.41
N SER D 407 -24.26 -3.49 4.36
CA SER D 407 -24.25 -2.04 4.49
C SER D 407 -24.61 -1.67 5.91
N GLY D 408 -24.23 -0.45 6.29
CA GLY D 408 -24.49 0.07 7.62
C GLY D 408 -23.20 0.30 8.39
N ASP D 409 -23.30 0.20 9.71
CA ASP D 409 -22.16 0.37 10.62
C ASP D 409 -21.81 -1.00 11.20
N TYR D 410 -20.68 -1.56 10.76
CA TYR D 410 -20.27 -2.88 11.24
C TYR D 410 -18.78 -3.01 11.51
N ARG D 411 -17.99 -1.97 11.27
CA ARG D 411 -16.54 -2.13 11.35
C ARG D 411 -15.96 -1.72 12.70
N ALA D 412 -16.66 -0.91 13.48
CA ALA D 412 -16.21 -0.65 14.84
C ALA D 412 -16.42 -1.87 15.72
N ALA D 413 -17.55 -2.56 15.54
CA ALA D 413 -17.83 -3.78 16.30
C ALA D 413 -16.76 -4.84 16.06
N ILE D 414 -16.25 -4.93 14.83
CA ILE D 414 -15.21 -5.90 14.52
C ILE D 414 -13.96 -5.63 15.36
N ALA D 415 -13.50 -4.38 15.38
CA ALA D 415 -12.34 -4.03 16.18
C ALA D 415 -12.59 -4.30 17.66
N ARG D 416 -13.81 -4.01 18.12
CA ARG D 416 -14.16 -4.28 19.52
C ARG D 416 -14.05 -5.76 19.84
N HIS D 417 -14.59 -6.64 18.97
CA HIS D 417 -14.48 -8.07 19.21
C HIS D 417 -13.03 -8.55 19.20
N LEU D 418 -12.22 -8.08 18.25
CA LEU D 418 -10.82 -8.52 18.23
C LEU D 418 -10.06 -8.08 19.48
N ALA D 419 -10.25 -6.82 19.92
CA ALA D 419 -9.59 -6.36 21.13
C ALA D 419 -10.04 -7.16 22.34
N LEU D 420 -11.35 -7.40 22.45
CA LEU D 420 -11.88 -8.19 23.56
C LEU D 420 -11.31 -9.60 23.55
N ALA D 421 -11.21 -10.21 22.36
CA ALA D 421 -10.67 -11.55 22.26
C ALA D 421 -9.22 -11.61 22.71
N VAL D 422 -8.40 -10.64 22.29
CA VAL D 422 -7.01 -10.65 22.69
C VAL D 422 -6.89 -10.51 24.22
N THR D 423 -7.63 -9.56 24.78
CA THR D 423 -7.55 -9.35 26.23
C THR D 423 -8.02 -10.57 27.00
N ALA D 424 -9.13 -11.18 26.57
CA ALA D 424 -9.65 -12.35 27.26
C ALA D 424 -8.72 -13.54 27.14
N ALA D 425 -8.11 -13.73 25.96
CA ALA D 425 -7.18 -14.83 25.79
C ALA D 425 -5.97 -14.67 26.70
N GLU D 426 -5.50 -13.43 26.89
CA GLU D 426 -4.39 -13.23 27.81
C GLU D 426 -4.84 -13.32 29.27
N HIS D 427 -6.14 -13.14 29.54
CA HIS D 427 -6.61 -13.14 30.93
C HIS D 427 -6.62 -14.55 31.51
N TRP D 428 -7.40 -15.46 30.91
CA TRP D 428 -7.53 -16.82 31.41
C TRP D 428 -6.51 -17.72 30.72
N ARG D 429 -5.69 -18.39 31.51
CA ARG D 429 -4.59 -19.19 30.98
C ARG D 429 -4.52 -20.62 31.51
N ASP D 430 -5.42 -21.01 32.40
CA ASP D 430 -5.37 -22.36 32.95
C ASP D 430 -5.68 -23.37 31.85
N GLU D 431 -4.83 -24.39 31.74
CA GLU D 431 -4.97 -25.36 30.65
C GLU D 431 -6.25 -26.17 30.79
N ASN D 432 -6.56 -26.61 32.00
CA ASN D 432 -7.75 -27.43 32.25
C ASN D 432 -8.97 -26.58 32.60
N ALA D 433 -9.28 -25.60 31.75
CA ALA D 433 -10.39 -24.70 31.99
C ALA D 433 -10.86 -24.11 30.67
N CYS D 434 -12.07 -23.56 30.68
CA CYS D 434 -12.61 -22.90 29.51
C CYS D 434 -11.77 -21.67 29.17
N ARG D 435 -11.44 -21.53 27.88
CA ARG D 435 -10.58 -20.46 27.42
C ARG D 435 -11.06 -19.94 26.08
N VAL D 436 -10.64 -18.73 25.76
CA VAL D 436 -10.84 -18.15 24.43
C VAL D 436 -9.63 -18.52 23.58
N VAL D 437 -9.88 -19.20 22.46
CA VAL D 437 -8.80 -19.83 21.71
C VAL D 437 -8.68 -19.32 20.28
N GLY D 438 -9.54 -18.40 19.85
CA GLY D 438 -9.42 -17.90 18.50
C GLY D 438 -10.51 -16.89 18.17
N VAL D 439 -10.47 -16.42 16.93
CA VAL D 439 -11.42 -15.47 16.39
C VAL D 439 -11.95 -15.99 15.08
N ASP D 440 -13.14 -15.51 14.71
CA ASP D 440 -13.81 -15.94 13.48
C ASP D 440 -14.30 -14.72 12.72
N LEU D 441 -14.09 -14.74 11.41
CA LEU D 441 -14.59 -13.71 10.50
C LEU D 441 -15.74 -14.30 9.69
N ALA D 442 -16.96 -13.89 10.02
CA ALA D 442 -18.15 -14.43 9.38
C ALA D 442 -19.09 -13.32 8.93
N GLY D 443 -20.25 -13.70 8.42
CA GLY D 443 -21.26 -12.75 8.00
C GLY D 443 -21.48 -12.75 6.51
N TYR D 444 -21.96 -11.62 6.01
CA TYR D 444 -22.25 -11.47 4.59
C TYR D 444 -20.97 -11.43 3.78
N GLU D 445 -20.91 -12.20 2.70
CA GLU D 445 -19.72 -12.30 1.87
C GLU D 445 -20.04 -12.00 0.42
N ASP D 446 -19.17 -11.24 -0.22
CA ASP D 446 -19.25 -10.95 -1.65
C ASP D 446 -17.89 -10.42 -2.11
N GLU D 447 -17.86 -9.86 -3.32
CA GLU D 447 -16.61 -9.34 -3.86
C GLU D 447 -16.08 -8.17 -3.03
N LYS D 448 -16.97 -7.29 -2.58
CA LYS D 448 -16.51 -6.06 -1.92
C LYS D 448 -16.09 -6.30 -0.48
N THR D 449 -16.42 -7.44 0.11
CA THR D 449 -16.08 -7.74 1.50
C THR D 449 -15.19 -8.98 1.60
N ARG D 450 -14.20 -9.10 0.72
CA ARG D 450 -13.31 -10.25 0.74
C ARG D 450 -12.29 -10.11 1.87
N ALA D 451 -11.60 -11.21 2.14
CA ALA D 451 -10.79 -11.31 3.36
C ALA D 451 -9.62 -10.35 3.38
N HIS D 452 -9.13 -9.93 2.21
CA HIS D 452 -7.94 -9.09 2.16
C HIS D 452 -8.24 -7.63 2.47
N TYR D 453 -9.49 -7.26 2.68
CA TYR D 453 -9.84 -5.91 3.08
C TYR D 453 -9.81 -5.71 4.59
N PHE D 454 -9.51 -6.76 5.36
CA PHE D 454 -9.45 -6.67 6.82
C PHE D 454 -8.09 -7.09 7.35
N ARG D 455 -7.03 -6.92 6.57
CA ARG D 455 -5.70 -7.38 6.98
C ARG D 455 -5.14 -6.52 8.10
N GLU D 456 -5.23 -5.20 7.96
CA GLU D 456 -4.68 -4.29 8.97
C GLU D 456 -5.45 -4.35 10.28
N GLU D 457 -6.67 -4.90 10.27
CA GLU D 457 -7.38 -5.15 11.52
C GLU D 457 -6.90 -6.41 12.21
N PHE D 458 -6.46 -7.40 11.46
CA PHE D 458 -6.00 -8.67 12.00
C PHE D 458 -4.49 -8.71 12.25
N THR D 459 -3.77 -7.65 11.89
CA THR D 459 -2.34 -7.62 12.18
C THR D 459 -2.06 -7.70 13.67
N ALA D 460 -2.92 -7.11 14.50
CA ALA D 460 -2.73 -7.17 15.94
C ALA D 460 -2.96 -8.58 16.46
N VAL D 461 -3.98 -9.27 15.95
CA VAL D 461 -4.23 -10.65 16.34
C VAL D 461 -3.05 -11.53 15.94
N HIS D 462 -2.49 -11.30 14.75
CA HIS D 462 -1.31 -12.06 14.33
C HIS D 462 -0.11 -11.75 15.23
N ARG D 463 0.04 -10.50 15.64
CA ARG D 463 1.14 -10.13 16.54
C ARG D 463 1.00 -10.84 17.89
N CYS D 464 -0.21 -10.90 18.43
CA CYS D 464 -0.41 -11.48 19.76
C CYS D 464 -0.48 -13.00 19.74
N GLY D 465 -0.57 -13.62 18.57
CA GLY D 465 -0.52 -15.07 18.48
C GLY D 465 -1.82 -15.78 18.76
N LEU D 466 -2.88 -15.42 18.04
CA LEU D 466 -4.16 -16.11 18.13
C LEU D 466 -4.49 -16.76 16.80
N ALA D 467 -5.25 -17.85 16.88
CA ALA D 467 -5.64 -18.58 15.68
C ALA D 467 -6.85 -17.91 15.01
N VAL D 468 -6.91 -18.02 13.69
CA VAL D 468 -7.93 -17.36 12.88
C VAL D 468 -8.64 -18.40 12.03
N THR D 469 -9.97 -18.31 11.99
CA THR D 469 -10.79 -19.10 11.07
C THR D 469 -11.69 -18.15 10.30
N VAL D 470 -11.92 -18.44 9.02
CA VAL D 470 -12.62 -17.55 8.11
C VAL D 470 -13.74 -18.29 7.41
N HIS D 471 -14.92 -17.68 7.37
CA HIS D 471 -16.01 -18.15 6.52
C HIS D 471 -15.70 -17.78 5.07
N ALA D 472 -15.52 -18.78 4.21
CA ALA D 472 -15.13 -18.51 2.83
C ALA D 472 -15.59 -19.63 1.92
N GLY D 473 -15.98 -19.28 0.70
CA GLY D 473 -16.36 -20.24 -0.29
C GLY D 473 -17.82 -20.63 -0.32
N GLU D 474 -18.62 -20.17 0.65
CA GLU D 474 -20.04 -20.50 0.63
C GLU D 474 -20.76 -19.81 -0.53
N ASN D 475 -20.55 -18.51 -0.69
CA ASN D 475 -21.20 -17.74 -1.75
C ASN D 475 -20.16 -16.97 -2.56
N ASP D 476 -19.04 -17.62 -2.86
CA ASP D 476 -17.97 -16.97 -3.59
C ASP D 476 -17.15 -18.02 -4.31
N ASP D 477 -16.36 -17.56 -5.28
CA ASP D 477 -15.48 -18.43 -6.04
C ASP D 477 -14.24 -18.74 -5.21
N ALA D 478 -13.26 -19.40 -5.83
CA ALA D 478 -12.04 -19.77 -5.12
C ALA D 478 -11.14 -18.57 -4.83
N GLU D 479 -11.42 -17.41 -5.40
CA GLU D 479 -10.59 -16.23 -5.14
C GLU D 479 -10.69 -15.80 -3.69
N GLY D 480 -11.90 -15.85 -3.11
CA GLY D 480 -12.04 -15.53 -1.70
C GLY D 480 -11.29 -16.50 -0.81
N ILE D 481 -11.32 -17.80 -1.16
CA ILE D 481 -10.57 -18.79 -0.41
C ILE D 481 -9.08 -18.52 -0.49
N TRP D 482 -8.59 -18.18 -1.69
CA TRP D 482 -7.17 -17.88 -1.85
C TRP D 482 -6.77 -16.67 -1.03
N ARG D 483 -7.60 -15.62 -1.04
CA ARG D 483 -7.30 -14.42 -0.26
C ARG D 483 -7.32 -14.72 1.24
N ALA D 484 -8.28 -15.53 1.71
CA ALA D 484 -8.31 -15.89 3.11
C ALA D 484 -7.08 -16.69 3.51
N VAL D 485 -6.64 -17.61 2.64
CA VAL D 485 -5.52 -18.47 2.98
C VAL D 485 -4.21 -17.69 2.99
N PHE D 486 -3.98 -16.84 1.99
CA PHE D 486 -2.66 -16.26 1.80
C PHE D 486 -2.52 -14.82 2.29
N ASP D 487 -3.63 -14.09 2.46
CA ASP D 487 -3.56 -12.70 2.93
C ASP D 487 -3.96 -12.54 4.38
N LEU D 488 -4.78 -13.43 4.92
CA LEU D 488 -5.22 -13.35 6.31
C LEU D 488 -4.61 -14.44 7.18
N ASN D 489 -3.83 -15.36 6.58
CA ASN D 489 -3.12 -16.41 7.31
C ASN D 489 -4.08 -17.26 8.13
N ALA D 490 -5.20 -17.63 7.51
CA ALA D 490 -6.21 -18.43 8.19
C ALA D 490 -5.71 -19.85 8.44
N ARG D 491 -6.13 -20.42 9.57
CA ARG D 491 -5.78 -21.79 9.91
C ARG D 491 -6.90 -22.79 9.65
N ARG D 492 -8.15 -22.34 9.61
CA ARG D 492 -9.27 -23.20 9.22
C ARG D 492 -10.19 -22.43 8.28
N LEU D 493 -10.96 -23.18 7.50
CA LEU D 493 -11.84 -22.63 6.49
C LEU D 493 -13.25 -23.15 6.70
N GLY D 494 -14.23 -22.28 6.54
CA GLY D 494 -15.62 -22.67 6.74
C GLY D 494 -16.45 -22.63 5.48
N HIS D 495 -17.11 -23.75 5.16
CA HIS D 495 -17.98 -23.87 3.99
C HIS D 495 -17.22 -23.59 2.70
N ALA D 496 -16.08 -24.25 2.54
CA ALA D 496 -15.25 -24.10 1.34
C ALA D 496 -15.73 -25.08 0.26
N LEU D 497 -16.92 -24.79 -0.27
CA LEU D 497 -17.55 -25.67 -1.24
C LEU D 497 -17.01 -25.48 -2.66
N SER D 498 -16.32 -24.37 -2.93
CA SER D 498 -15.80 -24.07 -4.25
C SER D 498 -14.30 -24.30 -4.36
N LEU D 499 -13.72 -25.05 -3.41
CA LEU D 499 -12.27 -25.28 -3.42
C LEU D 499 -11.84 -26.13 -4.61
N GLY D 500 -12.74 -26.95 -5.15
CA GLY D 500 -12.38 -27.82 -6.26
C GLY D 500 -12.23 -27.12 -7.59
N GLN D 501 -12.64 -25.85 -7.69
CA GLN D 501 -12.48 -25.13 -8.95
C GLN D 501 -11.02 -24.88 -9.29
N SER D 502 -10.17 -24.75 -8.27
CA SER D 502 -8.75 -24.48 -8.47
C SER D 502 -7.95 -25.68 -7.96
N ARG D 503 -7.14 -26.27 -8.85
CA ARG D 503 -6.31 -27.41 -8.45
C ARG D 503 -5.12 -26.97 -7.61
N GLU D 504 -4.49 -25.85 -7.98
CA GLU D 504 -3.31 -25.38 -7.24
C GLU D 504 -3.67 -24.99 -5.81
N LEU D 505 -4.82 -24.32 -5.64
CA LEU D 505 -5.27 -23.96 -4.30
C LEU D 505 -5.57 -25.21 -3.48
N LEU D 506 -6.16 -26.23 -4.10
CA LEU D 506 -6.41 -27.47 -3.39
C LEU D 506 -5.11 -28.14 -2.94
N ARG D 507 -4.11 -28.15 -3.82
CA ARG D 507 -2.80 -28.69 -3.45
C ARG D 507 -2.17 -27.89 -2.31
N SER D 508 -2.26 -26.57 -2.37
CA SER D 508 -1.69 -25.74 -1.30
C SER D 508 -2.38 -26.02 0.03
N VAL D 509 -3.70 -26.12 0.01
CA VAL D 509 -4.45 -26.38 1.25
C VAL D 509 -4.10 -27.76 1.80
N ALA D 510 -4.02 -28.77 0.93
CA ALA D 510 -3.67 -30.11 1.39
C ALA D 510 -2.25 -30.15 1.96
N ASP D 511 -1.31 -29.47 1.31
CA ASP D 511 0.08 -29.52 1.76
C ASP D 511 0.28 -28.77 3.06
N ARG D 512 -0.41 -27.63 3.22
CA ARG D 512 -0.21 -26.81 4.41
C ARG D 512 -0.98 -27.31 5.62
N GLY D 513 -1.85 -28.31 5.47
CA GLY D 513 -2.58 -28.84 6.59
C GLY D 513 -3.70 -27.96 7.10
N ILE D 514 -4.24 -27.09 6.26
CA ILE D 514 -5.34 -26.22 6.66
C ILE D 514 -6.63 -27.03 6.69
N GLY D 515 -7.39 -26.88 7.78
CA GLY D 515 -8.60 -27.64 7.94
C GLY D 515 -9.79 -27.04 7.20
N VAL D 516 -10.72 -27.90 6.82
CA VAL D 516 -11.96 -27.53 6.17
C VAL D 516 -13.12 -28.12 6.96
N GLU D 517 -14.19 -27.33 7.12
CA GLU D 517 -15.32 -27.71 7.94
C GLU D 517 -16.59 -27.64 7.12
N LEU D 518 -17.34 -28.74 7.05
CA LEU D 518 -18.57 -28.80 6.27
C LEU D 518 -19.75 -29.11 7.18
N CYS D 519 -20.91 -28.57 6.82
CA CYS D 519 -22.16 -28.80 7.53
C CYS D 519 -23.19 -29.35 6.56
N PRO D 520 -23.34 -30.68 6.48
CA PRO D 520 -24.22 -31.26 5.44
C PRO D 520 -25.63 -30.68 5.39
N TYR D 521 -26.28 -30.51 6.54
CA TYR D 521 -27.68 -30.08 6.53
C TYR D 521 -27.82 -28.64 6.05
N ALA D 522 -26.98 -27.74 6.56
CA ALA D 522 -27.04 -26.35 6.12
C ALA D 522 -26.68 -26.22 4.64
N ASN D 523 -25.68 -26.96 4.19
CA ASN D 523 -25.30 -26.93 2.78
C ASN D 523 -26.44 -27.41 1.89
N LEU D 524 -27.11 -28.50 2.30
CA LEU D 524 -28.25 -28.99 1.54
C LEU D 524 -29.38 -27.97 1.54
N GLN D 525 -29.63 -27.33 2.68
CA GLN D 525 -30.75 -26.40 2.79
C GLN D 525 -30.52 -25.12 2.01
N ILE D 526 -29.27 -24.69 1.86
CA ILE D 526 -28.96 -23.42 1.22
C ILE D 526 -28.65 -23.59 -0.26
N LYS D 527 -27.81 -24.57 -0.60
CA LYS D 527 -27.42 -24.77 -2.00
C LYS D 527 -28.26 -25.82 -2.72
N GLY D 528 -28.73 -26.83 -2.00
CA GLY D 528 -29.41 -27.94 -2.65
C GLY D 528 -28.40 -28.92 -3.21
N PHE D 529 -28.64 -30.20 -2.98
CA PHE D 529 -27.73 -31.25 -3.44
C PHE D 529 -28.55 -32.51 -3.69
N ARG D 530 -28.09 -33.32 -4.63
CA ARG D 530 -28.80 -34.54 -4.95
C ARG D 530 -28.67 -35.54 -3.82
N LEU D 531 -29.78 -36.21 -3.50
CA LEU D 531 -29.82 -37.21 -2.44
C LEU D 531 -29.85 -38.60 -3.05
N ASP D 532 -29.12 -39.53 -2.41
CA ASP D 532 -29.08 -40.93 -2.81
C ASP D 532 -28.56 -41.12 -4.23
N GLY D 533 -27.75 -40.19 -4.73
CA GLY D 533 -27.21 -40.30 -6.07
C GLY D 533 -28.25 -40.30 -7.17
N SER D 534 -29.26 -39.45 -7.05
CA SER D 534 -30.32 -39.38 -8.06
C SER D 534 -30.09 -38.21 -9.00
N ALA D 548 -27.34 -26.46 -11.83
CA ALA D 548 -26.89 -27.64 -11.13
C ALA D 548 -25.77 -27.30 -10.14
N PRO D 549 -25.85 -27.87 -8.94
CA PRO D 549 -24.81 -27.60 -7.94
C PRO D 549 -23.64 -28.56 -7.98
N GLY D 550 -23.79 -29.73 -8.59
CA GLY D 550 -22.72 -30.70 -8.67
C GLY D 550 -22.70 -31.65 -7.49
N PRO D 551 -21.79 -32.62 -7.52
CA PRO D 551 -21.70 -33.58 -6.41
C PRO D 551 -21.11 -32.94 -5.15
N TYR D 552 -21.46 -33.50 -4.01
CA TYR D 552 -21.00 -32.98 -2.74
C TYR D 552 -19.54 -33.36 -2.54
N PRO D 553 -18.66 -32.40 -2.23
CA PRO D 553 -17.22 -32.63 -2.41
C PRO D 553 -16.51 -33.38 -1.28
N LEU D 554 -17.25 -34.09 -0.41
CA LEU D 554 -16.61 -34.71 0.74
C LEU D 554 -15.64 -35.81 0.32
N LEU D 555 -16.07 -36.70 -0.58
CA LEU D 555 -15.21 -37.79 -1.01
C LEU D 555 -13.99 -37.28 -1.76
N ASP D 556 -14.17 -36.25 -2.59
CA ASP D 556 -13.02 -35.68 -3.30
C ASP D 556 -12.00 -35.14 -2.32
N TYR D 557 -12.46 -34.41 -1.30
CA TYR D 557 -11.54 -33.86 -0.30
C TYR D 557 -10.83 -34.96 0.47
N LEU D 558 -11.55 -36.02 0.83
CA LEU D 558 -10.91 -37.15 1.51
C LEU D 558 -9.84 -37.80 0.62
N ARG D 559 -10.14 -38.00 -0.66
CA ARG D 559 -9.20 -38.69 -1.53
C ARG D 559 -7.98 -37.82 -1.84
N GLU D 560 -8.16 -36.51 -1.91
CA GLU D 560 -7.04 -35.63 -2.23
C GLU D 560 -6.13 -35.37 -1.04
N GLY D 561 -6.55 -35.74 0.17
CA GLY D 561 -5.72 -35.59 1.36
C GLY D 561 -6.04 -34.38 2.22
N VAL D 562 -7.19 -33.72 2.01
CA VAL D 562 -7.51 -32.53 2.77
C VAL D 562 -7.99 -32.91 4.16
N ARG D 563 -7.65 -32.08 5.14
CA ARG D 563 -8.09 -32.24 6.54
C ARG D 563 -9.50 -31.71 6.64
N VAL D 564 -10.49 -32.57 6.39
CA VAL D 564 -11.89 -32.16 6.32
C VAL D 564 -12.66 -32.79 7.47
N THR D 565 -13.63 -32.02 7.99
CA THR D 565 -14.44 -32.42 9.14
C THR D 565 -15.90 -32.10 8.87
N VAL D 566 -16.78 -32.80 9.59
CA VAL D 566 -18.22 -32.64 9.49
C VAL D 566 -18.73 -32.01 10.79
N ASN D 567 -19.52 -30.95 10.67
CA ASN D 567 -20.04 -30.23 11.83
C ASN D 567 -21.54 -29.99 11.72
N THR D 568 -22.10 -29.19 12.62
CA THR D 568 -23.53 -28.96 12.71
C THR D 568 -23.99 -27.56 12.36
N ASP D 569 -23.11 -26.56 12.47
CA ASP D 569 -23.46 -25.16 12.27
C ASP D 569 -24.51 -24.72 13.28
N ASN D 570 -25.73 -24.45 12.82
CA ASN D 570 -26.82 -24.04 13.68
C ASN D 570 -27.69 -25.24 14.00
N ILE D 571 -27.72 -25.64 15.27
CA ILE D 571 -28.52 -26.80 15.67
C ILE D 571 -30.00 -26.48 15.60
N GLY D 572 -30.40 -25.32 16.13
CA GLY D 572 -31.82 -25.00 16.19
C GLY D 572 -32.42 -24.69 14.83
N ILE D 573 -31.73 -23.89 14.02
CA ILE D 573 -32.30 -23.48 12.73
C ILE D 573 -32.36 -24.66 11.77
N SER D 574 -31.31 -25.46 11.70
CA SER D 574 -31.28 -26.61 10.81
C SER D 574 -32.03 -27.82 11.36
N ALA D 575 -32.34 -27.82 12.66
CA ALA D 575 -33.11 -28.89 13.29
C ALA D 575 -32.45 -30.25 13.09
N ALA D 576 -31.16 -30.33 13.40
CA ALA D 576 -30.41 -31.56 13.27
C ALA D 576 -29.24 -31.56 14.25
N SER D 577 -28.74 -32.75 14.55
CA SER D 577 -27.62 -32.94 15.46
C SER D 577 -26.41 -33.48 14.68
N LEU D 578 -25.34 -33.78 15.43
CA LEU D 578 -24.12 -34.27 14.79
C LEU D 578 -24.30 -35.67 14.23
N THR D 579 -25.04 -36.52 14.93
CA THR D 579 -25.31 -37.87 14.42
C THR D 579 -26.10 -37.81 13.12
N ASP D 580 -27.15 -36.98 13.10
CA ASP D 580 -27.93 -36.81 11.87
C ASP D 580 -27.07 -36.21 10.77
N ASN D 581 -26.14 -35.32 11.13
CA ASN D 581 -25.25 -34.74 10.13
C ASN D 581 -24.35 -35.79 9.51
N LEU D 582 -23.79 -36.68 10.33
CA LEU D 582 -22.94 -37.74 9.79
C LEU D 582 -23.74 -38.69 8.91
N LEU D 583 -24.95 -39.05 9.34
CA LEU D 583 -25.78 -39.93 8.52
C LEU D 583 -26.15 -39.27 7.19
N LEU D 584 -26.49 -37.98 7.22
CA LEU D 584 -26.79 -37.28 5.98
C LEU D 584 -25.57 -37.12 5.11
N ALA D 585 -24.38 -37.00 5.71
CA ALA D 585 -23.15 -36.98 4.93
C ALA D 585 -22.95 -38.31 4.21
N ALA D 586 -23.26 -39.41 4.89
CA ALA D 586 -23.24 -40.72 4.23
C ALA D 586 -24.25 -40.76 3.08
N ARG D 587 -25.42 -40.14 3.27
CA ARG D 587 -26.44 -40.15 2.22
C ARG D 587 -26.04 -39.27 1.02
N LEU D 588 -25.36 -38.14 1.26
CA LEU D 588 -24.99 -37.24 0.18
C LEU D 588 -23.93 -37.84 -0.74
N CYS D 589 -23.01 -38.65 -0.19
CA CYS D 589 -21.91 -39.24 -0.94
C CYS D 589 -22.01 -40.75 -0.82
N PRO D 590 -22.72 -41.41 -1.73
CA PRO D 590 -22.78 -42.88 -1.68
C PRO D 590 -21.39 -43.48 -1.87
N GLY D 591 -21.13 -44.56 -1.13
CA GLY D 591 -19.82 -45.17 -1.09
C GLY D 591 -18.98 -44.79 0.09
N LEU D 592 -19.43 -43.83 0.91
CA LEU D 592 -18.69 -43.45 2.10
C LEU D 592 -18.71 -44.59 3.12
N THR D 593 -17.55 -44.90 3.68
CA THR D 593 -17.40 -46.00 4.61
C THR D 593 -17.30 -45.49 6.05
N ARG D 594 -17.30 -46.44 6.98
CA ARG D 594 -17.19 -46.12 8.40
C ARG D 594 -15.76 -45.74 8.80
N LEU D 595 -14.77 -46.39 8.17
CA LEU D 595 -13.39 -45.95 8.32
C LEU D 595 -13.24 -44.49 7.92
N ASP D 596 -14.04 -44.03 6.95
CA ASP D 596 -14.04 -42.61 6.60
C ASP D 596 -14.54 -41.75 7.76
N LEU D 597 -15.55 -42.22 8.49
CA LEU D 597 -16.00 -41.49 9.66
C LEU D 597 -14.92 -41.42 10.73
N LEU D 598 -14.20 -42.52 10.95
CA LEU D 598 -13.09 -42.50 11.89
C LEU D 598 -11.99 -41.55 11.42
N HIS D 599 -11.73 -41.51 10.11
CA HIS D 599 -10.76 -40.57 9.57
C HIS D 599 -11.20 -39.13 9.79
N LEU D 600 -12.51 -38.87 9.65
CA LEU D 600 -13.04 -37.54 9.91
C LEU D 600 -12.82 -37.14 11.37
N GLN D 601 -13.06 -38.07 12.29
CA GLN D 601 -12.83 -37.78 13.71
C GLN D 601 -11.36 -37.50 13.98
N ARG D 602 -10.47 -38.29 13.36
CA ARG D 602 -9.03 -38.05 13.51
C ARG D 602 -8.63 -36.69 12.95
N HIS D 603 -9.21 -36.31 11.81
CA HIS D 603 -8.91 -35.01 11.22
C HIS D 603 -9.35 -33.88 12.14
N ALA D 604 -10.54 -34.01 12.74
CA ALA D 604 -11.00 -33.00 13.69
C ALA D 604 -10.08 -32.93 14.89
N LEU D 605 -9.59 -34.09 15.36
CA LEU D 605 -8.64 -34.08 16.46
C LEU D 605 -7.36 -33.35 16.10
N GLU D 606 -6.83 -33.59 14.89
CA GLU D 606 -5.57 -32.97 14.48
C GLU D 606 -5.72 -31.50 14.14
N THR D 607 -6.93 -31.01 13.86
CA THR D 607 -7.15 -29.64 13.43
C THR D 607 -7.57 -28.73 14.59
N ALA D 608 -7.93 -29.30 15.74
CA ALA D 608 -8.49 -28.53 16.84
C ALA D 608 -7.45 -27.58 17.44
N PHE D 609 -7.96 -26.51 18.05
CA PHE D 609 -7.13 -25.46 18.65
C PHE D 609 -6.94 -25.79 20.13
N CYS D 610 -5.92 -26.59 20.43
CA CYS D 610 -5.69 -27.03 21.80
C CYS D 610 -4.21 -27.34 21.98
N THR D 611 -3.81 -27.53 23.24
CA THR D 611 -2.44 -27.85 23.57
C THR D 611 -2.11 -29.29 23.18
N ALA D 612 -0.81 -29.60 23.15
CA ALA D 612 -0.37 -30.93 22.77
C ALA D 612 -0.79 -31.98 23.81
N THR D 613 -0.71 -31.64 25.10
CA THR D 613 -1.13 -32.57 26.14
C THR D 613 -2.61 -32.90 26.02
N GLN D 614 -3.45 -31.87 25.79
CA GLN D 614 -4.87 -32.11 25.60
C GLN D 614 -5.12 -32.96 24.36
N ARG D 615 -4.36 -32.72 23.29
CA ARG D 615 -4.51 -33.52 22.08
C ARG D 615 -4.18 -34.99 22.33
N LEU D 616 -3.10 -35.26 23.06
CA LEU D 616 -2.73 -36.63 23.37
C LEU D 616 -3.79 -37.30 24.25
N THR D 617 -4.28 -36.57 25.26
CA THR D 617 -5.32 -37.12 26.12
C THR D 617 -6.58 -37.43 25.33
N LEU D 618 -6.98 -36.54 24.43
CA LEU D 618 -8.16 -36.77 23.60
C LEU D 618 -7.95 -37.96 22.68
N LEU D 619 -6.76 -38.11 22.11
CA LEU D 619 -6.47 -39.26 21.26
C LEU D 619 -6.62 -40.56 22.04
N ARG D 620 -6.03 -40.61 23.24
CA ARG D 620 -6.14 -41.81 24.06
C ARG D 620 -7.58 -42.10 24.45
N ARG D 621 -8.35 -41.06 24.79
CA ARG D 621 -9.74 -41.26 25.18
C ARG D 621 -10.59 -41.74 24.01
N ILE D 622 -10.39 -41.18 22.83
CA ILE D 622 -11.19 -41.56 21.67
C ILE D 622 -10.85 -42.96 21.20
N SER D 623 -9.56 -43.32 21.24
CA SER D 623 -9.15 -44.63 20.71
C SER D 623 -9.81 -45.78 21.45
N SER D 624 -9.92 -45.67 22.78
CA SER D 624 -10.47 -46.74 23.60
C SER D 624 -11.94 -46.53 23.93
N GLY D 625 -12.70 -45.91 23.02
CA GLY D 625 -14.11 -45.67 23.26
C GLY D 625 -14.99 -46.01 22.08
N ILE D 626 -14.40 -46.48 20.99
CA ILE D 626 -15.14 -46.82 19.79
C ILE D 626 -15.89 -48.12 20.00
N PRO D 627 -17.22 -48.14 19.87
CA PRO D 627 -17.96 -49.38 20.11
C PRO D 627 -17.72 -50.41 19.01
N ARG D 628 -17.81 -51.68 19.39
CA ARG D 628 -17.71 -52.81 18.47
C ARG D 628 -19.03 -53.04 17.76
N PRO D 629 -19.00 -53.59 16.55
CA PRO D 629 -20.18 -53.98 15.78
C PRO D 629 -21.22 -54.76 16.59
N ASN E 2 -54.22 45.09 44.83
CA ASN E 2 -54.56 43.86 45.53
C ASN E 2 -53.46 43.46 46.50
N VAL E 3 -52.35 44.21 46.45
CA VAL E 3 -51.21 43.94 47.32
C VAL E 3 -51.54 44.38 48.74
N GLN E 4 -50.76 43.91 49.71
CA GLN E 4 -51.05 44.22 51.11
C GLN E 4 -50.64 45.64 51.48
N ALA E 5 -49.65 46.20 50.80
CA ALA E 5 -49.26 47.61 50.94
C ALA E 5 -48.86 47.93 52.38
N HIS E 6 -47.75 47.33 52.80
CA HIS E 6 -47.16 47.67 54.08
C HIS E 6 -46.53 49.06 54.02
N LEU E 7 -46.44 49.71 55.18
CA LEU E 7 -45.86 51.05 55.29
C LEU E 7 -44.75 51.04 56.33
N PHE E 8 -43.61 51.63 55.97
CA PHE E 8 -42.47 51.79 56.85
C PHE E 8 -42.16 53.27 57.00
N VAL E 9 -42.08 53.74 58.24
CA VAL E 9 -41.87 55.16 58.51
C VAL E 9 -41.04 55.30 59.78
N SER E 10 -40.10 56.23 59.78
CA SER E 10 -39.32 56.57 60.96
C SER E 10 -40.02 57.68 61.74
N LEU E 11 -39.66 57.79 63.02
CA LEU E 11 -40.26 58.78 63.90
C LEU E 11 -39.18 59.43 64.77
N GLY E 12 -39.27 60.74 64.91
CA GLY E 12 -38.39 61.48 65.80
C GLY E 12 -39.14 62.08 66.97
N THR E 13 -38.67 63.20 67.49
CA THR E 13 -39.36 63.89 68.59
C THR E 13 -40.44 64.82 68.06
N ALA E 14 -41.32 64.28 67.23
CA ALA E 14 -42.43 65.04 66.66
C ALA E 14 -43.52 64.09 66.21
N PRO E 15 -44.46 63.73 67.09
CA PRO E 15 -45.56 62.85 66.68
C PRO E 15 -46.50 63.53 65.70
N ALA E 16 -47.59 62.85 65.34
CA ALA E 16 -48.58 63.28 64.36
C ALA E 16 -48.01 63.30 62.94
N ILE E 17 -46.86 62.70 62.72
CA ILE E 17 -46.32 62.50 61.37
C ILE E 17 -46.75 61.16 60.80
N VAL E 18 -46.74 60.11 61.63
CA VAL E 18 -47.19 58.80 61.18
C VAL E 18 -48.65 58.81 60.73
N PRO E 19 -49.59 59.40 61.49
CA PRO E 19 -50.97 59.46 60.96
C PRO E 19 -51.09 60.23 59.66
N GLU E 20 -50.29 61.29 59.48
CA GLU E 20 -50.34 62.06 58.24
C GLU E 20 -49.85 61.23 57.06
N ALA E 21 -48.76 60.48 57.25
CA ALA E 21 -48.27 59.59 56.21
C ALA E 21 -49.20 58.40 55.97
N PHE E 22 -49.98 58.01 56.98
CA PHE E 22 -50.92 56.92 56.81
C PHE E 22 -52.05 57.29 55.85
N LEU E 23 -52.40 58.57 55.77
CA LEU E 23 -53.52 59.02 54.94
C LEU E 23 -53.04 59.38 53.53
N LEU E 24 -52.30 58.45 52.93
CA LEU E 24 -51.87 58.64 51.55
C LEU E 24 -53.03 58.40 50.61
N PRO E 25 -53.36 59.35 49.74
CA PRO E 25 -54.51 59.16 48.84
C PRO E 25 -54.34 57.94 47.96
N GLY E 26 -55.43 57.20 47.80
CA GLY E 26 -55.42 56.02 46.94
C GLY E 26 -54.47 54.93 47.39
N ALA E 27 -54.43 54.65 48.69
CA ALA E 27 -53.54 53.61 49.22
C ALA E 27 -54.10 53.15 50.55
N ARG E 28 -54.55 51.89 50.61
CA ARG E 28 -55.06 51.30 51.84
C ARG E 28 -53.95 50.49 52.48
N PHE E 29 -53.39 51.00 53.58
CA PHE E 29 -52.24 50.40 54.22
C PHE E 29 -52.67 49.31 55.20
N VAL E 30 -51.77 48.36 55.41
CA VAL E 30 -51.94 47.29 56.41
C VAL E 30 -50.62 47.12 57.15
N SER E 31 -50.69 47.05 58.48
CA SER E 31 -49.53 46.75 59.33
C SER E 31 -48.42 47.77 59.12
N VAL E 32 -48.72 49.02 59.52
CA VAL E 32 -47.72 50.07 59.47
C VAL E 32 -46.63 49.80 60.51
N HIS E 33 -45.39 50.10 60.13
CA HIS E 33 -44.23 49.85 60.99
C HIS E 33 -43.55 51.17 61.33
N VAL E 34 -43.14 51.30 62.59
CA VAL E 34 -42.50 52.51 63.08
C VAL E 34 -41.14 52.15 63.69
N LEU E 35 -40.12 52.92 63.35
CA LEU E 35 -38.78 52.77 63.90
C LEU E 35 -38.43 54.03 64.68
N THR E 36 -38.01 53.86 65.94
CA THR E 36 -37.79 54.99 66.81
C THR E 36 -36.44 54.90 67.51
N THR E 37 -36.13 55.89 68.36
CA THR E 37 -34.84 56.00 69.01
C THR E 37 -34.97 56.04 70.53
N GLU E 38 -36.03 55.39 71.05
CA GLU E 38 -36.35 55.14 72.46
C GLU E 38 -36.59 56.42 73.26
N ARG E 39 -36.26 57.58 72.70
CA ARG E 39 -36.44 58.83 73.43
C ARG E 39 -37.89 59.32 73.41
N PRO E 40 -38.53 59.47 72.24
CA PRO E 40 -39.87 60.09 72.23
C PRO E 40 -40.97 59.13 72.67
N ASP E 41 -42.21 59.63 72.66
CA ASP E 41 -43.37 58.87 73.10
C ASP E 41 -44.25 58.49 71.92
N VAL E 42 -45.07 57.46 72.10
CA VAL E 42 -45.89 56.91 71.03
C VAL E 42 -47.33 56.76 71.49
N THR E 43 -47.70 57.45 72.57
CA THR E 43 -49.07 57.38 73.06
C THR E 43 -50.06 57.93 72.03
N LEU E 44 -49.68 59.01 71.35
CA LEU E 44 -50.53 59.58 70.32
C LEU E 44 -50.79 58.59 69.19
N ILE E 45 -49.77 57.85 68.80
CA ILE E 45 -49.89 56.95 67.65
C ILE E 45 -50.90 55.84 67.96
N ARG E 46 -50.76 55.21 69.12
CA ARG E 46 -51.68 54.15 69.51
C ARG E 46 -53.07 54.69 69.77
N GLU E 47 -53.16 55.92 70.29
CA GLU E 47 -54.48 56.53 70.48
C GLU E 47 -55.18 56.76 69.16
N PHE E 48 -54.46 57.24 68.15
CA PHE E 48 -55.06 57.46 66.84
C PHE E 48 -55.45 56.14 66.19
N PHE E 49 -54.60 55.13 66.28
CA PHE E 49 -54.90 53.87 65.62
C PHE E 49 -55.93 53.05 66.38
N ARG E 50 -56.20 53.37 67.64
CA ARG E 50 -57.25 52.69 68.38
C ARG E 50 -58.63 53.19 67.96
N ARG E 51 -58.74 54.47 67.61
CA ARG E 51 -60.05 55.09 67.40
C ARG E 51 -60.45 55.13 65.93
N HIS E 52 -59.51 55.38 65.02
CA HIS E 52 -59.82 55.60 63.61
C HIS E 52 -59.42 54.45 62.71
N ALA E 53 -58.73 53.44 63.22
CA ALA E 53 -58.32 52.32 62.39
C ALA E 53 -58.03 51.08 63.24
N PRO E 54 -59.05 50.40 63.74
CA PRO E 54 -58.83 49.27 64.66
C PRO E 54 -58.28 48.01 64.01
N GLY E 55 -58.06 47.99 62.69
CA GLY E 55 -57.63 46.78 62.03
C GLY E 55 -56.33 46.91 61.27
N VAL E 56 -55.37 47.65 61.82
CA VAL E 56 -54.11 47.91 61.15
C VAL E 56 -52.91 47.36 61.91
N ASN E 57 -53.11 46.86 63.13
CA ASN E 57 -52.13 46.09 63.94
C ASN E 57 -50.70 46.61 63.76
N LEU E 58 -50.53 47.88 64.10
CA LEU E 58 -49.24 48.53 63.99
C LEU E 58 -48.23 47.93 64.96
N THR E 59 -46.95 48.17 64.68
CA THR E 59 -45.85 47.73 65.53
C THR E 59 -44.88 48.88 65.73
N ILE E 60 -44.18 48.87 66.86
CA ILE E 60 -43.23 49.92 67.22
C ILE E 60 -41.93 49.27 67.69
N THR E 61 -40.81 49.81 67.23
CA THR E 61 -39.49 49.25 67.52
C THR E 61 -38.55 50.35 68.01
N ARG E 62 -37.76 50.04 69.03
CA ARG E 62 -36.83 50.98 69.64
C ARG E 62 -35.43 50.39 69.57
N VAL E 63 -34.43 51.26 69.44
CA VAL E 63 -33.09 50.84 69.00
C VAL E 63 -32.14 50.89 70.21
N ALA E 64 -31.98 49.73 70.86
CA ALA E 64 -30.74 49.31 71.51
C ALA E 64 -29.94 50.45 72.16
N GLY E 65 -30.58 51.15 73.09
CA GLY E 65 -29.88 52.17 73.84
C GLY E 65 -29.31 53.29 73.00
N PHE E 66 -30.11 53.78 72.06
CA PHE E 66 -29.73 54.89 71.18
C PHE E 66 -30.32 56.16 71.77
N GLN E 67 -29.61 56.75 72.74
CA GLN E 67 -30.12 57.94 73.42
C GLN E 67 -30.03 59.18 72.55
N ASP E 68 -28.83 59.56 72.14
CA ASP E 68 -28.63 60.76 71.33
C ASP E 68 -27.41 60.57 70.45
N LEU E 69 -27.32 61.40 69.41
CA LEU E 69 -26.26 61.30 68.41
C LEU E 69 -25.01 61.98 68.95
N LYS E 70 -24.04 61.19 69.40
CA LYS E 70 -22.75 61.69 69.87
C LYS E 70 -21.64 61.44 68.86
N SER E 71 -21.53 60.21 68.35
CA SER E 71 -20.47 59.85 67.42
C SER E 71 -21.08 59.00 66.31
N GLU E 72 -20.20 58.40 65.48
CA GLU E 72 -20.64 57.62 64.34
C GLU E 72 -21.05 56.19 64.70
N GLU E 73 -20.62 55.68 65.86
CA GLU E 73 -21.00 54.33 66.25
C GLU E 73 -22.50 54.22 66.46
N ASP E 74 -23.11 55.27 67.01
CA ASP E 74 -24.55 55.29 67.19
C ASP E 74 -25.27 55.18 65.84
N HIS E 75 -24.81 55.95 64.85
CA HIS E 75 -25.40 55.88 63.52
C HIS E 75 -25.22 54.51 62.90
N PHE E 76 -24.03 53.91 63.07
CA PHE E 76 -23.79 52.59 62.50
C PHE E 76 -24.69 51.54 63.12
N ARG E 77 -24.86 51.58 64.44
CA ARG E 77 -25.76 50.64 65.10
C ARG E 77 -27.20 50.85 64.63
N PHE E 78 -27.62 52.11 64.50
CA PHE E 78 -28.97 52.36 64.01
C PHE E 78 -29.16 51.81 62.61
N GLU E 79 -28.15 51.99 61.75
CA GLU E 79 -28.26 51.50 60.37
C GLU E 79 -28.34 49.97 60.32
N GLU E 80 -27.55 49.29 61.15
CA GLU E 80 -27.61 47.83 61.18
C GLU E 80 -28.97 47.34 61.66
N VAL E 81 -29.49 47.94 62.74
CA VAL E 81 -30.81 47.57 63.23
C VAL E 81 -31.87 47.87 62.18
N MET E 82 -31.71 48.97 61.45
CA MET E 82 -32.61 49.31 60.37
C MET E 82 -32.66 48.22 59.30
N PHE E 83 -31.48 47.81 58.82
CA PHE E 83 -31.46 46.82 57.74
C PHE E 83 -32.04 45.50 58.21
N ARG E 84 -31.69 45.06 59.41
CA ARG E 84 -32.25 43.82 59.93
C ARG E 84 -33.74 43.94 60.22
N TRP E 85 -34.23 45.15 60.51
CA TRP E 85 -35.66 45.37 60.71
C TRP E 85 -36.42 45.31 59.39
N PHE E 86 -35.83 45.84 58.32
CA PHE E 86 -36.40 45.68 57.00
C PHE E 86 -36.45 44.21 56.59
N LEU E 87 -35.36 43.47 56.85
CA LEU E 87 -35.36 42.05 56.47
C LEU E 87 -36.32 41.23 57.31
N ALA E 88 -36.48 41.57 58.60
CA ALA E 88 -37.32 40.75 59.47
C ALA E 88 -38.79 41.08 59.25
N SER E 89 -39.20 41.11 57.98
CA SER E 89 -40.61 41.20 57.62
C SER E 89 -40.68 40.67 56.19
N ARG E 90 -41.27 39.48 56.03
CA ARG E 90 -41.22 38.76 54.76
C ARG E 90 -42.08 39.52 53.76
N THR E 91 -41.48 40.55 53.17
CA THR E 91 -42.16 41.53 52.34
C THR E 91 -41.44 41.67 51.00
N GLY E 92 -42.23 41.79 49.94
CA GLY E 92 -41.68 41.96 48.61
C GLY E 92 -41.50 43.43 48.26
N PRO E 93 -40.75 43.67 47.19
CA PRO E 93 -40.55 45.06 46.75
C PRO E 93 -41.83 45.81 46.43
N GLU E 94 -42.80 45.15 45.80
CA GLU E 94 -43.96 45.85 45.27
C GLU E 94 -44.93 46.32 46.34
N GLN E 95 -44.79 45.87 47.59
CA GLN E 95 -45.71 46.31 48.63
C GLN E 95 -45.03 47.07 49.76
N ARG E 96 -43.77 47.47 49.58
CA ARG E 96 -43.13 48.37 50.53
C ARG E 96 -43.42 49.82 50.18
N PHE E 97 -43.79 50.62 51.18
CA PHE E 97 -43.98 52.06 51.02
C PHE E 97 -43.13 52.74 52.10
N VAL E 98 -42.12 53.48 51.68
CA VAL E 98 -41.16 54.07 52.59
C VAL E 98 -41.44 55.56 52.73
N CYS E 99 -41.45 56.05 53.97
CA CYS E 99 -41.63 57.45 54.27
C CYS E 99 -40.43 57.93 55.08
N LEU E 100 -39.63 58.81 54.48
CA LEU E 100 -38.42 59.34 55.12
C LEU E 100 -38.68 60.64 55.87
N THR E 101 -39.72 60.64 56.71
CA THR E 101 -40.10 61.81 57.49
C THR E 101 -39.93 61.48 58.97
N GLY E 102 -39.17 62.31 59.68
CA GLY E 102 -38.98 62.12 61.11
C GLY E 102 -37.58 61.67 61.47
N GLY E 103 -37.11 62.11 62.63
CA GLY E 103 -35.79 61.75 63.09
C GLY E 103 -34.71 62.66 62.52
N PHE E 104 -33.46 62.29 62.83
CA PHE E 104 -32.32 63.06 62.34
C PHE E 104 -32.26 63.01 60.81
N LYS E 105 -31.47 63.94 60.25
CA LYS E 105 -31.30 63.95 58.80
C LYS E 105 -30.69 62.64 58.31
N THR E 106 -29.73 62.11 59.06
CA THR E 106 -29.15 60.82 58.70
C THR E 106 -30.18 59.71 58.74
N MET E 107 -31.18 59.81 59.61
CA MET E 107 -32.22 58.79 59.66
C MET E 107 -32.99 58.73 58.36
N SER E 108 -33.44 59.89 57.85
CA SER E 108 -34.16 59.92 56.59
C SER E 108 -33.25 59.56 55.42
N ALA E 109 -31.98 59.97 55.48
CA ALA E 109 -31.04 59.61 54.42
C ALA E 109 -30.84 58.11 54.36
N ALA E 110 -30.69 57.46 55.51
CA ALA E 110 -30.60 56.00 55.55
C ALA E 110 -31.91 55.35 55.11
N MET E 111 -33.04 55.99 55.41
CA MET E 111 -34.32 55.52 54.90
C MET E 111 -34.29 55.43 53.38
N GLN E 112 -33.87 56.51 52.73
CA GLN E 112 -33.82 56.51 51.26
C GLN E 112 -32.78 55.53 50.74
N LYS E 113 -31.64 55.41 51.44
CA LYS E 113 -30.62 54.46 51.01
C LYS E 113 -31.13 53.02 51.07
N ALA E 114 -31.79 52.64 52.16
CA ALA E 114 -32.35 51.30 52.26
C ALA E 114 -33.46 51.10 51.24
N ALA E 115 -34.24 52.14 50.96
CA ALA E 115 -35.27 52.03 49.94
C ALA E 115 -34.66 51.75 48.57
N THR E 116 -33.59 52.45 48.23
CA THR E 116 -33.03 52.30 46.88
C THR E 116 -32.16 51.05 46.76
N VAL E 117 -31.69 50.52 47.89
CA VAL E 117 -30.90 49.29 47.83
C VAL E 117 -31.80 48.06 47.86
N LEU E 118 -32.76 48.02 48.78
CA LEU E 118 -33.68 46.90 48.90
C LEU E 118 -34.82 46.95 47.87
N GLY E 119 -34.99 48.07 47.17
CA GLY E 119 -36.00 48.15 46.14
C GLY E 119 -37.42 48.33 46.62
N ALA E 120 -37.71 49.48 47.24
CA ALA E 120 -39.07 49.77 47.67
C ALA E 120 -39.96 50.02 46.46
N ALA E 121 -41.25 50.21 46.72
CA ALA E 121 -42.23 50.49 45.67
C ALA E 121 -42.67 51.93 45.62
N GLU E 122 -42.43 52.71 46.68
CA GLU E 122 -42.78 54.12 46.69
C GLU E 122 -42.07 54.84 47.82
N VAL E 123 -41.42 55.96 47.52
CA VAL E 123 -40.74 56.78 48.52
C VAL E 123 -41.36 58.17 48.48
N PHE E 124 -41.82 58.66 49.63
CA PHE E 124 -42.51 59.93 49.71
C PHE E 124 -42.16 60.65 51.00
N HIS E 125 -42.42 61.96 51.00
CA HIS E 125 -42.16 62.83 52.14
C HIS E 125 -43.37 63.73 52.34
N VAL E 126 -43.85 63.83 53.57
CA VAL E 126 -45.11 64.49 53.88
C VAL E 126 -44.84 65.83 54.55
N LEU E 127 -45.57 66.86 54.14
CA LEU E 127 -45.49 68.19 54.72
C LEU E 127 -46.86 68.63 55.21
N ALA E 128 -46.85 69.56 56.17
CA ALA E 128 -48.07 70.13 56.73
C ALA E 128 -47.97 71.64 56.73
N ASP E 129 -49.13 72.29 56.69
CA ASP E 129 -49.22 73.75 56.68
C ASP E 129 -49.60 74.25 58.07
N ASP E 130 -49.00 75.36 58.47
CA ASP E 130 -49.28 75.98 59.76
C ASP E 130 -50.66 76.64 59.75
N CYS E 131 -51.68 75.89 60.18
CA CYS E 131 -53.06 76.36 60.11
C CYS E 131 -53.79 76.20 61.45
N CYS E 132 -53.05 76.15 62.56
CA CYS E 132 -53.63 75.99 63.88
C CYS E 132 -53.24 77.15 64.77
N VAL E 133 -54.18 77.59 65.61
CA VAL E 133 -53.97 78.78 66.41
C VAL E 133 -52.91 78.54 67.49
N GLY E 134 -53.04 77.44 68.24
CA GLY E 134 -52.12 77.14 69.32
C GLY E 134 -52.16 78.23 70.38
N PRO E 135 -51.13 78.29 71.22
CA PRO E 135 -50.97 79.47 72.05
C PRO E 135 -50.25 80.68 71.42
N GLN E 136 -49.47 80.51 70.35
CA GLN E 136 -49.03 81.61 69.52
C GLN E 136 -49.39 81.26 68.07
N GLY E 137 -49.89 82.24 67.33
CA GLY E 137 -50.49 81.97 66.03
C GLY E 137 -49.49 81.42 65.03
N ARG E 138 -50.06 80.88 63.94
CA ARG E 138 -49.31 80.31 62.82
C ARG E 138 -48.41 79.16 63.29
N LEU E 139 -49.08 78.08 63.73
CA LEU E 139 -48.40 76.90 64.25
C LEU E 139 -48.77 75.66 63.44
N MET E 140 -47.80 74.75 63.33
CA MET E 140 -48.06 73.40 62.86
C MET E 140 -49.19 72.78 63.67
N PRO E 141 -49.91 71.81 63.11
CA PRO E 141 -50.98 71.15 63.88
C PRO E 141 -50.42 70.22 64.94
N PRO E 142 -50.63 70.54 66.24
CA PRO E 142 -50.04 69.75 67.32
C PRO E 142 -50.76 68.44 67.61
N SER E 143 -50.38 67.82 68.73
CA SER E 143 -50.78 66.47 69.10
C SER E 143 -52.21 66.09 68.71
N THR E 144 -53.21 66.92 69.04
CA THR E 144 -54.59 66.46 68.96
C THR E 144 -54.99 66.13 67.52
N LEU E 145 -55.96 65.22 67.39
CA LEU E 145 -56.22 64.52 66.14
C LEU E 145 -57.30 65.17 65.29
N GLU E 146 -58.29 65.80 65.94
CA GLU E 146 -59.39 66.41 65.20
C GLU E 146 -58.87 67.47 64.23
N GLU E 147 -57.87 68.24 64.66
CA GLU E 147 -57.26 69.23 63.79
C GLU E 147 -56.46 68.59 62.67
N ILE E 148 -55.87 67.41 62.89
CA ILE E 148 -55.20 66.70 61.80
C ILE E 148 -56.21 66.29 60.74
N LEU E 149 -57.35 65.74 61.18
CA LEU E 149 -58.40 65.38 60.22
C LEU E 149 -58.95 66.61 59.51
N TRP E 150 -59.10 67.72 60.24
CA TRP E 150 -59.57 68.96 59.64
C TRP E 150 -58.60 69.46 58.58
N ALA E 151 -57.29 69.39 58.85
CA ALA E 151 -56.29 69.81 57.88
C ALA E 151 -56.29 68.88 56.66
N ARG E 152 -56.51 67.58 56.87
CA ARG E 152 -56.63 66.68 55.73
C ARG E 152 -57.84 67.05 54.88
N ASP E 153 -58.97 67.37 55.52
CA ASP E 153 -60.17 67.73 54.79
C ASP E 153 -59.99 69.04 54.02
N GLN E 154 -59.35 70.03 54.63
CA GLN E 154 -59.18 71.33 53.99
C GLN E 154 -58.07 71.36 52.95
N GLY E 155 -57.28 70.29 52.84
CA GLY E 155 -56.23 70.24 51.85
C GLY E 155 -54.97 70.98 52.26
N HIS E 156 -54.43 70.66 53.44
CA HIS E 156 -53.21 71.29 53.93
C HIS E 156 -52.06 70.30 54.04
N LEU E 157 -52.19 69.13 53.42
CA LEU E 157 -51.14 68.14 53.35
C LEU E 157 -50.77 67.93 51.89
N HIS E 158 -49.49 67.64 51.63
CA HIS E 158 -48.96 67.73 50.28
C HIS E 158 -48.49 66.40 49.73
N TRP E 159 -47.76 65.61 50.51
CA TRP E 159 -47.33 64.25 50.12
C TRP E 159 -46.48 64.28 48.84
N ILE E 160 -45.31 64.90 48.96
CA ILE E 160 -44.33 64.88 47.88
C ILE E 160 -43.84 63.44 47.72
N ARG E 161 -44.22 62.80 46.62
CA ARG E 161 -43.84 61.42 46.35
C ARG E 161 -42.91 61.39 45.14
N LEU E 162 -41.82 60.62 45.25
CA LEU E 162 -40.76 60.63 44.24
C LEU E 162 -40.40 59.20 43.81
N GLY E 163 -41.13 58.69 42.83
CA GLY E 163 -40.75 57.51 42.10
C GLY E 163 -40.75 56.21 42.88
N PRO E 164 -40.83 55.09 42.17
CA PRO E 164 -40.56 53.79 42.77
C PRO E 164 -39.08 53.45 42.68
N GLU E 165 -38.73 52.30 43.25
CA GLU E 165 -37.36 51.80 43.23
C GLU E 165 -37.34 50.37 42.72
N ARG E 166 -36.15 49.94 42.31
CA ARG E 166 -35.94 48.63 41.69
C ARG E 166 -35.17 47.68 42.59
N GLY E 167 -34.02 48.10 43.12
CA GLY E 167 -33.26 47.29 44.03
C GLY E 167 -32.43 46.21 43.36
N TRP E 168 -31.34 45.81 44.02
CA TRP E 168 -30.49 44.77 43.48
C TRP E 168 -31.20 43.41 43.55
N PRO E 169 -31.05 42.59 42.52
CA PRO E 169 -31.94 41.41 42.40
C PRO E 169 -31.69 40.32 43.44
N GLN E 170 -30.43 39.95 43.68
CA GLN E 170 -30.18 38.87 44.63
C GLN E 170 -30.37 39.31 46.07
N LEU E 171 -30.62 40.60 46.30
CA LEU E 171 -30.85 41.13 47.64
C LEU E 171 -32.33 41.45 47.87
N ARG E 172 -33.21 41.10 46.92
CA ARG E 172 -34.63 41.46 47.05
C ARG E 172 -35.34 40.60 48.08
N ARG E 173 -34.88 39.36 48.30
CA ARG E 173 -35.51 38.46 49.26
C ARG E 173 -34.61 38.18 50.45
N ILE E 174 -33.41 37.66 50.22
CA ILE E 174 -32.51 37.16 51.25
C ILE E 174 -33.34 36.22 52.14
N ALA E 175 -33.24 36.36 53.45
CA ALA E 175 -34.01 35.58 54.41
C ALA E 175 -33.84 36.17 55.80
N PRO E 176 -34.92 36.26 56.58
CA PRO E 176 -34.77 36.79 57.96
C PRO E 176 -33.83 35.96 58.82
N GLU E 177 -33.81 34.64 58.63
CA GLU E 177 -32.99 33.76 59.46
C GLU E 177 -31.56 33.65 58.93
N GLN E 178 -31.00 34.79 58.56
CA GLN E 178 -29.57 34.90 58.27
C GLN E 178 -28.92 36.12 58.91
N PHE E 179 -29.69 37.16 59.23
CA PHE E 179 -29.22 38.32 60.00
C PHE E 179 -30.29 38.63 61.04
N PRO E 180 -30.40 37.81 62.08
CA PRO E 180 -31.57 37.89 62.96
C PRO E 180 -31.49 39.07 63.91
N LEU E 181 -32.65 39.40 64.48
CA LEU E 181 -32.79 40.46 65.47
C LEU E 181 -33.01 39.86 66.85
N GLN E 182 -32.41 40.48 67.86
CA GLN E 182 -32.63 40.10 69.24
C GLN E 182 -33.75 40.94 69.84
N VAL E 183 -34.29 40.47 70.96
CA VAL E 183 -35.37 41.15 71.67
C VAL E 183 -34.93 41.34 73.11
N VAL E 184 -34.51 42.56 73.45
CA VAL E 184 -34.09 42.84 74.83
C VAL E 184 -35.30 42.90 75.74
N GLU E 185 -36.33 43.64 75.35
CA GLU E 185 -37.53 43.82 76.15
C GLU E 185 -38.75 43.60 75.27
N GLU E 186 -39.76 42.93 75.84
CA GLU E 186 -40.94 42.52 75.07
C GLU E 186 -42.20 42.98 75.80
N LYS E 187 -42.78 44.08 75.32
CA LYS E 187 -44.08 44.55 75.74
C LYS E 187 -45.02 44.49 74.54
N GLY E 188 -46.33 44.56 74.81
CA GLY E 188 -47.32 44.57 73.75
C GLY E 188 -47.02 45.62 72.70
N ASP E 189 -47.01 45.19 71.43
CA ASP E 189 -46.80 45.96 70.20
C ASP E 189 -45.72 47.03 70.34
N GLU E 190 -44.69 46.80 71.16
CA GLU E 190 -43.55 47.70 71.29
C GLU E 190 -42.36 46.89 71.75
N ARG E 191 -41.24 46.99 71.03
CA ARG E 191 -40.10 46.12 71.26
C ARG E 191 -38.81 46.94 71.26
N ARG E 192 -37.82 46.41 71.96
CA ARG E 192 -36.45 46.92 71.92
C ARG E 192 -35.55 45.80 71.40
N VAL E 193 -34.75 46.12 70.37
CA VAL E 193 -34.03 45.11 69.62
C VAL E 193 -32.55 45.49 69.54
N GLN E 194 -31.71 44.48 69.30
CA GLN E 194 -30.27 44.64 69.16
C GLN E 194 -29.80 43.92 67.90
N ALA E 195 -28.48 43.93 67.70
CA ALA E 195 -27.85 43.18 66.62
C ALA E 195 -26.47 42.74 67.10
N GLU E 196 -26.15 41.47 66.88
CA GLU E 196 -24.89 40.94 67.38
C GLU E 196 -23.69 41.62 66.73
N ASP E 197 -23.73 41.80 65.41
CA ASP E 197 -22.58 42.30 64.67
C ASP E 197 -23.05 42.95 63.37
N ARG E 198 -22.12 43.60 62.70
CA ARG E 198 -22.41 44.33 61.45
C ARG E 198 -22.09 43.46 60.23
N ALA E 199 -22.76 42.30 60.17
CA ALA E 199 -22.53 41.38 59.05
C ALA E 199 -23.18 41.90 57.77
N PHE E 200 -24.39 42.42 57.86
CA PHE E 200 -25.09 42.90 56.67
C PHE E 200 -24.37 44.09 56.05
N GLY E 201 -23.77 44.94 56.88
CA GLY E 201 -23.01 46.06 56.34
C GLY E 201 -21.84 45.61 55.49
N THR E 202 -21.09 44.62 55.98
CA THR E 202 -19.99 44.08 55.20
C THR E 202 -20.48 43.39 53.93
N PHE E 203 -21.58 42.64 54.04
CA PHE E 203 -22.15 42.00 52.87
C PHE E 203 -22.51 43.01 51.79
N LEU E 204 -23.20 44.09 52.19
CA LEU E 204 -23.62 45.11 51.23
C LEU E 204 -22.43 45.84 50.65
N GLN E 205 -21.42 46.16 51.47
CA GLN E 205 -20.24 46.84 50.97
C GLN E 205 -19.51 45.98 49.95
N ASP E 206 -19.37 44.68 50.23
CA ASP E 206 -18.72 43.79 49.27
C ASP E 206 -19.52 43.71 47.98
N LEU E 207 -20.85 43.62 48.08
CA LEU E 207 -21.68 43.56 46.89
C LEU E 207 -21.52 44.81 46.03
N LEU E 208 -21.60 45.99 46.66
CA LEU E 208 -21.48 47.23 45.89
C LEU E 208 -20.11 47.38 45.27
N GLN E 209 -19.05 47.03 46.01
CA GLN E 209 -17.70 47.12 45.46
C GLN E 209 -17.53 46.17 44.28
N ARG E 210 -18.05 44.95 44.39
CA ARG E 210 -17.96 43.99 43.30
C ARG E 210 -18.69 44.49 42.07
N ALA E 211 -19.89 45.04 42.25
CA ALA E 211 -20.64 45.58 41.11
C ALA E 211 -19.90 46.75 40.48
N SER E 212 -19.33 47.63 41.30
CA SER E 212 -18.60 48.77 40.76
C SER E 212 -17.37 48.33 39.97
N ARG E 213 -16.63 47.35 40.49
CA ARG E 213 -15.46 46.86 39.77
C ARG E 213 -15.86 46.19 38.45
N ILE E 214 -16.94 45.40 38.47
CA ILE E 214 -17.40 44.75 37.24
C ILE E 214 -17.80 45.80 36.21
N ALA E 215 -18.51 46.84 36.64
CA ALA E 215 -18.88 47.91 35.72
C ALA E 215 -17.64 48.63 35.18
N GLY E 216 -16.64 48.82 36.04
CA GLY E 216 -15.41 49.45 35.58
C GLY E 216 -14.68 48.63 34.54
N ALA E 217 -14.68 47.31 34.69
CA ALA E 217 -14.04 46.41 33.73
C ALA E 217 -15.12 45.56 33.07
N TRP E 218 -15.74 46.10 32.03
CA TRP E 218 -16.67 45.36 31.19
C TRP E 218 -16.12 45.08 29.81
N GLU E 219 -15.42 46.04 29.21
CA GLU E 219 -14.64 45.76 28.01
C GLU E 219 -13.49 44.82 28.36
N MET E 220 -12.70 44.48 27.34
CA MET E 220 -11.55 43.56 27.47
C MET E 220 -11.90 42.30 28.26
N LEU E 221 -13.17 41.92 28.30
CA LEU E 221 -13.63 40.71 28.96
C LEU E 221 -13.40 39.46 28.10
N PRO E 222 -13.66 39.51 26.79
CA PRO E 222 -13.33 38.32 25.96
C PRO E 222 -11.86 37.92 26.02
N GLU E 223 -10.94 38.88 26.18
CA GLU E 223 -9.53 38.53 26.26
C GLU E 223 -9.14 37.93 27.61
N LEU E 224 -9.90 38.21 28.66
CA LEU E 224 -9.58 37.65 29.97
C LEU E 224 -9.80 36.14 29.95
N PRO E 225 -8.81 35.35 30.37
CA PRO E 225 -9.01 33.90 30.39
C PRO E 225 -10.11 33.43 31.32
N PHE E 226 -10.35 34.15 32.42
CA PHE E 226 -11.37 33.78 33.38
C PHE E 226 -12.21 35.00 33.74
N ALA E 227 -13.49 34.76 34.00
CA ALA E 227 -14.44 35.86 34.19
C ALA E 227 -14.21 36.58 35.52
N ASP E 228 -13.82 35.84 36.56
CA ASP E 228 -13.68 36.44 37.89
C ASP E 228 -12.63 37.53 37.92
N LEU E 229 -11.69 37.54 36.97
CA LEU E 229 -10.71 38.62 36.89
C LEU E 229 -11.36 39.97 36.69
N ALA E 230 -12.59 40.01 36.17
CA ALA E 230 -13.31 41.27 36.01
C ALA E 230 -13.66 41.90 37.35
N THR E 231 -13.63 41.13 38.44
CA THR E 231 -13.93 41.67 39.77
C THR E 231 -12.70 42.20 40.49
N TRP E 232 -11.52 42.13 39.86
CA TRP E 232 -10.31 42.66 40.45
C TRP E 232 -10.25 44.17 40.31
N SER E 233 -9.48 44.80 41.18
CA SER E 233 -9.30 46.25 41.12
C SER E 233 -8.30 46.61 40.04
N GLU E 234 -8.20 47.92 39.76
CA GLU E 234 -7.30 48.39 38.71
C GLU E 234 -5.85 48.12 39.07
N GLY E 235 -5.49 48.29 40.34
CA GLY E 235 -4.11 48.02 40.75
C GLY E 235 -3.73 46.56 40.62
N GLU E 236 -4.62 45.67 41.02
CA GLU E 236 -4.36 44.23 40.88
C GLU E 236 -4.25 43.84 39.41
N LEU E 237 -5.13 44.40 38.56
CA LEU E 237 -5.05 44.10 37.13
C LEU E 237 -3.77 44.62 36.52
N ALA E 238 -3.31 45.80 36.93
CA ALA E 238 -2.02 46.30 36.46
C ALA E 238 -0.88 45.42 36.93
N TRP E 239 -0.94 44.94 38.18
CA TRP E 239 0.06 44.03 38.69
C TRP E 239 0.04 42.70 37.95
N LEU E 240 -1.12 42.31 37.40
CA LEU E 240 -1.22 41.04 36.69
C LEU E 240 -0.45 41.06 35.38
N ARG E 241 -0.19 42.24 34.81
CA ARG E 241 0.49 42.35 33.54
C ARG E 241 1.99 42.51 33.67
N GLU E 242 2.52 42.63 34.87
CA GLU E 242 3.95 42.80 35.01
C GLU E 242 4.67 41.46 34.82
N PRO E 243 5.91 41.48 34.34
CA PRO E 243 6.65 40.22 34.18
C PRO E 243 6.86 39.53 35.52
N LEU E 244 6.82 38.20 35.49
CA LEU E 244 6.97 37.40 36.69
C LEU E 244 8.41 37.49 37.21
N ASP E 245 8.55 37.53 38.53
CA ASP E 245 9.86 37.55 39.17
C ASP E 245 10.05 36.27 39.97
N PRO E 246 10.77 35.27 39.45
CA PRO E 246 10.93 34.01 40.19
C PRO E 246 11.59 34.16 41.54
N ARG E 247 12.42 35.19 41.74
CA ARG E 247 13.14 35.35 43.00
C ARG E 247 12.28 35.90 44.12
N ALA E 248 11.15 36.52 43.81
CA ALA E 248 10.32 37.15 44.83
C ALA E 248 9.53 36.09 45.59
N PRO E 249 9.63 36.05 46.92
CA PRO E 249 8.84 35.06 47.69
C PRO E 249 7.35 35.23 47.50
N ALA E 250 6.85 36.46 47.31
CA ALA E 250 5.43 36.66 47.09
C ALA E 250 4.98 35.99 45.79
N ASP E 251 5.79 36.10 44.73
CA ASP E 251 5.47 35.41 43.49
C ASP E 251 5.46 33.90 43.68
N GLN E 252 6.41 33.39 44.46
CA GLN E 252 6.45 31.96 44.73
C GLN E 252 5.19 31.50 45.45
N ARG E 253 4.76 32.25 46.45
CA ARG E 253 3.53 31.91 47.17
C ARG E 253 2.31 31.98 46.25
N TRP E 254 2.25 33.00 45.39
CA TRP E 254 1.13 33.13 44.48
C TRP E 254 1.07 31.96 43.50
N VAL E 255 2.22 31.55 42.96
CA VAL E 255 2.24 30.42 42.04
C VAL E 255 1.86 29.13 42.78
N ALA E 256 2.34 28.97 44.02
CA ALA E 256 1.99 27.78 44.79
C ALA E 256 0.50 27.74 45.12
N GLY E 257 -0.15 28.90 45.19
CA GLY E 257 -1.57 28.94 45.49
C GLY E 257 -2.52 28.79 44.32
N LEU E 258 -2.01 28.61 43.11
CA LEU E 258 -2.86 28.54 41.92
C LEU E 258 -3.45 27.14 41.74
N PRO E 259 -4.75 27.04 41.47
CA PRO E 259 -5.29 25.77 40.96
C PRO E 259 -4.59 25.38 39.66
N LYS E 260 -4.32 24.09 39.51
CA LYS E 260 -3.52 23.61 38.39
C LYS E 260 -4.15 22.38 37.75
N ILE E 261 -3.76 22.13 36.51
CA ILE E 261 -4.17 20.97 35.74
C ILE E 261 -2.93 20.26 35.23
N GLU E 262 -2.87 18.95 35.43
CA GLU E 262 -1.73 18.13 35.00
C GLU E 262 -2.15 17.26 33.83
N LEU E 263 -1.32 17.23 32.78
CA LEU E 263 -1.63 16.46 31.59
C LEU E 263 -0.51 15.53 31.12
N HIS E 264 0.68 15.59 31.72
CA HIS E 264 1.80 14.73 31.31
C HIS E 264 2.57 14.31 32.56
N CYS E 265 2.21 13.14 33.09
CA CYS E 265 2.85 12.62 34.30
C CYS E 265 2.98 11.11 34.18
N HIS E 266 4.20 10.60 34.38
CA HIS E 266 4.47 9.18 34.32
C HIS E 266 4.38 8.57 35.71
N LEU E 267 3.63 7.47 35.82
CA LEU E 267 3.47 6.82 37.12
C LEU E 267 4.75 6.14 37.60
N GLY E 268 5.55 5.62 36.67
CA GLY E 268 6.74 4.88 37.02
C GLY E 268 7.95 5.69 37.41
N GLY E 269 7.86 7.02 37.36
CA GLY E 269 8.99 7.85 37.71
C GLY E 269 8.70 8.86 38.81
N PHE E 270 7.93 8.45 39.82
CA PHE E 270 7.52 9.37 40.88
C PHE E 270 8.46 9.28 42.09
N ALA E 271 8.60 8.08 42.67
CA ALA E 271 9.39 7.89 43.88
C ALA E 271 10.62 7.06 43.53
N THR E 272 11.70 7.75 43.19
CA THR E 272 12.94 7.10 42.79
C THR E 272 14.09 7.30 43.77
N HIS E 273 14.03 8.33 44.60
CA HIS E 273 15.11 8.62 45.54
C HIS E 273 14.52 9.04 46.88
N GLY E 274 15.35 8.95 47.93
CA GLY E 274 15.01 9.55 49.20
C GLY E 274 14.00 8.76 50.01
N GLU E 275 13.26 9.49 50.85
CA GLU E 275 12.35 8.86 51.80
C GLU E 275 11.17 8.21 51.10
N LEU E 276 10.72 8.78 49.97
CA LEU E 276 9.57 8.23 49.27
C LEU E 276 9.85 6.82 48.76
N LEU E 277 11.06 6.59 48.24
CA LEU E 277 11.43 5.26 47.77
C LEU E 277 11.42 4.25 48.91
N ARG E 278 11.93 4.64 50.07
CA ARG E 278 11.91 3.75 51.23
C ARG E 278 10.48 3.48 51.68
N ARG E 279 9.61 4.49 51.65
CA ARG E 279 8.22 4.29 52.03
C ARG E 279 7.53 3.31 51.08
N VAL E 280 7.80 3.44 49.78
CA VAL E 280 7.23 2.49 48.81
C VAL E 280 7.78 1.08 49.05
N ARG E 281 9.08 0.98 49.32
CA ARG E 281 9.69 -0.34 49.53
C ARG E 281 9.15 -1.02 50.78
N ASN E 282 8.92 -0.25 51.85
CA ASN E 282 8.39 -0.83 53.08
C ASN E 282 6.87 -0.94 52.99
N ALA E 283 6.38 -1.50 51.90
CA ALA E 283 4.97 -1.84 51.75
C ALA E 283 4.78 -3.16 51.01
N ALA E 284 5.87 -3.87 50.70
CA ALA E 284 5.79 -5.07 49.89
C ALA E 284 5.05 -6.18 50.63
N GLU E 285 4.23 -6.93 49.89
CA GLU E 285 3.61 -8.12 50.44
C GLU E 285 4.62 -9.24 50.65
N ASN E 286 5.62 -9.32 49.78
CA ASN E 286 6.67 -10.34 49.85
C ASN E 286 8.02 -9.65 49.82
N PRO E 287 8.54 -9.24 50.99
CA PRO E 287 9.86 -8.58 51.01
C PRO E 287 11.01 -9.51 50.68
N GLY E 288 10.77 -10.82 50.62
CA GLY E 288 11.84 -11.75 50.30
C GLY E 288 12.37 -11.56 48.88
N LYS E 289 11.46 -11.32 47.93
CA LYS E 289 11.84 -11.13 46.53
C LYS E 289 12.18 -9.68 46.22
N LEU E 290 12.19 -8.81 47.22
CA LEU E 290 12.55 -7.42 47.02
C LEU E 290 14.01 -7.32 46.60
N PRO E 291 14.31 -6.64 45.50
CA PRO E 291 15.70 -6.53 45.05
C PRO E 291 16.51 -5.62 45.95
N PRO E 292 17.83 -5.79 46.00
CA PRO E 292 18.63 -4.99 46.94
C PRO E 292 18.60 -3.52 46.60
N LEU E 293 18.64 -2.69 47.65
CA LEU E 293 18.51 -1.25 47.48
C LEU E 293 19.80 -0.65 46.91
N GLU E 294 19.64 0.17 45.87
CA GLU E 294 20.78 0.88 45.29
C GLU E 294 20.23 2.08 44.51
N GLU E 295 20.54 3.29 44.98
CA GLU E 295 20.09 4.50 44.32
C GLU E 295 21.16 4.99 43.36
N PRO E 296 20.85 5.17 42.08
CA PRO E 296 21.84 5.73 41.16
C PRO E 296 22.25 7.14 41.57
N ARG E 297 23.52 7.47 41.32
CA ARG E 297 24.02 8.78 41.70
C ARG E 297 23.71 9.81 40.61
N LEU E 298 23.25 10.97 41.05
CA LEU E 298 22.87 12.08 40.19
C LEU E 298 24.10 12.93 39.83
N PRO E 299 24.09 13.57 38.66
CA PRO E 299 25.20 14.46 38.31
C PRO E 299 25.28 15.65 39.26
N GLU E 300 26.36 16.41 39.12
CA GLU E 300 26.59 17.57 39.97
C GLU E 300 25.54 18.64 39.70
N GLY E 301 24.92 19.15 40.75
CA GLY E 301 23.88 20.15 40.61
C GLY E 301 22.73 19.66 39.76
N TRP E 302 22.24 18.45 40.05
CA TRP E 302 21.34 17.74 39.15
C TRP E 302 20.12 18.55 38.71
N PRO E 303 19.37 19.23 39.59
CA PRO E 303 18.19 19.96 39.11
C PRO E 303 18.51 20.99 38.03
N LEU E 304 19.68 21.64 38.12
CA LEU E 304 20.13 22.60 37.11
C LEU E 304 21.55 22.23 36.70
N PRO E 305 21.70 21.18 35.90
CA PRO E 305 23.05 20.71 35.56
C PRO E 305 23.76 21.66 34.60
N ALA E 306 25.08 21.63 34.65
CA ALA E 306 25.87 22.52 33.79
C ALA E 306 25.87 22.04 32.35
N GLN E 307 25.87 20.72 32.14
CA GLN E 307 25.89 20.16 30.80
C GLN E 307 24.73 19.19 30.62
N PRO E 308 24.15 19.13 29.43
CA PRO E 308 23.03 18.19 29.20
C PRO E 308 23.52 16.76 29.10
N ILE E 309 22.59 15.84 29.31
CA ILE E 309 22.87 14.41 29.21
C ILE E 309 21.87 13.79 28.23
N PRO E 310 22.22 12.70 27.56
CA PRO E 310 21.27 12.07 26.62
C PRO E 310 20.27 11.18 27.34
N LEU E 311 19.35 10.63 26.54
CA LEU E 311 18.18 9.95 27.11
C LEU E 311 18.54 8.70 27.88
N ALA E 312 19.58 7.98 27.47
CA ALA E 312 19.88 6.69 28.11
C ALA E 312 20.17 6.87 29.59
N GLU E 313 21.04 7.81 29.94
CA GLU E 313 21.36 8.05 31.34
C GLU E 313 20.17 8.62 32.09
N TYR E 314 19.36 9.46 31.43
CA TYR E 314 18.16 10.00 32.07
C TYR E 314 17.22 8.87 32.46
N MET E 315 17.03 7.90 31.57
CA MET E 315 16.16 6.76 31.88
C MET E 315 16.77 5.87 32.95
N LYS E 316 18.09 5.65 32.88
CA LYS E 316 18.76 4.83 33.88
C LYS E 316 18.76 5.48 35.26
N LEU E 317 18.57 6.80 35.33
CA LEU E 317 18.53 7.49 36.62
C LEU E 317 17.37 7.04 37.49
N GLY E 318 16.35 6.40 36.92
CA GLY E 318 15.23 5.92 37.71
C GLY E 318 15.12 4.41 37.74
N ASN E 319 16.26 3.73 37.84
CA ASN E 319 16.27 2.27 37.84
C ASN E 319 15.84 1.68 39.17
N ALA E 320 15.88 2.46 40.25
CA ALA E 320 15.49 1.94 41.56
C ALA E 320 13.99 1.72 41.69
N ASN E 321 13.19 2.27 40.78
CA ASN E 321 11.74 2.13 40.84
C ASN E 321 11.22 1.84 39.43
N GLY E 322 10.06 1.22 39.37
CA GLY E 322 9.45 0.88 38.09
C GLY E 322 9.21 -0.60 37.92
N THR E 323 9.76 -1.18 36.86
CA THR E 323 9.55 -2.60 36.59
C THR E 323 10.10 -3.46 37.71
N ALA E 324 11.25 -3.09 38.27
CA ALA E 324 11.86 -3.88 39.33
C ALA E 324 11.01 -3.88 40.60
N LEU E 325 10.32 -2.77 40.87
CA LEU E 325 9.64 -2.60 42.15
C LEU E 325 8.12 -2.79 42.08
N LEU E 326 7.49 -2.46 40.97
CA LEU E 326 6.03 -2.40 40.90
C LEU E 326 5.38 -3.72 40.53
N ARG E 327 6.15 -4.81 40.43
CA ARG E 327 5.53 -6.11 40.20
C ARG E 327 4.81 -6.63 41.44
N ASP E 328 5.09 -6.06 42.60
CA ASP E 328 4.42 -6.44 43.83
C ASP E 328 3.22 -5.52 44.05
N PRO E 329 2.00 -6.05 44.18
CA PRO E 329 0.81 -5.18 44.22
C PRO E 329 0.79 -4.20 45.37
N GLY E 330 1.35 -4.55 46.52
CA GLY E 330 1.41 -3.61 47.63
C GLY E 330 2.22 -2.37 47.30
N CYS E 331 3.36 -2.56 46.64
CA CYS E 331 4.18 -1.42 46.23
C CYS E 331 3.44 -0.54 45.22
N LEU E 332 2.73 -1.16 44.28
CA LEU E 332 1.96 -0.40 43.30
C LEU E 332 0.88 0.43 43.98
N ARG E 333 0.17 -0.18 44.94
CA ARG E 333 -0.91 0.51 45.63
C ARG E 333 -0.36 1.69 46.44
N GLU E 334 0.76 1.47 47.13
CA GLU E 334 1.38 2.56 47.88
C GLU E 334 1.88 3.66 46.95
N GLN E 335 2.41 3.28 45.79
CA GLN E 335 2.84 4.26 44.79
C GLN E 335 1.67 5.14 44.37
N CYS E 336 0.53 4.52 44.05
CA CYS E 336 -0.64 5.29 43.65
C CYS E 336 -1.11 6.23 44.77
N ARG E 337 -1.16 5.72 46.01
CA ARG E 337 -1.59 6.57 47.12
C ARG E 337 -0.66 7.77 47.29
N LEU E 338 0.65 7.53 47.27
CA LEU E 338 1.59 8.62 47.46
C LEU E 338 1.51 9.64 46.34
N LEU E 339 1.34 9.18 45.09
CA LEU E 339 1.20 10.11 43.98
C LEU E 339 -0.05 10.95 44.13
N TYR E 340 -1.17 10.35 44.57
CA TYR E 340 -2.38 11.13 44.73
C TYR E 340 -2.24 12.15 45.87
N ARG E 341 -1.58 11.76 46.96
CA ARG E 341 -1.28 12.71 48.02
C ARG E 341 -0.45 13.89 47.52
N HIS E 342 0.59 13.61 46.74
CA HIS E 342 1.42 14.68 46.20
C HIS E 342 0.62 15.59 45.28
N LEU E 343 -0.23 15.02 44.44
CA LEU E 343 -1.03 15.83 43.53
C LEU E 343 -2.00 16.73 44.30
N VAL E 344 -2.61 16.22 45.36
CA VAL E 344 -3.49 17.05 46.17
C VAL E 344 -2.70 18.16 46.85
N ASP E 345 -1.51 17.84 47.36
CA ASP E 345 -0.69 18.84 48.02
C ASP E 345 -0.28 19.96 47.06
N GLN E 346 0.00 19.60 45.80
CA GLN E 346 0.41 20.61 44.82
C GLN E 346 -0.72 21.54 44.40
N GLY E 347 -1.97 21.22 44.76
CA GLY E 347 -3.10 22.02 44.36
C GLY E 347 -3.73 21.66 43.04
N VAL E 348 -3.45 20.46 42.53
CA VAL E 348 -3.97 20.05 41.22
C VAL E 348 -5.44 19.66 41.38
N CYS E 349 -6.28 20.18 40.48
CA CYS E 349 -7.71 19.84 40.48
C CYS E 349 -8.08 18.81 39.44
N TYR E 350 -7.25 18.58 38.43
CA TYR E 350 -7.50 17.57 37.41
C TYR E 350 -6.16 17.09 36.87
N ALA E 351 -6.01 15.78 36.74
CA ALA E 351 -4.76 15.19 36.29
C ALA E 351 -5.02 13.96 35.45
N GLU E 352 -4.14 13.70 34.50
CA GLU E 352 -4.14 12.48 33.71
C GLU E 352 -2.80 11.79 33.91
N VAL E 353 -2.84 10.50 34.25
CA VAL E 353 -1.66 9.74 34.63
C VAL E 353 -1.40 8.65 33.60
N ARG E 354 -0.15 8.52 33.17
CA ARG E 354 0.26 7.52 32.20
C ARG E 354 0.89 6.33 32.91
N CYS E 355 0.60 5.12 32.41
CA CYS E 355 1.12 3.91 33.03
C CYS E 355 1.23 2.81 31.98
N SER E 356 1.98 1.77 32.34
CA SER E 356 2.18 0.59 31.48
C SER E 356 1.91 -0.66 32.30
N PRO E 357 0.63 -1.02 32.46
CA PRO E 357 0.30 -2.18 33.33
C PRO E 357 0.95 -3.49 32.88
N ALA E 358 1.06 -3.72 31.58
CA ALA E 358 1.60 -4.99 31.10
C ALA E 358 3.05 -5.19 31.49
N ASN E 359 3.77 -4.12 31.80
CA ASN E 359 5.14 -4.24 32.26
C ASN E 359 5.23 -4.84 33.66
N TYR E 360 4.12 -4.84 34.41
CA TYR E 360 4.11 -5.31 35.79
C TYR E 360 3.34 -6.62 35.94
N ALA E 361 3.14 -7.35 34.85
CA ALA E 361 2.38 -8.61 34.87
C ALA E 361 3.36 -9.77 34.74
N GLU E 362 3.51 -10.55 35.80
CA GLU E 362 4.35 -11.74 35.78
C GLU E 362 3.60 -13.01 36.11
N VAL E 363 2.64 -12.97 37.03
CA VAL E 363 1.81 -14.11 37.37
C VAL E 363 0.36 -13.70 37.19
N ARG E 364 0.09 -12.41 37.29
CA ARG E 364 -1.24 -11.88 37.03
C ARG E 364 -1.34 -11.39 35.60
N SER E 365 -2.57 -11.21 35.14
CA SER E 365 -2.80 -10.65 33.83
C SER E 365 -2.73 -9.14 33.87
N PRO E 366 -2.44 -8.49 32.73
CA PRO E 366 -2.45 -7.01 32.71
C PRO E 366 -3.80 -6.43 33.10
N TRP E 367 -4.89 -7.14 32.83
CA TRP E 367 -6.22 -6.67 33.23
C TRP E 367 -6.31 -6.52 34.74
N ASP E 368 -5.75 -7.48 35.49
CA ASP E 368 -5.78 -7.40 36.94
C ASP E 368 -4.98 -6.22 37.45
N VAL E 369 -3.80 -5.96 36.84
CA VAL E 369 -2.97 -4.84 37.26
C VAL E 369 -3.69 -3.52 37.00
N LEU E 370 -4.30 -3.37 35.83
CA LEU E 370 -5.01 -2.14 35.52
C LEU E 370 -6.21 -1.96 36.43
N ALA E 371 -6.91 -3.05 36.75
CA ALA E 371 -8.04 -2.97 37.68
C ALA E 371 -7.57 -2.52 39.05
N ASP E 372 -6.43 -3.04 39.52
CA ASP E 372 -5.90 -2.63 40.81
C ASP E 372 -5.53 -1.14 40.81
N ILE E 373 -4.91 -0.66 39.74
CA ILE E 373 -4.54 0.76 39.66
C ILE E 373 -5.80 1.62 39.70
N ARG E 374 -6.80 1.26 38.89
CA ARG E 374 -8.03 2.03 38.84
C ARG E 374 -8.74 2.02 40.18
N ALA E 375 -8.77 0.86 40.85
CA ALA E 375 -9.42 0.77 42.15
C ALA E 375 -8.70 1.61 43.20
N ALA E 376 -7.37 1.62 43.17
CA ALA E 376 -6.62 2.43 44.11
C ALA E 376 -6.92 3.92 43.93
N PHE E 377 -6.89 4.39 42.68
CA PHE E 377 -7.18 5.81 42.44
C PHE E 377 -8.64 6.14 42.78
N GLN E 378 -9.57 5.24 42.47
CA GLN E 378 -10.97 5.48 42.80
C GLN E 378 -11.19 5.57 44.30
N GLU E 379 -10.56 4.67 45.06
CA GLU E 379 -10.69 4.72 46.51
C GLU E 379 -10.06 5.99 47.08
N CYS E 380 -8.91 6.41 46.53
CA CYS E 380 -8.32 7.66 46.97
C CYS E 380 -9.24 8.84 46.69
N MET E 381 -9.88 8.85 45.51
CA MET E 381 -10.81 9.92 45.19
C MET E 381 -12.01 9.92 46.13
N GLU E 382 -12.54 8.74 46.43
CA GLU E 382 -13.70 8.64 47.32
C GLU E 382 -13.36 9.10 48.73
N GLY E 383 -12.15 8.78 49.20
CA GLY E 383 -11.78 9.12 50.56
C GLY E 383 -11.73 10.63 50.82
N ALA E 384 -11.12 11.38 49.90
CA ALA E 384 -10.93 12.81 50.08
C ALA E 384 -12.01 13.59 49.33
N ARG E 385 -13.22 13.52 49.86
CA ARG E 385 -14.36 14.22 49.28
C ARG E 385 -14.58 15.59 49.94
N THR E 386 -13.56 16.44 49.84
CA THR E 386 -13.64 17.82 50.29
C THR E 386 -14.27 18.68 49.19
N ALA E 387 -14.15 20.01 49.30
CA ALA E 387 -14.52 20.97 48.26
C ALA E 387 -16.03 21.07 48.12
N PRO E 388 -16.55 22.20 47.63
CA PRO E 388 -18.00 22.35 47.50
C PRO E 388 -18.58 21.38 46.48
N GLY E 389 -19.84 21.00 46.71
CA GLY E 389 -20.54 20.09 45.84
C GLY E 389 -20.31 18.62 46.13
N GLY E 390 -19.52 18.28 47.13
CA GLY E 390 -19.23 16.89 47.43
C GLY E 390 -18.47 16.17 46.34
N LEU E 391 -17.55 16.86 45.68
CA LEU E 391 -16.71 16.35 44.61
C LEU E 391 -15.30 16.08 45.13
N PRO E 392 -14.58 15.11 44.57
CA PRO E 392 -13.23 14.84 45.07
C PRO E 392 -12.30 16.02 44.79
N ALA E 393 -11.30 16.16 45.67
CA ALA E 393 -10.39 17.31 45.56
C ALA E 393 -9.64 17.30 44.24
N CYS E 394 -9.17 16.14 43.81
CA CYS E 394 -8.51 15.99 42.52
C CYS E 394 -9.11 14.81 41.78
N HIS E 395 -9.34 15.00 40.49
CA HIS E 395 -9.91 13.95 39.63
C HIS E 395 -8.80 13.39 38.75
N VAL E 396 -8.67 12.07 38.74
CA VAL E 396 -7.58 11.39 38.06
C VAL E 396 -8.16 10.48 36.99
N ASN E 397 -7.61 10.58 35.78
CA ASN E 397 -7.95 9.71 34.66
C ASN E 397 -6.69 9.00 34.19
N LEU E 398 -6.86 8.01 33.33
CA LEU E 398 -5.77 7.11 32.96
C LEU E 398 -5.50 7.16 31.46
N ILE E 399 -4.22 7.04 31.11
CA ILE E 399 -3.74 6.93 29.73
C ILE E 399 -2.72 5.80 29.70
N LEU E 400 -2.78 4.97 28.67
CA LEU E 400 -1.93 3.80 28.57
C LEU E 400 -0.85 4.01 27.51
N ILE E 401 0.38 3.59 27.84
CA ILE E 401 1.56 3.88 27.03
C ILE E 401 1.87 2.69 26.12
N ALA E 402 2.18 2.99 24.85
CA ALA E 402 2.73 2.02 23.92
C ALA E 402 4.18 2.41 23.66
N THR E 403 5.12 1.57 24.08
CA THR E 403 6.54 1.89 24.07
C THR E 403 7.21 1.27 22.85
N ARG E 404 7.99 2.07 22.14
CA ARG E 404 8.79 1.61 21.01
C ARG E 404 10.26 1.66 21.37
N ARG E 405 11.01 0.66 20.92
CA ARG E 405 12.41 0.50 21.27
C ARG E 405 13.27 0.42 20.02
N ALA E 406 14.57 0.70 20.21
CA ALA E 406 15.49 0.67 19.07
C ALA E 406 15.63 -0.72 18.50
N SER E 407 15.73 -1.74 19.35
CA SER E 407 15.88 -3.12 18.89
C SER E 407 15.30 -4.05 19.94
N GLY E 408 14.78 -5.18 19.47
CA GLY E 408 14.20 -6.16 20.37
C GLY E 408 12.78 -6.55 20.00
N ASP E 409 11.99 -6.94 20.98
CA ASP E 409 10.60 -7.33 20.79
C ASP E 409 9.71 -6.32 21.50
N TYR E 410 9.04 -5.46 20.72
CA TYR E 410 8.20 -4.42 21.31
C TYR E 410 6.84 -4.23 20.65
N ARG E 411 6.60 -4.78 19.46
CA ARG E 411 5.34 -4.53 18.77
C ARG E 411 4.18 -5.32 19.38
N ALA E 412 4.45 -6.55 19.85
CA ALA E 412 3.41 -7.33 20.51
C ALA E 412 2.90 -6.62 21.75
N ALA E 413 3.80 -6.01 22.52
CA ALA E 413 3.39 -5.24 23.69
C ALA E 413 2.54 -4.05 23.29
N ILE E 414 2.86 -3.41 22.16
CA ILE E 414 2.07 -2.27 21.69
C ILE E 414 0.65 -2.73 21.36
N ALA E 415 0.52 -3.83 20.62
CA ALA E 415 -0.82 -4.33 20.28
C ALA E 415 -1.59 -4.75 21.53
N ARG E 416 -0.90 -5.39 22.48
CA ARG E 416 -1.52 -5.76 23.75
C ARG E 416 -2.05 -4.54 24.47
N HIS E 417 -1.24 -3.48 24.56
CA HIS E 417 -1.66 -2.28 25.26
C HIS E 417 -2.83 -1.61 24.57
N LEU E 418 -2.83 -1.54 23.25
CA LEU E 418 -3.94 -0.92 22.53
C LEU E 418 -5.24 -1.69 22.75
N ALA E 419 -5.19 -3.02 22.65
CA ALA E 419 -6.39 -3.82 22.87
C ALA E 419 -6.91 -3.67 24.29
N LEU E 420 -5.99 -3.69 25.28
CA LEU E 420 -6.40 -3.52 26.67
C LEU E 420 -7.02 -2.16 26.89
N ALA E 421 -6.45 -1.11 26.27
CA ALA E 421 -7.01 0.23 26.40
C ALA E 421 -8.42 0.30 25.84
N VAL E 422 -8.64 -0.28 24.65
CA VAL E 422 -9.97 -0.25 24.06
C VAL E 422 -10.98 -0.95 24.97
N THR E 423 -10.62 -2.16 25.45
CA THR E 423 -11.53 -2.92 26.28
C THR E 423 -11.84 -2.18 27.59
N ALA E 424 -10.80 -1.62 28.23
CA ALA E 424 -11.00 -0.91 29.49
C ALA E 424 -11.83 0.35 29.31
N ALA E 425 -11.61 1.09 28.22
CA ALA E 425 -12.42 2.26 27.94
C ALA E 425 -13.87 1.88 27.72
N GLU E 426 -14.13 0.72 27.11
CA GLU E 426 -15.51 0.27 26.96
C GLU E 426 -16.09 -0.20 28.30
N HIS E 427 -15.26 -0.67 29.22
CA HIS E 427 -15.76 -1.26 30.46
C HIS E 427 -16.32 -0.20 31.40
N TRP E 428 -15.47 0.72 31.86
CA TRP E 428 -15.87 1.71 32.85
C TRP E 428 -16.37 2.96 32.13
N ARG E 429 -17.62 3.35 32.40
CA ARG E 429 -18.24 4.45 31.69
C ARG E 429 -18.86 5.51 32.59
N ASP E 430 -18.76 5.37 33.91
CA ASP E 430 -19.34 6.37 34.81
C ASP E 430 -18.56 7.68 34.67
N GLU E 431 -19.31 8.78 34.51
CA GLU E 431 -18.67 10.07 34.25
C GLU E 431 -17.89 10.56 35.46
N ASN E 432 -18.44 10.39 36.66
CA ASN E 432 -17.78 10.85 37.89
C ASN E 432 -16.92 9.76 38.51
N ALA E 433 -16.01 9.20 37.71
CA ALA E 433 -15.18 8.09 38.17
C ALA E 433 -13.90 8.06 37.36
N CYS E 434 -12.91 7.33 37.88
CA CYS E 434 -11.67 7.12 37.15
C CYS E 434 -11.93 6.34 35.87
N ARG E 435 -11.34 6.79 34.77
CA ARG E 435 -11.59 6.21 33.46
C ARG E 435 -10.31 6.20 32.64
N VAL E 436 -10.28 5.33 31.63
CA VAL E 436 -9.23 5.31 30.64
C VAL E 436 -9.69 6.16 29.46
N VAL E 437 -8.90 7.17 29.10
CA VAL E 437 -9.34 8.19 28.15
C VAL E 437 -8.46 8.30 26.93
N GLY E 438 -7.39 7.52 26.82
CA GLY E 438 -6.57 7.63 25.62
C GLY E 438 -5.37 6.70 25.68
N VAL E 439 -4.54 6.82 24.65
CA VAL E 439 -3.33 6.03 24.48
C VAL E 439 -2.19 6.97 24.13
N ASP E 440 -0.97 6.49 24.35
CA ASP E 440 0.24 7.27 24.08
C ASP E 440 1.22 6.43 23.28
N LEU E 441 2.00 7.11 22.44
CA LEU E 441 3.06 6.48 21.65
C LEU E 441 4.38 7.13 22.06
N ALA E 442 5.07 6.52 23.01
CA ALA E 442 6.32 7.05 23.55
C ALA E 442 7.43 6.04 23.38
N GLY E 443 8.63 6.42 23.82
CA GLY E 443 9.79 5.55 23.77
C GLY E 443 10.87 6.10 22.85
N TYR E 444 11.67 5.19 22.32
CA TYR E 444 12.76 5.57 21.43
C TYR E 444 12.22 6.06 20.09
N GLU E 445 12.70 7.22 19.64
CA GLU E 445 12.25 7.82 18.39
C GLU E 445 13.45 8.15 17.52
N ASP E 446 13.30 7.88 16.22
CA ASP E 446 14.32 8.20 15.22
C ASP E 446 13.65 8.15 13.84
N GLU E 447 14.47 8.15 12.80
CA GLU E 447 13.94 8.14 11.44
C GLU E 447 13.15 6.86 11.16
N LYS E 448 13.65 5.71 11.63
CA LYS E 448 13.03 4.43 11.30
C LYS E 448 11.82 4.12 12.18
N THR E 449 11.59 4.84 13.26
CA THR E 449 10.49 4.59 14.17
C THR E 449 9.53 5.78 14.22
N ARG E 450 9.23 6.35 13.06
CA ARG E 450 8.33 7.49 13.01
C ARG E 450 6.87 7.04 13.09
N ALA E 451 5.97 8.02 13.17
CA ALA E 451 4.58 7.73 13.47
C ALA E 451 3.90 6.94 12.36
N HIS E 452 4.21 7.25 11.10
CA HIS E 452 3.48 6.62 10.00
C HIS E 452 3.84 5.15 9.82
N TYR E 453 4.72 4.58 10.64
CA TYR E 453 4.98 3.15 10.63
C TYR E 453 4.05 2.39 11.58
N PHE E 454 3.13 3.07 12.25
CA PHE E 454 2.22 2.43 13.20
C PHE E 454 0.75 2.73 12.89
N ARG E 455 0.42 2.99 11.63
CA ARG E 455 -0.94 3.37 11.28
C ARG E 455 -1.91 2.19 11.40
N GLU E 456 -1.48 1.01 10.95
CA GLU E 456 -2.34 -0.16 10.96
C GLU E 456 -2.66 -0.63 12.37
N GLU E 457 -1.79 -0.33 13.34
CA GLU E 457 -2.09 -0.69 14.72
C GLU E 457 -3.10 0.26 15.36
N PHE E 458 -3.08 1.54 14.98
CA PHE E 458 -3.99 2.52 15.54
C PHE E 458 -5.28 2.69 14.76
N THR E 459 -5.45 1.99 13.64
CA THR E 459 -6.72 2.06 12.93
C THR E 459 -7.87 1.56 13.81
N ALA E 460 -7.61 0.56 14.65
CA ALA E 460 -8.66 0.06 15.55
C ALA E 460 -9.01 1.09 16.61
N VAL E 461 -8.00 1.77 17.17
CA VAL E 461 -8.25 2.84 18.14
C VAL E 461 -9.08 3.94 17.50
N HIS E 462 -8.79 4.26 16.24
CA HIS E 462 -9.57 5.30 15.56
C HIS E 462 -11.00 4.83 15.27
N ARG E 463 -11.17 3.54 14.96
CA ARG E 463 -12.52 2.99 14.80
C ARG E 463 -13.32 3.07 16.09
N CYS E 464 -12.69 2.78 17.23
CA CYS E 464 -13.41 2.77 18.50
C CYS E 464 -13.58 4.16 19.09
N GLY E 465 -12.92 5.18 18.54
CA GLY E 465 -13.11 6.54 19.00
C GLY E 465 -12.41 6.86 20.31
N LEU E 466 -11.10 6.69 20.35
CA LEU E 466 -10.30 6.93 21.54
C LEU E 466 -9.22 7.96 21.23
N ALA E 467 -8.95 8.83 22.20
CA ALA E 467 -8.00 9.92 22.00
C ALA E 467 -6.57 9.39 21.91
N VAL E 468 -5.73 10.13 21.19
CA VAL E 468 -4.35 9.72 20.92
C VAL E 468 -3.42 10.90 21.20
N THR E 469 -2.31 10.63 21.88
CA THR E 469 -1.22 11.58 22.07
C THR E 469 0.09 10.92 21.67
N VAL E 470 1.01 11.72 21.13
CA VAL E 470 2.24 11.22 20.52
C VAL E 470 3.44 11.99 21.08
N HIS E 471 4.49 11.26 21.41
CA HIS E 471 5.79 11.85 21.73
C HIS E 471 6.51 12.15 20.43
N ALA E 472 6.69 13.43 20.10
CA ALA E 472 7.32 13.80 18.84
C ALA E 472 8.06 15.11 18.99
N GLY E 473 9.20 15.23 18.30
CA GLY E 473 9.96 16.45 18.24
C GLY E 473 11.04 16.60 19.29
N GLU E 474 11.14 15.67 20.23
CA GLU E 474 12.16 15.79 21.27
C GLU E 474 13.56 15.57 20.70
N ASN E 475 13.71 14.59 19.81
CA ASN E 475 14.99 14.31 19.16
C ASN E 475 14.79 14.03 17.68
N ASP E 476 13.96 14.85 17.02
CA ASP E 476 13.71 14.69 15.61
C ASP E 476 13.31 16.03 15.02
N ASP E 477 13.45 16.16 13.70
CA ASP E 477 13.07 17.37 13.01
C ASP E 477 11.54 17.45 12.90
N ALA E 478 11.04 18.45 12.18
CA ALA E 478 9.60 18.65 12.07
C ALA E 478 8.89 17.56 11.28
N GLU E 479 9.63 16.70 10.58
CA GLU E 479 9.00 15.66 9.79
C GLU E 479 8.25 14.68 10.67
N GLY E 480 8.82 14.33 11.83
CA GLY E 480 8.11 13.44 12.75
C GLY E 480 6.82 14.06 13.27
N ILE E 481 6.85 15.36 13.59
CA ILE E 481 5.65 16.04 14.04
C ILE E 481 4.60 16.06 12.93
N TRP E 482 5.03 16.33 11.69
CA TRP E 482 4.10 16.33 10.57
C TRP E 482 3.47 14.95 10.37
N ARG E 483 4.27 13.89 10.45
CA ARG E 483 3.74 12.54 10.32
C ARG E 483 2.77 12.21 11.43
N ALA E 484 3.09 12.59 12.67
CA ALA E 484 2.17 12.35 13.77
C ALA E 484 0.85 13.09 13.58
N VAL E 485 0.92 14.33 13.08
CA VAL E 485 -0.30 15.13 12.93
C VAL E 485 -1.17 14.58 11.81
N PHE E 486 -0.58 14.30 10.65
CA PHE E 486 -1.35 14.05 9.43
C PHE E 486 -1.47 12.58 9.05
N ASP E 487 -0.78 11.68 9.73
CA ASP E 487 -0.87 10.26 9.42
C ASP E 487 -1.41 9.42 10.56
N LEU E 488 -1.30 9.89 11.80
CA LEU E 488 -1.78 9.15 12.96
C LEU E 488 -2.92 9.89 13.67
N ASN E 489 -3.30 11.07 13.18
CA ASN E 489 -4.44 11.84 13.70
C ASN E 489 -4.30 12.10 15.19
N ALA E 490 -3.10 12.52 15.60
CA ALA E 490 -2.84 12.82 17.00
C ALA E 490 -3.60 14.07 17.41
N ARG E 491 -4.17 14.04 18.61
CA ARG E 491 -4.90 15.17 19.15
C ARG E 491 -4.06 16.08 20.04
N ARG E 492 -2.92 15.59 20.55
CA ARG E 492 -2.04 16.39 21.38
C ARG E 492 -0.62 15.87 21.24
N LEU E 493 0.34 16.79 21.23
CA LEU E 493 1.74 16.48 20.98
C LEU E 493 2.57 16.73 22.22
N GLY E 494 3.60 15.89 22.43
CA GLY E 494 4.49 16.01 23.57
C GLY E 494 5.91 16.32 23.13
N HIS E 495 6.51 17.32 23.78
CA HIS E 495 7.89 17.73 23.53
C HIS E 495 8.13 18.11 22.07
N ALA E 496 7.24 18.94 21.53
CA ALA E 496 7.37 19.43 20.16
C ALA E 496 8.29 20.65 20.14
N LEU E 497 9.57 20.38 20.34
CA LEU E 497 10.57 21.45 20.46
C LEU E 497 11.06 21.96 19.11
N SER E 498 10.80 21.24 18.01
CA SER E 498 11.26 21.63 16.69
C SER E 498 10.12 22.06 15.78
N LEU E 499 8.97 22.45 16.36
CA LEU E 499 7.83 22.85 15.56
C LEU E 499 8.09 24.15 14.81
N GLY E 500 8.93 25.02 15.37
CA GLY E 500 9.18 26.32 14.76
C GLY E 500 10.02 26.28 13.50
N GLN E 501 10.60 25.12 13.17
CA GLN E 501 11.40 25.02 11.95
C GLN E 501 10.54 25.14 10.70
N SER E 502 9.29 24.68 10.77
CA SER E 502 8.35 24.76 9.65
C SER E 502 7.22 25.70 10.01
N ARG E 503 7.04 26.74 9.20
CA ARG E 503 5.97 27.71 9.48
C ARG E 503 4.60 27.18 9.10
N GLU E 504 4.51 26.42 8.01
CA GLU E 504 3.22 25.87 7.60
C GLU E 504 2.70 24.87 8.63
N LEU E 505 3.59 24.01 9.16
CA LEU E 505 3.17 23.05 10.18
C LEU E 505 2.70 23.76 11.44
N LEU E 506 3.41 24.81 11.86
CA LEU E 506 3.00 25.57 13.02
C LEU E 506 1.64 26.22 12.80
N ARG E 507 1.43 26.80 11.62
CA ARG E 507 0.15 27.43 11.31
C ARG E 507 -0.98 26.41 11.33
N SER E 508 -0.73 25.22 10.75
CA SER E 508 -1.75 24.18 10.76
C SER E 508 -2.07 23.71 12.18
N VAL E 509 -1.04 23.54 13.01
CA VAL E 509 -1.25 23.12 14.38
C VAL E 509 -2.06 24.16 15.15
N ALA E 510 -1.75 25.45 14.95
CA ALA E 510 -2.50 26.50 15.62
C ALA E 510 -3.95 26.54 15.14
N ASP E 511 -4.17 26.37 13.83
CA ASP E 511 -5.53 26.42 13.30
C ASP E 511 -6.37 25.25 13.77
N ARG E 512 -5.80 24.04 13.82
CA ARG E 512 -6.56 22.86 14.16
C ARG E 512 -6.77 22.69 15.67
N GLY E 513 -6.14 23.51 16.50
CA GLY E 513 -6.32 23.41 17.93
C GLY E 513 -5.61 22.24 18.58
N ILE E 514 -4.57 21.70 17.95
CA ILE E 514 -3.84 20.59 18.53
C ILE E 514 -2.98 21.10 19.67
N GLY E 515 -3.07 20.42 20.82
CA GLY E 515 -2.34 20.86 22.00
C GLY E 515 -0.88 20.44 21.96
N VAL E 516 -0.05 21.25 22.62
CA VAL E 516 1.38 21.00 22.73
C VAL E 516 1.74 21.06 24.22
N GLU E 517 2.51 20.07 24.68
CA GLU E 517 2.92 19.97 26.08
C GLU E 517 4.43 20.12 26.17
N LEU E 518 4.89 20.96 27.10
CA LEU E 518 6.30 21.19 27.31
C LEU E 518 6.66 20.95 28.77
N CYS E 519 7.85 20.42 29.01
CA CYS E 519 8.34 20.11 30.35
C CYS E 519 9.63 20.88 30.60
N PRO E 520 9.57 22.06 31.22
CA PRO E 520 10.78 22.88 31.40
C PRO E 520 11.99 22.12 31.93
N TYR E 521 11.86 21.44 33.07
CA TYR E 521 13.04 20.86 33.72
C TYR E 521 13.64 19.73 32.89
N ALA E 522 12.80 18.84 32.36
CA ALA E 522 13.31 17.75 31.54
C ALA E 522 13.96 18.28 30.26
N ASN E 523 13.34 19.28 29.64
CA ASN E 523 13.92 19.87 28.44
C ASN E 523 15.27 20.50 28.72
N LEU E 524 15.39 21.22 29.84
CA LEU E 524 16.67 21.80 30.22
C LEU E 524 17.70 20.72 30.49
N GLN E 525 17.29 19.63 31.15
CA GLN E 525 18.25 18.60 31.54
C GLN E 525 18.73 17.80 30.34
N ILE E 526 17.89 17.59 29.34
CA ILE E 526 18.22 16.75 28.20
C ILE E 526 18.84 17.55 27.05
N LYS E 527 18.23 18.68 26.69
CA LYS E 527 18.71 19.45 25.55
C LYS E 527 19.64 20.59 25.94
N GLY E 528 19.47 21.17 27.12
CA GLY E 528 20.25 22.33 27.50
C GLY E 528 19.64 23.61 26.96
N PHE E 529 19.50 24.62 27.81
CA PHE E 529 18.91 25.89 27.40
C PHE E 529 19.48 27.00 28.27
N ARG E 530 19.67 28.17 27.67
CA ARG E 530 20.21 29.30 28.41
C ARG E 530 19.22 29.79 29.45
N LEU E 531 19.74 30.19 30.60
CA LEU E 531 18.94 30.69 31.71
C LEU E 531 19.17 32.18 31.88
N ASP E 532 18.09 32.90 32.20
CA ASP E 532 18.13 34.34 32.48
C ASP E 532 18.66 35.14 31.30
N GLY E 533 18.49 34.61 30.09
CA GLY E 533 18.93 35.32 28.89
C GLY E 533 20.42 35.56 28.83
N SER E 534 21.23 34.57 29.22
CA SER E 534 22.68 34.73 29.20
C SER E 534 23.29 33.92 28.06
N ALA E 548 24.52 25.06 19.69
CA ALA E 548 23.55 26.04 20.16
C ALA E 548 22.12 25.52 20.01
N PRO E 549 21.40 25.42 21.12
CA PRO E 549 20.02 24.92 21.06
C PRO E 549 19.00 25.99 20.72
N GLY E 550 19.30 27.25 20.99
CA GLY E 550 18.39 28.33 20.70
C GLY E 550 17.49 28.67 21.88
N PRO E 551 16.65 29.69 21.72
CA PRO E 551 15.75 30.09 22.79
C PRO E 551 14.62 29.08 23.00
N TYR E 552 14.10 29.07 24.22
CA TYR E 552 13.03 28.15 24.56
C TYR E 552 11.73 28.64 23.91
N PRO E 553 10.96 27.77 23.26
CA PRO E 553 9.92 28.24 22.34
C PRO E 553 8.58 28.60 22.98
N LEU E 554 8.54 28.81 24.29
CA LEU E 554 7.27 29.09 24.95
C LEU E 554 6.62 30.36 24.44
N LEU E 555 7.37 31.46 24.42
CA LEU E 555 6.81 32.75 24.01
C LEU E 555 6.37 32.73 22.55
N ASP E 556 7.15 32.12 21.67
CA ASP E 556 6.77 32.07 20.27
C ASP E 556 5.47 31.31 20.08
N TYR E 557 5.34 30.16 20.74
CA TYR E 557 4.11 29.38 20.64
C TYR E 557 2.92 30.14 21.21
N LEU E 558 3.11 30.83 22.33
CA LEU E 558 2.03 31.60 22.92
C LEU E 558 1.58 32.72 22.00
N ARG E 559 2.54 33.44 21.39
CA ARG E 559 2.18 34.55 20.52
C ARG E 559 1.54 34.07 19.22
N GLU E 560 1.94 32.90 18.71
CA GLU E 560 1.39 32.41 17.46
C GLU E 560 0.01 31.80 17.61
N GLY E 561 -0.49 31.61 18.83
CA GLY E 561 -1.81 31.07 19.04
C GLY E 561 -1.87 29.58 19.32
N VAL E 562 -0.73 28.93 19.52
CA VAL E 562 -0.73 27.50 19.81
C VAL E 562 -1.17 27.26 21.25
N ARG E 563 -2.00 26.23 21.44
CA ARG E 563 -2.45 25.84 22.77
C ARG E 563 -1.34 25.06 23.43
N VAL E 564 -0.54 25.75 24.24
CA VAL E 564 0.67 25.20 24.84
C VAL E 564 0.49 25.12 26.36
N THR E 565 0.94 24.01 26.94
CA THR E 565 0.80 23.76 28.37
C THR E 565 2.15 23.36 28.96
N VAL E 566 2.27 23.51 30.28
CA VAL E 566 3.48 23.19 31.02
C VAL E 566 3.19 22.03 31.97
N ASN E 567 4.03 21.00 31.92
CA ASN E 567 3.84 19.81 32.75
C ASN E 567 5.13 19.42 33.46
N THR E 568 5.13 18.25 34.11
CA THR E 568 6.25 17.81 34.92
C THR E 568 7.02 16.63 34.36
N ASP E 569 6.43 15.86 33.44
CA ASP E 569 7.04 14.63 32.94
C ASP E 569 7.26 13.64 34.08
N ASN E 570 8.52 13.44 34.47
CA ASN E 570 8.85 12.58 35.59
C ASN E 570 9.12 13.43 36.82
N ILE E 571 8.30 13.28 37.85
CA ILE E 571 8.46 14.08 39.06
C ILE E 571 9.71 13.67 39.83
N GLY E 572 9.95 12.36 39.94
CA GLY E 572 11.08 11.87 40.71
C GLY E 572 12.42 12.02 40.03
N ILE E 573 12.49 11.65 38.75
CA ILE E 573 13.78 11.69 38.05
C ILE E 573 14.27 13.12 37.92
N SER E 574 13.39 14.04 37.53
CA SER E 574 13.76 15.44 37.40
C SER E 574 13.76 16.20 38.73
N ALA E 575 13.14 15.63 39.77
CA ALA E 575 13.13 16.22 41.11
C ALA E 575 12.53 17.63 41.09
N ALA E 576 11.33 17.75 40.55
CA ALA E 576 10.63 19.02 40.48
C ALA E 576 9.13 18.79 40.43
N SER E 577 8.38 19.83 40.76
CA SER E 577 6.92 19.81 40.74
C SER E 577 6.39 20.90 39.82
N LEU E 578 5.06 21.03 39.79
CA LEU E 578 4.44 22.02 38.90
C LEU E 578 4.86 23.44 39.24
N THR E 579 4.94 23.79 40.53
CA THR E 579 5.37 25.13 40.91
C THR E 579 6.79 25.41 40.42
N ASP E 580 7.69 24.44 40.64
CA ASP E 580 9.06 24.61 40.18
C ASP E 580 9.13 24.72 38.67
N ASN E 581 8.32 23.93 37.96
CA ASN E 581 8.32 23.98 36.50
C ASN E 581 7.81 25.33 36.00
N LEU E 582 6.76 25.87 36.62
CA LEU E 582 6.26 27.18 36.19
C LEU E 582 7.28 28.28 36.46
N LEU E 583 7.92 28.25 37.63
CA LEU E 583 8.95 29.26 37.92
C LEU E 583 10.12 29.14 36.96
N LEU E 584 10.54 27.92 36.64
CA LEU E 584 11.64 27.74 35.70
C LEU E 584 11.24 28.13 34.29
N ALA E 585 9.96 27.96 33.94
CA ALA E 585 9.48 28.47 32.65
C ALA E 585 9.55 29.98 32.59
N ALA E 586 9.20 30.65 33.69
CA ALA E 586 9.38 32.09 33.76
C ALA E 586 10.85 32.47 33.63
N ARG E 587 11.74 31.66 34.21
CA ARG E 587 13.18 31.93 34.12
C ARG E 587 13.72 31.70 32.71
N LEU E 588 13.20 30.71 31.99
CA LEU E 588 13.71 30.35 30.68
C LEU E 588 13.37 31.38 29.62
N CYS E 589 12.23 32.05 29.74
CA CYS E 589 11.78 33.08 28.82
C CYS E 589 11.54 34.36 29.60
N PRO E 590 12.56 35.22 29.72
CA PRO E 590 12.33 36.51 30.40
C PRO E 590 11.26 37.31 29.69
N GLY E 591 10.44 37.99 30.49
CA GLY E 591 9.29 38.72 29.98
C GLY E 591 7.98 37.98 30.10
N LEU E 592 8.00 36.72 30.50
CA LEU E 592 6.77 35.97 30.74
C LEU E 592 5.97 36.62 31.85
N THR E 593 4.67 36.79 31.63
CA THR E 593 3.81 37.48 32.58
C THR E 593 2.91 36.47 33.30
N ARG E 594 2.16 36.99 34.26
CA ARG E 594 1.28 36.17 35.08
C ARG E 594 0.02 35.79 34.32
N LEU E 595 -0.52 36.75 33.54
CA LEU E 595 -1.60 36.45 32.62
C LEU E 595 -1.22 35.33 31.66
N ASP E 596 0.07 35.20 31.34
CA ASP E 596 0.52 34.08 30.52
C ASP E 596 0.33 32.75 31.25
N LEU E 597 0.60 32.72 32.56
CA LEU E 597 0.34 31.52 33.33
C LEU E 597 -1.14 31.18 33.34
N LEU E 598 -1.98 32.20 33.50
CA LEU E 598 -3.42 31.95 33.47
C LEU E 598 -3.86 31.43 32.09
N HIS E 599 -3.27 31.97 31.02
CA HIS E 599 -3.57 31.48 29.68
C HIS E 599 -3.13 30.04 29.50
N LEU E 600 -1.98 29.67 30.07
CA LEU E 600 -1.54 28.27 30.03
C LEU E 600 -2.53 27.37 30.74
N GLN E 601 -3.04 27.81 31.90
CA GLN E 601 -4.04 27.02 32.60
C GLN E 601 -5.31 26.87 31.76
N ARG E 602 -5.74 27.95 31.11
CA ARG E 602 -6.92 27.88 30.25
C ARG E 602 -6.71 26.92 29.09
N HIS E 603 -5.52 26.96 28.47
CA HIS E 603 -5.22 26.04 27.38
C HIS E 603 -5.23 24.60 27.85
N ALA E 604 -4.65 24.34 29.03
CA ALA E 604 -4.67 22.99 29.59
C ALA E 604 -6.11 22.53 29.84
N LEU E 605 -6.96 23.43 30.33
CA LEU E 605 -8.37 23.09 30.51
C LEU E 605 -9.03 22.75 29.17
N GLU E 606 -8.71 23.51 28.13
CA GLU E 606 -9.34 23.32 26.83
C GLU E 606 -8.87 22.07 26.10
N THR E 607 -7.64 21.62 26.34
CA THR E 607 -7.09 20.49 25.59
C THR E 607 -7.20 19.16 26.33
N ALA E 608 -7.89 19.12 27.45
CA ALA E 608 -8.00 17.89 28.22
C ALA E 608 -8.96 16.91 27.56
N PHE E 609 -8.82 15.63 27.93
CA PHE E 609 -9.69 14.56 27.45
C PHE E 609 -10.78 14.30 28.50
N CYS E 610 -11.77 15.19 28.53
CA CYS E 610 -12.85 15.09 29.48
C CYS E 610 -14.16 15.46 28.80
N THR E 611 -15.27 15.26 29.52
CA THR E 611 -16.58 15.58 29.00
C THR E 611 -16.85 17.09 29.13
N ALA E 612 -17.91 17.54 28.45
CA ALA E 612 -18.24 18.96 28.47
C ALA E 612 -18.69 19.42 29.85
N THR E 613 -19.49 18.61 30.54
CA THR E 613 -19.94 18.98 31.88
C THR E 613 -18.78 19.11 32.85
N GLN E 614 -17.85 18.15 32.79
CA GLN E 614 -16.66 18.22 33.64
C GLN E 614 -15.82 19.44 33.30
N ARG E 615 -15.71 19.75 32.01
CA ARG E 615 -14.96 20.93 31.59
C ARG E 615 -15.58 22.21 32.15
N LEU E 616 -16.91 22.33 32.09
CA LEU E 616 -17.58 23.49 32.65
C LEU E 616 -17.38 23.59 34.16
N THR E 617 -17.50 22.45 34.85
CA THR E 617 -17.29 22.45 36.30
C THR E 617 -15.87 22.88 36.66
N LEU E 618 -14.88 22.37 35.92
CA LEU E 618 -13.50 22.78 36.18
C LEU E 618 -13.29 24.25 35.87
N LEU E 619 -13.93 24.76 34.81
CA LEU E 619 -13.82 26.17 34.49
C LEU E 619 -14.33 27.03 35.64
N ARG E 620 -15.52 26.70 36.16
CA ARG E 620 -16.05 27.47 37.28
C ARG E 620 -15.16 27.35 38.51
N ARG E 621 -14.68 26.14 38.81
CA ARG E 621 -13.87 25.94 40.00
C ARG E 621 -12.57 26.72 39.93
N ILE E 622 -11.91 26.72 38.77
CA ILE E 622 -10.67 27.46 38.62
C ILE E 622 -10.92 28.96 38.65
N SER E 623 -12.02 29.40 38.04
CA SER E 623 -12.34 30.83 38.04
C SER E 623 -12.58 31.34 39.45
N SER E 624 -13.29 30.58 40.28
CA SER E 624 -13.62 31.00 41.63
C SER E 624 -12.55 30.61 42.66
N GLY E 625 -11.31 30.39 42.24
CA GLY E 625 -10.29 29.95 43.16
C GLY E 625 -8.92 30.58 42.97
N ILE E 626 -8.81 31.57 42.10
CA ILE E 626 -7.53 32.24 41.86
C ILE E 626 -7.25 33.18 43.03
N PRO E 627 -6.11 33.07 43.69
CA PRO E 627 -5.81 33.96 44.81
C PRO E 627 -5.41 35.35 44.33
N ARG E 628 -5.62 36.33 45.21
CA ARG E 628 -5.39 37.75 45.00
C ARG E 628 -4.06 38.17 45.60
N PRO E 629 -3.42 39.22 45.06
CA PRO E 629 -2.12 39.67 45.57
C PRO E 629 -2.22 40.39 46.91
N ASN F 2 -2.80 67.93 51.93
CA ASN F 2 -1.99 68.37 50.80
C ASN F 2 -2.91 68.72 49.62
N VAL F 3 -4.05 68.04 49.55
CA VAL F 3 -5.02 68.28 48.49
C VAL F 3 -5.74 69.60 48.74
N GLN F 4 -6.45 70.09 47.73
CA GLN F 4 -7.11 71.39 47.85
C GLN F 4 -8.26 71.35 48.86
N ALA F 5 -8.96 70.22 48.93
CA ALA F 5 -9.98 69.96 49.95
C ALA F 5 -11.10 71.00 49.90
N HIS F 6 -11.84 70.95 48.79
CA HIS F 6 -13.05 71.75 48.67
C HIS F 6 -14.15 71.21 49.59
N LEU F 7 -15.06 72.10 49.97
CA LEU F 7 -16.17 71.77 50.88
C LEU F 7 -17.49 72.17 50.23
N PHE F 8 -18.36 71.20 50.00
CA PHE F 8 -19.69 71.44 49.43
C PHE F 8 -20.71 71.32 50.55
N VAL F 9 -21.59 72.31 50.67
CA VAL F 9 -22.59 72.31 51.74
C VAL F 9 -23.90 72.90 51.23
N SER F 10 -25.00 72.40 51.75
CA SER F 10 -26.34 72.91 51.43
C SER F 10 -26.87 73.72 52.59
N LEU F 11 -27.70 74.71 52.27
CA LEU F 11 -28.17 75.69 53.26
C LEU F 11 -29.70 75.68 53.29
N GLY F 12 -30.25 75.75 54.50
CA GLY F 12 -31.68 75.90 54.68
C GLY F 12 -32.03 77.29 55.17
N THR F 13 -33.08 77.41 56.00
CA THR F 13 -33.45 78.68 56.60
C THR F 13 -32.79 78.92 57.95
N ALA F 14 -31.74 78.14 58.26
CA ALA F 14 -30.99 78.28 59.51
C ALA F 14 -29.54 78.57 59.16
N PRO F 15 -29.14 79.85 59.16
CA PRO F 15 -27.73 80.17 58.88
C PRO F 15 -26.82 79.73 60.02
N ALA F 16 -25.53 80.07 59.92
CA ALA F 16 -24.50 79.65 60.87
C ALA F 16 -24.30 78.14 60.84
N ILE F 17 -24.60 77.50 59.72
CA ILE F 17 -24.31 76.09 59.52
C ILE F 17 -22.99 75.99 58.77
N VAL F 18 -22.81 76.85 57.76
CA VAL F 18 -21.57 76.85 57.00
C VAL F 18 -20.37 77.23 57.88
N PRO F 19 -20.44 78.23 58.75
CA PRO F 19 -19.33 78.44 59.69
C PRO F 19 -18.99 77.21 60.52
N GLU F 20 -20.01 76.46 60.96
CA GLU F 20 -19.75 75.28 61.78
C GLU F 20 -19.09 74.18 60.96
N ALA F 21 -19.57 73.96 59.74
CA ALA F 21 -19.02 72.93 58.87
C ALA F 21 -17.62 73.27 58.38
N PHE F 22 -17.32 74.56 58.15
CA PHE F 22 -15.99 74.96 57.73
C PHE F 22 -14.96 74.61 58.80
N LEU F 23 -15.33 74.70 60.07
CA LEU F 23 -14.45 74.32 61.17
C LEU F 23 -14.51 72.81 61.33
N LEU F 24 -13.46 72.13 60.86
CA LEU F 24 -13.36 70.70 61.00
C LEU F 24 -12.01 70.34 61.61
N PRO F 25 -11.97 69.47 62.61
CA PRO F 25 -10.69 69.18 63.27
C PRO F 25 -9.73 68.42 62.36
N GLY F 26 -9.06 69.14 61.46
CA GLY F 26 -8.06 68.53 60.62
C GLY F 26 -8.10 68.99 59.18
N ALA F 27 -9.25 69.49 58.73
CA ALA F 27 -9.42 69.88 57.34
C ALA F 27 -9.01 71.33 57.13
N ARG F 28 -8.15 71.57 56.15
CA ARG F 28 -7.76 72.93 55.74
C ARG F 28 -8.57 73.27 54.49
N PHE F 29 -9.78 73.75 54.72
CA PHE F 29 -10.75 73.89 53.64
C PHE F 29 -10.42 75.09 52.75
N VAL F 30 -10.62 74.91 51.45
CA VAL F 30 -10.44 75.95 50.45
C VAL F 30 -11.61 75.86 49.47
N SER F 31 -12.10 77.03 49.03
CA SER F 31 -13.15 77.13 48.02
C SER F 31 -14.43 76.44 48.49
N VAL F 32 -15.01 77.01 49.55
CA VAL F 32 -16.28 76.54 50.07
C VAL F 32 -17.39 76.88 49.08
N HIS F 33 -18.23 75.89 48.78
CA HIS F 33 -19.37 76.04 47.88
C HIS F 33 -20.65 75.82 48.66
N VAL F 34 -21.61 76.72 48.48
CA VAL F 34 -22.89 76.70 49.19
C VAL F 34 -24.01 76.61 48.18
N LEU F 35 -24.90 75.63 48.36
CA LEU F 35 -26.08 75.46 47.51
C LEU F 35 -27.33 75.73 48.34
N THR F 36 -28.19 76.62 47.83
CA THR F 36 -29.36 77.03 48.59
C THR F 36 -30.47 77.45 47.63
N THR F 37 -31.61 77.80 48.21
CA THR F 37 -32.80 78.18 47.47
C THR F 37 -32.88 79.71 47.38
N GLU F 38 -34.04 80.22 46.95
CA GLU F 38 -34.22 81.66 46.81
C GLU F 38 -34.28 82.41 48.14
N ARG F 39 -35.06 81.91 49.09
CA ARG F 39 -35.46 82.72 50.25
C ARG F 39 -34.38 82.90 51.31
N PRO F 40 -33.62 81.86 51.70
CA PRO F 40 -32.64 82.04 52.78
C PRO F 40 -31.66 83.18 52.51
N ASP F 41 -31.32 83.90 53.58
CA ASP F 41 -30.34 84.96 53.52
C ASP F 41 -28.93 84.42 53.78
N VAL F 42 -27.93 85.11 53.23
CA VAL F 42 -26.55 84.65 53.31
C VAL F 42 -25.62 85.75 53.79
N THR F 43 -26.18 86.79 54.41
CA THR F 43 -25.35 87.90 54.89
C THR F 43 -24.42 87.44 55.99
N LEU F 44 -24.91 86.60 56.91
CA LEU F 44 -24.12 86.17 58.05
C LEU F 44 -22.91 85.37 57.60
N ILE F 45 -23.10 84.45 56.65
CA ILE F 45 -22.02 83.62 56.13
C ILE F 45 -20.97 84.48 55.45
N ARG F 46 -21.42 85.45 54.65
CA ARG F 46 -20.49 86.34 53.98
C ARG F 46 -19.68 87.16 54.98
N GLU F 47 -20.32 87.62 56.05
CA GLU F 47 -19.60 88.37 57.08
C GLU F 47 -18.57 87.48 57.77
N PHE F 48 -18.93 86.22 58.05
CA PHE F 48 -17.95 85.28 58.60
C PHE F 48 -16.73 85.13 57.70
N PHE F 49 -16.96 84.82 56.42
CA PHE F 49 -15.81 84.55 55.56
C PHE F 49 -15.07 85.82 55.18
N ARG F 50 -15.68 86.99 55.39
CA ARG F 50 -14.93 88.23 55.20
C ARG F 50 -14.06 88.56 56.40
N ARG F 51 -14.55 88.29 57.62
CA ARG F 51 -13.83 88.75 58.80
C ARG F 51 -12.86 87.71 59.36
N HIS F 52 -13.14 86.42 59.21
CA HIS F 52 -12.33 85.39 59.85
C HIS F 52 -11.55 84.51 58.89
N ALA F 53 -11.78 84.61 57.58
CA ALA F 53 -11.04 83.79 56.63
C ALA F 53 -11.07 84.40 55.24
N PRO F 54 -10.27 85.45 54.99
CA PRO F 54 -10.37 86.15 53.70
C PRO F 54 -10.13 85.27 52.48
N GLY F 55 -9.18 84.35 52.55
CA GLY F 55 -8.80 83.58 51.37
C GLY F 55 -9.49 82.24 51.21
N VAL F 56 -10.82 82.25 51.07
CA VAL F 56 -11.57 81.00 50.92
C VAL F 56 -12.51 81.14 49.72
N ASN F 57 -12.50 82.31 49.08
CA ASN F 57 -13.23 82.64 47.86
C ASN F 57 -14.58 81.94 47.77
N LEU F 58 -15.43 82.25 48.76
CA LEU F 58 -16.76 81.67 48.86
C LEU F 58 -17.60 81.94 47.61
N THR F 59 -18.38 80.94 47.22
CA THR F 59 -19.34 81.07 46.13
C THR F 59 -20.69 80.53 46.58
N ILE F 60 -21.75 81.21 46.17
CA ILE F 60 -23.11 80.87 46.56
C ILE F 60 -23.96 80.68 45.31
N THR F 61 -24.72 79.59 45.27
CA THR F 61 -25.53 79.23 44.12
C THR F 61 -26.97 79.02 44.55
N ARG F 62 -27.91 79.56 43.75
CA ARG F 62 -29.33 79.44 44.02
C ARG F 62 -30.03 78.75 42.85
N VAL F 63 -31.06 77.98 43.18
CA VAL F 63 -31.92 77.35 42.16
C VAL F 63 -32.92 78.38 41.69
N ALA F 64 -33.13 78.44 40.37
CA ALA F 64 -33.82 79.58 39.76
C ALA F 64 -35.28 79.66 40.20
N GLY F 65 -35.99 78.53 40.21
CA GLY F 65 -37.42 78.58 40.44
C GLY F 65 -37.90 77.67 41.56
N PHE F 66 -37.11 77.55 42.61
CA PHE F 66 -37.46 76.70 43.76
C PHE F 66 -37.44 77.56 45.01
N GLN F 67 -38.61 77.81 45.59
CA GLN F 67 -38.73 78.56 46.84
C GLN F 67 -39.57 77.86 47.89
N ASP F 68 -40.50 77.00 47.52
CA ASP F 68 -41.20 76.14 48.46
C ASP F 68 -41.76 74.95 47.69
N LEU F 69 -41.53 73.75 48.20
CA LEU F 69 -41.89 72.53 47.48
C LEU F 69 -43.30 72.11 47.84
N LYS F 70 -44.13 71.91 46.81
CA LYS F 70 -45.49 71.42 46.95
C LYS F 70 -45.67 70.06 46.29
N SER F 71 -45.17 69.90 45.07
CA SER F 71 -45.19 68.63 44.36
C SER F 71 -43.77 68.13 44.15
N GLU F 72 -43.62 67.03 43.44
CA GLU F 72 -42.32 66.45 43.18
C GLU F 72 -41.60 67.07 41.98
N GLU F 73 -42.27 67.93 41.22
CA GLU F 73 -41.66 68.48 40.02
C GLU F 73 -40.42 69.32 40.34
N ASP F 74 -40.51 70.16 41.37
CA ASP F 74 -39.40 71.05 41.68
C ASP F 74 -38.26 70.32 42.41
N HIS F 75 -38.57 69.22 43.10
CA HIS F 75 -37.50 68.41 43.67
C HIS F 75 -36.60 67.84 42.58
N PHE F 76 -37.19 67.39 41.47
CA PHE F 76 -36.38 66.91 40.36
C PHE F 76 -35.51 68.03 39.79
N ARG F 77 -36.06 69.24 39.70
CA ARG F 77 -35.28 70.38 39.26
C ARG F 77 -34.09 70.63 40.18
N PHE F 78 -34.33 70.59 41.50
CA PHE F 78 -33.25 70.80 42.45
C PHE F 78 -32.20 69.71 42.32
N GLU F 79 -32.62 68.45 42.14
CA GLU F 79 -31.67 67.36 42.02
C GLU F 79 -30.81 67.50 40.76
N GLU F 80 -31.43 67.87 39.64
CA GLU F 80 -30.67 68.04 38.41
C GLU F 80 -29.68 69.19 38.54
N VAL F 81 -30.12 70.31 39.11
CA VAL F 81 -29.21 71.44 39.31
C VAL F 81 -28.09 71.07 40.27
N MET F 82 -28.40 70.26 41.29
CA MET F 82 -27.38 69.78 42.22
C MET F 82 -26.33 68.93 41.52
N PHE F 83 -26.77 68.01 40.66
CA PHE F 83 -25.81 67.18 39.95
C PHE F 83 -24.94 68.01 39.02
N ARG F 84 -25.53 68.95 38.29
CA ARG F 84 -24.72 69.80 37.42
C ARG F 84 -23.81 70.72 38.20
N TRP F 85 -24.22 71.12 39.41
CA TRP F 85 -23.40 71.98 40.25
C TRP F 85 -22.20 71.23 40.81
N PHE F 86 -22.40 69.98 41.23
CA PHE F 86 -21.26 69.12 41.54
C PHE F 86 -20.36 68.94 40.34
N LEU F 87 -20.97 68.80 39.16
CA LEU F 87 -20.20 68.62 37.93
C LEU F 87 -19.54 69.91 37.46
N ALA F 88 -20.07 71.07 37.84
CA ALA F 88 -19.56 72.34 37.33
C ALA F 88 -18.10 72.55 37.69
N SER F 89 -17.71 72.25 38.92
CA SER F 89 -16.33 72.36 39.33
C SER F 89 -15.52 71.20 38.75
N ARG F 90 -14.20 71.28 38.89
CA ARG F 90 -13.28 70.26 38.36
C ARG F 90 -12.52 69.69 39.56
N THR F 91 -13.11 68.71 40.23
CA THR F 91 -12.52 68.10 41.41
C THR F 91 -12.68 66.59 41.35
N GLY F 92 -11.67 65.88 41.83
CA GLY F 92 -11.78 64.45 42.02
C GLY F 92 -12.41 64.11 43.36
N PRO F 93 -12.75 62.83 43.53
CA PRO F 93 -13.35 62.41 44.81
C PRO F 93 -12.41 62.52 45.98
N GLU F 94 -11.10 62.58 45.75
CA GLU F 94 -10.15 62.65 46.86
C GLU F 94 -10.08 64.03 47.50
N GLN F 95 -10.73 65.04 46.93
CA GLN F 95 -10.73 66.39 47.45
C GLN F 95 -12.14 66.95 47.54
N ARG F 96 -13.10 66.08 47.89
CA ARG F 96 -14.51 66.47 48.01
C ARG F 96 -14.99 66.14 49.42
N PHE F 97 -15.49 67.14 50.12
CA PHE F 97 -16.12 66.96 51.43
C PHE F 97 -17.55 67.45 51.33
N VAL F 98 -18.50 66.60 51.72
CA VAL F 98 -19.92 66.87 51.56
C VAL F 98 -20.57 66.94 52.93
N CYS F 99 -21.30 68.02 53.18
CA CYS F 99 -22.09 68.19 54.39
C CYS F 99 -23.56 68.19 54.02
N LEU F 100 -24.32 67.28 54.61
CA LEU F 100 -25.74 67.14 54.32
C LEU F 100 -26.63 67.93 55.27
N THR F 101 -26.04 68.64 56.23
CA THR F 101 -26.82 69.45 57.15
C THR F 101 -27.39 70.68 56.44
N GLY F 102 -28.68 70.95 56.67
CA GLY F 102 -29.30 72.12 56.09
C GLY F 102 -30.23 71.81 54.93
N GLY F 103 -31.41 72.40 54.94
CA GLY F 103 -32.40 72.19 53.89
C GLY F 103 -33.45 71.19 54.29
N PHE F 104 -34.34 70.91 53.34
CA PHE F 104 -35.41 69.95 53.56
C PHE F 104 -34.84 68.56 53.78
N LYS F 105 -35.70 67.66 54.29
CA LYS F 105 -35.27 66.29 54.51
C LYS F 105 -34.87 65.59 53.22
N THR F 106 -35.44 66.01 52.10
CA THR F 106 -35.08 65.47 50.80
C THR F 106 -33.77 66.03 50.27
N MET F 107 -33.43 67.27 50.64
CA MET F 107 -32.17 67.86 50.18
C MET F 107 -30.96 67.11 50.75
N SER F 108 -31.02 66.71 52.02
CA SER F 108 -29.93 65.93 52.59
C SER F 108 -29.80 64.56 51.93
N ALA F 109 -30.95 63.92 51.63
CA ALA F 109 -30.92 62.65 50.93
C ALA F 109 -30.29 62.80 49.55
N ALA F 110 -30.63 63.88 48.85
CA ALA F 110 -30.00 64.15 47.55
C ALA F 110 -28.51 64.38 47.72
N MET F 111 -28.12 65.08 48.78
CA MET F 111 -26.70 65.29 49.07
C MET F 111 -25.97 63.95 49.19
N GLN F 112 -26.49 63.05 50.01
CA GLN F 112 -25.81 61.76 50.20
C GLN F 112 -25.85 60.92 48.93
N LYS F 113 -26.95 60.96 48.17
CA LYS F 113 -27.01 60.20 46.94
C LYS F 113 -25.97 60.69 45.94
N ALA F 114 -25.84 62.01 45.79
CA ALA F 114 -24.82 62.55 44.90
C ALA F 114 -23.43 62.18 45.38
N ALA F 115 -23.20 62.22 46.70
CA ALA F 115 -21.89 61.87 47.23
C ALA F 115 -21.55 60.41 46.95
N THR F 116 -22.52 59.51 47.13
CA THR F 116 -22.24 58.09 46.95
C THR F 116 -22.22 57.67 45.48
N VAL F 117 -22.80 58.47 44.58
CA VAL F 117 -22.70 58.16 43.16
C VAL F 117 -21.43 58.74 42.55
N LEU F 118 -21.16 60.03 42.75
CA LEU F 118 -19.99 60.65 42.18
C LEU F 118 -18.71 60.32 42.94
N GLY F 119 -18.79 60.00 44.22
CA GLY F 119 -17.61 59.71 45.01
C GLY F 119 -17.11 60.93 45.75
N ALA F 120 -16.70 60.73 47.01
CA ALA F 120 -16.23 61.85 47.83
C ALA F 120 -15.24 61.33 48.86
N ALA F 121 -14.41 62.25 49.36
CA ALA F 121 -13.43 61.89 50.39
C ALA F 121 -14.07 61.70 51.75
N GLU F 122 -15.11 62.48 52.07
CA GLU F 122 -15.76 62.38 53.37
C GLU F 122 -17.18 62.92 53.28
N VAL F 123 -18.11 62.17 53.87
CA VAL F 123 -19.48 62.61 54.08
C VAL F 123 -19.70 62.69 55.58
N PHE F 124 -20.26 63.82 56.03
CA PHE F 124 -20.37 64.12 57.46
C PHE F 124 -21.51 65.12 57.66
N HIS F 125 -21.83 65.35 58.93
CA HIS F 125 -22.80 66.38 59.29
C HIS F 125 -22.43 66.91 60.67
N VAL F 126 -22.94 68.09 61.00
CA VAL F 126 -22.58 68.81 62.22
C VAL F 126 -23.82 68.96 63.09
N LEU F 127 -23.62 68.81 64.41
CA LEU F 127 -24.66 69.04 65.39
C LEU F 127 -24.17 69.99 66.47
N ALA F 128 -25.11 70.69 67.09
CA ALA F 128 -24.81 71.59 68.20
C ALA F 128 -26.00 71.62 69.14
N ASP F 129 -25.72 71.64 70.44
CA ASP F 129 -26.75 71.59 71.46
C ASP F 129 -26.96 72.97 72.09
N ASP F 130 -28.02 73.06 72.91
CA ASP F 130 -28.40 74.32 73.52
C ASP F 130 -27.37 74.71 74.58
N CYS F 131 -26.71 75.85 74.36
CA CYS F 131 -25.71 76.35 75.29
C CYS F 131 -25.82 77.84 75.56
N CYS F 132 -26.71 78.54 74.87
CA CYS F 132 -26.80 79.99 74.94
C CYS F 132 -28.09 80.39 75.63
N VAL F 133 -27.98 81.34 76.57
CA VAL F 133 -29.13 81.70 77.41
C VAL F 133 -30.22 82.35 76.57
N GLY F 134 -29.85 83.27 75.69
CA GLY F 134 -30.81 83.95 74.84
C GLY F 134 -31.93 84.62 75.59
N PRO F 135 -33.01 84.97 74.89
CA PRO F 135 -34.20 85.50 75.57
C PRO F 135 -34.98 84.41 76.26
N GLN F 136 -34.95 83.20 75.69
CA GLN F 136 -35.59 82.02 76.26
C GLN F 136 -34.52 81.02 76.63
N GLY F 137 -34.61 80.48 77.84
CA GLY F 137 -33.50 79.70 78.38
C GLY F 137 -33.20 78.48 77.54
N ARG F 138 -31.92 78.10 77.53
CA ARG F 138 -31.42 76.94 76.79
C ARG F 138 -31.73 77.06 75.30
N LEU F 139 -31.11 78.08 74.70
CA LEU F 139 -31.32 78.41 73.29
C LEU F 139 -30.07 78.07 72.48
N MET F 140 -30.30 77.57 71.27
CA MET F 140 -29.30 77.31 70.24
C MET F 140 -28.58 78.60 69.86
N PRO F 141 -27.28 78.56 69.56
CA PRO F 141 -26.59 79.76 69.07
C PRO F 141 -26.96 80.06 67.63
N PRO F 142 -27.81 81.07 67.40
CA PRO F 142 -28.25 81.38 66.02
C PRO F 142 -27.23 82.16 65.20
N SER F 143 -26.64 83.19 65.81
CA SER F 143 -25.88 84.20 65.10
C SER F 143 -24.82 84.74 66.04
N THR F 144 -24.31 85.94 65.75
CA THR F 144 -23.37 86.65 66.63
C THR F 144 -22.10 85.81 66.85
N LEU F 145 -21.36 85.67 65.76
CA LEU F 145 -20.32 84.66 65.54
C LEU F 145 -19.48 84.35 66.78
N GLU F 146 -19.23 85.37 67.60
CA GLU F 146 -18.38 85.17 68.76
C GLU F 146 -18.87 84.03 69.66
N GLU F 147 -20.18 83.82 69.75
CA GLU F 147 -20.64 82.70 70.57
C GLU F 147 -20.44 81.36 69.85
N ILE F 148 -20.47 81.35 68.52
CA ILE F 148 -20.11 80.14 67.78
C ILE F 148 -18.66 79.77 68.06
N LEU F 149 -17.76 80.77 67.99
CA LEU F 149 -16.36 80.52 68.28
C LEU F 149 -16.16 80.10 69.73
N TRP F 150 -16.93 80.71 70.65
CA TRP F 150 -16.86 80.31 72.05
C TRP F 150 -17.28 78.86 72.24
N ALA F 151 -18.36 78.45 71.58
CA ALA F 151 -18.80 77.06 71.67
C ALA F 151 -17.76 76.11 71.10
N ARG F 152 -17.11 76.52 70.00
CA ARG F 152 -16.03 75.69 69.45
C ARG F 152 -14.88 75.57 70.44
N ASP F 153 -14.49 76.69 71.07
CA ASP F 153 -13.28 76.70 71.89
C ASP F 153 -13.45 75.86 73.14
N GLN F 154 -14.45 76.18 73.97
CA GLN F 154 -14.69 75.35 75.15
C GLN F 154 -15.22 73.98 74.77
N GLY F 155 -15.75 73.81 73.56
CA GLY F 155 -15.75 72.51 72.93
C GLY F 155 -16.92 71.56 73.08
N HIS F 156 -18.13 71.93 72.65
CA HIS F 156 -19.15 70.91 72.39
C HIS F 156 -19.72 71.13 70.99
N LEU F 157 -18.99 70.64 69.99
CA LEU F 157 -19.47 70.41 68.63
C LEU F 157 -19.05 69.00 68.24
N HIS F 158 -19.91 68.32 67.49
CA HIS F 158 -19.83 66.87 67.36
C HIS F 158 -19.20 66.40 66.05
N TRP F 159 -19.70 66.86 64.90
CA TRP F 159 -19.12 66.57 63.59
C TRP F 159 -19.10 65.06 63.33
N ILE F 160 -20.29 64.47 63.27
CA ILE F 160 -20.43 63.05 62.98
C ILE F 160 -19.93 62.77 61.57
N ARG F 161 -19.02 61.80 61.46
CA ARG F 161 -18.33 61.50 60.20
C ARG F 161 -18.86 60.18 59.65
N LEU F 162 -19.75 60.27 58.66
CA LEU F 162 -20.27 59.06 58.02
C LEU F 162 -19.17 58.30 57.30
N GLY F 163 -18.29 58.99 56.58
CA GLY F 163 -17.12 58.36 56.03
C GLY F 163 -16.91 58.58 54.54
N PRO F 164 -15.91 57.91 53.97
CA PRO F 164 -15.57 58.10 52.55
C PRO F 164 -16.53 57.35 51.64
N GLU F 165 -16.48 57.72 50.36
CA GLU F 165 -17.26 57.07 49.31
C GLU F 165 -16.38 56.83 48.10
N ARG F 166 -16.75 55.81 47.31
CA ARG F 166 -15.95 55.36 46.17
C ARG F 166 -16.45 55.95 44.85
N GLY F 167 -17.71 55.72 44.51
CA GLY F 167 -18.28 56.25 43.29
C GLY F 167 -18.04 55.36 42.09
N TRP F 168 -18.93 55.48 41.10
CA TRP F 168 -18.81 54.72 39.88
C TRP F 168 -17.65 55.22 39.03
N PRO F 169 -16.95 54.33 38.32
CA PRO F 169 -15.68 54.75 37.70
C PRO F 169 -15.85 55.66 36.51
N GLN F 170 -16.92 55.49 35.73
CA GLN F 170 -17.12 56.35 34.56
C GLN F 170 -17.68 57.71 34.93
N LEU F 171 -18.05 57.93 36.19
CA LEU F 171 -18.57 59.20 36.66
C LEU F 171 -17.61 59.95 37.57
N ARG F 172 -16.41 59.42 37.79
CA ARG F 172 -15.48 60.06 38.71
C ARG F 172 -14.96 61.39 38.16
N ARG F 173 -14.64 61.43 36.86
CA ARG F 173 -14.14 62.65 36.24
C ARG F 173 -15.15 63.27 35.28
N ILE F 174 -15.53 62.54 34.23
CA ILE F 174 -16.41 62.99 33.14
C ILE F 174 -16.08 64.45 32.78
N ALA F 175 -17.03 65.17 32.19
CA ALA F 175 -16.78 66.55 31.80
C ALA F 175 -18.01 67.42 32.05
N PRO F 176 -17.82 68.69 32.39
CA PRO F 176 -18.98 69.59 32.54
C PRO F 176 -19.49 70.15 31.24
N GLU F 177 -18.69 70.12 30.16
CA GLU F 177 -19.16 70.63 28.88
C GLU F 177 -20.30 69.81 28.32
N GLN F 178 -20.43 68.55 28.73
CA GLN F 178 -21.53 67.72 28.28
C GLN F 178 -22.85 68.12 28.94
N PHE F 179 -22.80 68.58 30.19
CA PHE F 179 -23.99 68.90 30.97
C PHE F 179 -23.81 70.27 31.59
N PRO F 180 -23.99 71.34 30.82
CA PRO F 180 -23.72 72.69 31.32
C PRO F 180 -24.91 73.29 32.06
N LEU F 181 -24.63 74.38 32.78
CA LEU F 181 -25.63 75.16 33.47
C LEU F 181 -25.86 76.48 32.74
N GLN F 182 -26.91 77.20 33.14
CA GLN F 182 -27.21 78.52 32.60
C GLN F 182 -27.30 79.52 33.73
N VAL F 183 -26.66 80.67 33.55
CA VAL F 183 -26.76 81.74 34.54
C VAL F 183 -27.87 82.70 34.13
N VAL F 184 -28.82 82.93 35.03
CA VAL F 184 -29.92 83.85 34.77
C VAL F 184 -29.53 85.28 35.13
N GLU F 185 -29.13 85.50 36.38
CA GLU F 185 -28.59 86.78 36.81
C GLU F 185 -27.45 86.50 37.77
N GLU F 186 -26.45 87.39 37.76
CA GLU F 186 -25.20 87.11 38.45
C GLU F 186 -24.64 88.39 39.05
N LYS F 187 -24.59 88.43 40.37
CA LYS F 187 -23.89 89.45 41.13
C LYS F 187 -22.63 88.81 41.72
N GLY F 188 -21.80 89.62 42.36
CA GLY F 188 -20.60 89.12 43.02
C GLY F 188 -20.88 87.92 43.89
N ASP F 189 -20.06 86.87 43.73
CA ASP F 189 -20.11 85.58 44.43
C ASP F 189 -21.53 85.16 44.78
N GLU F 190 -22.44 85.23 43.82
CA GLU F 190 -23.81 84.80 43.99
C GLU F 190 -24.44 84.62 42.62
N ARG F 191 -25.09 83.48 42.41
CA ARG F 191 -25.64 83.15 41.10
C ARG F 191 -27.04 82.56 41.23
N ARG F 192 -27.78 82.61 40.13
CA ARG F 192 -29.02 81.88 39.96
C ARG F 192 -28.90 81.09 38.66
N VAL F 193 -29.17 79.78 38.73
CA VAL F 193 -28.81 78.88 37.64
C VAL F 193 -30.01 78.06 37.20
N GLN F 194 -29.93 77.57 35.96
CA GLN F 194 -30.97 76.79 35.32
C GLN F 194 -30.34 75.64 34.55
N ALA F 195 -31.16 74.64 34.24
CA ALA F 195 -30.79 73.54 33.36
C ALA F 195 -31.91 73.33 32.35
N GLU F 196 -31.53 73.09 31.09
CA GLU F 196 -32.52 72.94 30.03
C GLU F 196 -33.39 71.69 30.20
N ASP F 197 -32.80 70.58 30.62
CA ASP F 197 -33.49 69.29 30.60
C ASP F 197 -32.95 68.43 31.74
N ARG F 198 -33.26 67.14 31.69
CA ARG F 198 -32.84 66.17 32.69
C ARG F 198 -31.99 65.08 32.06
N ALA F 199 -31.04 65.46 31.20
CA ALA F 199 -30.22 64.47 30.51
C ALA F 199 -29.38 63.67 31.48
N PHE F 200 -28.79 64.34 32.48
CA PHE F 200 -27.96 63.63 33.45
C PHE F 200 -28.79 62.61 34.23
N GLY F 201 -30.04 62.94 34.54
CA GLY F 201 -30.89 61.99 35.24
C GLY F 201 -31.08 60.71 34.45
N THR F 202 -31.40 60.84 33.16
CA THR F 202 -31.57 59.65 32.32
C THR F 202 -30.27 58.88 32.17
N PHE F 203 -29.15 59.59 32.01
CA PHE F 203 -27.85 58.93 31.86
C PHE F 203 -27.53 58.11 33.11
N LEU F 204 -27.67 58.73 34.28
CA LEU F 204 -27.40 58.03 35.53
C LEU F 204 -28.35 56.86 35.73
N GLN F 205 -29.64 57.07 35.45
CA GLN F 205 -30.63 56.02 35.65
C GLN F 205 -30.34 54.82 34.76
N ASP F 206 -30.01 55.07 33.48
CA ASP F 206 -29.79 53.94 32.58
C ASP F 206 -28.48 53.23 32.88
N LEU F 207 -27.46 53.95 33.36
CA LEU F 207 -26.23 53.24 33.72
C LEU F 207 -26.44 52.37 34.97
N LEU F 208 -27.17 52.88 35.97
CA LEU F 208 -27.49 52.04 37.12
C LEU F 208 -28.35 50.85 36.73
N GLN F 209 -29.30 51.05 35.81
CA GLN F 209 -30.15 49.96 35.38
C GLN F 209 -29.34 48.89 34.66
N ARG F 210 -28.41 49.29 33.79
CA ARG F 210 -27.54 48.33 33.12
C ARG F 210 -26.68 47.58 34.12
N ALA F 211 -26.12 48.28 35.11
CA ALA F 211 -25.32 47.62 36.13
C ALA F 211 -26.16 46.61 36.92
N SER F 212 -27.40 46.97 37.25
CA SER F 212 -28.27 46.05 37.97
C SER F 212 -28.57 44.82 37.13
N ARG F 213 -28.83 45.00 35.83
CA ARG F 213 -29.07 43.85 34.96
C ARG F 213 -27.84 42.94 34.88
N ILE F 214 -26.65 43.53 34.75
CA ILE F 214 -25.44 42.73 34.67
C ILE F 214 -25.21 41.96 35.97
N ALA F 215 -25.44 42.62 37.12
CA ALA F 215 -25.31 41.92 38.39
C ALA F 215 -26.34 40.80 38.51
N GLY F 216 -27.54 41.02 37.98
CA GLY F 216 -28.54 39.97 38.00
C GLY F 216 -28.15 38.76 37.17
N ALA F 217 -27.59 39.00 35.99
CA ALA F 217 -27.11 37.92 35.13
C ALA F 217 -25.59 37.95 35.13
N TRP F 218 -25.00 37.34 36.15
CA TRP F 218 -23.56 37.10 36.22
C TRP F 218 -23.20 35.63 36.21
N GLU F 219 -23.99 34.81 36.90
CA GLU F 219 -23.96 33.37 36.65
C GLU F 219 -24.50 33.11 35.25
N MET F 220 -24.48 31.83 34.86
CA MET F 220 -24.90 31.38 33.52
C MET F 220 -24.32 32.26 32.40
N LEU F 221 -23.21 32.94 32.68
CA LEU F 221 -22.52 33.76 31.70
C LEU F 221 -21.70 32.92 30.71
N PRO F 222 -20.90 31.93 31.14
CA PRO F 222 -20.18 31.13 30.15
C PRO F 222 -21.07 30.34 29.22
N GLU F 223 -22.30 30.02 29.63
CA GLU F 223 -23.25 29.36 28.74
C GLU F 223 -23.85 30.31 27.72
N LEU F 224 -23.79 31.61 27.94
CA LEU F 224 -24.34 32.55 26.98
C LEU F 224 -23.46 32.63 25.74
N PRO F 225 -24.04 32.54 24.54
CA PRO F 225 -23.22 32.63 23.32
C PRO F 225 -22.49 33.96 23.17
N PHE F 226 -23.10 35.05 23.63
CA PHE F 226 -22.50 36.37 23.50
C PHE F 226 -22.62 37.12 24.82
N ALA F 227 -21.67 38.03 25.05
CA ALA F 227 -21.58 38.70 26.34
C ALA F 227 -22.70 39.74 26.52
N ASP F 228 -23.03 40.46 25.44
CA ASP F 228 -24.00 41.54 25.56
C ASP F 228 -25.36 41.08 26.02
N LEU F 229 -25.68 39.79 25.87
CA LEU F 229 -26.93 39.24 26.36
C LEU F 229 -27.08 39.42 27.86
N ALA F 230 -25.98 39.61 28.58
CA ALA F 230 -26.04 39.85 30.02
C ALA F 230 -26.66 41.21 30.37
N THR F 231 -26.77 42.11 29.40
CA THR F 231 -27.36 43.43 29.63
C THR F 231 -28.85 43.46 29.38
N TRP F 232 -29.46 42.32 29.04
CA TRP F 232 -30.87 42.23 28.77
C TRP F 232 -31.66 42.08 30.07
N SER F 233 -32.91 42.54 30.03
CA SER F 233 -33.79 42.42 31.19
C SER F 233 -34.24 40.98 31.38
N GLU F 234 -34.84 40.72 32.55
CA GLU F 234 -35.32 39.37 32.85
C GLU F 234 -36.41 38.93 31.89
N GLY F 235 -37.34 39.84 31.55
CA GLY F 235 -38.39 39.48 30.61
C GLY F 235 -37.85 39.16 29.23
N GLU F 236 -36.88 39.96 28.76
CA GLU F 236 -36.27 39.68 27.45
C GLU F 236 -35.56 38.34 27.45
N LEU F 237 -34.83 38.03 28.52
CA LEU F 237 -34.15 36.74 28.60
C LEU F 237 -35.13 35.58 28.63
N ALA F 238 -36.25 35.74 29.36
CA ALA F 238 -37.28 34.71 29.37
C ALA F 238 -37.88 34.53 27.99
N TRP F 239 -38.12 35.63 27.28
CA TRP F 239 -38.62 35.56 25.91
C TRP F 239 -37.62 34.89 24.97
N LEU F 240 -36.33 35.03 25.27
CA LEU F 240 -35.30 34.45 24.41
C LEU F 240 -35.29 32.93 24.48
N ARG F 241 -35.80 32.36 25.58
CA ARG F 241 -35.80 30.92 25.76
C ARG F 241 -37.06 30.25 25.23
N GLU F 242 -38.02 31.01 24.72
CA GLU F 242 -39.23 30.39 24.22
C GLU F 242 -39.01 29.84 22.82
N PRO F 243 -39.78 28.83 22.42
CA PRO F 243 -39.65 28.32 21.05
C PRO F 243 -39.96 29.39 20.01
N LEU F 244 -39.24 29.34 18.90
CA LEU F 244 -39.45 30.31 17.83
C LEU F 244 -40.70 29.95 17.05
N ASP F 245 -41.47 30.97 16.68
CA ASP F 245 -42.71 30.79 15.92
C ASP F 245 -42.54 31.38 14.53
N PRO F 246 -42.34 30.56 13.50
CA PRO F 246 -42.10 31.11 12.15
C PRO F 246 -43.28 31.87 11.57
N ARG F 247 -44.50 31.64 12.06
CA ARG F 247 -45.65 32.35 11.51
C ARG F 247 -45.73 33.80 11.98
N ALA F 248 -45.21 34.09 13.17
CA ALA F 248 -45.35 35.42 13.74
C ALA F 248 -44.49 36.43 12.96
N PRO F 249 -45.08 37.53 12.48
CA PRO F 249 -44.27 38.53 11.78
C PRO F 249 -43.14 39.12 12.61
N ALA F 250 -43.35 39.24 13.93
CA ALA F 250 -42.30 39.78 14.79
C ALA F 250 -41.06 38.88 14.78
N ASP F 251 -41.27 37.55 14.80
CA ASP F 251 -40.15 36.63 14.73
C ASP F 251 -39.43 36.75 13.39
N GLN F 252 -40.19 36.92 12.30
CA GLN F 252 -39.57 37.08 10.99
C GLN F 252 -38.72 38.35 10.94
N ARG F 253 -39.24 39.46 11.49
CA ARG F 253 -38.46 40.68 11.53
C ARG F 253 -37.21 40.52 12.39
N TRP F 254 -37.33 39.85 13.53
CA TRP F 254 -36.17 39.64 14.39
C TRP F 254 -35.11 38.81 13.68
N VAL F 255 -35.52 37.75 12.98
CA VAL F 255 -34.55 36.90 12.29
C VAL F 255 -33.91 37.67 11.13
N ALA F 256 -34.70 38.51 10.45
CA ALA F 256 -34.14 39.32 9.36
C ALA F 256 -33.17 40.37 9.88
N GLY F 257 -33.33 40.81 11.12
CA GLY F 257 -32.44 41.81 11.70
C GLY F 257 -31.17 41.29 12.32
N LEU F 258 -30.91 39.98 12.24
CA LEU F 258 -29.74 39.39 12.88
C LEU F 258 -28.51 39.51 11.99
N PRO F 259 -27.35 39.81 12.55
CA PRO F 259 -26.10 39.63 11.80
C PRO F 259 -25.83 38.15 11.57
N LYS F 260 -25.35 37.82 10.38
CA LYS F 260 -25.26 36.43 9.96
C LYS F 260 -23.89 36.14 9.34
N ILE F 261 -23.55 34.86 9.34
CA ILE F 261 -22.32 34.35 8.74
C ILE F 261 -22.69 33.24 7.77
N GLU F 262 -22.14 33.29 6.57
CA GLU F 262 -22.42 32.32 5.52
C GLU F 262 -21.16 31.49 5.25
N LEU F 263 -21.32 30.18 5.19
CA LEU F 263 -20.19 29.28 4.96
C LEU F 263 -20.37 28.32 3.78
N HIS F 264 -21.58 28.20 3.23
CA HIS F 264 -21.84 27.24 2.14
C HIS F 264 -22.72 27.93 1.11
N CYS F 265 -22.08 28.51 0.09
CA CYS F 265 -22.78 29.22 -0.97
C CYS F 265 -22.02 29.06 -2.27
N HIS F 266 -22.69 28.55 -3.30
CA HIS F 266 -22.08 28.35 -4.60
C HIS F 266 -22.29 29.58 -5.49
N LEU F 267 -21.24 29.94 -6.23
CA LEU F 267 -21.32 31.10 -7.11
C LEU F 267 -22.15 30.82 -8.36
N GLY F 268 -22.11 29.59 -8.85
CA GLY F 268 -22.76 29.25 -10.10
C GLY F 268 -24.25 29.02 -10.03
N GLY F 269 -24.85 29.11 -8.85
CA GLY F 269 -26.27 28.88 -8.70
C GLY F 269 -27.01 30.04 -8.06
N PHE F 270 -26.66 31.27 -8.42
CA PHE F 270 -27.27 32.45 -7.80
C PHE F 270 -28.42 33.01 -8.64
N ALA F 271 -28.15 33.35 -9.90
CA ALA F 271 -29.13 33.99 -10.76
C ALA F 271 -29.51 33.01 -11.88
N THR F 272 -30.53 32.21 -11.62
CA THR F 272 -30.98 31.20 -12.57
C THR F 272 -32.38 31.44 -13.12
N HIS F 273 -33.14 32.37 -12.53
CA HIS F 273 -34.51 32.62 -12.96
C HIS F 273 -34.85 34.08 -12.72
N GLY F 274 -35.88 34.55 -13.41
CA GLY F 274 -36.46 35.85 -13.12
C GLY F 274 -35.64 37.02 -13.63
N GLU F 275 -35.85 38.18 -12.99
CA GLU F 275 -35.20 39.42 -13.42
C GLU F 275 -33.69 39.36 -13.26
N LEU F 276 -33.21 38.62 -12.26
CA LEU F 276 -31.77 38.54 -12.04
C LEU F 276 -31.06 37.93 -13.24
N LEU F 277 -31.64 36.88 -13.82
CA LEU F 277 -31.07 36.27 -15.02
C LEU F 277 -31.03 37.25 -16.18
N ARG F 278 -32.10 38.02 -16.37
CA ARG F 278 -32.11 39.03 -17.44
C ARG F 278 -31.03 40.08 -17.21
N ARG F 279 -30.87 40.54 -15.97
CA ARG F 279 -29.87 41.55 -15.69
C ARG F 279 -28.47 41.01 -15.93
N VAL F 280 -28.21 39.76 -15.55
CA VAL F 280 -26.91 39.17 -15.82
C VAL F 280 -26.68 39.02 -17.31
N ARG F 281 -27.70 38.56 -18.04
CA ARG F 281 -27.56 38.34 -19.49
C ARG F 281 -27.31 39.66 -20.22
N ASN F 282 -27.99 40.73 -19.83
CA ASN F 282 -27.80 42.01 -20.49
C ASN F 282 -26.58 42.73 -19.94
N ALA F 283 -25.46 42.02 -19.88
CA ALA F 283 -24.18 42.63 -19.51
C ALA F 283 -23.01 42.03 -20.26
N ALA F 284 -23.25 41.09 -21.18
CA ALA F 284 -22.17 40.41 -21.86
C ALA F 284 -21.43 41.34 -22.81
N GLU F 285 -20.12 41.13 -22.93
CA GLU F 285 -19.33 41.88 -23.89
C GLU F 285 -19.58 41.44 -25.32
N ASN F 286 -20.07 40.21 -25.52
CA ASN F 286 -20.33 39.66 -26.84
C ASN F 286 -21.75 39.10 -26.87
N PRO F 287 -22.75 39.96 -27.07
CA PRO F 287 -24.14 39.47 -27.11
C PRO F 287 -24.42 38.50 -28.23
N GLY F 288 -23.59 38.47 -29.28
CA GLY F 288 -23.85 37.60 -30.41
C GLY F 288 -23.76 36.13 -30.06
N LYS F 289 -22.79 35.77 -29.22
CA LYS F 289 -22.55 34.38 -28.86
C LYS F 289 -23.37 33.93 -27.65
N LEU F 290 -24.31 34.74 -27.20
CA LEU F 290 -25.14 34.35 -26.07
C LEU F 290 -26.07 33.20 -26.47
N PRO F 291 -26.15 32.15 -25.65
CA PRO F 291 -27.10 31.05 -25.93
C PRO F 291 -28.52 31.56 -25.89
N PRO F 292 -29.43 30.95 -26.64
CA PRO F 292 -30.83 31.38 -26.60
C PRO F 292 -31.43 31.19 -25.21
N LEU F 293 -32.29 32.13 -24.82
CA LEU F 293 -32.87 32.12 -23.49
C LEU F 293 -33.81 30.94 -23.32
N GLU F 294 -33.68 30.24 -22.21
CA GLU F 294 -34.53 29.07 -21.92
C GLU F 294 -34.50 28.82 -20.42
N GLU F 295 -35.67 28.89 -19.78
CA GLU F 295 -35.78 28.66 -18.36
C GLU F 295 -36.35 27.26 -18.10
N PRO F 296 -35.64 26.40 -17.37
CA PRO F 296 -36.22 25.12 -16.97
C PRO F 296 -37.45 25.33 -16.10
N ARG F 297 -38.43 24.46 -16.28
CA ARG F 297 -39.69 24.57 -15.55
C ARG F 297 -39.56 23.93 -14.19
N LEU F 298 -39.95 24.68 -13.15
CA LEU F 298 -39.85 24.20 -11.78
C LEU F 298 -41.03 23.29 -11.45
N PRO F 299 -40.85 22.35 -10.51
CA PRO F 299 -41.96 21.48 -10.12
C PRO F 299 -43.08 22.24 -9.43
N GLU F 300 -44.17 21.56 -9.10
CA GLU F 300 -45.31 22.21 -8.49
C GLU F 300 -44.98 22.63 -7.07
N GLY F 301 -45.14 23.93 -6.78
CA GLY F 301 -44.80 24.45 -5.47
C GLY F 301 -43.33 24.24 -5.14
N TRP F 302 -42.44 24.69 -6.02
CA TRP F 302 -41.02 24.36 -5.93
C TRP F 302 -40.39 24.68 -4.58
N PRO F 303 -40.68 25.81 -3.92
CA PRO F 303 -40.06 26.03 -2.59
C PRO F 303 -40.32 24.90 -1.61
N LEU F 304 -41.53 24.34 -1.59
CA LEU F 304 -41.88 23.23 -0.69
C LEU F 304 -42.56 22.12 -1.49
N PRO F 305 -41.79 21.30 -2.20
CA PRO F 305 -42.39 20.25 -3.03
C PRO F 305 -43.12 19.22 -2.17
N ALA F 306 -44.15 18.62 -2.77
CA ALA F 306 -44.86 17.53 -2.11
C ALA F 306 -44.13 16.20 -2.22
N GLN F 307 -43.19 16.06 -3.17
CA GLN F 307 -42.42 14.84 -3.36
C GLN F 307 -40.94 15.19 -3.49
N PRO F 308 -40.05 14.39 -2.91
CA PRO F 308 -38.62 14.67 -3.05
C PRO F 308 -38.11 14.30 -4.44
N ILE F 309 -37.03 14.95 -4.85
CA ILE F 309 -36.41 14.66 -6.14
C ILE F 309 -34.92 14.37 -5.93
N PRO F 310 -34.31 13.55 -6.79
CA PRO F 310 -32.88 13.28 -6.67
C PRO F 310 -32.05 14.27 -7.49
N LEU F 311 -30.72 14.06 -7.42
CA LEU F 311 -29.75 15.11 -7.69
C LEU F 311 -29.75 15.60 -9.14
N ALA F 312 -30.07 14.72 -10.10
CA ALA F 312 -29.76 15.03 -11.50
C ALA F 312 -30.54 16.24 -12.00
N GLU F 313 -31.87 16.22 -11.87
CA GLU F 313 -32.64 17.39 -12.31
C GLU F 313 -32.47 18.57 -11.36
N TYR F 314 -32.08 18.33 -10.10
CA TYR F 314 -31.72 19.45 -9.24
C TYR F 314 -30.54 20.23 -9.82
N MET F 315 -29.55 19.51 -10.37
CA MET F 315 -28.45 20.18 -11.05
C MET F 315 -28.91 20.78 -12.38
N LYS F 316 -29.78 20.08 -13.11
CA LYS F 316 -30.24 20.57 -14.41
C LYS F 316 -31.13 21.81 -14.29
N LEU F 317 -31.70 22.06 -13.11
CA LEU F 317 -32.59 23.20 -12.91
C LEU F 317 -31.89 24.55 -13.02
N GLY F 318 -30.56 24.57 -12.97
CA GLY F 318 -29.82 25.80 -13.12
C GLY F 318 -29.00 25.81 -14.39
N ASN F 319 -29.57 25.26 -15.47
CA ASN F 319 -28.89 25.22 -16.75
C ASN F 319 -28.86 26.58 -17.45
N ALA F 320 -29.73 27.51 -17.03
CA ALA F 320 -29.74 28.84 -17.62
C ALA F 320 -28.52 29.66 -17.22
N ASN F 321 -27.82 29.27 -16.17
CA ASN F 321 -26.64 29.97 -15.69
C ASN F 321 -25.52 28.96 -15.45
N GLY F 322 -24.31 29.47 -15.28
CA GLY F 322 -23.17 28.62 -15.05
C GLY F 322 -22.19 28.61 -16.20
N THR F 323 -21.77 27.40 -16.61
CA THR F 323 -20.81 27.29 -17.71
C THR F 323 -21.37 27.87 -19.01
N ALA F 324 -22.67 27.72 -19.23
CA ALA F 324 -23.27 28.22 -20.47
C ALA F 324 -23.30 29.74 -20.54
N LEU F 325 -23.22 30.41 -19.38
CA LEU F 325 -23.39 31.86 -19.33
C LEU F 325 -22.20 32.61 -18.75
N LEU F 326 -21.48 32.03 -17.80
CA LEU F 326 -20.38 32.72 -17.14
C LEU F 326 -19.09 32.69 -17.95
N ARG F 327 -19.13 32.12 -19.16
CA ARG F 327 -17.95 32.11 -20.01
C ARG F 327 -17.58 33.51 -20.50
N ASP F 328 -18.52 34.45 -20.46
CA ASP F 328 -18.31 35.85 -20.85
C ASP F 328 -17.84 36.65 -19.64
N PRO F 329 -16.73 37.39 -19.76
CA PRO F 329 -16.21 38.12 -18.59
C PRO F 329 -17.20 39.11 -17.98
N GLY F 330 -17.97 39.81 -18.81
CA GLY F 330 -18.93 40.76 -18.28
C GLY F 330 -20.01 40.09 -17.45
N CYS F 331 -20.47 38.93 -17.90
CA CYS F 331 -21.45 38.17 -17.12
C CYS F 331 -20.88 37.75 -15.78
N LEU F 332 -19.62 37.31 -15.76
CA LEU F 332 -18.99 36.90 -14.50
C LEU F 332 -18.89 38.07 -13.53
N ARG F 333 -18.43 39.23 -14.03
CA ARG F 333 -18.36 40.41 -13.17
C ARG F 333 -19.73 40.78 -12.63
N GLU F 334 -20.74 40.82 -13.51
CA GLU F 334 -22.07 41.25 -13.10
C GLU F 334 -22.62 40.29 -12.06
N GLN F 335 -22.39 38.99 -12.26
CA GLN F 335 -22.77 37.97 -11.28
C GLN F 335 -22.15 38.26 -9.92
N CYS F 336 -20.85 38.58 -9.91
CA CYS F 336 -20.19 38.87 -8.64
C CYS F 336 -20.80 40.09 -7.94
N ARG F 337 -21.05 41.16 -8.70
CA ARG F 337 -21.67 42.35 -8.10
C ARG F 337 -23.04 42.05 -7.52
N LEU F 338 -23.90 41.34 -8.25
CA LEU F 338 -25.22 41.03 -7.70
C LEU F 338 -25.13 40.10 -6.49
N LEU F 339 -24.22 39.13 -6.49
CA LEU F 339 -24.07 38.29 -5.31
C LEU F 339 -23.65 39.12 -4.10
N TYR F 340 -22.71 40.05 -4.28
CA TYR F 340 -22.29 40.87 -3.14
C TYR F 340 -23.41 41.77 -2.66
N ARG F 341 -24.18 42.35 -3.58
CA ARG F 341 -25.34 43.15 -3.19
C ARG F 341 -26.35 42.34 -2.40
N HIS F 342 -26.63 41.11 -2.86
CA HIS F 342 -27.59 40.26 -2.14
C HIS F 342 -27.08 39.92 -0.75
N LEU F 343 -25.79 39.59 -0.63
CA LEU F 343 -25.22 39.27 0.68
C LEU F 343 -25.30 40.46 1.62
N VAL F 344 -25.02 41.67 1.11
CA VAL F 344 -25.12 42.86 1.96
C VAL F 344 -26.55 43.09 2.38
N ASP F 345 -27.51 42.92 1.46
CA ASP F 345 -28.91 43.13 1.80
C ASP F 345 -29.39 42.15 2.86
N GLN F 346 -28.91 40.90 2.79
CA GLN F 346 -29.33 39.90 3.76
C GLN F 346 -28.77 40.13 5.15
N GLY F 347 -27.81 41.05 5.30
CA GLY F 347 -27.22 41.32 6.59
C GLY F 347 -26.03 40.47 6.95
N VAL F 348 -25.46 39.74 5.99
CA VAL F 348 -24.30 38.90 6.26
C VAL F 348 -23.07 39.78 6.49
N CYS F 349 -22.28 39.43 7.50
CA CYS F 349 -21.05 40.16 7.79
C CYS F 349 -19.78 39.41 7.40
N TYR F 350 -19.89 38.13 7.03
CA TYR F 350 -18.75 37.35 6.59
C TYR F 350 -19.26 36.16 5.80
N ALA F 351 -18.70 35.95 4.61
CA ALA F 351 -19.15 34.87 3.74
C ALA F 351 -17.96 34.24 3.04
N GLU F 352 -18.10 32.95 2.73
CA GLU F 352 -17.15 32.22 1.91
C GLU F 352 -17.87 31.71 0.68
N VAL F 353 -17.33 32.01 -0.50
CA VAL F 353 -17.99 31.73 -1.77
C VAL F 353 -17.16 30.71 -2.53
N ARG F 354 -17.81 29.64 -2.99
CA ARG F 354 -17.16 28.61 -3.79
C ARG F 354 -17.29 28.93 -5.28
N CYS F 355 -16.30 28.48 -6.05
CA CYS F 355 -16.29 28.70 -7.48
C CYS F 355 -15.43 27.65 -8.15
N SER F 356 -15.61 27.50 -9.46
CA SER F 356 -14.83 26.58 -10.29
C SER F 356 -14.30 27.35 -11.50
N PRO F 357 -13.20 28.09 -11.31
CA PRO F 357 -12.71 28.94 -12.42
C PRO F 357 -12.37 28.17 -13.69
N ALA F 358 -11.82 26.97 -13.57
CA ALA F 358 -11.37 26.23 -14.75
C ALA F 358 -12.52 25.87 -15.67
N ASN F 359 -13.76 25.84 -15.17
CA ASN F 359 -14.91 25.55 -16.02
C ASN F 359 -15.25 26.71 -16.94
N TYR F 360 -14.77 27.92 -16.64
CA TYR F 360 -15.10 29.11 -17.41
C TYR F 360 -13.95 29.59 -18.29
N ALA F 361 -12.95 28.75 -18.51
CA ALA F 361 -11.77 29.12 -19.28
C ALA F 361 -11.87 28.49 -20.67
N GLU F 362 -11.85 29.32 -21.70
CA GLU F 362 -11.90 28.85 -23.08
C GLU F 362 -10.74 29.35 -23.92
N VAL F 363 -10.35 30.62 -23.77
CA VAL F 363 -9.22 31.20 -24.48
C VAL F 363 -8.28 31.79 -23.43
N ARG F 364 -8.85 32.13 -22.29
CA ARG F 364 -8.09 32.60 -21.14
C ARG F 364 -7.72 31.42 -20.24
N SER F 365 -6.67 31.61 -19.46
CA SER F 365 -6.28 30.60 -18.48
C SER F 365 -7.17 30.69 -17.25
N PRO F 366 -7.28 29.61 -16.48
CA PRO F 366 -8.04 29.68 -15.23
C PRO F 366 -7.49 30.71 -14.26
N TRP F 367 -6.20 31.01 -14.33
CA TRP F 367 -5.62 32.05 -13.50
C TRP F 367 -6.26 33.40 -13.79
N ASP F 368 -6.51 33.69 -15.06
CA ASP F 368 -7.16 34.95 -15.42
C ASP F 368 -8.56 35.03 -14.85
N VAL F 369 -9.32 33.94 -14.92
CA VAL F 369 -10.68 33.93 -14.40
C VAL F 369 -10.66 34.15 -12.89
N LEU F 370 -9.77 33.44 -12.19
CA LEU F 370 -9.68 33.61 -10.74
C LEU F 370 -9.28 35.03 -10.38
N ALA F 371 -8.35 35.62 -11.13
CA ALA F 371 -7.95 36.99 -10.88
C ALA F 371 -9.11 37.95 -11.10
N ASP F 372 -9.93 37.71 -12.13
CA ASP F 372 -11.09 38.57 -12.37
C ASP F 372 -12.09 38.49 -11.23
N ILE F 373 -12.39 37.28 -10.75
CA ILE F 373 -13.33 37.15 -9.64
C ILE F 373 -12.78 37.84 -8.39
N ARG F 374 -11.50 37.61 -8.10
CA ARG F 374 -10.87 38.20 -6.92
C ARG F 374 -10.89 39.73 -6.99
N ALA F 375 -10.57 40.28 -8.16
CA ALA F 375 -10.56 41.73 -8.32
C ALA F 375 -11.96 42.31 -8.20
N ALA F 376 -12.96 41.64 -8.77
CA ALA F 376 -14.33 42.13 -8.67
C ALA F 376 -14.80 42.17 -7.22
N PHE F 377 -14.52 41.10 -6.47
CA PHE F 377 -14.93 41.08 -5.08
C PHE F 377 -14.17 42.11 -4.25
N GLN F 378 -12.88 42.30 -4.52
CA GLN F 378 -12.11 43.32 -3.82
C GLN F 378 -12.67 44.72 -4.10
N GLU F 379 -13.01 45.00 -5.36
CA GLU F 379 -13.59 46.30 -5.68
C GLU F 379 -14.92 46.50 -4.99
N CYS F 380 -15.74 45.45 -4.92
CA CYS F 380 -17.01 45.55 -4.21
C CYS F 380 -16.80 45.84 -2.73
N MET F 381 -15.84 45.15 -2.10
CA MET F 381 -15.57 45.39 -0.68
C MET F 381 -15.03 46.79 -0.45
N GLU F 382 -14.15 47.28 -1.33
CA GLU F 382 -13.62 48.63 -1.17
C GLU F 382 -14.69 49.69 -1.40
N GLY F 383 -15.70 49.38 -2.23
CA GLY F 383 -16.74 50.36 -2.50
C GLY F 383 -17.59 50.68 -1.28
N ALA F 384 -17.99 49.65 -0.54
CA ALA F 384 -18.91 49.82 0.59
C ALA F 384 -18.11 49.84 1.89
N ARG F 385 -17.60 51.01 2.23
CA ARG F 385 -16.84 51.20 3.48
C ARG F 385 -17.74 51.75 4.58
N THR F 386 -18.79 50.99 4.88
CA THR F 386 -19.71 51.29 5.97
C THR F 386 -19.10 50.70 7.24
N ALA F 387 -19.85 50.61 8.34
CA ALA F 387 -19.47 49.90 9.56
C ALA F 387 -18.38 50.67 10.32
N PRO F 388 -18.25 50.50 11.63
CA PRO F 388 -17.25 51.29 12.36
C PRO F 388 -15.85 50.73 12.21
N GLY F 389 -14.87 51.64 12.32
CA GLY F 389 -13.48 51.30 12.09
C GLY F 389 -13.05 51.31 10.64
N GLY F 390 -13.91 51.74 9.72
CA GLY F 390 -13.56 51.78 8.31
C GLY F 390 -13.33 50.41 7.70
N LEU F 391 -14.21 49.45 7.97
CA LEU F 391 -14.11 48.10 7.44
C LEU F 391 -15.25 47.81 6.48
N PRO F 392 -15.05 46.91 5.52
CA PRO F 392 -16.14 46.59 4.58
C PRO F 392 -17.34 46.01 5.31
N ALA F 393 -18.53 46.29 4.75
CA ALA F 393 -19.77 45.79 5.36
C ALA F 393 -19.79 44.27 5.39
N CYS F 394 -19.37 43.64 4.30
CA CYS F 394 -19.27 42.19 4.23
C CYS F 394 -17.89 41.81 3.68
N HIS F 395 -17.26 40.85 4.33
CA HIS F 395 -15.95 40.34 3.93
C HIS F 395 -16.13 39.01 3.22
N VAL F 396 -15.52 38.86 2.06
CA VAL F 396 -15.70 37.69 1.20
C VAL F 396 -14.36 37.01 1.01
N ASN F 397 -14.31 35.70 1.27
CA ASN F 397 -13.16 34.86 0.98
C ASN F 397 -13.57 33.79 -0.02
N LEU F 398 -12.57 33.14 -0.61
CA LEU F 398 -12.81 32.24 -1.74
C LEU F 398 -12.40 30.81 -1.40
N ILE F 399 -13.14 29.87 -1.97
CA ILE F 399 -12.86 28.43 -1.87
C ILE F 399 -13.06 27.82 -3.25
N LEU F 400 -12.13 26.97 -3.67
CA LEU F 400 -12.20 26.33 -4.98
C LEU F 400 -12.73 24.91 -4.85
N ILE F 401 -13.44 24.46 -5.89
CA ILE F 401 -14.15 23.19 -5.88
C ILE F 401 -13.41 22.19 -6.77
N ALA F 402 -13.24 20.97 -6.25
CA ALA F 402 -12.77 19.84 -7.04
C ALA F 402 -13.95 18.90 -7.25
N THR F 403 -14.39 18.79 -8.51
CA THR F 403 -15.61 18.06 -8.83
C THR F 403 -15.30 16.65 -9.29
N ARG F 404 -16.05 15.69 -8.75
CA ARG F 404 -15.95 14.29 -9.11
C ARG F 404 -17.25 13.82 -9.75
N ARG F 405 -17.13 13.05 -10.84
CA ARG F 405 -18.28 12.64 -11.63
C ARG F 405 -18.37 11.11 -11.67
N ALA F 406 -19.53 10.63 -12.11
CA ALA F 406 -19.76 9.19 -12.19
C ALA F 406 -18.85 8.53 -13.23
N SER F 407 -18.71 9.16 -14.40
CA SER F 407 -17.88 8.61 -15.47
C SER F 407 -17.40 9.74 -16.36
N GLY F 408 -16.34 9.47 -17.10
CA GLY F 408 -15.79 10.44 -18.03
C GLY F 408 -14.41 10.92 -17.61
N ASP F 409 -14.04 12.13 -18.05
CA ASP F 409 -12.76 12.74 -17.72
C ASP F 409 -13.02 13.83 -16.69
N TYR F 410 -12.69 13.55 -15.42
CA TYR F 410 -12.92 14.51 -14.35
C TYR F 410 -11.77 14.64 -13.38
N ARG F 411 -10.72 13.83 -13.49
CA ARG F 411 -9.68 13.73 -12.46
C ARG F 411 -8.46 14.60 -12.75
N ALA F 412 -8.27 15.03 -14.01
CA ALA F 412 -7.26 16.03 -14.30
C ALA F 412 -7.68 17.41 -13.81
N ALA F 413 -8.98 17.73 -13.94
CA ALA F 413 -9.48 19.02 -13.49
C ALA F 413 -9.30 19.19 -11.98
N ILE F 414 -9.42 18.09 -11.24
CA ILE F 414 -9.20 18.13 -9.79
C ILE F 414 -7.76 18.58 -9.50
N ALA F 415 -6.80 17.99 -10.21
CA ALA F 415 -5.39 18.35 -10.02
C ALA F 415 -5.14 19.80 -10.40
N ARG F 416 -5.72 20.25 -11.51
CA ARG F 416 -5.54 21.65 -11.90
C ARG F 416 -6.10 22.58 -10.84
N HIS F 417 -7.29 22.26 -10.31
CA HIS F 417 -7.89 23.10 -9.29
C HIS F 417 -7.05 23.14 -8.02
N LEU F 418 -6.52 21.99 -7.58
CA LEU F 418 -5.70 21.98 -6.38
C LEU F 418 -4.42 22.80 -6.56
N ALA F 419 -3.75 22.64 -7.71
CA ALA F 419 -2.54 23.41 -7.96
C ALA F 419 -2.83 24.91 -8.01
N LEU F 420 -3.92 25.28 -8.70
CA LEU F 420 -4.31 26.68 -8.77
C LEU F 420 -4.63 27.24 -7.38
N ALA F 421 -5.31 26.45 -6.55
CA ALA F 421 -5.63 26.91 -5.20
C ALA F 421 -4.38 27.15 -4.38
N VAL F 422 -3.41 26.23 -4.45
CA VAL F 422 -2.18 26.42 -3.69
C VAL F 422 -1.44 27.68 -4.15
N THR F 423 -1.31 27.84 -5.47
CA THR F 423 -0.59 29.00 -6.00
C THR F 423 -1.29 30.30 -5.63
N ALA F 424 -2.61 30.35 -5.78
CA ALA F 424 -3.34 31.57 -5.45
C ALA F 424 -3.28 31.88 -3.97
N ALA F 425 -3.38 30.86 -3.12
CA ALA F 425 -3.28 31.09 -1.68
C ALA F 425 -1.92 31.65 -1.30
N GLU F 426 -0.86 31.23 -2.01
CA GLU F 426 0.45 31.78 -1.70
C GLU F 426 0.70 33.12 -2.40
N HIS F 427 -0.14 33.49 -3.36
CA HIS F 427 0.06 34.75 -4.06
C HIS F 427 -0.47 35.94 -3.27
N TRP F 428 -1.76 35.91 -2.93
CA TRP F 428 -2.39 37.01 -2.19
C TRP F 428 -2.36 36.69 -0.71
N ARG F 429 -1.76 37.59 0.08
CA ARG F 429 -1.56 37.36 1.50
C ARG F 429 -1.98 38.50 2.40
N ASP F 430 -2.53 39.58 1.85
CA ASP F 430 -2.96 40.71 2.68
C ASP F 430 -4.14 40.28 3.55
N GLU F 431 -4.05 40.56 4.85
CA GLU F 431 -5.06 40.08 5.79
C GLU F 431 -6.43 40.72 5.52
N ASN F 432 -6.46 42.02 5.24
CA ASN F 432 -7.72 42.73 5.03
C ASN F 432 -8.07 42.79 3.54
N ALA F 433 -8.15 41.60 2.93
CA ALA F 433 -8.44 41.51 1.51
C ALA F 433 -9.02 40.13 1.21
N CYS F 434 -9.61 40.01 0.03
CA CYS F 434 -10.14 38.73 -0.42
C CYS F 434 -9.01 37.74 -0.64
N ARG F 435 -9.23 36.49 -0.23
CA ARG F 435 -8.18 35.48 -0.27
C ARG F 435 -8.79 34.13 -0.61
N VAL F 436 -7.93 33.22 -1.06
CA VAL F 436 -8.30 31.82 -1.21
C VAL F 436 -7.90 31.09 0.07
N VAL F 437 -8.89 30.54 0.76
CA VAL F 437 -8.68 30.04 2.11
C VAL F 437 -8.95 28.55 2.25
N GLY F 438 -9.16 27.85 1.15
CA GLY F 438 -9.36 26.41 1.24
C GLY F 438 -9.86 25.82 -0.06
N VAL F 439 -10.02 24.50 -0.03
CA VAL F 439 -10.50 23.72 -1.17
C VAL F 439 -11.69 22.88 -0.70
N ASP F 440 -12.48 22.44 -1.67
CA ASP F 440 -13.67 21.65 -1.40
C ASP F 440 -13.72 20.49 -2.39
N LEU F 441 -14.09 19.31 -1.89
CA LEU F 441 -14.28 18.12 -2.71
C LEU F 441 -15.77 17.86 -2.82
N ALA F 442 -16.34 18.08 -4.01
CA ALA F 442 -17.77 17.95 -4.20
C ALA F 442 -18.08 17.15 -5.46
N GLY F 443 -19.36 16.99 -5.76
CA GLY F 443 -19.81 16.30 -6.94
C GLY F 443 -20.56 15.02 -6.62
N TYR F 444 -20.57 14.11 -7.60
CA TYR F 444 -21.28 12.85 -7.45
C TYR F 444 -20.54 11.96 -6.46
N GLU F 445 -21.28 11.39 -5.51
CA GLU F 445 -20.69 10.58 -4.45
C GLU F 445 -21.36 9.21 -4.39
N ASP F 446 -20.55 8.18 -4.20
CA ASP F 446 -21.02 6.81 -4.04
C ASP F 446 -19.88 5.99 -3.43
N GLU F 447 -20.03 4.66 -3.46
CA GLU F 447 -19.00 3.79 -2.89
C GLU F 447 -17.69 3.91 -3.64
N LYS F 448 -17.74 3.98 -4.97
CA LYS F 448 -16.51 3.97 -5.76
C LYS F 448 -15.77 5.30 -5.75
N THR F 449 -16.43 6.38 -5.32
CA THR F 449 -15.82 7.70 -5.27
C THR F 449 -15.74 8.24 -3.84
N ARG F 450 -15.41 7.37 -2.88
CA ARG F 450 -15.29 7.80 -1.50
C ARG F 450 -14.01 8.61 -1.31
N ALA F 451 -13.86 9.17 -0.11
CA ALA F 451 -12.81 10.16 0.14
C ALA F 451 -11.42 9.57 0.02
N HIS F 452 -11.25 8.30 0.43
CA HIS F 452 -9.90 7.74 0.54
C HIS F 452 -9.27 7.42 -0.81
N TYR F 453 -9.98 7.61 -1.91
CA TYR F 453 -9.41 7.40 -3.24
C TYR F 453 -8.69 8.63 -3.79
N PHE F 454 -8.71 9.75 -3.07
CA PHE F 454 -8.05 10.97 -3.52
C PHE F 454 -7.00 11.46 -2.52
N ARG F 455 -6.48 10.56 -1.68
CA ARG F 455 -5.49 10.95 -0.68
C ARG F 455 -4.20 11.44 -1.34
N GLU F 456 -3.76 10.74 -2.39
CA GLU F 456 -2.52 11.11 -3.07
C GLU F 456 -2.62 12.47 -3.73
N GLU F 457 -3.83 12.89 -4.11
CA GLU F 457 -4.01 14.21 -4.69
C GLU F 457 -3.97 15.30 -3.63
N PHE F 458 -4.46 15.02 -2.42
CA PHE F 458 -4.54 16.00 -1.36
C PHE F 458 -3.32 16.03 -0.45
N THR F 459 -2.36 15.13 -0.66
CA THR F 459 -1.15 15.17 0.15
C THR F 459 -0.39 16.48 -0.03
N ALA F 460 -0.36 17.01 -1.26
CA ALA F 460 0.33 18.29 -1.50
C ALA F 460 -0.41 19.44 -0.83
N VAL F 461 -1.75 19.41 -0.87
CA VAL F 461 -2.53 20.43 -0.19
C VAL F 461 -2.26 20.40 1.31
N HIS F 462 -2.18 19.21 1.89
CA HIS F 462 -1.85 19.11 3.31
C HIS F 462 -0.43 19.59 3.59
N ARG F 463 0.51 19.31 2.68
CA ARG F 463 1.88 19.78 2.86
C ARG F 463 1.94 21.31 2.86
N CYS F 464 1.19 21.95 1.98
CA CYS F 464 1.22 23.41 1.88
C CYS F 464 0.38 24.09 2.96
N GLY F 465 -0.42 23.34 3.71
CA GLY F 465 -1.18 23.91 4.81
C GLY F 465 -2.43 24.66 4.38
N LEU F 466 -3.36 23.97 3.75
CA LEU F 466 -4.62 24.54 3.32
C LEU F 466 -5.78 23.75 3.93
N ALA F 467 -6.81 24.47 4.34
CA ALA F 467 -7.98 23.83 4.94
C ALA F 467 -8.79 23.08 3.88
N VAL F 468 -9.48 22.03 4.31
CA VAL F 468 -10.20 21.13 3.41
C VAL F 468 -11.60 20.90 3.95
N THR F 469 -12.60 21.00 3.08
CA THR F 469 -13.98 20.63 3.39
C THR F 469 -14.45 19.61 2.36
N VAL F 470 -15.29 18.69 2.81
CA VAL F 470 -15.74 17.57 2.00
C VAL F 470 -17.25 17.45 2.07
N HIS F 471 -17.88 17.23 0.91
CA HIS F 471 -19.28 16.83 0.85
C HIS F 471 -19.39 15.34 1.16
N ALA F 472 -20.06 14.99 2.25
CA ALA F 472 -20.19 13.60 2.64
C ALA F 472 -21.48 13.40 3.43
N GLY F 473 -22.11 12.25 3.23
CA GLY F 473 -23.29 11.87 3.96
C GLY F 473 -24.61 12.26 3.33
N GLU F 474 -24.59 13.05 2.25
CA GLU F 474 -25.84 13.43 1.59
C GLU F 474 -26.51 12.22 0.95
N ASN F 475 -25.74 11.36 0.29
CA ASN F 475 -26.27 10.17 -0.37
C ASN F 475 -25.38 8.97 -0.10
N ASP F 476 -24.94 8.82 1.15
CA ASP F 476 -24.07 7.71 1.52
C ASP F 476 -24.24 7.44 3.02
N ASP F 477 -23.72 6.30 3.44
CA ASP F 477 -23.75 5.91 4.85
C ASP F 477 -22.67 6.67 5.61
N ALA F 478 -22.48 6.32 6.89
CA ALA F 478 -21.49 6.98 7.72
C ALA F 478 -20.06 6.60 7.39
N GLU F 479 -19.87 5.55 6.58
CA GLU F 479 -18.51 5.15 6.22
C GLU F 479 -17.81 6.23 5.42
N GLY F 480 -18.54 6.90 4.51
CA GLY F 480 -17.95 8.01 3.78
C GLY F 480 -17.52 9.14 4.70
N ILE F 481 -18.35 9.46 5.70
CA ILE F 481 -17.98 10.50 6.66
C ILE F 481 -16.75 10.09 7.46
N TRP F 482 -16.69 8.83 7.89
CA TRP F 482 -15.51 8.36 8.62
C TRP F 482 -14.25 8.47 7.78
N ARG F 483 -14.34 8.07 6.51
CA ARG F 483 -13.17 8.16 5.64
C ARG F 483 -12.78 9.60 5.37
N ALA F 484 -13.76 10.50 5.20
CA ALA F 484 -13.43 11.91 5.01
C ALA F 484 -12.74 12.48 6.24
N VAL F 485 -13.20 12.11 7.42
CA VAL F 485 -12.62 12.66 8.65
C VAL F 485 -11.21 12.11 8.88
N PHE F 486 -11.04 10.80 8.73
CA PHE F 486 -9.81 10.15 9.17
C PHE F 486 -8.83 9.83 8.06
N ASP F 487 -9.14 10.17 6.81
CA ASP F 487 -8.24 9.89 5.70
C ASP F 487 -7.86 11.11 4.88
N LEU F 488 -8.70 12.15 4.83
CA LEU F 488 -8.35 13.41 4.21
C LEU F 488 -8.14 14.53 5.24
N ASN F 489 -8.32 14.23 6.52
CA ASN F 489 -8.14 15.22 7.59
C ASN F 489 -9.00 16.46 7.33
N ALA F 490 -10.27 16.24 7.02
CA ALA F 490 -11.18 17.34 6.74
C ALA F 490 -11.44 18.16 7.99
N ARG F 491 -11.65 19.46 7.80
CA ARG F 491 -11.97 20.36 8.89
C ARG F 491 -13.45 20.72 8.96
N ARG F 492 -14.18 20.57 7.87
CA ARG F 492 -15.62 20.79 7.85
C ARG F 492 -16.28 19.75 6.95
N LEU F 493 -17.53 19.43 7.25
CA LEU F 493 -18.31 18.47 6.50
C LEU F 493 -19.61 19.10 6.03
N GLY F 494 -20.02 18.75 4.81
CA GLY F 494 -21.25 19.27 4.23
C GLY F 494 -22.28 18.17 4.05
N HIS F 495 -23.51 18.47 4.48
CA HIS F 495 -24.65 17.55 4.33
C HIS F 495 -24.37 16.20 4.99
N ALA F 496 -23.91 16.24 6.25
CA ALA F 496 -23.64 15.02 7.00
C ALA F 496 -24.93 14.57 7.71
N LEU F 497 -25.87 14.11 6.88
CA LEU F 497 -27.19 13.73 7.39
C LEU F 497 -27.21 12.35 8.03
N SER F 498 -26.23 11.50 7.73
CA SER F 498 -26.19 10.13 8.24
C SER F 498 -25.19 9.97 9.38
N LEU F 499 -24.75 11.09 9.98
CA LEU F 499 -23.77 11.01 11.06
C LEU F 499 -24.34 10.33 12.29
N GLY F 500 -25.66 10.36 12.47
CA GLY F 500 -26.27 9.77 13.65
C GLY F 500 -26.33 8.26 13.65
N GLN F 501 -26.02 7.61 12.52
CA GLN F 501 -26.04 6.15 12.47
C GLN F 501 -24.89 5.54 13.25
N SER F 502 -23.81 6.29 13.48
CA SER F 502 -22.66 5.80 14.22
C SER F 502 -22.44 6.70 15.43
N ARG F 503 -22.50 6.11 16.62
CA ARG F 503 -22.30 6.87 17.85
C ARG F 503 -20.84 7.26 18.04
N GLU F 504 -19.92 6.34 17.76
CA GLU F 504 -18.50 6.63 17.95
C GLU F 504 -18.02 7.74 17.02
N LEU F 505 -18.47 7.71 15.76
CA LEU F 505 -18.09 8.77 14.83
C LEU F 505 -18.63 10.12 15.28
N LEU F 506 -19.87 10.14 15.79
CA LEU F 506 -20.45 11.39 16.28
C LEU F 506 -19.69 11.92 17.48
N ARG F 507 -19.30 11.02 18.40
CA ARG F 507 -18.45 11.43 19.52
C ARG F 507 -17.12 12.00 19.05
N SER F 508 -16.50 11.35 18.06
CA SER F 508 -15.22 11.84 17.55
C SER F 508 -15.36 13.23 16.92
N VAL F 509 -16.42 13.43 16.14
CA VAL F 509 -16.65 14.74 15.51
C VAL F 509 -16.90 15.80 16.57
N ALA F 510 -17.69 15.47 17.58
CA ALA F 510 -17.96 16.42 18.65
C ALA F 510 -16.70 16.78 19.42
N ASP F 511 -15.84 15.78 19.69
CA ASP F 511 -14.66 16.03 20.49
C ASP F 511 -13.59 16.78 19.71
N ARG F 512 -13.49 16.54 18.41
CA ARG F 512 -12.46 17.17 17.60
C ARG F 512 -12.87 18.54 17.06
N GLY F 513 -14.11 18.96 17.26
CA GLY F 513 -14.54 20.27 16.83
C GLY F 513 -14.73 20.44 15.34
N ILE F 514 -14.98 19.35 14.61
CA ILE F 514 -15.21 19.45 13.17
C ILE F 514 -16.60 19.99 12.91
N GLY F 515 -16.69 21.02 12.08
CA GLY F 515 -17.97 21.64 11.81
C GLY F 515 -18.82 20.85 10.82
N VAL F 516 -20.13 21.06 10.92
CA VAL F 516 -21.10 20.43 10.05
C VAL F 516 -21.98 21.53 9.45
N GLU F 517 -22.28 21.42 8.16
CA GLU F 517 -23.05 22.41 7.43
C GLU F 517 -24.36 21.80 6.96
N LEU F 518 -25.47 22.45 7.28
CA LEU F 518 -26.80 21.95 6.93
C LEU F 518 -27.53 23.00 6.10
N CYS F 519 -28.29 22.53 5.12
CA CYS F 519 -29.03 23.40 4.20
C CYS F 519 -30.49 22.97 4.14
N PRO F 520 -31.36 23.52 4.99
CA PRO F 520 -32.72 22.96 5.11
C PRO F 520 -33.50 22.84 3.82
N TYR F 521 -33.43 23.86 2.94
CA TYR F 521 -34.16 23.78 1.68
C TYR F 521 -33.61 22.72 0.76
N ALA F 522 -32.29 22.65 0.59
CA ALA F 522 -31.72 21.63 -0.27
C ALA F 522 -32.02 20.24 0.26
N ASN F 523 -31.88 20.04 1.58
CA ASN F 523 -32.14 18.73 2.16
C ASN F 523 -33.61 18.35 2.04
N LEU F 524 -34.53 19.29 2.26
CA LEU F 524 -35.95 18.98 2.13
C LEU F 524 -36.31 18.68 0.68
N GLN F 525 -35.75 19.43 -0.26
CA GLN F 525 -36.09 19.25 -1.66
C GLN F 525 -35.51 17.95 -2.22
N ILE F 526 -34.38 17.49 -1.70
CA ILE F 526 -33.74 16.29 -2.24
C ILE F 526 -34.16 15.04 -1.49
N LYS F 527 -34.05 15.04 -0.17
CA LYS F 527 -34.32 13.85 0.63
C LYS F 527 -35.76 13.78 1.12
N GLY F 528 -36.43 14.92 1.28
CA GLY F 528 -37.79 14.92 1.79
C GLY F 528 -37.80 14.83 3.30
N PHE F 529 -38.61 15.66 3.96
CA PHE F 529 -38.66 15.67 5.41
C PHE F 529 -40.04 16.13 5.86
N ARG F 530 -40.51 15.57 6.98
CA ARG F 530 -41.78 15.99 7.54
C ARG F 530 -41.72 17.42 8.07
N LEU F 531 -42.83 18.13 7.93
CA LEU F 531 -42.96 19.53 8.33
C LEU F 531 -43.95 19.65 9.47
N ASP F 532 -43.62 20.49 10.44
CA ASP F 532 -44.50 20.81 11.57
C ASP F 532 -44.87 19.56 12.38
N GLY F 533 -43.98 18.57 12.38
CA GLY F 533 -44.22 17.34 13.15
C GLY F 533 -45.42 16.55 12.67
N SER F 534 -45.58 16.41 11.36
CA SER F 534 -46.70 15.66 10.81
C SER F 534 -46.26 14.24 10.42
N ALA F 548 -39.00 6.87 4.38
CA ALA F 548 -38.74 7.04 5.80
C ALA F 548 -37.35 7.61 6.02
N PRO F 549 -37.22 8.94 5.91
CA PRO F 549 -35.92 9.57 6.15
C PRO F 549 -35.64 9.85 7.62
N GLY F 550 -36.68 10.01 8.44
CA GLY F 550 -36.50 10.25 9.85
C GLY F 550 -36.52 11.72 10.21
N PRO F 551 -36.50 12.01 11.51
CA PRO F 551 -36.48 13.42 11.95
C PRO F 551 -35.23 14.15 11.47
N TYR F 552 -35.38 15.45 11.28
CA TYR F 552 -34.25 16.29 10.93
C TYR F 552 -33.23 16.31 12.06
N PRO F 553 -31.95 16.12 11.79
CA PRO F 553 -30.99 15.88 12.88
C PRO F 553 -30.39 17.13 13.51
N LEU F 554 -31.00 18.29 13.29
CA LEU F 554 -30.42 19.53 13.79
C LEU F 554 -30.41 19.56 15.32
N LEU F 555 -31.55 19.24 15.94
CA LEU F 555 -31.63 19.27 17.40
C LEU F 555 -30.72 18.23 18.03
N ASP F 556 -30.63 17.05 17.44
CA ASP F 556 -29.75 16.02 17.97
C ASP F 556 -28.29 16.49 17.94
N TYR F 557 -27.88 17.09 16.83
CA TYR F 557 -26.51 17.59 16.72
C TYR F 557 -26.25 18.71 17.73
N LEU F 558 -27.24 19.60 17.91
CA LEU F 558 -27.07 20.69 18.86
C LEU F 558 -26.94 20.16 20.29
N ARG F 559 -27.76 19.17 20.65
CA ARG F 559 -27.72 18.63 22.01
C ARG F 559 -26.44 17.83 22.24
N GLU F 560 -25.94 17.15 21.21
CA GLU F 560 -24.75 16.31 21.38
C GLU F 560 -23.50 17.15 21.60
N GLY F 561 -23.46 18.35 21.04
CA GLY F 561 -22.30 19.21 21.20
C GLY F 561 -21.53 19.41 19.91
N VAL F 562 -22.20 19.20 18.78
CA VAL F 562 -21.57 19.33 17.48
C VAL F 562 -21.67 20.77 17.01
N ARG F 563 -20.59 21.28 16.42
CA ARG F 563 -20.55 22.65 15.88
C ARG F 563 -21.26 22.64 14.54
N VAL F 564 -22.59 22.70 14.58
CA VAL F 564 -23.44 22.63 13.41
C VAL F 564 -23.87 24.04 13.01
N THR F 565 -23.99 24.27 11.70
CA THR F 565 -24.35 25.58 11.17
C THR F 565 -25.40 25.41 10.08
N VAL F 566 -26.12 26.49 9.80
CA VAL F 566 -27.20 26.50 8.82
C VAL F 566 -26.80 27.41 7.67
N ASN F 567 -26.97 26.92 6.44
CA ASN F 567 -26.52 27.65 5.26
C ASN F 567 -27.57 27.65 4.15
N THR F 568 -27.20 28.11 2.96
CA THR F 568 -28.15 28.27 1.86
C THR F 568 -27.91 27.36 0.67
N ASP F 569 -26.68 26.85 0.48
CA ASP F 569 -26.30 26.02 -0.66
C ASP F 569 -26.48 26.85 -1.93
N ASN F 570 -27.45 26.54 -2.80
CA ASN F 570 -27.67 27.29 -4.02
C ASN F 570 -28.84 28.25 -3.82
N ILE F 571 -28.55 29.55 -3.89
CA ILE F 571 -29.60 30.55 -3.67
C ILE F 571 -30.61 30.52 -4.80
N GLY F 572 -30.13 30.52 -6.04
CA GLY F 572 -31.04 30.59 -7.18
C GLY F 572 -31.86 29.33 -7.37
N ILE F 573 -31.20 28.17 -7.30
CA ILE F 573 -31.88 26.91 -7.58
C ILE F 573 -32.94 26.62 -6.51
N SER F 574 -32.58 26.81 -5.24
CA SER F 574 -33.54 26.63 -4.15
C SER F 574 -34.44 27.85 -3.95
N ALA F 575 -34.09 29.00 -4.53
CA ALA F 575 -34.94 30.18 -4.56
C ALA F 575 -35.26 30.70 -3.15
N ALA F 576 -34.23 30.96 -2.37
CA ALA F 576 -34.40 31.53 -1.04
C ALA F 576 -33.06 31.95 -0.46
N SER F 577 -33.12 32.53 0.74
CA SER F 577 -31.98 33.14 1.40
C SER F 577 -31.82 32.59 2.82
N LEU F 578 -30.89 33.19 3.58
CA LEU F 578 -30.55 32.71 4.91
C LEU F 578 -31.73 32.83 5.87
N THR F 579 -32.48 33.94 5.81
CA THR F 579 -33.61 34.13 6.71
C THR F 579 -34.63 33.02 6.53
N ASP F 580 -34.97 32.71 5.28
CA ASP F 580 -35.92 31.63 5.00
C ASP F 580 -35.39 30.29 5.48
N ASN F 581 -34.09 30.04 5.31
CA ASN F 581 -33.51 28.79 5.75
C ASN F 581 -33.59 28.65 7.27
N LEU F 582 -33.32 29.73 8.01
CA LEU F 582 -33.44 29.68 9.46
C LEU F 582 -34.88 29.45 9.89
N LEU F 583 -35.83 30.11 9.23
CA LEU F 583 -37.23 29.90 9.59
C LEU F 583 -37.68 28.47 9.32
N LEU F 584 -37.27 27.88 8.20
CA LEU F 584 -37.65 26.49 7.96
C LEU F 584 -36.86 25.55 8.88
N ALA F 585 -35.67 25.95 9.32
CA ALA F 585 -34.97 25.16 10.33
C ALA F 585 -35.78 25.11 11.62
N ALA F 586 -36.41 26.24 11.97
CA ALA F 586 -37.35 26.23 13.09
C ALA F 586 -38.55 25.32 12.80
N ARG F 587 -39.04 25.34 11.56
CA ARG F 587 -40.23 24.54 11.22
C ARG F 587 -39.93 23.04 11.24
N LEU F 588 -38.75 22.63 10.77
CA LEU F 588 -38.41 21.22 10.66
C LEU F 588 -38.17 20.56 12.01
N CYS F 589 -37.72 21.33 13.01
CA CYS F 589 -37.44 20.81 14.34
C CYS F 589 -38.27 21.62 15.32
N PRO F 590 -39.52 21.24 15.55
CA PRO F 590 -40.35 21.95 16.53
C PRO F 590 -39.70 21.94 17.91
N GLY F 591 -39.82 23.07 18.60
CA GLY F 591 -39.16 23.25 19.88
C GLY F 591 -37.84 23.99 19.80
N LEU F 592 -37.35 24.28 18.61
CA LEU F 592 -36.13 25.05 18.46
C LEU F 592 -36.31 26.46 19.01
N THR F 593 -35.32 26.94 19.74
CA THR F 593 -35.39 28.23 20.40
C THR F 593 -34.51 29.26 19.70
N ARG F 594 -34.61 30.49 20.18
CA ARG F 594 -33.85 31.61 19.61
C ARG F 594 -32.40 31.56 20.06
N LEU F 595 -32.18 31.16 21.32
CA LEU F 595 -30.84 30.90 21.82
C LEU F 595 -30.14 29.87 20.95
N ASP F 596 -30.89 28.94 20.36
CA ASP F 596 -30.30 27.99 19.41
C ASP F 596 -29.80 28.70 18.17
N LEU F 597 -30.53 29.70 17.68
CA LEU F 597 -30.05 30.48 16.53
C LEU F 597 -28.77 31.22 16.89
N LEU F 598 -28.72 31.81 18.08
CA LEU F 598 -27.49 32.49 18.51
C LEU F 598 -26.33 31.51 18.63
N HIS F 599 -26.60 30.30 19.13
CA HIS F 599 -25.58 29.27 19.20
C HIS F 599 -25.10 28.86 17.80
N LEU F 600 -26.02 28.81 16.85
CA LEU F 600 -25.64 28.51 15.47
C LEU F 600 -24.70 29.57 14.91
N GLN F 601 -25.01 30.84 15.16
CA GLN F 601 -24.11 31.91 14.74
C GLN F 601 -22.75 31.81 15.41
N ARG F 602 -22.73 31.47 16.70
CA ARG F 602 -21.46 31.30 17.40
C ARG F 602 -20.65 30.15 16.81
N HIS F 603 -21.31 29.04 16.47
CA HIS F 603 -20.61 27.92 15.86
C HIS F 603 -20.04 28.30 14.50
N ALA F 604 -20.81 29.06 13.72
CA ALA F 604 -20.32 29.52 12.43
C ALA F 604 -19.10 30.43 12.60
N LEU F 605 -19.13 31.30 13.61
CA LEU F 605 -17.97 32.15 13.88
C LEU F 605 -16.76 31.31 14.28
N GLU F 606 -16.97 30.27 15.09
CA GLU F 606 -15.85 29.46 15.57
C GLU F 606 -15.27 28.54 14.50
N THR F 607 -16.05 28.13 13.51
CA THR F 607 -15.57 27.21 12.49
C THR F 607 -15.16 27.91 11.19
N ALA F 608 -15.09 29.24 11.19
CA ALA F 608 -14.72 29.96 9.98
C ALA F 608 -13.25 29.79 9.67
N PHE F 609 -12.90 29.98 8.40
CA PHE F 609 -11.53 29.82 7.92
C PHE F 609 -10.84 31.20 7.85
N CYS F 610 -10.72 31.82 9.03
CA CYS F 610 -10.21 33.17 9.12
C CYS F 610 -9.13 33.23 10.20
N THR F 611 -8.50 34.40 10.30
CA THR F 611 -7.45 34.64 11.28
C THR F 611 -8.06 34.95 12.66
N ALA F 612 -7.21 34.93 13.68
CA ALA F 612 -7.67 35.13 15.04
C ALA F 612 -8.14 36.56 15.26
N THR F 613 -7.41 37.55 14.75
CA THR F 613 -7.81 38.94 14.92
C THR F 613 -9.14 39.23 14.23
N GLN F 614 -9.31 38.70 13.02
CA GLN F 614 -10.58 38.86 12.31
C GLN F 614 -11.70 38.16 13.07
N ARG F 615 -11.42 37.00 13.66
CA ARG F 615 -12.43 36.30 14.44
C ARG F 615 -12.86 37.12 15.65
N LEU F 616 -11.90 37.73 16.36
CA LEU F 616 -12.24 38.57 17.49
C LEU F 616 -13.05 39.79 17.07
N THR F 617 -12.67 40.42 15.95
CA THR F 617 -13.42 41.56 15.45
C THR F 617 -14.85 41.17 15.09
N LEU F 618 -15.02 40.02 14.43
CA LEU F 618 -16.37 39.54 14.12
C LEU F 618 -17.16 39.25 15.38
N LEU F 619 -16.52 38.68 16.40
CA LEU F 619 -17.21 38.41 17.65
C LEU F 619 -17.74 39.70 18.28
N ARG F 620 -16.88 40.72 18.36
CA ARG F 620 -17.33 42.00 18.90
C ARG F 620 -18.43 42.62 18.06
N ARG F 621 -18.31 42.55 16.73
CA ARG F 621 -19.31 43.15 15.86
C ARG F 621 -20.66 42.46 16.01
N ILE F 622 -20.68 41.14 16.07
CA ILE F 622 -21.93 40.41 16.21
C ILE F 622 -22.54 40.62 17.58
N SER F 623 -21.71 40.72 18.62
CA SER F 623 -22.24 40.83 19.98
C SER F 623 -23.07 42.09 20.17
N SER F 624 -22.66 43.20 19.58
CA SER F 624 -23.34 44.48 19.76
C SER F 624 -24.41 44.75 18.71
N GLY F 625 -24.66 43.80 17.80
CA GLY F 625 -25.61 44.04 16.73
C GLY F 625 -26.92 43.28 16.87
N ILE F 626 -27.06 42.49 17.92
CA ILE F 626 -28.28 41.69 18.09
C ILE F 626 -29.44 42.61 18.47
N PRO F 627 -30.55 42.59 17.73
CA PRO F 627 -31.66 43.49 18.05
C PRO F 627 -32.51 42.96 19.20
N ARG F 628 -32.97 43.89 20.03
CA ARG F 628 -33.83 43.56 21.15
C ARG F 628 -35.28 43.38 20.69
N PRO F 629 -36.07 42.58 21.43
CA PRO F 629 -37.50 42.35 21.16
C PRO F 629 -38.29 43.65 20.95
#